data_6O0H
#
_entry.id   6O0H
#
_cell.length_a   1
_cell.length_b   1
_cell.length_c   1
_cell.angle_alpha   90
_cell.angle_beta   90
_cell.angle_gamma   90
#
_symmetry.space_group_name_H-M   'P 1'
#
loop_
_entity.id
_entity.type
_entity.pdbx_description
1 polymer 'ATP-citrate synthase'
2 non-polymer "methyl 3-chloro-5-[(4,6-difluoro[1,1'-biphenyl]-3-yl)sulfamoyl]-4-hydroxybenzoate"
3 non-polymer "ADENOSINE-5'-DIPHOSPHATE"
#
_entity_poly.entity_id   1
_entity_poly.type   'polypeptide(L)'
_entity_poly.pdbx_seq_one_letter_code
;MSAKAISEQTGKELLYKFICTTSAIQNRFKYARVTPDTDWARLLQDHPWLLSQNLVVKPDQLIKRRGKLGLVGVNLTLDG
VKSWLKPRLGQEATVGKATGFLKNFLIEPFVPHSQAEEFYVCIYATREGDYVLFHHEGGVDVGDVDAKAQKLLVGVDEKL
NPEDIKKHLLVHAPEDKKEILASFISGLFNFYEDLYFTYLEINPLVVTKDGVYVLDLAAKVDATADYICKVKWGDIEFPP
PFGREAYPEEAYIADLDAKSGASLKLTLLNPKGRIWTMVAGGGASVVYSDTICDLGGVNELANYGEYSGAPSEQQTYDYA
KTILSLMTREKHPDGKILIIGGSIANFTNVAATFKGIVRAIRDYQGPLKEHEVTIFVRRGGPNYQEGLRVMGEVGKTTGI
PIHVFGTETHMTAIVGMALGHRPIPNQPPTAAHTANFLLNASGSTSTPAPSRTASFSESRADEVAPAKKAKPAMPQDSVP
SPRSLQGKSTTLFSRHTKAIVWGMQTRAVQGMLDFDYVCSRDEPSVAAMVYPFTGDHKQKFYWGHKEILIPVFKNMADAM
RKHPEVDVLINFASLRSAYDSTMETMNYAQIRTIAIIAEGIPEALTRKLIKKADQKGVTIIGPATVGGIKPGCFKIGNTG
GMLDNILASKLYRPGSVAYVSRSGGMSNELNNIISRTTDGVYEGVAIGGDRYPGSTFMDHVLRYQDTPGVKMIVVLGEIG
GTEEYKICRGIKEGRLTKPIVCWCIGTCATMFSSEVQFGHAGACANQASETAVAKNQALKEAGVFVPRSFDELGEIIQSV
YEDLVANGVIVPAQEVPPPTVPMDYSWARELGLIRKPASFMTSICDERGQELIYAGMPITEVFKEEMGIGGVLGLLWFQK
RLPKYSCQFIEMCLMVTADHGPAVSGAHNTIICARAGKDLVSSLTSGLLTIGDRFGGALDAAAKMFSKAFDSGIIPMEFV
NKMKKEGKLIMGIGHRVKSINNPDMRVQILKDYVRQHFPATPLLDYALEVEKITTSKKPNLILNVDGLIGVAFVDMLRNC
GSFTREEADEYIDIGALNGIFVLGRSMGFIGHYLDQKRLKQGLYRHPWDDISYVLPEHMSMKLAAALEHHHHHHHH
;
_entity_poly.pdbx_strand_id   A,B,C,D
#
loop_
_chem_comp.id
_chem_comp.type
_chem_comp.name
_chem_comp.formula
ADP non-polymer ADENOSINE-5'-DIPHOSPHATE 'C10 H15 N5 O10 P2'
LBG non-polymer 'methyl 3-chloro-5-[(4,6-difluoro[1,1'-biphenyl]-3-yl)sulfamoyl]-4-hydroxybenzoate' 'C20 H14 Cl F2 N O5 S'
#
# COMPACT_ATOMS: atom_id res chain seq x y z
N SER A 2 -9.50 -21.20 -55.59
CA SER A 2 -8.69 -20.16 -54.97
C SER A 2 -7.43 -19.91 -55.77
N ALA A 3 -7.13 -20.82 -56.68
CA ALA A 3 -5.94 -20.71 -57.52
C ALA A 3 -6.11 -19.56 -58.49
N LYS A 4 -5.45 -18.44 -58.20
CA LYS A 4 -5.66 -17.24 -59.00
C LYS A 4 -4.60 -17.18 -60.09
N ALA A 5 -4.76 -16.25 -61.03
CA ALA A 5 -3.82 -16.14 -62.13
C ALA A 5 -2.84 -15.01 -61.85
N ILE A 6 -1.69 -15.06 -62.53
CA ILE A 6 -0.76 -13.94 -62.49
C ILE A 6 -0.41 -13.55 -63.91
N SER A 7 0.14 -12.35 -64.05
CA SER A 7 0.38 -11.77 -65.36
C SER A 7 1.55 -12.44 -66.04
N GLU A 8 1.67 -12.20 -67.34
CA GLU A 8 2.79 -12.73 -68.11
C GLU A 8 4.11 -12.13 -67.65
N GLN A 9 4.11 -10.84 -67.29
CA GLN A 9 5.32 -10.16 -66.88
C GLN A 9 5.83 -10.68 -65.53
N THR A 10 4.96 -10.64 -64.52
CA THR A 10 5.36 -11.06 -63.18
C THR A 10 5.71 -12.53 -63.15
N GLY A 11 5.03 -13.32 -63.97
CA GLY A 11 5.40 -14.70 -64.21
C GLY A 11 6.77 -14.84 -64.79
N LYS A 12 7.14 -13.99 -65.75
CA LYS A 12 8.47 -14.13 -66.33
C LYS A 12 9.55 -13.62 -65.38
N GLU A 13 9.24 -12.64 -64.55
CA GLU A 13 10.26 -12.18 -63.61
C GLU A 13 10.46 -13.21 -62.50
N LEU A 14 9.37 -13.85 -62.06
CA LEU A 14 9.52 -14.97 -61.15
C LEU A 14 10.21 -16.16 -61.80
N LEU A 15 10.09 -16.33 -63.12
CA LEU A 15 10.87 -17.39 -63.74
C LEU A 15 12.34 -17.03 -63.79
N TYR A 16 12.66 -15.81 -64.21
CA TYR A 16 14.06 -15.43 -64.40
C TYR A 16 14.78 -15.25 -63.08
N LYS A 17 14.04 -14.97 -62.00
CA LYS A 17 14.72 -14.72 -60.74
C LYS A 17 15.01 -16.02 -60.00
N PHE A 18 14.22 -17.07 -60.25
CA PHE A 18 14.38 -18.27 -59.46
C PHE A 18 14.43 -19.58 -60.23
N ILE A 19 14.60 -19.57 -61.56
CA ILE A 19 14.92 -20.83 -62.20
C ILE A 19 16.42 -21.08 -62.05
N CYS A 20 16.79 -22.35 -61.92
CA CYS A 20 18.19 -22.72 -61.83
CA CYS A 20 18.19 -22.73 -61.82
C CYS A 20 18.41 -23.99 -62.65
N THR A 21 19.26 -23.89 -63.66
CA THR A 21 19.53 -25.00 -64.55
C THR A 21 20.92 -24.81 -65.13
N THR A 22 21.44 -25.88 -65.72
CA THR A 22 22.79 -25.84 -66.29
C THR A 22 22.80 -25.03 -67.58
N SER A 23 21.99 -25.44 -68.55
CA SER A 23 21.91 -24.75 -69.82
C SER A 23 21.28 -23.38 -69.63
N ALA A 24 22.05 -22.34 -69.91
CA ALA A 24 21.65 -20.98 -69.59
C ALA A 24 20.46 -20.54 -70.44
N ILE A 25 19.77 -19.53 -69.94
CA ILE A 25 18.55 -19.02 -70.56
C ILE A 25 18.84 -17.62 -71.04
N GLN A 26 18.64 -17.38 -72.34
CA GLN A 26 18.92 -16.08 -72.90
C GLN A 26 17.86 -15.07 -72.48
N ASN A 27 18.19 -13.80 -72.69
CA ASN A 27 17.30 -12.65 -72.54
C ASN A 27 16.79 -12.47 -71.12
N ARG A 28 17.67 -12.59 -70.12
CA ARG A 28 17.22 -12.47 -68.74
C ARG A 28 16.95 -11.01 -68.41
N PHE A 29 15.77 -10.75 -67.84
CA PHE A 29 15.33 -9.42 -67.39
C PHE A 29 15.28 -8.42 -68.54
N LYS A 30 14.73 -8.82 -69.67
CA LYS A 30 14.68 -7.97 -70.86
C LYS A 30 13.21 -7.79 -71.25
N TYR A 31 12.54 -6.83 -70.63
CA TYR A 31 11.13 -6.58 -70.88
C TYR A 31 10.74 -5.18 -70.43
N ALA A 32 9.62 -4.68 -70.93
CA ALA A 32 9.28 -3.29 -70.71
C ALA A 32 7.78 -3.18 -70.49
N ARG A 33 7.39 -2.66 -69.34
CA ARG A 33 5.99 -2.48 -69.02
C ARG A 33 5.52 -1.12 -69.48
N VAL A 34 4.42 -1.09 -70.23
CA VAL A 34 3.95 0.14 -70.84
C VAL A 34 2.55 0.43 -70.34
N THR A 35 2.38 1.60 -69.74
CA THR A 35 1.12 2.08 -69.20
C THR A 35 0.68 3.29 -70.03
N PRO A 36 -0.51 3.86 -69.78
CA PRO A 36 -0.77 5.21 -70.29
C PRO A 36 -0.09 6.29 -69.48
N ASP A 37 0.64 5.93 -68.43
CA ASP A 37 1.47 6.84 -67.67
C ASP A 37 2.92 6.63 -68.01
N THR A 38 3.17 6.39 -69.30
CA THR A 38 4.51 6.02 -69.73
C THR A 38 5.43 7.23 -69.77
N ASP A 39 6.35 7.30 -68.83
CA ASP A 39 7.52 8.16 -68.96
C ASP A 39 8.48 7.43 -69.88
N TRP A 40 8.41 7.77 -71.16
CA TRP A 40 9.27 7.16 -72.18
C TRP A 40 10.73 7.52 -71.94
N ALA A 41 10.97 8.68 -71.33
CA ALA A 41 12.33 9.06 -70.96
C ALA A 41 12.88 8.11 -69.91
N ARG A 42 12.07 7.77 -68.90
CA ARG A 42 12.58 6.93 -67.82
C ARG A 42 12.75 5.49 -68.32
N LEU A 43 11.84 5.03 -69.17
CA LEU A 43 11.95 3.68 -69.73
C LEU A 43 13.15 3.57 -70.67
N LEU A 44 13.39 4.62 -71.46
CA LEU A 44 14.52 4.60 -72.38
C LEU A 44 15.84 4.73 -71.63
N GLN A 45 15.83 5.43 -70.50
CA GLN A 45 16.98 5.39 -69.62
C GLN A 45 17.14 4.02 -68.96
N ASP A 46 16.04 3.31 -68.76
CA ASP A 46 16.14 1.97 -68.19
C ASP A 46 16.76 1.01 -69.19
N HIS A 47 16.28 1.03 -70.42
CA HIS A 47 16.55 -0.02 -71.39
C HIS A 47 17.17 0.59 -72.63
N PRO A 48 18.50 0.67 -72.69
CA PRO A 48 19.15 1.22 -73.88
C PRO A 48 19.08 0.30 -75.09
N TRP A 49 18.83 -0.99 -74.85
CA TRP A 49 18.69 -1.96 -75.92
C TRP A 49 17.42 -1.78 -76.73
N LEU A 50 16.47 -0.96 -76.24
CA LEU A 50 15.30 -0.62 -77.03
C LEU A 50 15.67 0.12 -78.31
N LEU A 51 16.78 0.83 -78.31
CA LEU A 51 17.32 1.43 -79.53
C LEU A 51 18.32 0.51 -80.22
N SER A 52 18.18 -0.80 -80.07
CA SER A 52 19.19 -1.70 -80.59
C SER A 52 18.66 -2.75 -81.55
N GLN A 53 17.52 -3.37 -81.26
CA GLN A 53 17.01 -4.43 -82.12
C GLN A 53 15.51 -4.24 -82.30
N ASN A 54 14.92 -5.10 -83.12
CA ASN A 54 13.48 -5.07 -83.32
C ASN A 54 12.76 -5.58 -82.08
N LEU A 55 11.48 -5.20 -81.96
CA LEU A 55 10.73 -5.45 -80.74
C LEU A 55 9.43 -6.16 -81.07
N VAL A 56 8.88 -6.81 -80.05
CA VAL A 56 7.56 -7.41 -80.11
C VAL A 56 6.76 -6.87 -78.93
N VAL A 57 5.64 -6.25 -79.23
CA VAL A 57 4.79 -5.66 -78.20
C VAL A 57 3.43 -6.34 -78.21
N LYS A 58 2.94 -6.68 -77.02
CA LYS A 58 1.77 -7.51 -76.86
C LYS A 58 1.15 -7.29 -75.49
N PRO A 59 -0.17 -7.48 -75.34
CA PRO A 59 -0.83 -7.13 -74.08
C PRO A 59 -0.66 -8.20 -73.02
N ASP A 60 -0.67 -7.75 -71.77
CA ASP A 60 -0.53 -8.60 -70.60
C ASP A 60 -1.73 -8.32 -69.71
N GLN A 61 -2.87 -8.92 -70.05
CA GLN A 61 -4.09 -8.76 -69.27
C GLN A 61 -4.91 -10.04 -69.22
N LEU A 62 -4.24 -11.19 -69.24
CA LEU A 62 -4.86 -12.51 -69.29
C LEU A 62 -5.77 -12.62 -70.51
N ILE A 63 -5.22 -12.31 -71.66
CA ILE A 63 -5.95 -12.39 -72.92
C ILE A 63 -5.45 -13.64 -73.65
N LYS A 64 -6.33 -14.62 -73.81
CA LYS A 64 -5.98 -15.84 -74.49
C LYS A 64 -6.17 -15.63 -75.99
N ARG A 65 -5.36 -16.34 -76.79
CA ARG A 65 -5.31 -16.20 -78.26
C ARG A 65 -4.99 -14.78 -78.69
N ARG A 66 -3.85 -14.25 -78.25
CA ARG A 66 -3.43 -12.94 -78.70
C ARG A 66 -3.02 -12.95 -80.17
N GLY A 67 -2.39 -14.04 -80.60
CA GLY A 67 -1.85 -14.13 -81.94
C GLY A 67 -2.86 -14.26 -83.05
N LYS A 68 -4.15 -14.41 -82.73
CA LYS A 68 -5.18 -14.50 -83.75
C LYS A 68 -6.14 -13.32 -83.73
N LEU A 69 -6.02 -12.42 -82.76
CA LEU A 69 -6.81 -11.21 -82.72
C LEU A 69 -6.10 -10.06 -83.41
N GLY A 70 -4.91 -10.32 -83.97
CA GLY A 70 -4.11 -9.25 -84.55
C GLY A 70 -3.60 -8.25 -83.54
N LEU A 71 -3.45 -8.68 -82.28
CA LEU A 71 -3.05 -7.79 -81.19
C LEU A 71 -1.61 -8.02 -80.76
N VAL A 72 -0.78 -8.56 -81.65
CA VAL A 72 0.62 -8.79 -81.33
C VAL A 72 1.45 -8.04 -82.36
N GLY A 73 2.01 -6.90 -81.97
CA GLY A 73 2.94 -6.20 -82.83
C GLY A 73 4.25 -6.96 -82.88
N VAL A 74 4.68 -7.36 -84.08
CA VAL A 74 5.83 -8.21 -84.28
C VAL A 74 6.86 -7.41 -85.07
N ASN A 75 8.14 -7.51 -84.68
CA ASN A 75 9.28 -7.14 -85.52
C ASN A 75 9.29 -5.63 -85.80
N LEU A 76 9.32 -4.84 -84.74
CA LEU A 76 9.18 -3.40 -84.86
C LEU A 76 10.31 -2.70 -84.13
N THR A 77 10.68 -1.52 -84.63
CA THR A 77 11.62 -0.64 -83.96
C THR A 77 10.87 0.18 -82.92
N LEU A 78 11.61 1.06 -82.24
CA LEU A 78 11.01 1.90 -81.19
C LEU A 78 9.90 2.80 -81.73
N ASP A 79 10.16 3.46 -82.86
CA ASP A 79 9.15 4.31 -83.48
C ASP A 79 7.98 3.48 -84.01
N GLY A 80 8.29 2.31 -84.58
CA GLY A 80 7.24 1.43 -85.04
C GLY A 80 6.38 0.90 -83.91
N VAL A 81 6.99 0.61 -82.76
CA VAL A 81 6.26 0.20 -81.55
C VAL A 81 5.35 1.34 -81.09
N LYS A 82 5.89 2.56 -81.00
CA LYS A 82 5.08 3.69 -80.55
C LYS A 82 3.90 3.97 -81.49
N SER A 83 4.11 3.84 -82.80
CA SER A 83 3.02 4.03 -83.75
C SER A 83 2.03 2.88 -83.69
N TRP A 84 2.49 1.69 -83.31
CA TRP A 84 1.54 0.59 -83.13
C TRP A 84 0.74 0.79 -81.86
N LEU A 85 1.30 1.50 -80.89
CA LEU A 85 0.59 1.76 -79.64
C LEU A 85 -0.33 2.96 -79.73
N LYS A 86 -0.15 3.82 -80.76
CA LYS A 86 -1.07 4.94 -80.98
C LYS A 86 -2.55 4.56 -81.10
N PRO A 87 -2.98 3.58 -81.92
CA PRO A 87 -4.43 3.36 -82.01
C PRO A 87 -4.99 2.44 -80.94
N ARG A 88 -4.19 1.96 -80.00
CA ARG A 88 -4.68 0.94 -79.07
C ARG A 88 -4.68 1.38 -77.62
N LEU A 89 -3.60 2.00 -77.14
CA LEU A 89 -3.47 2.24 -75.71
C LEU A 89 -4.46 3.27 -75.19
N GLY A 90 -5.43 2.81 -74.40
CA GLY A 90 -6.54 3.62 -73.98
C GLY A 90 -7.81 3.38 -74.74
N GLN A 91 -7.79 2.54 -75.76
CA GLN A 91 -8.96 2.29 -76.58
C GLN A 91 -9.63 0.99 -76.11
N GLU A 92 -10.58 0.50 -76.89
CA GLU A 92 -11.32 -0.70 -76.50
C GLU A 92 -11.18 -1.75 -77.57
N ALA A 93 -11.31 -3.01 -77.18
CA ALA A 93 -11.41 -4.12 -78.11
C ALA A 93 -12.47 -5.09 -77.61
N THR A 94 -13.32 -5.54 -78.53
CA THR A 94 -14.33 -6.55 -78.22
C THR A 94 -13.66 -7.91 -78.34
N VAL A 95 -13.32 -8.50 -77.20
CA VAL A 95 -12.48 -9.69 -77.19
C VAL A 95 -13.31 -10.87 -76.72
N GLY A 96 -13.56 -11.82 -77.62
CA GLY A 96 -14.40 -12.95 -77.30
C GLY A 96 -15.83 -12.51 -77.12
N LYS A 97 -16.28 -12.48 -75.86
CA LYS A 97 -17.59 -11.96 -75.53
C LYS A 97 -17.48 -10.65 -74.75
N ALA A 98 -16.39 -10.46 -74.02
CA ALA A 98 -16.28 -9.33 -73.12
C ALA A 98 -15.68 -8.13 -73.85
N THR A 99 -15.63 -6.99 -73.17
CA THR A 99 -15.17 -5.75 -73.76
C THR A 99 -14.55 -4.89 -72.67
N GLY A 100 -13.32 -4.44 -72.89
CA GLY A 100 -12.65 -3.62 -71.91
C GLY A 100 -11.51 -2.81 -72.51
N PHE A 101 -10.93 -1.95 -71.67
CA PHE A 101 -9.84 -1.10 -72.12
C PHE A 101 -8.49 -1.81 -72.04
N LEU A 102 -7.71 -1.68 -73.10
CA LEU A 102 -6.34 -2.20 -73.15
C LEU A 102 -5.41 -1.16 -72.52
N LYS A 103 -5.17 -1.33 -71.23
CA LYS A 103 -4.50 -0.32 -70.42
C LYS A 103 -3.11 -0.76 -69.95
N ASN A 104 -2.61 -1.89 -70.43
CA ASN A 104 -1.29 -2.35 -70.00
C ASN A 104 -0.70 -3.25 -71.07
N PHE A 105 0.49 -2.89 -71.55
CA PHE A 105 1.16 -3.60 -72.64
C PHE A 105 2.58 -3.98 -72.23
N LEU A 106 3.18 -4.90 -72.98
CA LEU A 106 4.53 -5.37 -72.70
C LEU A 106 5.36 -5.37 -73.97
N ILE A 107 6.63 -4.99 -73.84
CA ILE A 107 7.59 -4.99 -74.94
C ILE A 107 8.71 -5.97 -74.62
N GLU A 108 8.99 -6.87 -75.54
CA GLU A 108 10.04 -7.87 -75.43
C GLU A 108 10.91 -7.83 -76.67
N PRO A 109 12.16 -8.30 -76.58
CA PRO A 109 12.99 -8.37 -77.79
C PRO A 109 12.53 -9.46 -78.74
N PHE A 110 12.41 -9.10 -80.00
CA PHE A 110 12.27 -10.12 -81.03
C PHE A 110 13.58 -10.84 -81.24
N VAL A 111 13.52 -12.16 -81.20
CA VAL A 111 14.66 -12.98 -81.59
C VAL A 111 14.16 -13.96 -82.64
N PRO A 112 14.82 -14.09 -83.78
CA PRO A 112 14.29 -14.92 -84.87
C PRO A 112 14.32 -16.40 -84.53
N HIS A 113 13.43 -17.14 -85.18
CA HIS A 113 13.29 -18.57 -84.97
C HIS A 113 12.52 -19.15 -86.14
N SER A 114 12.70 -20.46 -86.35
CA SER A 114 11.99 -21.16 -87.41
C SER A 114 10.72 -21.80 -86.86
N GLN A 115 10.07 -22.63 -87.67
CA GLN A 115 8.80 -23.21 -87.28
C GLN A 115 8.95 -24.46 -86.42
N ALA A 116 9.93 -25.31 -86.72
CA ALA A 116 10.16 -26.51 -85.92
C ALA A 116 10.79 -26.22 -84.57
N GLU A 117 11.22 -24.99 -84.34
CA GLU A 117 11.82 -24.57 -83.08
C GLU A 117 10.80 -24.10 -82.05
N GLU A 118 9.51 -24.26 -82.33
CA GLU A 118 8.45 -23.75 -81.45
C GLU A 118 7.85 -24.91 -80.67
N PHE A 119 8.22 -25.03 -79.40
CA PHE A 119 7.83 -26.16 -78.58
C PHE A 119 6.74 -25.75 -77.60
N TYR A 120 6.06 -26.74 -77.03
CA TYR A 120 4.94 -26.53 -76.12
C TYR A 120 5.20 -27.20 -74.79
N VAL A 121 5.16 -26.44 -73.71
CA VAL A 121 5.31 -26.99 -72.36
C VAL A 121 4.12 -26.56 -71.52
N CYS A 122 3.53 -27.50 -70.78
CA CYS A 122 2.42 -27.14 -69.91
C CYS A 122 2.40 -28.04 -68.69
N ILE A 123 2.32 -27.44 -67.50
CA ILE A 123 2.37 -28.17 -66.25
C ILE A 123 1.16 -27.76 -65.43
N TYR A 124 0.30 -28.71 -65.10
CA TYR A 124 -0.81 -28.42 -64.20
C TYR A 124 -1.00 -29.49 -63.16
N ALA A 125 -1.88 -29.16 -62.20
CA ALA A 125 -2.13 -30.04 -61.07
C ALA A 125 -3.44 -30.79 -61.25
N THR A 126 -3.42 -32.08 -60.91
CA THR A 126 -4.63 -32.88 -60.73
C THR A 126 -4.54 -33.57 -59.38
N ARG A 127 -5.64 -34.21 -59.00
CA ARG A 127 -5.77 -34.81 -57.67
C ARG A 127 -4.75 -35.91 -57.45
N GLU A 128 -4.41 -36.66 -58.50
CA GLU A 128 -3.41 -37.70 -58.35
C GLU A 128 -1.99 -37.22 -58.63
N GLY A 129 -1.80 -35.95 -58.99
CA GLY A 129 -0.42 -35.50 -59.17
C GLY A 129 -0.21 -34.26 -60.01
N ASP A 130 0.89 -34.20 -60.74
CA ASP A 130 1.23 -33.01 -61.51
C ASP A 130 1.61 -33.47 -62.92
N TYR A 131 0.81 -33.11 -63.91
CA TYR A 131 1.15 -33.52 -65.26
C TYR A 131 2.32 -32.71 -65.82
N VAL A 132 2.93 -33.29 -66.84
CA VAL A 132 3.84 -32.58 -67.73
C VAL A 132 3.43 -32.87 -69.17
N LEU A 133 3.09 -31.82 -69.92
CA LEU A 133 2.71 -31.95 -71.31
C LEU A 133 3.78 -31.31 -72.16
N PHE A 134 4.29 -32.06 -73.12
CA PHE A 134 5.24 -31.56 -74.10
C PHE A 134 4.70 -31.81 -75.50
N HIS A 135 4.96 -30.87 -76.40
CA HIS A 135 4.68 -31.13 -77.80
C HIS A 135 5.69 -30.42 -78.68
N HIS A 136 6.10 -31.08 -79.76
CA HIS A 136 7.25 -30.58 -80.51
C HIS A 136 6.87 -29.39 -81.39
N GLU A 137 5.61 -29.27 -81.76
CA GLU A 137 5.10 -28.11 -82.47
C GLU A 137 4.32 -27.22 -81.51
N GLY A 138 4.48 -25.91 -81.66
CA GLY A 138 3.76 -24.98 -80.83
C GLY A 138 2.93 -23.99 -81.63
N GLY A 139 3.15 -22.71 -81.39
CA GLY A 139 2.50 -21.66 -82.16
C GLY A 139 1.04 -21.52 -81.83
N VAL A 140 0.38 -20.62 -82.57
CA VAL A 140 -1.04 -20.38 -82.36
C VAL A 140 -1.89 -21.37 -83.13
N ASP A 141 -1.28 -22.24 -83.93
CA ASP A 141 -1.98 -23.25 -84.70
C ASP A 141 -1.79 -24.62 -84.10
N VAL A 142 -1.62 -24.66 -82.77
CA VAL A 142 -1.36 -25.93 -82.10
C VAL A 142 -2.65 -26.74 -81.97
N GLY A 143 -3.79 -26.06 -81.97
CA GLY A 143 -5.06 -26.74 -81.85
C GLY A 143 -5.34 -27.23 -80.44
N ASP A 144 -6.14 -28.29 -80.32
CA ASP A 144 -6.42 -28.87 -79.01
C ASP A 144 -5.23 -29.73 -78.60
N VAL A 145 -4.52 -29.30 -77.57
CA VAL A 145 -3.24 -29.90 -77.23
C VAL A 145 -3.35 -30.91 -76.10
N ASP A 146 -4.55 -31.06 -75.51
CA ASP A 146 -4.79 -31.99 -74.42
C ASP A 146 -4.56 -33.45 -74.84
N ALA A 147 -5.38 -33.95 -75.77
CA ALA A 147 -5.30 -35.34 -76.19
C ALA A 147 -4.34 -35.56 -77.35
N LYS A 148 -3.45 -34.61 -77.62
CA LYS A 148 -2.56 -34.69 -78.77
C LYS A 148 -1.10 -34.47 -78.45
N ALA A 149 -0.70 -34.56 -77.18
CA ALA A 149 0.70 -34.29 -76.83
C ALA A 149 1.32 -35.48 -76.13
N GLN A 150 2.54 -35.30 -75.65
CA GLN A 150 3.17 -36.27 -74.77
C GLN A 150 2.82 -35.90 -73.34
N LYS A 151 2.07 -36.76 -72.66
CA LYS A 151 1.75 -36.57 -71.26
C LYS A 151 2.70 -37.38 -70.40
N LEU A 152 2.95 -36.87 -69.20
CA LEU A 152 3.66 -37.63 -68.19
C LEU A 152 3.03 -37.36 -66.84
N LEU A 153 2.57 -38.42 -66.20
CA LEU A 153 2.08 -38.38 -64.83
C LEU A 153 3.25 -38.36 -63.86
N VAL A 154 3.24 -37.39 -62.97
CA VAL A 154 4.20 -37.35 -61.88
C VAL A 154 3.43 -37.40 -60.58
N GLY A 155 3.71 -38.40 -59.76
CA GLY A 155 2.92 -38.65 -58.57
C GLY A 155 3.13 -37.60 -57.49
N VAL A 156 2.22 -37.62 -56.53
CA VAL A 156 2.25 -36.65 -55.44
C VAL A 156 3.45 -36.94 -54.57
N ASP A 157 4.21 -35.87 -54.25
CA ASP A 157 5.40 -35.91 -53.39
C ASP A 157 6.46 -36.83 -54.00
N GLU A 158 6.86 -36.50 -55.23
CA GLU A 158 7.84 -37.30 -55.94
C GLU A 158 8.88 -36.38 -56.56
N LYS A 159 9.76 -36.97 -57.36
CA LYS A 159 10.76 -36.23 -58.10
C LYS A 159 10.51 -36.49 -59.58
N LEU A 160 11.40 -35.98 -60.42
CA LEU A 160 11.24 -36.12 -61.85
C LEU A 160 12.55 -36.63 -62.42
N ASN A 161 12.57 -37.89 -62.82
CA ASN A 161 13.77 -38.52 -63.34
C ASN A 161 14.05 -38.00 -64.74
N PRO A 162 15.21 -37.40 -64.99
CA PRO A 162 15.51 -36.90 -66.34
C PRO A 162 15.64 -37.99 -67.38
N GLU A 163 16.04 -39.20 -66.98
CA GLU A 163 16.06 -40.32 -67.91
C GLU A 163 14.66 -40.66 -68.40
N ASP A 164 13.65 -40.50 -67.54
CA ASP A 164 12.27 -40.75 -67.96
C ASP A 164 11.80 -39.72 -68.96
N ILE A 165 12.26 -38.47 -68.82
CA ILE A 165 11.92 -37.46 -69.81
C ILE A 165 12.59 -37.78 -71.13
N LYS A 166 13.85 -38.20 -71.08
CA LYS A 166 14.59 -38.56 -72.30
C LYS A 166 13.95 -39.75 -73.00
N LYS A 167 13.34 -40.65 -72.23
CA LYS A 167 12.82 -41.87 -72.83
C LYS A 167 11.34 -41.77 -73.19
N HIS A 168 10.61 -40.81 -72.63
CA HIS A 168 9.18 -40.75 -72.87
C HIS A 168 8.65 -39.40 -73.36
N LEU A 169 9.21 -38.27 -72.91
CA LEU A 169 8.68 -36.98 -73.28
C LEU A 169 9.37 -36.36 -74.50
N LEU A 170 10.43 -36.97 -75.00
CA LEU A 170 11.14 -36.40 -76.13
C LEU A 170 11.31 -37.42 -77.23
N VAL A 171 10.30 -38.26 -77.44
CA VAL A 171 10.44 -39.31 -78.44
C VAL A 171 10.24 -38.77 -79.84
N HIS A 172 9.58 -37.62 -79.98
CA HIS A 172 9.40 -37.00 -81.28
C HIS A 172 10.25 -35.75 -81.44
N ALA A 173 10.99 -35.36 -80.42
CA ALA A 173 11.84 -34.18 -80.50
C ALA A 173 13.04 -34.47 -81.38
N PRO A 174 13.65 -33.44 -81.98
CA PRO A 174 14.91 -33.64 -82.71
C PRO A 174 16.04 -34.03 -81.75
N GLU A 175 17.04 -34.73 -82.30
CA GLU A 175 18.07 -35.36 -81.49
C GLU A 175 18.96 -34.35 -80.81
N ASP A 176 19.53 -33.41 -81.58
CA ASP A 176 20.49 -32.44 -81.05
C ASP A 176 19.85 -31.46 -80.07
N LYS A 177 18.53 -31.34 -80.11
CA LYS A 177 17.81 -30.50 -79.18
C LYS A 177 17.21 -31.29 -78.02
N LYS A 178 17.54 -32.57 -77.87
CA LYS A 178 16.99 -33.31 -76.74
C LYS A 178 17.56 -32.83 -75.42
N GLU A 179 18.88 -32.88 -75.29
CA GLU A 179 19.52 -32.83 -73.97
C GLU A 179 19.35 -31.48 -73.30
N ILE A 180 19.18 -30.42 -74.08
CA ILE A 180 18.96 -29.12 -73.48
C ILE A 180 17.53 -28.99 -72.97
N LEU A 181 16.57 -29.64 -73.63
CA LEU A 181 15.19 -29.60 -73.15
C LEU A 181 15.03 -30.39 -71.88
N ALA A 182 15.72 -31.53 -71.77
CA ALA A 182 15.80 -32.23 -70.50
C ALA A 182 16.62 -31.44 -69.49
N SER A 183 17.48 -30.55 -69.96
CA SER A 183 18.12 -29.60 -69.06
C SER A 183 17.16 -28.53 -68.60
N PHE A 184 16.05 -28.34 -69.31
CA PHE A 184 15.13 -27.26 -69.04
C PHE A 184 13.95 -27.72 -68.20
N ILE A 185 13.25 -28.76 -68.67
CA ILE A 185 12.01 -29.20 -68.03
C ILE A 185 12.28 -29.73 -66.62
N SER A 186 13.38 -30.47 -66.44
CA SER A 186 13.75 -30.97 -65.12
C SER A 186 14.13 -29.83 -64.18
N GLY A 187 14.57 -28.70 -64.75
CA GLY A 187 14.68 -27.52 -63.93
C GLY A 187 13.33 -26.92 -63.62
N LEU A 188 12.48 -26.82 -64.66
CA LEU A 188 11.26 -26.01 -64.57
C LEU A 188 10.28 -26.58 -63.57
N PHE A 189 10.15 -27.91 -63.55
CA PHE A 189 9.30 -28.58 -62.56
C PHE A 189 9.77 -28.30 -61.14
N ASN A 190 11.09 -28.26 -60.94
CA ASN A 190 11.63 -27.86 -59.66
C ASN A 190 11.21 -26.45 -59.31
N PHE A 191 11.27 -25.54 -60.30
CA PHE A 191 10.67 -24.22 -60.16
C PHE A 191 9.18 -24.32 -59.86
N TYR A 192 8.48 -25.19 -60.60
CA TYR A 192 7.06 -25.41 -60.38
C TYR A 192 6.79 -25.92 -58.97
N GLU A 193 7.73 -26.64 -58.39
CA GLU A 193 7.44 -27.18 -57.07
C GLU A 193 7.76 -26.16 -56.00
N ASP A 194 8.66 -25.23 -56.31
CA ASP A 194 9.21 -24.45 -55.21
C ASP A 194 8.38 -23.20 -55.00
N LEU A 195 7.50 -22.87 -55.93
CA LEU A 195 6.68 -21.67 -55.83
C LEU A 195 5.19 -21.93 -55.77
N TYR A 196 4.78 -23.20 -55.76
CA TYR A 196 3.40 -23.64 -55.57
C TYR A 196 2.45 -23.10 -56.62
N PHE A 197 2.90 -23.11 -57.88
CA PHE A 197 2.03 -22.93 -59.03
C PHE A 197 1.00 -24.06 -59.12
N THR A 198 -0.02 -23.85 -59.95
CA THR A 198 -0.92 -24.92 -60.35
C THR A 198 -0.97 -25.12 -61.85
N TYR A 199 -0.63 -24.11 -62.63
CA TYR A 199 -0.81 -24.15 -64.08
C TYR A 199 0.22 -23.20 -64.67
N LEU A 200 1.17 -23.74 -65.42
CA LEU A 200 2.28 -22.99 -66.00
C LEU A 200 2.42 -23.47 -67.44
N GLU A 201 2.07 -22.60 -68.37
CA GLU A 201 2.03 -22.96 -69.78
C GLU A 201 2.89 -21.99 -70.58
N ILE A 202 3.79 -22.54 -71.38
CA ILE A 202 4.68 -21.77 -72.24
C ILE A 202 4.45 -22.26 -73.66
N ASN A 203 3.94 -21.38 -74.51
CA ASN A 203 3.61 -21.67 -75.89
C ASN A 203 3.82 -20.37 -76.66
N PRO A 204 4.82 -20.28 -77.54
CA PRO A 204 5.75 -21.35 -77.89
C PRO A 204 6.98 -21.36 -77.00
N LEU A 205 7.76 -22.42 -77.07
CA LEU A 205 9.06 -22.48 -76.44
C LEU A 205 10.11 -22.58 -77.53
N VAL A 206 11.09 -21.68 -77.49
CA VAL A 206 12.02 -21.52 -78.60
C VAL A 206 13.41 -21.92 -78.15
N VAL A 207 14.00 -22.89 -78.83
CA VAL A 207 15.39 -23.29 -78.62
C VAL A 207 16.07 -23.19 -79.97
N THR A 208 16.86 -22.14 -80.16
CA THR A 208 17.70 -22.02 -81.34
C THR A 208 19.12 -22.48 -80.99
N LYS A 209 20.07 -22.21 -81.88
CA LYS A 209 21.46 -22.53 -81.57
C LYS A 209 22.03 -21.56 -80.55
N ASP A 210 21.41 -20.40 -80.39
CA ASP A 210 21.89 -19.40 -79.45
C ASP A 210 21.62 -19.79 -78.01
N GLY A 211 20.56 -20.56 -77.75
CA GLY A 211 20.16 -20.93 -76.41
C GLY A 211 18.67 -20.95 -76.29
N VAL A 212 18.20 -20.94 -75.04
CA VAL A 212 16.78 -21.07 -74.71
C VAL A 212 16.29 -19.73 -74.23
N TYR A 213 15.15 -19.28 -74.76
CA TYR A 213 14.51 -18.09 -74.26
C TYR A 213 13.02 -18.27 -74.39
N VAL A 214 12.27 -17.60 -73.52
CA VAL A 214 10.86 -17.87 -73.29
C VAL A 214 10.05 -16.72 -73.87
N LEU A 215 9.04 -17.04 -74.68
CA LEU A 215 8.28 -15.98 -75.32
C LEU A 215 7.00 -15.64 -74.56
N ASP A 216 6.25 -16.65 -74.15
CA ASP A 216 4.94 -16.44 -73.56
C ASP A 216 4.93 -17.15 -72.22
N LEU A 217 4.02 -16.75 -71.34
CA LEU A 217 3.85 -17.44 -70.07
C LEU A 217 2.42 -17.23 -69.59
N ALA A 218 1.76 -18.31 -69.21
CA ALA A 218 0.45 -18.23 -68.60
C ALA A 218 0.50 -19.01 -67.31
N ALA A 219 0.14 -18.37 -66.20
CA ALA A 219 0.37 -19.05 -64.94
C ALA A 219 -0.73 -18.72 -63.95
N LYS A 220 -1.00 -19.69 -63.11
CA LYS A 220 -1.91 -19.56 -61.99
C LYS A 220 -1.21 -20.09 -60.75
N VAL A 221 -1.22 -19.31 -59.68
CA VAL A 221 -0.61 -19.71 -58.42
C VAL A 221 -1.67 -19.97 -57.38
N ASP A 222 -1.33 -20.81 -56.41
CA ASP A 222 -2.16 -21.12 -55.26
C ASP A 222 -2.05 -19.97 -54.27
N ALA A 223 -3.10 -19.17 -54.17
CA ALA A 223 -3.01 -17.94 -53.40
C ALA A 223 -3.04 -18.18 -51.91
N THR A 224 -3.46 -19.37 -51.49
CA THR A 224 -3.47 -19.66 -50.06
C THR A 224 -2.11 -20.12 -49.56
N ALA A 225 -1.13 -20.25 -50.45
CA ALA A 225 0.19 -20.75 -50.08
C ALA A 225 1.21 -19.64 -49.92
N ASP A 226 0.80 -18.47 -49.43
CA ASP A 226 1.74 -17.36 -49.34
CA ASP A 226 1.73 -17.37 -49.34
C ASP A 226 2.65 -17.51 -48.12
N TYR A 227 2.16 -18.15 -47.08
CA TYR A 227 2.88 -18.19 -45.81
C TYR A 227 4.14 -19.03 -45.87
N ILE A 228 4.34 -19.83 -46.92
CA ILE A 228 5.67 -20.35 -47.22
C ILE A 228 6.41 -19.41 -48.17
N CYS A 229 5.76 -18.96 -49.24
CA CYS A 229 6.49 -18.53 -50.42
C CYS A 229 6.50 -17.02 -50.57
N LYS A 230 6.15 -16.25 -49.54
CA LYS A 230 5.89 -14.83 -49.73
C LYS A 230 7.20 -14.05 -49.86
N VAL A 231 8.29 -14.62 -49.34
CA VAL A 231 9.60 -14.05 -49.63
C VAL A 231 9.99 -14.34 -51.08
N LYS A 232 9.66 -15.54 -51.55
CA LYS A 232 9.98 -15.91 -52.92
C LYS A 232 9.15 -15.09 -53.89
N TRP A 233 7.88 -14.96 -53.55
CA TRP A 233 6.90 -14.21 -54.33
C TRP A 233 7.20 -12.72 -54.40
N GLY A 234 7.71 -12.17 -53.31
CA GLY A 234 7.98 -10.76 -53.25
C GLY A 234 6.64 -10.07 -53.42
N ASP A 235 6.55 -9.12 -54.33
CA ASP A 235 5.27 -8.44 -54.52
C ASP A 235 4.55 -9.12 -55.67
N ILE A 236 3.36 -9.64 -55.37
CA ILE A 236 2.57 -10.33 -56.39
C ILE A 236 1.21 -9.69 -56.58
N GLU A 237 0.85 -9.46 -57.84
CA GLU A 237 -0.42 -8.85 -58.18
C GLU A 237 -1.24 -9.80 -59.04
N PHE A 238 -2.50 -10.01 -58.65
CA PHE A 238 -3.37 -10.90 -59.41
C PHE A 238 -4.30 -10.02 -60.24
N PRO A 239 -4.34 -10.26 -61.55
CA PRO A 239 -5.16 -9.45 -62.43
C PRO A 239 -6.55 -10.02 -62.60
N PRO A 240 -7.54 -9.16 -62.89
CA PRO A 240 -8.90 -9.66 -63.13
C PRO A 240 -9.02 -10.26 -64.52
N PRO A 241 -10.08 -11.01 -64.80
CA PRO A 241 -10.33 -11.44 -66.19
C PRO A 241 -10.66 -10.27 -67.09
N PHE A 242 -10.59 -10.52 -68.39
CA PHE A 242 -10.68 -9.41 -69.33
C PHE A 242 -12.15 -9.03 -69.52
N GLY A 243 -12.63 -8.08 -68.71
CA GLY A 243 -13.99 -7.62 -68.80
C GLY A 243 -14.05 -6.11 -68.70
N ARG A 244 -15.21 -5.61 -68.30
CA ARG A 244 -15.35 -4.18 -68.10
C ARG A 244 -14.58 -3.74 -66.86
N GLU A 245 -14.51 -2.43 -66.67
CA GLU A 245 -13.76 -1.92 -65.55
C GLU A 245 -14.52 -2.15 -64.25
N ALA A 246 -13.78 -2.59 -63.24
CA ALA A 246 -14.31 -2.78 -61.90
C ALA A 246 -14.59 -1.42 -61.29
N TYR A 247 -15.79 -1.26 -60.74
CA TYR A 247 -16.13 -0.05 -60.00
C TYR A 247 -15.22 0.14 -58.79
N PRO A 248 -15.08 1.38 -58.30
CA PRO A 248 -14.45 1.58 -57.00
C PRO A 248 -15.26 1.00 -55.85
N GLU A 249 -16.55 0.74 -56.07
CA GLU A 249 -17.37 0.05 -55.08
C GLU A 249 -16.84 -1.36 -54.83
N GLU A 250 -16.54 -2.08 -55.92
CA GLU A 250 -15.99 -3.43 -55.79
C GLU A 250 -14.60 -3.40 -55.18
N ALA A 251 -13.85 -2.33 -55.42
CA ALA A 251 -12.56 -2.18 -54.76
C ALA A 251 -12.73 -1.92 -53.27
N TYR A 252 -13.78 -1.18 -52.90
CA TYR A 252 -14.05 -0.90 -51.50
C TYR A 252 -14.51 -2.13 -50.76
N ILE A 253 -15.23 -3.03 -51.44
CA ILE A 253 -15.63 -4.29 -50.82
C ILE A 253 -14.48 -5.29 -50.83
N ALA A 254 -13.65 -5.26 -51.88
CA ALA A 254 -12.47 -6.11 -51.91
C ALA A 254 -11.45 -5.68 -50.88
N ASP A 255 -11.49 -4.42 -50.46
CA ASP A 255 -10.65 -3.96 -49.36
C ASP A 255 -11.13 -4.56 -48.04
N LEU A 256 -12.43 -4.90 -47.96
CA LEU A 256 -12.91 -5.56 -46.74
C LEU A 256 -12.43 -6.99 -46.66
N ASP A 257 -12.02 -7.58 -47.78
CA ASP A 257 -11.36 -8.88 -47.74
C ASP A 257 -9.96 -8.76 -47.17
N ALA A 258 -9.34 -7.59 -47.28
CA ALA A 258 -7.89 -7.48 -47.10
C ALA A 258 -7.51 -7.41 -45.63
N LYS A 259 -7.96 -6.37 -44.94
CA LYS A 259 -7.53 -6.16 -43.55
C LYS A 259 -8.29 -7.03 -42.55
N SER A 260 -9.30 -7.75 -42.99
CA SER A 260 -10.12 -8.57 -42.11
C SER A 260 -9.66 -10.02 -42.15
N GLY A 261 -10.46 -10.89 -41.54
CA GLY A 261 -10.27 -12.32 -41.64
C GLY A 261 -11.44 -12.98 -42.35
N ALA A 262 -12.36 -12.15 -42.84
CA ALA A 262 -13.59 -12.65 -43.45
C ALA A 262 -13.34 -13.01 -44.91
N SER A 263 -14.43 -13.20 -45.64
CA SER A 263 -14.40 -13.38 -47.08
C SER A 263 -15.68 -12.80 -47.65
N LEU A 264 -15.57 -11.69 -48.38
CA LEU A 264 -16.76 -11.02 -48.89
C LEU A 264 -16.41 -10.25 -50.16
N LYS A 265 -16.70 -10.86 -51.31
CA LYS A 265 -16.45 -10.24 -52.61
C LYS A 265 -17.78 -9.89 -53.26
N LEU A 266 -17.78 -8.79 -54.01
CA LEU A 266 -19.01 -8.26 -54.58
C LEU A 266 -18.83 -8.14 -56.09
N THR A 267 -19.62 -8.90 -56.84
CA THR A 267 -19.59 -8.89 -58.30
C THR A 267 -20.94 -8.41 -58.80
N LEU A 268 -21.04 -7.12 -59.09
CA LEU A 268 -22.27 -6.51 -59.56
C LEU A 268 -22.18 -6.36 -61.07
N LEU A 269 -23.29 -6.65 -61.78
CA LEU A 269 -23.22 -6.66 -63.23
C LEU A 269 -24.30 -5.80 -63.87
N ASN A 270 -25.40 -5.58 -63.17
CA ASN A 270 -26.50 -4.79 -63.72
C ASN A 270 -27.00 -3.82 -62.65
N PRO A 271 -26.50 -2.57 -62.63
CA PRO A 271 -26.89 -1.64 -61.56
C PRO A 271 -28.35 -1.20 -61.58
N LYS A 272 -29.05 -1.38 -62.69
CA LYS A 272 -30.43 -0.92 -62.82
C LYS A 272 -31.44 -2.05 -62.74
N GLY A 273 -31.23 -3.01 -61.85
CA GLY A 273 -32.19 -4.09 -61.71
C GLY A 273 -33.08 -3.95 -60.50
N ARG A 274 -34.21 -4.66 -60.54
CA ARG A 274 -35.13 -4.68 -59.41
C ARG A 274 -34.86 -5.83 -58.45
N ILE A 275 -33.83 -6.64 -58.72
CA ILE A 275 -33.48 -7.73 -57.85
C ILE A 275 -32.06 -7.50 -57.34
N TRP A 276 -31.90 -7.50 -56.02
CA TRP A 276 -30.61 -7.36 -55.37
C TRP A 276 -30.45 -8.50 -54.38
N THR A 277 -29.24 -8.66 -53.82
CA THR A 277 -28.98 -9.76 -52.91
C THR A 277 -28.17 -9.28 -51.72
N MET A 278 -28.46 -9.88 -50.56
CA MET A 278 -27.60 -9.79 -49.36
C MET A 278 -27.59 -11.21 -48.76
N VAL A 279 -26.66 -12.03 -49.22
CA VAL A 279 -26.72 -13.47 -49.00
C VAL A 279 -25.52 -13.86 -48.15
N ALA A 280 -25.78 -14.44 -46.99
CA ALA A 280 -24.70 -14.92 -46.14
C ALA A 280 -24.39 -16.38 -46.46
N GLY A 281 -23.13 -16.67 -46.74
CA GLY A 281 -22.74 -18.02 -47.08
C GLY A 281 -22.16 -18.15 -48.47
N GLY A 282 -21.12 -18.97 -48.62
CA GLY A 282 -20.54 -19.17 -49.93
C GLY A 282 -21.42 -20.03 -50.82
N GLY A 283 -22.29 -20.82 -50.21
CA GLY A 283 -23.14 -21.70 -51.00
C GLY A 283 -24.45 -21.06 -51.42
N ALA A 284 -25.06 -20.28 -50.52
CA ALA A 284 -26.44 -19.87 -50.75
C ALA A 284 -26.55 -18.76 -51.78
N SER A 285 -25.46 -18.03 -52.02
CA SER A 285 -25.48 -17.01 -53.09
C SER A 285 -25.65 -17.65 -54.45
N VAL A 286 -25.01 -18.81 -54.64
CA VAL A 286 -25.19 -19.63 -55.83
C VAL A 286 -26.63 -20.11 -55.95
N VAL A 287 -27.27 -20.41 -54.83
CA VAL A 287 -28.63 -20.96 -54.85
C VAL A 287 -29.64 -19.88 -55.22
N TYR A 288 -29.50 -18.68 -54.64
CA TYR A 288 -30.36 -17.58 -55.04
C TYR A 288 -30.11 -17.16 -56.48
N SER A 289 -28.84 -17.17 -56.92
CA SER A 289 -28.55 -16.80 -58.30
C SER A 289 -29.07 -17.86 -59.27
N ASP A 290 -29.25 -19.09 -58.80
CA ASP A 290 -29.97 -20.09 -59.58
C ASP A 290 -31.45 -19.73 -59.67
N THR A 291 -32.11 -19.53 -58.53
CA THR A 291 -33.57 -19.52 -58.50
C THR A 291 -34.14 -18.23 -59.08
N ILE A 292 -33.47 -17.09 -58.81
CA ILE A 292 -33.83 -15.79 -59.40
C ILE A 292 -33.78 -15.83 -60.92
N CYS A 293 -32.70 -16.33 -61.48
CA CYS A 293 -32.59 -16.40 -62.93
C CYS A 293 -33.47 -17.51 -63.51
N ASP A 294 -33.82 -18.49 -62.69
CA ASP A 294 -34.72 -19.55 -63.15
C ASP A 294 -36.16 -19.09 -63.22
N LEU A 295 -36.55 -18.13 -62.38
CA LEU A 295 -37.90 -17.57 -62.47
C LEU A 295 -38.01 -16.39 -63.42
N GLY A 296 -37.10 -16.28 -64.39
CA GLY A 296 -37.27 -15.33 -65.46
C GLY A 296 -37.01 -13.87 -65.12
N GLY A 297 -36.51 -13.58 -63.92
CA GLY A 297 -36.16 -12.22 -63.58
C GLY A 297 -34.69 -11.95 -63.78
N VAL A 298 -34.07 -12.74 -64.66
CA VAL A 298 -32.62 -12.73 -64.87
C VAL A 298 -32.14 -11.38 -65.41
N ASN A 299 -32.99 -10.67 -66.15
CA ASN A 299 -32.63 -9.37 -66.71
C ASN A 299 -32.61 -8.26 -65.67
N GLU A 300 -33.12 -8.54 -64.46
CA GLU A 300 -33.17 -7.54 -63.40
C GLU A 300 -32.31 -7.94 -62.20
N LEU A 301 -31.53 -9.01 -62.31
CA LEU A 301 -30.61 -9.36 -61.23
C LEU A 301 -29.45 -8.37 -61.22
N ALA A 302 -29.04 -7.94 -60.04
CA ALA A 302 -27.97 -6.97 -59.97
C ALA A 302 -26.63 -7.57 -59.61
N ASN A 303 -26.53 -8.27 -58.50
CA ASN A 303 -25.23 -8.71 -58.00
C ASN A 303 -25.35 -10.13 -57.46
N TYR A 304 -24.21 -10.80 -57.32
CA TYR A 304 -24.14 -11.96 -56.45
C TYR A 304 -22.86 -11.84 -55.64
N GLY A 305 -22.95 -12.07 -54.34
CA GLY A 305 -21.78 -11.90 -53.51
C GLY A 305 -21.69 -12.88 -52.35
N GLU A 306 -20.56 -13.58 -52.26
CA GLU A 306 -20.35 -14.44 -51.11
C GLU A 306 -20.01 -13.61 -49.89
N TYR A 307 -20.27 -14.20 -48.73
CA TYR A 307 -20.12 -13.55 -47.42
C TYR A 307 -20.02 -14.68 -46.40
N SER A 308 -18.86 -14.84 -45.79
CA SER A 308 -18.67 -15.90 -44.82
C SER A 308 -17.68 -15.43 -43.76
N GLY A 309 -17.31 -16.34 -42.87
CA GLY A 309 -16.27 -16.04 -41.90
C GLY A 309 -16.73 -15.27 -40.69
N ALA A 310 -17.97 -14.80 -40.68
CA ALA A 310 -18.60 -14.02 -39.62
C ALA A 310 -17.77 -12.82 -39.20
N PRO A 311 -17.66 -11.77 -40.02
CA PRO A 311 -16.85 -10.62 -39.62
C PRO A 311 -17.52 -9.81 -38.53
N SER A 312 -16.85 -8.74 -38.13
CA SER A 312 -17.40 -7.85 -37.11
C SER A 312 -18.63 -7.12 -37.62
N GLU A 313 -19.38 -6.53 -36.68
CA GLU A 313 -20.62 -5.85 -37.03
C GLU A 313 -20.37 -4.61 -37.88
N GLN A 314 -19.21 -3.98 -37.71
CA GLN A 314 -18.92 -2.76 -38.45
C GLN A 314 -18.56 -3.08 -39.89
N GLN A 315 -17.97 -4.25 -40.16
CA GLN A 315 -17.64 -4.61 -41.53
C GLN A 315 -18.89 -5.03 -42.30
N THR A 316 -19.82 -5.68 -41.61
CA THR A 316 -21.10 -5.97 -42.24
C THR A 316 -21.91 -4.69 -42.45
N TYR A 317 -21.74 -3.72 -41.54
CA TYR A 317 -22.30 -2.39 -41.77
C TYR A 317 -21.69 -1.73 -43.00
N ASP A 318 -20.39 -1.91 -43.23
CA ASP A 318 -19.75 -1.30 -44.38
C ASP A 318 -20.22 -1.96 -45.68
N TYR A 319 -20.33 -3.29 -45.66
CA TYR A 319 -20.85 -4.04 -46.80
C TYR A 319 -22.29 -3.64 -47.12
N ALA A 320 -23.10 -3.48 -46.09
CA ALA A 320 -24.50 -3.15 -46.30
C ALA A 320 -24.68 -1.68 -46.66
N LYS A 321 -23.78 -0.80 -46.19
CA LYS A 321 -23.92 0.60 -46.59
C LYS A 321 -23.42 0.79 -48.00
N THR A 322 -22.50 -0.06 -48.47
CA THR A 322 -22.12 -0.04 -49.88
C THR A 322 -23.27 -0.49 -50.76
N ILE A 323 -23.91 -1.60 -50.40
CA ILE A 323 -25.00 -2.07 -51.24
C ILE A 323 -26.24 -1.17 -51.15
N LEU A 324 -26.53 -0.60 -49.97
CA LEU A 324 -27.63 0.36 -49.89
C LEU A 324 -27.28 1.71 -50.51
N SER A 325 -25.98 2.04 -50.62
CA SER A 325 -25.59 3.22 -51.37
C SER A 325 -25.79 2.98 -52.86
N LEU A 326 -25.61 1.75 -53.31
CA LEU A 326 -25.95 1.41 -54.68
C LEU A 326 -27.45 1.27 -54.89
N MET A 327 -28.24 1.12 -53.82
CA MET A 327 -29.69 1.02 -53.98
C MET A 327 -30.31 2.35 -54.38
N THR A 328 -29.93 3.43 -53.68
CA THR A 328 -30.69 4.68 -53.68
C THR A 328 -30.13 5.71 -54.64
N ARG A 329 -29.68 5.31 -55.82
CA ARG A 329 -29.14 6.28 -56.76
C ARG A 329 -30.24 6.92 -57.60
N GLU A 330 -31.02 6.12 -58.33
CA GLU A 330 -32.14 6.71 -59.06
C GLU A 330 -33.30 5.73 -59.11
N LYS A 331 -34.43 6.21 -59.62
CA LYS A 331 -35.70 5.52 -59.45
C LYS A 331 -35.99 4.59 -60.63
N HIS A 332 -36.33 3.35 -60.33
CA HIS A 332 -37.06 2.69 -61.41
C HIS A 332 -38.53 2.54 -61.01
N PRO A 333 -39.47 2.71 -61.95
CA PRO A 333 -40.90 2.70 -61.56
C PRO A 333 -41.46 1.34 -61.14
N ASP A 334 -40.73 0.24 -61.32
CA ASP A 334 -41.25 -1.03 -60.84
C ASP A 334 -41.05 -1.21 -59.34
N GLY A 335 -39.84 -1.00 -58.85
CA GLY A 335 -39.55 -1.20 -57.44
C GLY A 335 -38.54 -2.30 -57.21
N LYS A 336 -37.54 -2.02 -56.37
CA LYS A 336 -36.41 -2.91 -56.16
C LYS A 336 -36.68 -3.90 -55.03
N ILE A 337 -36.32 -5.16 -55.26
CA ILE A 337 -36.55 -6.23 -54.30
C ILE A 337 -35.20 -6.66 -53.75
N LEU A 338 -34.94 -6.32 -52.50
CA LEU A 338 -33.72 -6.74 -51.84
C LEU A 338 -33.95 -8.04 -51.09
N ILE A 339 -33.22 -9.08 -51.47
CA ILE A 339 -33.31 -10.40 -50.85
C ILE A 339 -32.20 -10.53 -49.82
N ILE A 340 -32.58 -10.78 -48.58
CA ILE A 340 -31.65 -10.96 -47.47
C ILE A 340 -31.91 -12.31 -46.85
N GLY A 341 -30.89 -13.15 -46.80
CA GLY A 341 -31.02 -14.45 -46.18
C GLY A 341 -30.03 -15.43 -46.77
N GLY A 342 -29.86 -16.55 -46.10
CA GLY A 342 -28.94 -17.55 -46.56
C GLY A 342 -28.72 -18.65 -45.56
N SER A 343 -27.50 -19.21 -45.58
CA SER A 343 -27.19 -20.36 -44.74
C SER A 343 -25.75 -20.33 -44.27
N ILE A 344 -25.55 -20.29 -42.96
CA ILE A 344 -24.24 -20.36 -42.32
C ILE A 344 -24.23 -21.62 -41.47
N ALA A 345 -23.06 -22.25 -41.35
CA ALA A 345 -22.88 -23.35 -40.41
C ALA A 345 -22.41 -22.90 -39.05
N ASN A 346 -21.56 -21.88 -38.98
CA ASN A 346 -20.95 -21.41 -37.74
C ASN A 346 -21.66 -20.14 -37.30
N PHE A 347 -22.63 -20.28 -36.41
CA PHE A 347 -23.32 -19.10 -35.89
C PHE A 347 -22.56 -18.55 -34.70
N THR A 348 -21.83 -17.47 -34.92
CA THR A 348 -20.94 -16.90 -33.94
C THR A 348 -21.26 -15.44 -33.63
N ASN A 349 -21.65 -14.66 -34.63
CA ASN A 349 -21.98 -13.25 -34.47
C ASN A 349 -23.44 -12.99 -34.82
N VAL A 350 -24.34 -13.83 -34.30
CA VAL A 350 -25.76 -13.62 -34.51
C VAL A 350 -26.25 -12.33 -33.91
N ALA A 351 -25.73 -11.93 -32.76
CA ALA A 351 -26.07 -10.65 -32.16
C ALA A 351 -25.45 -9.46 -32.87
N ALA A 352 -24.33 -9.66 -33.58
CA ALA A 352 -23.62 -8.52 -34.14
C ALA A 352 -24.12 -8.16 -35.52
N THR A 353 -24.34 -9.16 -36.37
CA THR A 353 -24.61 -8.88 -37.79
C THR A 353 -25.99 -8.26 -37.98
N PHE A 354 -26.95 -8.63 -37.13
CA PHE A 354 -28.23 -7.93 -37.15
C PHE A 354 -28.12 -6.51 -36.62
N LYS A 355 -27.07 -6.20 -35.87
CA LYS A 355 -26.90 -4.80 -35.47
C LYS A 355 -26.26 -3.97 -36.58
N GLY A 356 -25.70 -4.62 -37.58
CA GLY A 356 -25.16 -3.88 -38.70
C GLY A 356 -26.23 -3.46 -39.67
N ILE A 357 -27.00 -4.44 -40.17
CA ILE A 357 -27.90 -4.22 -41.29
C ILE A 357 -29.11 -3.40 -40.86
N VAL A 358 -29.52 -3.54 -39.60
CA VAL A 358 -30.50 -2.61 -39.02
C VAL A 358 -29.97 -1.19 -39.01
N ARG A 359 -28.69 -1.02 -38.65
CA ARG A 359 -28.13 0.32 -38.62
C ARG A 359 -27.92 0.86 -40.03
N ALA A 360 -27.71 -0.04 -41.00
CA ALA A 360 -27.62 0.40 -42.38
C ALA A 360 -28.98 0.76 -42.95
N ILE A 361 -30.04 0.05 -42.55
CA ILE A 361 -31.38 0.43 -42.98
C ILE A 361 -31.83 1.73 -42.32
N ARG A 362 -31.62 1.88 -41.01
CA ARG A 362 -32.17 3.05 -40.33
C ARG A 362 -31.34 4.30 -40.59
N ASP A 363 -30.21 4.17 -41.28
CA ASP A 363 -29.50 5.37 -41.73
C ASP A 363 -29.87 5.76 -43.14
N TYR A 364 -30.87 5.12 -43.75
CA TYR A 364 -31.35 5.51 -45.07
C TYR A 364 -32.87 5.47 -45.21
N GLN A 365 -33.62 5.84 -44.16
CA GLN A 365 -35.08 5.70 -44.24
C GLN A 365 -35.70 6.71 -45.20
N GLY A 366 -35.00 7.83 -45.44
CA GLY A 366 -35.43 8.80 -46.42
C GLY A 366 -35.35 8.23 -47.83
N PRO A 367 -34.14 7.97 -48.33
CA PRO A 367 -34.00 7.49 -49.71
C PRO A 367 -34.55 6.10 -49.98
N LEU A 368 -34.59 5.19 -49.00
CA LEU A 368 -35.08 3.84 -49.28
C LEU A 368 -36.59 3.81 -49.51
N LYS A 369 -37.34 4.72 -48.91
CA LYS A 369 -38.76 4.79 -49.24
C LYS A 369 -38.97 5.36 -50.64
N GLU A 370 -38.32 6.46 -50.96
CA GLU A 370 -38.52 7.11 -52.25
C GLU A 370 -37.71 6.49 -53.38
N HIS A 371 -37.04 5.37 -53.13
CA HIS A 371 -36.65 4.47 -54.21
C HIS A 371 -37.47 3.19 -54.20
N GLU A 372 -38.44 3.07 -53.29
CA GLU A 372 -39.48 2.03 -53.27
C GLU A 372 -38.89 0.62 -53.17
N VAL A 373 -38.29 0.31 -52.02
CA VAL A 373 -37.66 -0.98 -51.82
C VAL A 373 -38.56 -1.89 -50.99
N THR A 374 -38.75 -3.12 -51.45
CA THR A 374 -39.57 -4.10 -50.74
C THR A 374 -38.69 -5.27 -50.34
N ILE A 375 -38.27 -5.30 -49.07
CA ILE A 375 -37.23 -6.19 -48.60
C ILE A 375 -37.87 -7.49 -48.15
N PHE A 376 -37.29 -8.62 -48.54
CA PHE A 376 -37.66 -9.92 -47.98
C PHE A 376 -36.49 -10.45 -47.16
N VAL A 377 -36.68 -10.57 -45.85
CA VAL A 377 -35.66 -11.10 -44.95
C VAL A 377 -36.13 -12.46 -44.46
N ARG A 378 -35.25 -13.45 -44.52
CA ARG A 378 -35.52 -14.75 -43.93
C ARG A 378 -34.37 -15.16 -43.02
N ARG A 379 -34.72 -15.65 -41.84
CA ARG A 379 -33.75 -16.13 -40.86
C ARG A 379 -33.52 -17.62 -41.11
N GLY A 380 -32.35 -18.10 -40.71
CA GLY A 380 -32.10 -19.52 -40.65
C GLY A 380 -31.32 -19.80 -39.38
N GLY A 381 -31.29 -21.06 -38.97
CA GLY A 381 -30.52 -21.42 -37.79
C GLY A 381 -31.20 -21.03 -36.49
N PRO A 382 -30.56 -20.15 -35.72
CA PRO A 382 -31.07 -19.83 -34.38
C PRO A 382 -32.33 -19.00 -34.46
N ASN A 383 -33.18 -19.16 -33.44
CA ASN A 383 -34.40 -18.37 -33.35
C ASN A 383 -34.11 -17.02 -32.70
N TYR A 384 -33.34 -16.19 -33.39
CA TYR A 384 -32.89 -14.91 -32.85
C TYR A 384 -34.05 -13.91 -32.94
N GLN A 385 -34.83 -13.86 -31.86
CA GLN A 385 -36.12 -13.17 -31.90
C GLN A 385 -35.93 -11.66 -31.78
N GLU A 386 -34.81 -11.24 -31.20
CA GLU A 386 -34.57 -9.80 -31.05
C GLU A 386 -34.32 -9.14 -32.40
N GLY A 387 -33.61 -9.82 -33.30
CA GLY A 387 -33.37 -9.25 -34.61
C GLY A 387 -34.64 -9.18 -35.45
N LEU A 388 -35.45 -10.24 -35.39
CA LEU A 388 -36.75 -10.23 -36.06
C LEU A 388 -37.65 -9.13 -35.52
N ARG A 389 -37.60 -8.89 -34.21
CA ARG A 389 -38.41 -7.84 -33.61
C ARG A 389 -37.90 -6.45 -34.01
N VAL A 390 -36.59 -6.25 -34.07
CA VAL A 390 -36.08 -4.92 -34.40
C VAL A 390 -36.31 -4.62 -35.88
N MET A 391 -36.22 -5.64 -36.74
CA MET A 391 -36.64 -5.48 -38.14
C MET A 391 -38.13 -5.11 -38.23
N GLY A 392 -38.99 -5.83 -37.50
CA GLY A 392 -40.41 -5.54 -37.52
C GLY A 392 -40.77 -4.18 -36.95
N GLU A 393 -39.97 -3.66 -36.02
CA GLU A 393 -40.22 -2.32 -35.51
C GLU A 393 -39.71 -1.25 -36.45
N VAL A 394 -38.56 -1.48 -37.09
CA VAL A 394 -38.04 -0.44 -37.97
C VAL A 394 -38.81 -0.41 -39.29
N GLY A 395 -39.46 -1.53 -39.65
CA GLY A 395 -40.30 -1.53 -40.83
C GLY A 395 -41.58 -0.74 -40.64
N LYS A 396 -42.02 -0.61 -39.37
CA LYS A 396 -43.17 0.22 -39.06
C LYS A 396 -42.77 1.66 -38.78
N THR A 397 -41.55 1.85 -38.26
CA THR A 397 -41.09 3.21 -37.98
C THR A 397 -40.73 3.94 -39.27
N THR A 398 -39.93 3.32 -40.14
CA THR A 398 -39.55 3.94 -41.40
C THR A 398 -40.74 3.95 -42.37
N GLY A 399 -41.30 2.79 -42.63
CA GLY A 399 -42.41 2.67 -43.56
C GLY A 399 -42.03 1.80 -44.73
N ILE A 400 -40.78 1.35 -44.74
CA ILE A 400 -40.23 0.49 -45.78
C ILE A 400 -40.95 -0.85 -45.70
N PRO A 401 -41.57 -1.33 -46.77
CA PRO A 401 -42.30 -2.59 -46.68
C PRO A 401 -41.37 -3.78 -46.58
N ILE A 402 -41.20 -4.32 -45.39
CA ILE A 402 -40.38 -5.51 -45.20
C ILE A 402 -41.33 -6.70 -45.07
N HIS A 403 -40.78 -7.89 -45.24
CA HIS A 403 -41.52 -9.11 -44.94
C HIS A 403 -40.52 -10.08 -44.29
N VAL A 404 -40.39 -10.01 -42.97
CA VAL A 404 -39.47 -10.90 -42.26
C VAL A 404 -40.15 -12.24 -42.06
N PHE A 405 -39.46 -13.30 -42.45
CA PHE A 405 -40.05 -14.63 -42.47
C PHE A 405 -39.30 -15.52 -41.50
N GLY A 406 -39.65 -16.80 -41.51
CA GLY A 406 -39.10 -17.75 -40.57
C GLY A 406 -38.56 -18.97 -41.29
N THR A 407 -38.24 -19.97 -40.49
CA THR A 407 -37.63 -21.19 -41.00
C THR A 407 -38.65 -22.04 -41.76
N GLU A 408 -39.95 -21.82 -41.54
CA GLU A 408 -40.99 -22.62 -42.17
C GLU A 408 -41.08 -22.42 -43.68
N THR A 409 -40.67 -21.27 -44.18
CA THR A 409 -40.61 -21.03 -45.61
C THR A 409 -39.26 -21.51 -46.12
N HIS A 410 -39.25 -22.07 -47.33
CA HIS A 410 -38.01 -22.60 -47.89
C HIS A 410 -37.11 -21.47 -48.33
N MET A 411 -35.82 -21.75 -48.47
CA MET A 411 -34.82 -20.69 -48.65
C MET A 411 -34.89 -20.07 -50.03
N THR A 412 -35.56 -20.72 -50.97
CA THR A 412 -35.94 -20.09 -52.23
C THR A 412 -37.44 -19.95 -52.38
N ALA A 413 -38.21 -20.16 -51.32
CA ALA A 413 -39.64 -19.89 -51.40
C ALA A 413 -39.92 -18.39 -51.47
N ILE A 414 -39.00 -17.57 -50.95
CA ILE A 414 -39.18 -16.13 -51.00
C ILE A 414 -38.98 -15.57 -52.40
N VAL A 415 -38.22 -16.27 -53.25
CA VAL A 415 -37.96 -15.76 -54.59
C VAL A 415 -39.24 -15.82 -55.43
N GLY A 416 -40.01 -16.91 -55.27
CA GLY A 416 -41.32 -16.98 -55.87
C GLY A 416 -42.31 -16.00 -55.26
N MET A 417 -42.10 -15.61 -54.01
CA MET A 417 -42.91 -14.57 -53.38
C MET A 417 -42.50 -13.18 -53.85
N ALA A 418 -41.31 -13.05 -54.40
CA ALA A 418 -40.82 -11.79 -54.94
C ALA A 418 -41.18 -11.58 -56.40
N LEU A 419 -41.07 -12.60 -57.24
CA LEU A 419 -41.26 -12.43 -58.67
C LEU A 419 -42.68 -12.74 -59.12
N GLY A 420 -43.65 -12.62 -58.22
CA GLY A 420 -45.04 -12.77 -58.60
C GLY A 420 -45.42 -14.18 -58.98
N HIS A 421 -45.32 -15.11 -58.04
CA HIS A 421 -45.73 -16.48 -58.28
C HIS A 421 -46.60 -17.07 -57.20
N ARG A 422 -46.71 -16.43 -56.04
CA ARG A 422 -47.46 -16.92 -54.89
C ARG A 422 -47.71 -15.77 -53.92
N PRO A 423 -48.85 -15.77 -53.22
CA PRO A 423 -49.16 -14.65 -52.32
C PRO A 423 -48.29 -14.63 -51.08
N ILE A 424 -48.57 -13.66 -50.21
CA ILE A 424 -47.70 -13.35 -49.08
C ILE A 424 -48.46 -13.59 -47.78
N PRO A 425 -48.29 -14.74 -47.13
CA PRO A 425 -48.88 -14.95 -45.79
C PRO A 425 -48.22 -14.09 -44.73
N GLY A 487 -8.15 -51.05 -43.79
CA GLY A 487 -8.05 -50.04 -44.82
C GLY A 487 -9.15 -48.99 -44.73
N LYS A 488 -10.16 -49.12 -45.58
CA LYS A 488 -11.32 -48.24 -45.49
C LYS A 488 -12.35 -48.83 -44.55
N SER A 489 -13.09 -47.97 -43.87
CA SER A 489 -14.18 -48.43 -43.03
C SER A 489 -15.51 -48.29 -43.77
N THR A 490 -16.59 -48.71 -43.09
CA THR A 490 -17.95 -48.43 -43.55
C THR A 490 -18.74 -47.65 -42.51
N THR A 491 -18.68 -48.07 -41.25
CA THR A 491 -19.30 -47.35 -40.14
C THR A 491 -18.21 -46.50 -39.49
N LEU A 492 -18.25 -45.19 -39.74
CA LEU A 492 -17.29 -44.31 -39.10
C LEU A 492 -17.66 -44.03 -37.65
N PHE A 493 -18.92 -43.71 -37.37
CA PHE A 493 -19.31 -43.18 -36.08
C PHE A 493 -20.38 -44.05 -35.46
N SER A 494 -20.06 -44.70 -34.36
CA SER A 494 -21.03 -45.44 -33.57
C SER A 494 -21.46 -44.56 -32.41
N ARG A 495 -22.35 -45.08 -31.57
CA ARG A 495 -22.74 -44.34 -30.38
C ARG A 495 -21.82 -44.62 -29.21
N HIS A 496 -20.73 -45.34 -29.45
CA HIS A 496 -19.62 -45.45 -28.51
C HIS A 496 -18.36 -44.83 -29.06
N THR A 497 -18.50 -43.83 -29.93
CA THR A 497 -17.35 -43.21 -30.57
C THR A 497 -16.75 -42.14 -29.68
N LYS A 498 -15.45 -42.22 -29.43
CA LYS A 498 -14.73 -41.16 -28.75
C LYS A 498 -14.12 -40.24 -29.79
N ALA A 499 -13.62 -39.08 -29.36
CA ALA A 499 -12.97 -38.16 -30.28
C ALA A 499 -11.99 -37.30 -29.50
N ILE A 500 -10.93 -36.91 -30.18
CA ILE A 500 -9.92 -36.01 -29.60
C ILE A 500 -9.94 -34.72 -30.40
N VAL A 501 -10.19 -33.62 -29.71
CA VAL A 501 -10.30 -32.30 -30.33
C VAL A 501 -8.93 -31.65 -30.32
N TRP A 502 -8.37 -31.42 -31.51
CA TRP A 502 -7.08 -30.76 -31.54
C TRP A 502 -7.30 -29.25 -31.51
N GLY A 503 -6.40 -28.54 -30.84
CA GLY A 503 -6.68 -27.12 -30.69
C GLY A 503 -7.58 -26.91 -29.50
N MET A 504 -7.83 -25.64 -29.16
CA MET A 504 -8.69 -25.33 -28.01
C MET A 504 -9.93 -24.61 -28.51
N GLN A 505 -11.05 -25.31 -28.45
CA GLN A 505 -12.34 -24.89 -28.98
C GLN A 505 -13.46 -25.20 -28.00
N THR A 506 -13.36 -24.65 -26.77
CA THR A 506 -14.30 -24.94 -25.68
C THR A 506 -15.78 -24.75 -26.04
N ARG A 507 -16.07 -23.86 -26.99
CA ARG A 507 -17.44 -23.74 -27.51
C ARG A 507 -17.82 -24.98 -28.30
N ALA A 508 -16.95 -25.43 -29.20
CA ALA A 508 -17.27 -26.60 -30.02
C ALA A 508 -17.30 -27.87 -29.19
N VAL A 509 -16.46 -27.96 -28.16
CA VAL A 509 -16.45 -29.15 -27.33
C VAL A 509 -17.67 -29.14 -26.41
N GLN A 510 -18.08 -27.95 -25.95
CA GLN A 510 -19.32 -27.87 -25.19
C GLN A 510 -20.51 -28.23 -26.03
N GLY A 511 -20.48 -27.85 -27.32
CA GLY A 511 -21.52 -28.26 -28.25
C GLY A 511 -21.52 -29.75 -28.53
N MET A 512 -20.35 -30.39 -28.49
CA MET A 512 -20.29 -31.85 -28.50
C MET A 512 -21.05 -32.42 -27.31
N LEU A 513 -20.66 -32.01 -26.10
CA LEU A 513 -21.11 -32.69 -24.90
C LEU A 513 -22.59 -32.47 -24.64
N ASP A 514 -23.10 -31.29 -24.96
CA ASP A 514 -24.52 -31.04 -24.74
C ASP A 514 -25.37 -31.80 -25.74
N PHE A 515 -24.91 -31.91 -26.99
CA PHE A 515 -25.57 -32.77 -27.97
C PHE A 515 -25.59 -34.21 -27.52
N ASP A 516 -24.49 -34.67 -26.91
CA ASP A 516 -24.42 -36.06 -26.49
C ASP A 516 -25.32 -36.33 -25.31
N TYR A 517 -25.46 -35.35 -24.41
CA TYR A 517 -26.40 -35.54 -23.31
C TYR A 517 -27.84 -35.46 -23.78
N VAL A 518 -28.10 -34.74 -24.87
CA VAL A 518 -29.45 -34.77 -25.45
C VAL A 518 -29.70 -36.13 -26.11
N CYS A 519 -28.65 -36.77 -26.64
CA CYS A 519 -28.83 -38.06 -27.28
C CYS A 519 -28.89 -39.24 -26.30
N SER A 520 -28.95 -38.97 -25.00
CA SER A 520 -29.07 -39.97 -23.93
C SER A 520 -27.92 -40.97 -23.97
N ARG A 521 -26.78 -40.45 -24.36
CA ARG A 521 -25.54 -41.20 -24.54
C ARG A 521 -24.91 -41.47 -23.18
N ASP A 522 -24.29 -42.65 -23.06
CA ASP A 522 -23.80 -43.11 -21.76
C ASP A 522 -22.56 -42.34 -21.33
N GLU A 523 -21.64 -42.15 -22.25
CA GLU A 523 -20.32 -41.57 -22.01
C GLU A 523 -20.23 -40.30 -22.84
N PRO A 524 -19.28 -39.40 -22.59
CA PRO A 524 -19.11 -38.25 -23.50
C PRO A 524 -18.58 -38.64 -24.87
N SER A 525 -18.37 -37.69 -25.75
CA SER A 525 -17.69 -38.01 -27.00
C SER A 525 -16.40 -37.25 -27.19
N VAL A 526 -16.04 -36.36 -26.29
CA VAL A 526 -14.69 -35.82 -26.29
C VAL A 526 -13.91 -36.48 -25.17
N ALA A 527 -13.03 -37.41 -25.52
CA ALA A 527 -12.27 -38.14 -24.51
C ALA A 527 -11.11 -37.30 -23.99
N ALA A 528 -10.39 -36.64 -24.88
CA ALA A 528 -9.28 -35.80 -24.48
C ALA A 528 -9.05 -34.68 -25.48
N MET A 529 -8.40 -33.61 -25.03
CA MET A 529 -8.01 -32.56 -25.95
C MET A 529 -6.49 -32.48 -26.05
N VAL A 530 -6.02 -31.95 -27.17
CA VAL A 530 -4.58 -31.86 -27.43
C VAL A 530 -4.27 -30.43 -27.85
N TYR A 531 -3.37 -29.78 -27.13
CA TYR A 531 -3.03 -28.41 -27.48
C TYR A 531 -1.58 -28.13 -27.11
N PRO A 532 -0.69 -27.98 -28.09
CA PRO A 532 0.74 -28.00 -27.79
C PRO A 532 1.33 -26.67 -27.35
N PHE A 533 0.54 -25.61 -27.27
CA PHE A 533 1.09 -24.30 -26.97
C PHE A 533 0.74 -23.83 -25.57
N THR A 534 0.30 -24.73 -24.70
CA THR A 534 0.15 -24.47 -23.27
C THR A 534 0.74 -25.64 -22.50
N GLY A 535 0.56 -25.64 -21.19
CA GLY A 535 1.00 -26.72 -20.34
C GLY A 535 -0.13 -27.72 -20.12
N ASP A 536 0.25 -28.88 -19.60
CA ASP A 536 -0.72 -29.95 -19.41
C ASP A 536 -1.60 -29.66 -18.21
N HIS A 537 -2.89 -29.71 -18.42
CA HIS A 537 -3.87 -29.42 -17.38
C HIS A 537 -5.16 -30.13 -17.75
N LYS A 538 -6.23 -29.80 -17.06
CA LYS A 538 -7.56 -30.31 -17.38
C LYS A 538 -8.52 -29.15 -17.48
N GLN A 539 -9.57 -29.34 -18.27
CA GLN A 539 -10.55 -28.31 -18.54
C GLN A 539 -11.88 -28.80 -18.00
N LYS A 540 -12.68 -27.87 -17.47
CA LYS A 540 -13.89 -28.20 -16.74
C LYS A 540 -15.13 -27.84 -17.56
N PHE A 541 -15.90 -28.86 -17.93
CA PHE A 541 -17.03 -28.72 -18.82
C PHE A 541 -18.32 -29.17 -18.17
N TYR A 542 -19.39 -29.24 -18.95
CA TYR A 542 -20.71 -29.62 -18.45
C TYR A 542 -21.20 -30.85 -19.19
N TRP A 543 -21.19 -31.99 -18.51
CA TRP A 543 -21.94 -33.15 -18.96
C TRP A 543 -23.33 -33.06 -18.37
N GLY A 544 -24.25 -32.47 -19.12
CA GLY A 544 -25.59 -32.25 -18.62
C GLY A 544 -25.60 -31.20 -17.54
N HIS A 545 -25.79 -31.65 -16.30
CA HIS A 545 -25.82 -30.77 -15.15
C HIS A 545 -24.56 -30.90 -14.29
N LYS A 546 -24.00 -32.09 -14.21
CA LYS A 546 -22.79 -32.30 -13.45
C LYS A 546 -21.58 -31.80 -14.24
N GLU A 547 -20.66 -31.15 -13.54
CA GLU A 547 -19.40 -30.73 -14.13
C GLU A 547 -18.42 -31.89 -14.19
N ILE A 548 -18.00 -32.26 -15.39
CA ILE A 548 -16.95 -33.25 -15.55
C ILE A 548 -15.70 -32.56 -16.06
N LEU A 549 -14.58 -33.27 -16.05
CA LEU A 549 -13.32 -32.75 -16.54
C LEU A 549 -12.91 -33.46 -17.82
N ILE A 550 -12.23 -32.72 -18.69
CA ILE A 550 -11.61 -33.29 -19.89
C ILE A 550 -10.14 -32.90 -19.90
N PRO A 551 -9.23 -33.86 -20.08
CA PRO A 551 -7.80 -33.56 -19.98
C PRO A 551 -7.27 -32.90 -21.25
N VAL A 552 -6.41 -31.92 -21.06
CA VAL A 552 -5.78 -31.20 -22.15
C VAL A 552 -4.29 -31.49 -22.14
N PHE A 553 -3.78 -31.98 -23.25
CA PHE A 553 -2.39 -32.42 -23.31
C PHE A 553 -1.55 -31.52 -24.21
N LYS A 554 -0.23 -31.69 -24.18
CA LYS A 554 0.67 -30.93 -25.05
C LYS A 554 1.21 -31.73 -26.22
N ASN A 555 1.87 -32.85 -25.99
CA ASN A 555 2.32 -33.70 -27.09
C ASN A 555 1.38 -34.89 -27.16
N MET A 556 1.20 -35.41 -28.38
CA MET A 556 0.10 -36.33 -28.63
C MET A 556 0.35 -37.71 -28.06
N ALA A 557 1.60 -38.03 -27.70
CA ALA A 557 1.90 -39.37 -27.21
C ALA A 557 1.25 -39.60 -25.85
N ASP A 558 1.09 -38.54 -25.06
CA ASP A 558 0.38 -38.64 -23.79
C ASP A 558 -1.09 -38.97 -24.01
N ALA A 559 -1.73 -38.29 -24.97
CA ALA A 559 -3.15 -38.49 -25.22
C ALA A 559 -3.41 -39.78 -25.98
N MET A 560 -2.39 -40.35 -26.60
CA MET A 560 -2.59 -41.57 -27.37
C MET A 560 -2.15 -42.80 -26.58
N ARG A 561 -1.37 -42.61 -25.51
CA ARG A 561 -1.08 -43.72 -24.63
C ARG A 561 -2.05 -43.77 -23.45
N LYS A 562 -2.48 -42.60 -22.97
CA LYS A 562 -3.49 -42.68 -21.90
C LYS A 562 -4.87 -42.94 -22.40
N HIS A 563 -5.14 -42.88 -23.71
CA HIS A 563 -6.50 -43.08 -24.23
C HIS A 563 -6.43 -44.05 -25.40
N PRO A 564 -6.60 -45.35 -25.15
CA PRO A 564 -6.68 -46.32 -26.25
C PRO A 564 -8.07 -46.50 -26.82
N GLU A 565 -9.00 -45.60 -26.55
CA GLU A 565 -10.42 -45.82 -26.85
C GLU A 565 -10.90 -44.96 -28.02
N VAL A 566 -10.17 -43.92 -28.35
CA VAL A 566 -10.49 -42.96 -29.40
C VAL A 566 -10.31 -43.60 -30.76
N ASP A 567 -11.19 -43.27 -31.72
CA ASP A 567 -10.84 -43.51 -33.11
C ASP A 567 -11.14 -42.38 -34.08
N VAL A 568 -11.40 -41.15 -33.62
CA VAL A 568 -11.69 -40.00 -34.49
C VAL A 568 -10.88 -38.83 -33.94
N LEU A 569 -10.20 -38.10 -34.80
CA LEU A 569 -9.61 -36.85 -34.36
C LEU A 569 -10.15 -35.69 -35.18
N ILE A 570 -10.34 -34.56 -34.50
CA ILE A 570 -10.98 -33.40 -35.11
C ILE A 570 -10.02 -32.22 -35.06
N ASN A 571 -9.39 -31.91 -36.19
CA ASN A 571 -8.47 -30.79 -36.22
C ASN A 571 -9.20 -29.47 -36.34
N PHE A 572 -9.11 -28.67 -35.30
CA PHE A 572 -9.48 -27.27 -35.40
C PHE A 572 -8.26 -26.39 -35.55
N ALA A 573 -7.27 -26.84 -36.31
CA ALA A 573 -6.03 -26.10 -36.43
C ALA A 573 -6.23 -24.83 -37.24
N SER A 574 -5.22 -23.97 -37.22
CA SER A 574 -5.17 -22.91 -38.21
C SER A 574 -4.76 -23.52 -39.55
N LEU A 575 -4.84 -22.72 -40.60
CA LEU A 575 -4.47 -23.23 -41.90
C LEU A 575 -2.96 -23.43 -42.04
N ARG A 576 -2.16 -22.71 -41.24
CA ARG A 576 -0.73 -22.94 -41.15
C ARG A 576 -0.31 -24.20 -40.42
N SER A 577 -1.15 -24.78 -39.56
CA SER A 577 -0.71 -25.93 -38.78
C SER A 577 -1.51 -27.19 -39.06
N ALA A 578 -2.48 -27.15 -39.98
CA ALA A 578 -3.35 -28.30 -40.19
C ALA A 578 -2.59 -29.44 -40.86
N TYR A 579 -1.77 -29.10 -41.85
CA TYR A 579 -0.92 -30.10 -42.49
C TYR A 579 0.05 -30.74 -41.52
N ASP A 580 0.68 -29.93 -40.67
CA ASP A 580 1.70 -30.45 -39.76
C ASP A 580 1.06 -31.31 -38.67
N SER A 581 -0.09 -30.89 -38.13
CA SER A 581 -0.75 -31.66 -37.09
C SER A 581 -1.36 -32.93 -37.67
N THR A 582 -1.83 -32.89 -38.91
CA THR A 582 -2.38 -34.10 -39.51
C THR A 582 -1.27 -35.09 -39.85
N MET A 583 -0.14 -34.63 -40.38
CA MET A 583 0.99 -35.52 -40.64
C MET A 583 1.60 -36.04 -39.35
N GLU A 584 1.42 -35.31 -38.24
CA GLU A 584 1.78 -35.85 -36.94
C GLU A 584 0.83 -36.96 -36.50
N THR A 585 -0.45 -36.80 -36.81
CA THR A 585 -1.46 -37.75 -36.34
C THR A 585 -1.46 -39.03 -37.17
N MET A 586 -1.22 -38.92 -38.49
CA MET A 586 -1.33 -40.05 -39.43
C MET A 586 -0.42 -41.22 -39.09
N ASN A 587 0.66 -40.99 -38.34
CA ASN A 587 1.60 -42.04 -37.98
C ASN A 587 1.01 -43.04 -37.00
N TYR A 588 -0.09 -42.71 -36.33
CA TYR A 588 -0.65 -43.53 -35.26
C TYR A 588 -1.67 -44.50 -35.85
N ALA A 589 -2.14 -45.41 -35.01
CA ALA A 589 -2.92 -46.54 -35.49
C ALA A 589 -4.42 -46.35 -35.34
N GLN A 590 -4.89 -46.06 -34.12
CA GLN A 590 -6.32 -46.10 -33.87
C GLN A 590 -7.07 -44.91 -34.42
N ILE A 591 -6.39 -43.84 -34.83
CA ILE A 591 -7.05 -42.72 -35.47
C ILE A 591 -7.51 -43.15 -36.86
N ARG A 592 -8.81 -43.41 -37.00
CA ARG A 592 -9.34 -43.97 -38.23
C ARG A 592 -10.28 -43.02 -38.96
N THR A 593 -10.36 -41.76 -38.51
CA THR A 593 -11.16 -40.72 -39.13
C THR A 593 -10.63 -39.36 -38.72
N ILE A 594 -10.30 -38.51 -39.68
CA ILE A 594 -9.76 -37.18 -39.38
C ILE A 594 -10.61 -36.14 -40.09
N ALA A 595 -11.18 -35.22 -39.31
CA ALA A 595 -11.82 -34.05 -39.88
C ALA A 595 -10.86 -32.87 -39.83
N ILE A 596 -10.82 -32.12 -40.92
CA ILE A 596 -10.01 -30.90 -41.00
C ILE A 596 -10.92 -29.73 -41.25
N ILE A 597 -11.07 -28.89 -40.23
CA ILE A 597 -12.02 -27.78 -40.28
C ILE A 597 -11.50 -26.57 -41.05
N ALA A 598 -10.21 -26.25 -40.99
CA ALA A 598 -9.71 -24.97 -41.45
C ALA A 598 -9.70 -24.87 -42.97
N GLU A 599 -10.17 -23.72 -43.48
CA GLU A 599 -10.17 -23.43 -44.90
C GLU A 599 -8.81 -22.89 -45.31
N GLY A 600 -8.57 -22.86 -46.61
CA GLY A 600 -7.41 -22.16 -47.14
C GLY A 600 -6.11 -22.90 -46.99
N ILE A 601 -6.19 -24.23 -46.94
CA ILE A 601 -4.98 -25.05 -46.96
C ILE A 601 -4.51 -25.09 -48.40
N PRO A 602 -3.23 -24.85 -48.67
CA PRO A 602 -2.74 -24.84 -50.05
C PRO A 602 -2.85 -26.21 -50.70
N GLU A 603 -3.07 -26.20 -52.01
CA GLU A 603 -3.48 -27.42 -52.70
C GLU A 603 -2.32 -28.38 -52.91
N ALA A 604 -1.08 -27.93 -52.70
CA ALA A 604 0.04 -28.85 -52.72
C ALA A 604 0.12 -29.65 -51.43
N LEU A 605 -0.33 -29.09 -50.31
CA LEU A 605 -0.25 -29.80 -49.04
C LEU A 605 -1.39 -30.81 -48.93
N THR A 606 -2.55 -30.47 -49.50
CA THR A 606 -3.73 -31.30 -49.37
C THR A 606 -3.56 -32.62 -50.12
N ARG A 607 -2.86 -32.60 -51.26
CA ARG A 607 -2.61 -33.85 -51.97
C ARG A 607 -1.63 -34.73 -51.23
N LYS A 608 -0.73 -34.12 -50.46
CA LYS A 608 0.17 -34.91 -49.62
C LYS A 608 -0.62 -35.61 -48.51
N LEU A 609 -1.61 -34.91 -47.95
CA LEU A 609 -2.48 -35.54 -46.96
C LEU A 609 -3.34 -36.63 -47.58
N ILE A 610 -3.81 -36.43 -48.81
CA ILE A 610 -4.61 -37.46 -49.47
C ILE A 610 -3.76 -38.67 -49.81
N LYS A 611 -2.50 -38.44 -50.20
CA LYS A 611 -1.59 -39.53 -50.50
C LYS A 611 -1.30 -40.38 -49.27
N LYS A 612 -0.97 -39.74 -48.15
CA LYS A 612 -0.70 -40.55 -46.96
C LYS A 612 -2.00 -41.11 -46.37
N ALA A 613 -3.14 -40.48 -46.66
CA ALA A 613 -4.42 -41.02 -46.24
C ALA A 613 -4.77 -42.29 -47.01
N ASP A 614 -4.28 -42.39 -48.24
CA ASP A 614 -4.47 -43.63 -48.99
C ASP A 614 -3.40 -44.65 -48.64
N GLN A 615 -2.24 -44.19 -48.19
CA GLN A 615 -1.22 -45.14 -47.73
C GLN A 615 -1.52 -45.68 -46.33
N LYS A 616 -2.42 -45.04 -45.58
CA LYS A 616 -2.77 -45.53 -44.26
C LYS A 616 -4.23 -45.98 -44.14
N GLY A 617 -5.11 -45.47 -44.99
CA GLY A 617 -6.52 -45.84 -44.94
C GLY A 617 -7.41 -44.92 -44.15
N VAL A 618 -6.88 -43.84 -43.59
CA VAL A 618 -7.65 -42.96 -42.72
C VAL A 618 -8.53 -42.05 -43.55
N THR A 619 -9.82 -42.06 -43.29
CA THR A 619 -10.79 -41.29 -44.06
C THR A 619 -10.79 -39.84 -43.61
N ILE A 620 -10.62 -38.92 -44.58
CA ILE A 620 -10.62 -37.50 -44.29
C ILE A 620 -11.93 -36.88 -44.74
N ILE A 621 -12.57 -36.17 -43.83
CA ILE A 621 -13.76 -35.37 -44.11
C ILE A 621 -13.31 -33.92 -44.04
N GLY A 622 -13.02 -33.31 -45.18
CA GLY A 622 -12.45 -31.98 -45.21
C GLY A 622 -11.37 -31.90 -46.27
N PRO A 623 -10.62 -30.79 -46.34
CA PRO A 623 -10.69 -29.52 -45.60
C PRO A 623 -11.87 -28.67 -46.01
N ALA A 624 -11.95 -27.46 -45.45
CA ALA A 624 -13.00 -26.48 -45.65
C ALA A 624 -14.39 -26.97 -45.29
N THR A 625 -14.51 -28.05 -44.51
CA THR A 625 -15.80 -28.50 -44.05
C THR A 625 -16.22 -27.70 -42.82
N VAL A 626 -17.35 -28.10 -42.26
CA VAL A 626 -17.66 -27.82 -40.87
C VAL A 626 -17.82 -29.13 -40.11
N GLY A 627 -17.78 -30.23 -40.84
CA GLY A 627 -17.96 -31.54 -40.26
C GLY A 627 -19.34 -32.09 -40.53
N GLY A 628 -19.53 -33.37 -40.30
CA GLY A 628 -20.83 -33.94 -40.48
C GLY A 628 -21.61 -34.03 -39.19
N ILE A 629 -22.75 -34.73 -39.22
CA ILE A 629 -23.50 -34.98 -38.00
C ILE A 629 -24.21 -36.32 -38.13
N LYS A 630 -24.11 -37.14 -37.11
CA LYS A 630 -24.85 -38.39 -37.10
C LYS A 630 -25.75 -38.40 -35.89
N PRO A 631 -27.05 -38.11 -36.08
CA PRO A 631 -27.93 -37.91 -34.94
C PRO A 631 -28.17 -39.18 -34.16
N GLY A 632 -28.20 -39.04 -32.84
CA GLY A 632 -28.21 -40.19 -31.97
C GLY A 632 -26.86 -40.78 -31.68
N CYS A 633 -25.83 -40.45 -32.46
CA CYS A 633 -24.52 -41.02 -32.23
C CYS A 633 -23.45 -39.96 -31.94
N PHE A 634 -23.26 -38.99 -32.82
CA PHE A 634 -22.07 -38.16 -32.76
C PHE A 634 -22.25 -36.93 -33.65
N LYS A 635 -21.72 -35.81 -33.21
CA LYS A 635 -21.75 -34.56 -33.95
C LYS A 635 -20.32 -34.11 -34.17
N ILE A 636 -20.07 -33.33 -35.22
CA ILE A 636 -18.72 -32.89 -35.52
C ILE A 636 -18.70 -31.37 -35.57
N GLY A 637 -17.74 -30.78 -34.86
CA GLY A 637 -17.46 -29.36 -34.96
C GLY A 637 -18.57 -28.46 -34.47
N ASN A 638 -19.23 -27.80 -35.42
CA ASN A 638 -20.38 -26.96 -35.12
C ASN A 638 -21.53 -27.27 -36.06
N THR A 639 -21.57 -28.49 -36.59
CA THR A 639 -22.57 -28.85 -37.58
C THR A 639 -23.94 -28.97 -36.93
N GLY A 640 -24.93 -28.29 -37.52
CA GLY A 640 -26.24 -28.22 -36.94
C GLY A 640 -26.41 -27.13 -35.92
N GLY A 641 -25.35 -26.37 -35.62
CA GLY A 641 -25.44 -25.25 -34.72
C GLY A 641 -25.55 -25.66 -33.27
N MET A 642 -26.00 -24.72 -32.46
CA MET A 642 -26.21 -24.95 -31.04
C MET A 642 -27.52 -25.72 -30.88
N LEU A 643 -27.83 -26.22 -29.68
CA LEU A 643 -29.02 -27.03 -29.44
C LEU A 643 -30.34 -26.32 -29.68
N ASP A 644 -30.30 -24.98 -29.76
CA ASP A 644 -31.47 -24.20 -30.13
C ASP A 644 -31.94 -24.55 -31.54
N ASN A 645 -31.01 -24.99 -32.40
CA ASN A 645 -31.38 -25.51 -33.71
C ASN A 645 -31.62 -27.01 -33.65
N ILE A 646 -30.89 -27.73 -32.78
CA ILE A 646 -30.98 -29.20 -32.75
C ILE A 646 -32.35 -29.65 -32.31
N LEU A 647 -32.91 -29.00 -31.29
CA LEU A 647 -34.21 -29.41 -30.80
C LEU A 647 -35.33 -28.98 -31.74
N ALA A 648 -35.06 -28.02 -32.63
CA ALA A 648 -36.06 -27.60 -33.60
C ALA A 648 -36.05 -28.44 -34.86
N SER A 649 -34.87 -28.77 -35.38
CA SER A 649 -34.78 -29.66 -36.53
C SER A 649 -34.78 -31.12 -36.15
N LYS A 650 -34.97 -31.43 -34.86
CA LYS A 650 -35.22 -32.77 -34.34
C LYS A 650 -34.07 -33.72 -34.60
N LEU A 651 -32.84 -33.23 -34.46
CA LEU A 651 -31.62 -33.99 -34.73
C LEU A 651 -31.13 -34.78 -33.54
N TYR A 652 -31.99 -35.15 -32.63
CA TYR A 652 -31.50 -35.98 -31.53
C TYR A 652 -31.90 -37.42 -31.66
N ARG A 653 -32.55 -37.82 -32.75
CA ARG A 653 -32.96 -39.20 -32.93
C ARG A 653 -32.63 -39.61 -34.36
N PRO A 654 -32.38 -40.89 -34.61
CA PRO A 654 -32.09 -41.31 -35.98
C PRO A 654 -33.34 -41.35 -36.83
N GLY A 655 -33.14 -41.04 -38.11
CA GLY A 655 -34.18 -41.11 -39.10
C GLY A 655 -33.84 -42.19 -40.12
N SER A 656 -34.14 -41.89 -41.39
CA SER A 656 -33.83 -42.85 -42.44
C SER A 656 -33.31 -42.18 -43.71
N VAL A 657 -32.91 -40.91 -43.66
CA VAL A 657 -32.43 -40.18 -44.82
C VAL A 657 -30.98 -39.82 -44.55
N ALA A 658 -30.15 -39.87 -45.60
CA ALA A 658 -28.78 -39.39 -45.50
C ALA A 658 -28.54 -38.35 -46.59
N TYR A 659 -27.83 -37.27 -46.25
CA TYR A 659 -27.44 -36.33 -47.28
C TYR A 659 -25.92 -36.28 -47.35
N VAL A 660 -25.39 -35.61 -48.37
CA VAL A 660 -23.98 -35.30 -48.53
C VAL A 660 -23.86 -34.09 -49.45
N SER A 661 -22.96 -33.17 -49.12
CA SER A 661 -22.91 -31.89 -49.83
C SER A 661 -21.47 -31.48 -50.13
N ARG A 662 -21.33 -30.66 -51.18
CA ARG A 662 -20.07 -29.96 -51.40
C ARG A 662 -19.86 -28.91 -50.33
N SER A 663 -20.79 -27.96 -50.22
CA SER A 663 -20.58 -26.80 -49.39
C SER A 663 -21.02 -27.11 -47.96
N GLY A 664 -20.24 -26.63 -46.99
CA GLY A 664 -20.54 -26.85 -45.60
C GLY A 664 -21.58 -25.88 -45.07
N GLY A 665 -21.80 -24.79 -45.81
CA GLY A 665 -22.81 -23.83 -45.39
C GLY A 665 -24.22 -24.35 -45.57
N MET A 666 -24.41 -25.27 -46.51
CA MET A 666 -25.75 -25.76 -46.81
C MET A 666 -26.17 -26.91 -45.91
N SER A 667 -25.32 -27.31 -44.96
CA SER A 667 -25.67 -28.41 -44.07
C SER A 667 -26.74 -28.00 -43.08
N ASN A 668 -26.89 -26.70 -42.85
CA ASN A 668 -28.02 -26.19 -42.07
C ASN A 668 -29.30 -26.30 -42.88
N GLU A 669 -29.24 -25.93 -44.16
CA GLU A 669 -30.44 -25.91 -44.98
C GLU A 669 -30.93 -27.32 -45.29
N LEU A 670 -30.02 -28.27 -45.46
CA LEU A 670 -30.46 -29.63 -45.72
C LEU A 670 -31.02 -30.27 -44.47
N ASN A 671 -30.46 -29.96 -43.29
CA ASN A 671 -31.07 -30.38 -42.03
C ASN A 671 -32.48 -29.82 -41.90
N ASN A 672 -32.65 -28.55 -42.27
CA ASN A 672 -33.96 -27.91 -42.27
C ASN A 672 -34.95 -28.63 -43.18
N ILE A 673 -34.58 -28.86 -44.44
CA ILE A 673 -35.53 -29.38 -45.42
C ILE A 673 -35.83 -30.85 -45.15
N ILE A 674 -34.82 -31.64 -44.78
CA ILE A 674 -35.05 -33.05 -44.51
C ILE A 674 -35.76 -33.23 -43.16
N SER A 675 -35.67 -32.23 -42.28
CA SER A 675 -36.44 -32.28 -41.05
C SER A 675 -37.90 -31.89 -41.24
N ARG A 676 -38.21 -31.06 -42.23
CA ARG A 676 -39.58 -30.63 -42.46
C ARG A 676 -40.33 -31.50 -43.45
N THR A 677 -39.71 -32.59 -43.90
CA THR A 677 -40.40 -33.54 -44.78
C THR A 677 -40.35 -34.97 -44.27
N THR A 678 -39.27 -35.42 -43.67
CA THR A 678 -39.08 -36.83 -43.39
C THR A 678 -38.95 -37.02 -41.88
N ASP A 679 -38.58 -38.23 -41.47
CA ASP A 679 -38.48 -38.52 -40.05
C ASP A 679 -37.22 -37.93 -39.43
N GLY A 680 -36.14 -37.86 -40.18
CA GLY A 680 -34.90 -37.31 -39.66
C GLY A 680 -33.71 -37.76 -40.49
N VAL A 681 -32.60 -37.05 -40.28
CA VAL A 681 -31.37 -37.36 -40.99
C VAL A 681 -30.67 -38.52 -40.29
N TYR A 682 -30.25 -39.52 -41.06
CA TYR A 682 -29.41 -40.57 -40.48
C TYR A 682 -27.97 -40.11 -40.31
N GLU A 683 -27.36 -39.59 -41.37
CA GLU A 683 -26.06 -38.94 -41.30
C GLU A 683 -25.90 -38.01 -42.49
N GLY A 684 -25.44 -36.79 -42.26
CA GLY A 684 -25.22 -35.85 -43.34
C GLY A 684 -23.82 -35.28 -43.23
N VAL A 685 -23.08 -35.37 -44.32
CA VAL A 685 -21.64 -35.09 -44.30
C VAL A 685 -21.34 -33.99 -45.30
N ALA A 686 -20.69 -32.94 -44.85
CA ALA A 686 -20.17 -31.90 -45.72
C ALA A 686 -18.72 -32.22 -46.04
N ILE A 687 -18.42 -32.48 -47.31
CA ILE A 687 -17.09 -32.93 -47.68
C ILE A 687 -16.17 -31.75 -47.95
N GLY A 688 -16.66 -30.54 -47.69
CA GLY A 688 -15.82 -29.37 -47.74
C GLY A 688 -15.78 -28.69 -49.09
N GLY A 689 -15.48 -27.39 -49.09
CA GLY A 689 -15.52 -26.59 -50.29
C GLY A 689 -14.20 -26.29 -50.95
N ASP A 690 -13.20 -27.15 -50.81
CA ASP A 690 -11.95 -26.94 -51.52
C ASP A 690 -11.92 -27.74 -52.81
N ARG A 691 -10.83 -27.55 -53.56
CA ARG A 691 -10.70 -28.19 -54.86
C ARG A 691 -10.33 -29.66 -54.72
N TYR A 692 -9.69 -30.01 -53.60
CA TYR A 692 -9.22 -31.36 -53.32
C TYR A 692 -9.84 -31.87 -52.04
N PRO A 693 -11.00 -32.51 -52.10
CA PRO A 693 -11.61 -33.04 -50.88
C PRO A 693 -10.86 -34.26 -50.39
N GLY A 694 -10.97 -34.50 -49.09
CA GLY A 694 -10.34 -35.67 -48.51
C GLY A 694 -11.09 -36.92 -48.87
N SER A 695 -12.39 -36.78 -49.05
CA SER A 695 -13.24 -37.87 -49.52
C SER A 695 -14.37 -37.25 -50.31
N THR A 696 -14.52 -37.68 -51.57
CA THR A 696 -15.50 -37.10 -52.45
C THR A 696 -16.88 -37.68 -52.15
N PHE A 697 -17.82 -37.46 -53.09
CA PHE A 697 -19.18 -37.99 -52.95
C PHE A 697 -19.17 -39.50 -52.84
N MET A 698 -18.44 -40.17 -53.74
CA MET A 698 -18.64 -41.60 -53.97
C MET A 698 -18.21 -42.45 -52.79
N ASP A 699 -17.24 -42.00 -52.00
CA ASP A 699 -16.81 -42.79 -50.85
C ASP A 699 -17.91 -42.85 -49.79
N HIS A 700 -18.51 -41.70 -49.49
CA HIS A 700 -19.58 -41.70 -48.50
C HIS A 700 -20.86 -42.28 -49.07
N VAL A 701 -21.05 -42.21 -50.40
CA VAL A 701 -22.21 -42.84 -51.01
C VAL A 701 -22.07 -44.36 -50.95
N LEU A 702 -20.84 -44.87 -51.09
CA LEU A 702 -20.62 -46.31 -50.91
C LEU A 702 -20.82 -46.72 -49.45
N ARG A 703 -20.44 -45.87 -48.49
CA ARG A 703 -20.74 -46.19 -47.10
C ARG A 703 -22.25 -46.18 -46.85
N TYR A 704 -22.96 -45.23 -47.43
CA TYR A 704 -24.40 -45.14 -47.25
C TYR A 704 -25.11 -46.29 -47.93
N GLN A 705 -24.55 -46.80 -49.03
CA GLN A 705 -25.10 -47.97 -49.68
C GLN A 705 -24.84 -49.24 -48.88
N ASP A 706 -23.69 -49.32 -48.21
CA ASP A 706 -23.34 -50.48 -47.39
C ASP A 706 -23.75 -50.27 -45.94
N THR A 707 -24.83 -49.51 -45.70
CA THR A 707 -25.32 -49.26 -44.35
C THR A 707 -26.78 -49.69 -44.26
N PRO A 708 -27.16 -50.44 -43.22
CA PRO A 708 -28.55 -50.89 -43.11
C PRO A 708 -29.54 -49.78 -42.80
N GLY A 709 -29.22 -48.88 -41.87
CA GLY A 709 -30.18 -47.90 -41.40
C GLY A 709 -30.51 -46.81 -42.40
N VAL A 710 -29.68 -46.63 -43.42
CA VAL A 710 -29.94 -45.70 -44.51
C VAL A 710 -31.09 -46.23 -45.33
N LYS A 711 -32.04 -45.36 -45.69
CA LYS A 711 -33.11 -45.76 -46.60
C LYS A 711 -33.24 -44.90 -47.83
N MET A 712 -32.82 -43.64 -47.82
CA MET A 712 -32.69 -42.87 -49.04
C MET A 712 -31.48 -41.95 -48.90
N ILE A 713 -30.93 -41.54 -50.05
CA ILE A 713 -29.71 -40.74 -50.08
C ILE A 713 -29.99 -39.46 -50.86
N VAL A 714 -29.52 -38.33 -50.33
CA VAL A 714 -29.57 -37.06 -51.03
C VAL A 714 -28.14 -36.62 -51.31
N VAL A 715 -27.91 -36.03 -52.48
CA VAL A 715 -26.59 -35.56 -52.91
C VAL A 715 -26.73 -34.09 -53.29
N LEU A 716 -25.86 -33.23 -52.74
CA LEU A 716 -25.84 -31.82 -53.12
C LEU A 716 -24.48 -31.50 -53.74
N GLY A 717 -24.50 -31.27 -55.05
CA GLY A 717 -23.28 -31.00 -55.76
C GLY A 717 -23.09 -29.52 -56.05
N GLU A 718 -21.97 -29.24 -56.71
CA GLU A 718 -21.68 -27.90 -57.19
C GLU A 718 -21.03 -28.04 -58.56
N ILE A 719 -21.10 -26.98 -59.36
CA ILE A 719 -20.45 -26.97 -60.67
C ILE A 719 -18.93 -27.11 -60.53
N GLY A 720 -18.35 -27.96 -61.39
CA GLY A 720 -16.92 -28.12 -61.44
C GLY A 720 -16.42 -29.49 -61.07
N GLY A 721 -15.99 -30.26 -62.07
CA GLY A 721 -15.37 -31.55 -61.81
C GLY A 721 -16.20 -32.75 -62.21
N THR A 722 -15.54 -33.91 -62.32
CA THR A 722 -16.18 -35.17 -62.66
C THR A 722 -16.67 -35.92 -61.45
N GLU A 723 -16.97 -35.23 -60.35
CA GLU A 723 -17.37 -35.88 -59.11
C GLU A 723 -18.81 -36.36 -59.15
N GLU A 724 -19.54 -36.10 -60.24
CA GLU A 724 -20.97 -36.40 -60.27
C GLU A 724 -21.30 -37.42 -61.34
N TYR A 725 -20.45 -37.57 -62.36
CA TYR A 725 -20.67 -38.60 -63.37
C TYR A 725 -20.36 -40.00 -62.83
N LYS A 726 -19.61 -40.08 -61.73
CA LYS A 726 -19.35 -41.37 -61.12
C LYS A 726 -20.61 -41.93 -60.46
N ILE A 727 -21.58 -41.06 -60.13
CA ILE A 727 -22.88 -41.53 -59.66
C ILE A 727 -23.65 -42.20 -60.80
N CYS A 728 -23.59 -41.60 -61.99
CA CYS A 728 -24.20 -42.20 -63.18
C CYS A 728 -23.57 -43.55 -63.50
N ARG A 729 -22.23 -43.62 -63.42
CA ARG A 729 -21.58 -44.91 -63.63
C ARG A 729 -21.90 -45.91 -62.51
N GLY A 730 -22.04 -45.45 -61.26
CA GLY A 730 -22.34 -46.36 -60.18
C GLY A 730 -23.76 -46.90 -60.20
N ILE A 731 -24.67 -46.19 -60.88
CA ILE A 731 -26.03 -46.71 -61.00
C ILE A 731 -26.16 -47.55 -62.28
N LYS A 732 -25.51 -47.12 -63.37
CA LYS A 732 -25.53 -47.93 -64.59
C LYS A 732 -24.76 -49.23 -64.45
N GLU A 733 -23.74 -49.28 -63.58
CA GLU A 733 -23.14 -50.56 -63.21
C GLU A 733 -23.98 -51.31 -62.20
N GLY A 734 -25.04 -50.69 -61.64
CA GLY A 734 -25.87 -51.31 -60.65
C GLY A 734 -25.30 -51.32 -59.25
N ARG A 735 -24.19 -50.62 -59.02
CA ARG A 735 -23.56 -50.63 -57.70
C ARG A 735 -24.38 -49.84 -56.67
N LEU A 736 -25.02 -48.75 -57.10
CA LEU A 736 -25.77 -47.89 -56.20
C LEU A 736 -27.25 -48.14 -56.41
N THR A 737 -27.90 -48.68 -55.38
CA THR A 737 -29.27 -49.19 -55.53
C THR A 737 -30.32 -48.28 -54.93
N LYS A 738 -30.05 -47.67 -53.78
CA LYS A 738 -30.99 -46.92 -52.93
C LYS A 738 -31.52 -45.70 -53.66
N PRO A 739 -32.70 -45.17 -53.29
CA PRO A 739 -33.23 -43.99 -53.99
C PRO A 739 -32.38 -42.75 -53.74
N ILE A 740 -31.97 -42.11 -54.83
CA ILE A 740 -31.03 -41.01 -54.78
C ILE A 740 -31.72 -39.77 -55.35
N VAL A 741 -31.68 -38.68 -54.60
CA VAL A 741 -32.21 -37.39 -55.04
C VAL A 741 -31.06 -36.41 -55.09
N CYS A 742 -30.69 -35.97 -56.28
CA CYS A 742 -29.60 -35.02 -56.39
C CYS A 742 -30.01 -33.78 -57.15
N TRP A 743 -29.23 -32.73 -56.91
CA TRP A 743 -29.32 -31.43 -57.57
C TRP A 743 -28.04 -30.68 -57.26
N CYS A 744 -27.32 -30.22 -58.28
CA CYS A 744 -26.09 -29.49 -58.04
C CYS A 744 -26.35 -28.01 -58.28
N ILE A 745 -25.72 -27.17 -57.45
CA ILE A 745 -26.01 -25.75 -57.45
C ILE A 745 -25.25 -25.05 -58.57
N GLY A 746 -25.85 -24.01 -59.13
CA GLY A 746 -25.17 -23.17 -60.09
C GLY A 746 -25.53 -23.38 -61.55
N THR A 747 -26.81 -23.57 -61.87
CA THR A 747 -27.18 -23.72 -63.26
C THR A 747 -26.98 -22.44 -64.04
N CYS A 748 -27.26 -21.30 -63.42
CA CYS A 748 -27.20 -20.04 -64.14
C CYS A 748 -25.85 -19.36 -63.99
N ALA A 749 -24.79 -20.13 -63.77
CA ALA A 749 -23.44 -19.59 -63.94
C ALA A 749 -23.16 -19.24 -65.39
N THR A 750 -23.73 -19.99 -66.33
CA THR A 750 -23.55 -19.71 -67.75
C THR A 750 -24.37 -18.51 -68.19
N MET A 751 -25.32 -18.06 -67.36
CA MET A 751 -26.17 -16.95 -67.75
C MET A 751 -25.66 -15.62 -67.23
N PHE A 752 -24.34 -15.46 -67.12
CA PHE A 752 -23.76 -14.15 -66.89
C PHE A 752 -22.92 -13.73 -68.08
N GLN A 767 -15.31 -26.26 -69.33
CA GLN A 767 -15.56 -27.42 -70.19
C GLN A 767 -17.07 -27.71 -70.12
N ALA A 768 -17.63 -28.18 -71.23
CA ALA A 768 -19.07 -28.21 -71.40
C ALA A 768 -19.78 -29.26 -70.56
N SER A 769 -19.18 -30.44 -70.39
CA SER A 769 -19.85 -31.49 -69.62
C SER A 769 -19.74 -31.26 -68.12
N GLU A 770 -18.86 -30.36 -67.68
CA GLU A 770 -18.71 -30.06 -66.26
C GLU A 770 -19.47 -28.80 -65.87
N THR A 771 -20.50 -28.46 -66.64
CA THR A 771 -21.45 -27.43 -66.26
C THR A 771 -22.58 -28.03 -65.44
N ALA A 772 -23.19 -27.19 -64.59
CA ALA A 772 -24.18 -27.69 -63.64
C ALA A 772 -25.47 -28.12 -64.31
N VAL A 773 -25.84 -27.45 -65.41
CA VAL A 773 -27.04 -27.80 -66.16
C VAL A 773 -26.90 -29.19 -66.76
N ALA A 774 -25.79 -29.44 -67.47
CA ALA A 774 -25.61 -30.70 -68.15
C ALA A 774 -25.36 -31.83 -67.17
N LYS A 775 -24.72 -31.54 -66.03
CA LYS A 775 -24.54 -32.57 -65.01
C LYS A 775 -25.87 -32.96 -64.37
N ASN A 776 -26.72 -31.97 -64.10
CA ASN A 776 -28.05 -32.27 -63.57
C ASN A 776 -28.88 -33.07 -64.58
N GLN A 777 -28.76 -32.73 -65.85
CA GLN A 777 -29.53 -33.43 -66.87
C GLN A 777 -29.01 -34.84 -67.08
N ALA A 778 -27.70 -35.06 -66.92
CA ALA A 778 -27.14 -36.40 -67.08
C ALA A 778 -27.45 -37.27 -65.86
N LEU A 779 -27.54 -36.67 -64.67
CA LEU A 779 -28.04 -37.39 -63.51
C LEU A 779 -29.52 -37.73 -63.68
N LYS A 780 -30.28 -36.83 -64.31
CA LYS A 780 -31.71 -37.05 -64.50
C LYS A 780 -31.99 -38.11 -65.56
N GLU A 781 -31.10 -38.26 -66.54
CA GLU A 781 -31.25 -39.31 -67.54
C GLU A 781 -30.72 -40.66 -67.10
N ALA A 782 -30.10 -40.77 -65.92
CA ALA A 782 -29.47 -42.02 -65.52
C ALA A 782 -30.14 -42.66 -64.32
N GLY A 783 -31.25 -42.10 -63.86
CA GLY A 783 -31.95 -42.70 -62.74
C GLY A 783 -31.54 -42.11 -61.40
N VAL A 784 -31.52 -40.78 -61.33
CA VAL A 784 -31.38 -40.05 -60.08
C VAL A 784 -32.56 -39.10 -60.02
N PHE A 785 -33.28 -39.10 -58.91
CA PHE A 785 -34.54 -38.37 -58.84
C PHE A 785 -34.28 -36.88 -58.71
N VAL A 786 -34.05 -36.22 -59.85
CA VAL A 786 -33.65 -34.83 -59.86
C VAL A 786 -34.90 -33.95 -60.00
N PRO A 787 -35.07 -32.93 -59.17
CA PRO A 787 -36.16 -31.97 -59.39
C PRO A 787 -35.84 -31.03 -60.53
N ARG A 788 -36.86 -30.27 -60.94
CA ARG A 788 -36.68 -29.40 -62.09
C ARG A 788 -35.82 -28.20 -61.76
N SER A 789 -35.86 -27.72 -60.52
CA SER A 789 -34.90 -26.76 -60.02
C SER A 789 -34.77 -26.97 -58.52
N PHE A 790 -34.12 -26.03 -57.85
CA PHE A 790 -33.89 -26.17 -56.41
C PHE A 790 -35.16 -25.98 -55.60
N ASP A 791 -36.13 -25.24 -56.13
CA ASP A 791 -37.30 -24.90 -55.33
C ASP A 791 -38.26 -26.06 -55.22
N GLU A 792 -38.08 -27.11 -56.03
CA GLU A 792 -38.86 -28.33 -55.91
C GLU A 792 -38.12 -29.42 -55.17
N LEU A 793 -37.03 -29.07 -54.47
CA LEU A 793 -36.22 -30.10 -53.81
C LEU A 793 -36.94 -30.69 -52.62
N GLY A 794 -37.56 -29.82 -51.79
CA GLY A 794 -38.35 -30.32 -50.68
C GLY A 794 -39.56 -31.12 -51.14
N GLU A 795 -40.17 -30.70 -52.25
CA GLU A 795 -41.30 -31.44 -52.80
C GLU A 795 -40.87 -32.81 -53.30
N ILE A 796 -39.71 -32.92 -53.93
CA ILE A 796 -39.33 -34.21 -54.50
C ILE A 796 -38.83 -35.16 -53.40
N ILE A 797 -38.21 -34.61 -52.34
CA ILE A 797 -37.83 -35.42 -51.19
C ILE A 797 -39.08 -35.93 -50.47
N GLN A 798 -40.07 -35.05 -50.30
CA GLN A 798 -41.32 -35.43 -49.66
C GLN A 798 -42.09 -36.44 -50.48
N SER A 799 -42.07 -36.31 -51.82
CA SER A 799 -42.79 -37.21 -52.70
C SER A 799 -42.12 -38.56 -52.86
N VAL A 800 -40.80 -38.66 -52.68
CA VAL A 800 -40.13 -39.94 -52.56
C VAL A 800 -40.41 -40.58 -51.21
N TYR A 801 -40.41 -39.79 -50.13
CA TYR A 801 -40.57 -40.35 -48.80
C TYR A 801 -41.99 -40.87 -48.57
N GLU A 802 -42.99 -40.24 -49.19
CA GLU A 802 -44.35 -40.76 -49.09
C GLU A 802 -44.48 -42.13 -49.75
N ASP A 803 -43.82 -42.32 -50.90
CA ASP A 803 -43.87 -43.62 -51.56
C ASP A 803 -43.02 -44.63 -50.83
N LEU A 804 -42.00 -44.18 -50.09
CA LEU A 804 -41.26 -45.07 -49.22
C LEU A 804 -42.04 -45.51 -48.00
N VAL A 805 -42.93 -44.66 -47.48
CA VAL A 805 -43.79 -45.07 -46.38
C VAL A 805 -44.89 -46.00 -46.87
N ALA A 806 -45.47 -45.70 -48.04
CA ALA A 806 -46.66 -46.41 -48.52
C ALA A 806 -46.34 -47.72 -49.22
N ASN A 807 -45.15 -48.29 -49.02
CA ASN A 807 -44.83 -49.61 -49.53
C ASN A 807 -44.15 -50.47 -48.49
N GLY A 808 -44.31 -50.14 -47.21
CA GLY A 808 -43.83 -50.96 -46.13
C GLY A 808 -42.32 -51.00 -46.00
N VAL A 809 -41.66 -50.01 -46.61
CA VAL A 809 -40.20 -49.96 -46.62
C VAL A 809 -39.64 -49.33 -45.36
N ILE A 810 -40.11 -48.14 -44.98
CA ILE A 810 -39.62 -47.43 -43.80
C ILE A 810 -40.68 -47.53 -42.71
N VAL A 811 -40.28 -48.01 -41.54
CA VAL A 811 -41.13 -48.05 -40.36
C VAL A 811 -40.68 -46.93 -39.43
N PRO A 812 -41.39 -45.81 -39.37
CA PRO A 812 -40.84 -44.62 -38.70
C PRO A 812 -40.81 -44.77 -37.19
N ALA A 813 -39.93 -44.00 -36.56
CA ALA A 813 -39.68 -44.08 -35.13
C ALA A 813 -40.70 -43.25 -34.37
N GLN A 814 -41.19 -43.79 -33.27
CA GLN A 814 -42.06 -43.03 -32.38
C GLN A 814 -41.23 -42.02 -31.60
N GLU A 815 -41.47 -40.74 -31.87
CA GLU A 815 -40.63 -39.67 -31.35
C GLU A 815 -40.89 -39.46 -29.87
N VAL A 816 -39.82 -39.39 -29.11
CA VAL A 816 -39.83 -39.31 -27.65
C VAL A 816 -39.09 -38.03 -27.28
N PRO A 817 -39.56 -37.26 -26.30
CA PRO A 817 -38.86 -36.03 -25.92
C PRO A 817 -37.51 -36.32 -25.30
N PRO A 818 -36.54 -35.43 -25.48
CA PRO A 818 -35.20 -35.67 -25.01
C PRO A 818 -35.00 -35.07 -23.63
N PRO A 819 -33.89 -35.38 -22.96
CA PRO A 819 -33.51 -34.57 -21.79
C PRO A 819 -33.14 -33.16 -22.20
N THR A 820 -33.14 -32.22 -21.28
CA THR A 820 -32.91 -30.83 -21.63
C THR A 820 -31.86 -30.20 -20.73
N VAL A 821 -30.85 -29.60 -21.35
CA VAL A 821 -29.83 -28.85 -20.63
C VAL A 821 -30.29 -27.40 -20.51
N PRO A 822 -29.77 -26.65 -19.56
CA PRO A 822 -29.97 -25.19 -19.60
C PRO A 822 -29.12 -24.58 -20.68
N MET A 823 -29.49 -23.42 -21.20
CA MET A 823 -28.70 -22.72 -22.21
C MET A 823 -27.45 -22.18 -21.56
N ASP A 824 -26.43 -21.95 -22.38
CA ASP A 824 -25.27 -21.22 -21.92
C ASP A 824 -25.68 -19.78 -21.63
N TYR A 825 -25.06 -19.16 -20.64
CA TYR A 825 -25.32 -17.74 -20.43
C TYR A 825 -24.71 -16.90 -21.54
N SER A 826 -23.47 -17.23 -21.93
CA SER A 826 -22.76 -16.44 -22.92
C SER A 826 -23.37 -16.58 -24.31
N TRP A 827 -24.13 -17.64 -24.55
CA TRP A 827 -24.91 -17.76 -25.77
C TRP A 827 -26.31 -17.17 -25.65
N ALA A 828 -26.98 -17.34 -24.51
CA ALA A 828 -28.36 -16.87 -24.43
C ALA A 828 -28.42 -15.41 -23.98
N ARG A 829 -27.26 -14.76 -23.98
CA ARG A 829 -27.16 -13.34 -23.68
C ARG A 829 -27.15 -12.61 -25.04
N GLU A 830 -26.46 -13.20 -26.02
CA GLU A 830 -26.38 -12.68 -27.38
C GLU A 830 -27.72 -12.72 -28.07
N LEU A 831 -28.48 -13.79 -27.86
CA LEU A 831 -29.80 -13.87 -28.46
C LEU A 831 -30.78 -12.91 -27.80
N GLY A 832 -30.49 -12.38 -26.62
CA GLY A 832 -31.38 -11.45 -25.97
C GLY A 832 -32.49 -12.09 -25.18
N LEU A 833 -32.25 -13.23 -24.53
CA LEU A 833 -33.27 -13.84 -23.69
C LEU A 833 -33.05 -13.49 -22.23
N ILE A 834 -31.85 -13.01 -21.90
CA ILE A 834 -31.46 -12.75 -20.53
C ILE A 834 -31.15 -11.27 -20.41
N ARG A 835 -31.54 -10.67 -19.30
CA ARG A 835 -31.51 -9.22 -19.15
C ARG A 835 -31.10 -8.89 -17.73
N LYS A 836 -29.81 -8.67 -17.51
CA LYS A 836 -29.29 -8.25 -16.22
C LYS A 836 -28.48 -6.98 -16.39
N PRO A 837 -28.48 -6.10 -15.39
CA PRO A 837 -27.80 -4.81 -15.57
C PRO A 837 -26.31 -4.91 -15.32
N ALA A 838 -25.57 -3.95 -15.86
CA ALA A 838 -24.12 -3.93 -15.77
C ALA A 838 -23.68 -3.45 -14.40
N SER A 839 -22.69 -4.15 -13.83
CA SER A 839 -22.24 -3.85 -12.47
C SER A 839 -21.38 -2.60 -12.41
N PHE A 840 -20.39 -2.48 -13.27
CA PHE A 840 -19.56 -1.29 -13.31
C PHE A 840 -20.03 -0.35 -14.40
N MET A 841 -19.66 0.93 -14.26
CA MET A 841 -19.95 1.89 -15.29
C MET A 841 -18.74 2.79 -15.43
N THR A 842 -17.90 2.46 -16.42
CA THR A 842 -16.63 3.13 -16.60
C THR A 842 -16.70 3.95 -17.87
N SER A 843 -16.11 5.13 -17.80
CA SER A 843 -16.38 6.17 -18.77
C SER A 843 -15.10 6.80 -19.31
N ILE A 844 -14.05 6.00 -19.48
CA ILE A 844 -12.78 6.54 -19.95
C ILE A 844 -12.22 5.82 -21.16
N CYS A 845 -12.01 4.51 -21.05
CA CYS A 845 -11.32 3.79 -22.10
C CYS A 845 -12.28 2.86 -22.82
N ASP A 846 -11.76 2.11 -23.79
CA ASP A 846 -12.58 1.15 -24.52
C ASP A 846 -11.66 0.06 -25.05
N GLU A 847 -11.61 -1.07 -24.35
CA GLU A 847 -10.68 -2.16 -24.61
C GLU A 847 -10.85 -2.77 -25.99
N ARG A 848 -12.05 -3.26 -26.26
CA ARG A 848 -12.34 -4.04 -27.45
C ARG A 848 -12.36 -3.17 -28.69
N GLY A 849 -12.44 -3.82 -29.84
CA GLY A 849 -12.41 -3.14 -31.11
C GLY A 849 -11.06 -3.24 -31.78
N GLN A 850 -10.93 -2.53 -32.89
CA GLN A 850 -9.66 -2.50 -33.60
C GLN A 850 -8.64 -1.68 -32.83
N GLU A 851 -8.98 -0.44 -32.53
CA GLU A 851 -8.07 0.48 -31.85
C GLU A 851 -8.56 0.75 -30.44
N LEU A 852 -7.60 1.01 -29.55
CA LEU A 852 -7.96 1.49 -28.23
C LEU A 852 -8.37 2.95 -28.31
N ILE A 853 -9.45 3.27 -27.60
CA ILE A 853 -10.07 4.57 -27.67
C ILE A 853 -9.95 5.17 -26.27
N TYR A 854 -9.47 6.41 -26.17
CA TYR A 854 -9.57 7.11 -24.89
C TYR A 854 -10.92 7.82 -24.82
N ALA A 855 -11.06 8.79 -23.94
CA ALA A 855 -12.38 9.40 -23.77
C ALA A 855 -12.77 10.25 -24.97
N GLY A 856 -13.17 9.58 -26.06
CA GLY A 856 -13.53 10.22 -27.30
C GLY A 856 -12.60 9.87 -28.44
N MET A 857 -11.31 9.85 -28.18
CA MET A 857 -10.37 9.79 -29.29
C MET A 857 -9.73 8.41 -29.40
N PRO A 858 -9.59 7.87 -30.61
CA PRO A 858 -8.77 6.68 -30.77
C PRO A 858 -7.30 7.03 -30.69
N ILE A 859 -6.41 6.05 -30.46
CA ILE A 859 -5.02 6.38 -30.19
C ILE A 859 -4.25 6.81 -31.44
N THR A 860 -4.66 6.39 -32.63
CA THR A 860 -3.96 6.86 -33.83
C THR A 860 -4.27 8.31 -34.10
N GLU A 861 -5.39 8.81 -33.60
CA GLU A 861 -5.63 10.24 -33.63
C GLU A 861 -4.84 10.96 -32.55
N VAL A 862 -4.55 10.29 -31.43
CA VAL A 862 -3.76 10.89 -30.36
C VAL A 862 -2.32 11.09 -30.82
N PHE A 863 -1.77 10.11 -31.52
CA PHE A 863 -0.44 10.26 -32.08
C PHE A 863 -0.44 10.94 -33.44
N LYS A 864 -1.59 11.00 -34.11
CA LYS A 864 -1.70 11.73 -35.38
C LYS A 864 -1.57 13.23 -35.13
N GLU A 865 -2.31 13.73 -34.17
CA GLU A 865 -2.06 15.06 -33.64
C GLU A 865 -0.90 14.97 -32.65
N GLU A 866 -0.55 16.07 -32.01
CA GLU A 866 0.49 16.02 -30.98
C GLU A 866 -0.20 16.31 -29.67
N MET A 867 -0.80 15.27 -29.09
CA MET A 867 -1.53 15.46 -27.85
C MET A 867 -0.60 15.57 -26.66
N GLY A 868 0.51 14.84 -26.65
CA GLY A 868 1.41 14.85 -25.52
C GLY A 868 0.87 14.15 -24.29
N ILE A 869 1.74 13.94 -23.29
CA ILE A 869 1.29 13.43 -22.00
C ILE A 869 0.38 14.45 -21.33
N GLY A 870 0.64 15.73 -21.56
CA GLY A 870 -0.23 16.76 -21.06
C GLY A 870 -1.61 16.81 -21.68
N GLY A 871 -1.83 16.07 -22.77
CA GLY A 871 -3.14 16.01 -23.39
C GLY A 871 -3.79 14.69 -23.12
N VAL A 872 -3.00 13.63 -23.04
CA VAL A 872 -3.51 12.31 -22.61
C VAL A 872 -3.97 12.37 -21.16
N LEU A 873 -3.33 13.23 -20.37
CA LEU A 873 -3.73 13.39 -18.98
C LEU A 873 -5.11 14.04 -18.88
N GLY A 874 -5.32 15.13 -19.60
CA GLY A 874 -6.62 15.77 -19.61
C GLY A 874 -7.65 14.93 -20.31
N LEU A 875 -7.21 14.05 -21.20
CA LEU A 875 -8.14 13.22 -21.95
C LEU A 875 -8.59 12.02 -21.13
N LEU A 876 -7.77 11.52 -20.22
CA LEU A 876 -8.17 10.45 -19.34
C LEU A 876 -8.93 10.98 -18.13
N TRP A 877 -8.32 11.89 -17.40
CA TRP A 877 -8.93 12.39 -16.16
C TRP A 877 -10.22 13.19 -16.28
N PHE A 878 -10.27 14.13 -17.21
CA PHE A 878 -11.44 14.96 -17.37
C PHE A 878 -12.43 14.49 -18.42
N GLN A 879 -11.93 13.78 -19.43
CA GLN A 879 -12.77 13.29 -20.50
C GLN A 879 -13.15 14.46 -21.42
N LYS A 880 -12.49 15.59 -21.20
CA LYS A 880 -12.69 16.81 -21.98
C LYS A 880 -11.37 17.02 -22.65
N ARG A 881 -11.37 17.30 -23.95
CA ARG A 881 -10.10 17.47 -24.64
C ARG A 881 -9.60 18.89 -24.41
N LEU A 882 -8.31 19.04 -24.18
CA LEU A 882 -7.73 20.26 -23.69
C LEU A 882 -6.90 20.96 -24.77
N PRO A 883 -6.90 22.30 -24.79
CA PRO A 883 -6.13 23.03 -25.80
C PRO A 883 -4.65 23.06 -25.46
N LYS A 884 -3.82 23.61 -26.35
CA LYS A 884 -2.38 23.43 -26.24
C LYS A 884 -1.77 24.27 -25.12
N TYR A 885 -2.30 25.45 -24.83
CA TYR A 885 -1.69 26.31 -23.83
C TYR A 885 -1.86 25.78 -22.41
N SER A 886 -2.83 24.90 -22.19
CA SER A 886 -2.99 24.20 -20.92
C SER A 886 -2.40 22.80 -20.95
N CYS A 887 -2.39 22.19 -22.14
CA CYS A 887 -1.68 20.94 -22.35
C CYS A 887 -0.19 21.07 -22.03
N GLN A 888 0.43 22.17 -22.45
CA GLN A 888 1.81 22.40 -22.05
C GLN A 888 1.92 22.82 -20.60
N PHE A 889 0.88 23.42 -20.03
CA PHE A 889 0.95 23.87 -18.64
C PHE A 889 0.92 22.72 -17.66
N ILE A 890 0.15 21.69 -17.98
CA ILE A 890 0.04 20.63 -17.00
C ILE A 890 1.28 19.75 -17.07
N GLU A 891 2.00 19.79 -18.20
CA GLU A 891 3.35 19.25 -18.22
C GLU A 891 4.31 20.08 -17.38
N MET A 892 4.09 21.40 -17.29
CA MET A 892 4.91 22.22 -16.39
C MET A 892 4.68 21.81 -14.95
N CYS A 893 3.41 21.59 -14.58
CA CYS A 893 3.11 21.17 -13.21
C CYS A 893 3.64 19.78 -12.89
N LEU A 894 3.77 18.89 -13.88
CA LEU A 894 4.47 17.64 -13.57
C LEU A 894 5.99 17.82 -13.55
N MET A 895 6.57 18.68 -14.37
CA MET A 895 8.01 18.86 -14.35
C MET A 895 8.49 19.59 -13.11
N VAL A 896 7.62 20.32 -12.42
CA VAL A 896 8.00 21.04 -11.20
C VAL A 896 7.91 20.15 -9.97
N THR A 897 6.82 19.42 -9.78
CA THR A 897 6.64 18.60 -8.59
C THR A 897 7.27 17.23 -8.71
N ALA A 898 8.28 17.06 -9.55
CA ALA A 898 8.93 15.76 -9.69
C ALA A 898 9.76 15.41 -8.46
N ASP A 899 10.64 16.30 -8.04
CA ASP A 899 11.28 16.16 -6.73
C ASP A 899 11.41 17.50 -6.05
N HIS A 900 11.20 17.49 -4.74
CA HIS A 900 11.73 18.51 -3.89
C HIS A 900 12.95 18.05 -3.11
N GLY A 901 13.08 16.77 -2.82
CA GLY A 901 14.32 16.28 -2.28
C GLY A 901 14.23 14.94 -1.59
N PRO A 902 15.36 14.43 -1.14
CA PRO A 902 15.40 13.13 -0.44
C PRO A 902 15.15 13.20 1.05
N ALA A 903 15.36 14.34 1.70
CA ALA A 903 15.09 14.45 3.12
C ALA A 903 13.68 14.91 3.33
N VAL A 904 12.74 14.27 2.66
CA VAL A 904 11.35 14.66 2.60
C VAL A 904 10.54 13.39 2.78
N SER A 905 9.50 13.46 3.63
CA SER A 905 8.91 12.32 4.33
C SER A 905 8.56 11.15 3.41
N GLY A 906 7.97 11.45 2.26
CA GLY A 906 7.72 10.43 1.25
C GLY A 906 8.98 9.84 0.64
N ALA A 907 9.94 10.68 0.25
CA ALA A 907 11.17 10.16 -0.32
C ALA A 907 12.00 9.45 0.73
N HIS A 908 11.86 9.85 1.99
CA HIS A 908 12.53 9.15 3.08
C HIS A 908 12.03 7.73 3.20
N ASN A 909 10.71 7.52 3.21
CA ASN A 909 10.27 6.15 3.35
C ASN A 909 10.03 5.45 2.02
N THR A 910 10.52 6.01 0.92
CA THR A 910 10.87 5.22 -0.26
C THR A 910 12.32 4.77 -0.23
N ILE A 911 13.22 5.62 0.26
CA ILE A 911 14.61 5.25 0.47
C ILE A 911 14.73 4.08 1.44
N ILE A 912 13.92 4.06 2.49
CA ILE A 912 14.01 2.99 3.48
C ILE A 912 13.50 1.66 2.93
N CYS A 913 12.34 1.66 2.30
CA CYS A 913 11.84 0.42 1.71
C CYS A 913 12.47 0.08 0.37
N ALA A 914 13.39 0.90 -0.13
CA ALA A 914 14.22 0.50 -1.25
C ALA A 914 15.53 -0.10 -0.76
N ARG A 915 16.02 0.38 0.39
CA ARG A 915 17.15 -0.29 1.03
C ARG A 915 16.76 -1.63 1.63
N ALA A 916 15.51 -1.82 2.04
CA ALA A 916 15.13 -3.11 2.60
C ALA A 916 14.91 -4.18 1.53
N GLY A 917 15.33 -3.95 0.29
CA GLY A 917 15.48 -4.96 -0.71
C GLY A 917 14.25 -5.26 -1.53
N LYS A 918 13.17 -4.51 -1.38
CA LYS A 918 11.93 -4.95 -1.95
C LYS A 918 11.74 -4.27 -3.32
N ASP A 919 10.55 -4.39 -3.89
CA ASP A 919 10.30 -4.20 -5.32
C ASP A 919 10.28 -2.72 -5.69
N LEU A 920 9.90 -2.43 -6.93
CA LEU A 920 9.69 -1.04 -7.32
C LEU A 920 8.33 -0.56 -6.89
N VAL A 921 7.32 -1.41 -7.03
CA VAL A 921 5.97 -1.07 -6.63
C VAL A 921 5.89 -0.92 -5.13
N SER A 922 6.56 -1.82 -4.41
CA SER A 922 6.51 -1.79 -2.98
C SER A 922 7.44 -0.74 -2.39
N SER A 923 8.24 -0.08 -3.21
CA SER A 923 9.04 1.01 -2.70
C SER A 923 8.44 2.36 -3.07
N LEU A 924 7.87 2.45 -4.27
CA LEU A 924 7.01 3.59 -4.62
C LEU A 924 5.89 3.75 -3.61
N THR A 925 5.11 2.69 -3.42
CA THR A 925 3.95 2.68 -2.54
C THR A 925 4.26 3.10 -1.12
N SER A 926 5.37 2.66 -0.55
CA SER A 926 5.65 2.99 0.83
C SER A 926 6.01 4.44 1.02
N GLY A 927 6.26 5.17 -0.08
CA GLY A 927 6.35 6.61 -0.01
C GLY A 927 5.09 7.31 -0.44
N LEU A 928 4.26 6.65 -1.23
CA LEU A 928 3.00 7.26 -1.66
C LEU A 928 1.97 7.35 -0.56
N LEU A 929 1.96 6.44 0.40
CA LEU A 929 0.98 6.59 1.47
C LEU A 929 1.39 7.61 2.51
N THR A 930 2.37 8.46 2.21
CA THR A 930 2.66 9.61 3.04
C THR A 930 1.88 10.83 2.57
N ILE A 931 1.55 10.88 1.27
CA ILE A 931 0.74 11.94 0.67
C ILE A 931 -0.59 12.00 1.39
N GLY A 932 -1.05 13.19 1.72
CA GLY A 932 -2.14 13.25 2.65
C GLY A 932 -2.49 14.63 3.15
N ASP A 933 -2.54 14.79 4.46
CA ASP A 933 -2.98 16.06 5.02
C ASP A 933 -1.83 16.90 5.57
N ARG A 934 -0.64 16.36 5.79
CA ARG A 934 0.49 17.20 6.18
C ARG A 934 1.59 17.23 5.15
N PHE A 935 1.72 16.21 4.31
CA PHE A 935 2.71 16.22 3.23
C PHE A 935 2.06 16.15 1.87
N GLY A 936 2.38 17.11 1.00
CA GLY A 936 1.93 17.10 -0.36
C GLY A 936 0.47 17.40 -0.57
N GLY A 937 -0.29 17.66 0.50
CA GLY A 937 -1.68 17.98 0.34
C GLY A 937 -1.91 19.45 0.56
N ALA A 938 -0.88 20.26 0.30
CA ALA A 938 -1.05 21.71 0.38
C ALA A 938 -1.75 22.24 -0.86
N LEU A 939 -1.63 21.51 -1.98
CA LEU A 939 -2.27 21.90 -3.23
C LEU A 939 -3.78 21.99 -3.10
N ASP A 940 -4.43 20.88 -2.71
CA ASP A 940 -5.89 20.89 -2.69
C ASP A 940 -6.45 21.64 -1.49
N ALA A 941 -5.60 22.09 -0.59
CA ALA A 941 -6.01 23.03 0.44
C ALA A 941 -5.92 24.47 -0.03
N ALA A 942 -4.95 24.80 -0.89
CA ALA A 942 -4.86 26.14 -1.45
C ALA A 942 -6.01 26.43 -2.42
N ALA A 943 -6.39 25.44 -3.22
CA ALA A 943 -7.53 25.59 -4.12
C ALA A 943 -8.82 25.78 -3.35
N LYS A 944 -9.09 24.92 -2.38
CA LYS A 944 -10.29 25.02 -1.56
C LYS A 944 -10.29 26.18 -0.59
N MET A 945 -9.23 26.99 -0.52
CA MET A 945 -9.23 28.21 0.27
C MET A 945 -9.38 29.45 -0.61
N PHE A 946 -8.52 29.62 -1.60
CA PHE A 946 -8.62 30.77 -2.49
C PHE A 946 -9.89 30.73 -3.33
N SER A 947 -10.27 29.58 -3.88
CA SER A 947 -11.48 29.52 -4.67
C SER A 947 -12.73 29.64 -3.82
N LYS A 948 -12.67 29.25 -2.56
CA LYS A 948 -13.81 29.43 -1.68
C LYS A 948 -13.97 30.89 -1.27
N ALA A 949 -12.86 31.59 -1.08
CA ALA A 949 -12.92 33.00 -0.70
C ALA A 949 -13.06 33.95 -1.88
N PHE A 950 -12.83 33.47 -3.10
CA PHE A 950 -13.04 34.28 -4.28
C PHE A 950 -14.53 34.44 -4.56
N ASP A 951 -15.30 33.37 -4.31
CA ASP A 951 -16.71 33.35 -4.68
C ASP A 951 -17.59 34.07 -3.67
N SER A 952 -17.15 34.18 -2.41
CA SER A 952 -17.96 34.87 -1.41
C SER A 952 -17.78 36.38 -1.48
N GLY A 953 -16.90 36.89 -2.35
CA GLY A 953 -16.81 38.29 -2.65
C GLY A 953 -15.84 39.09 -1.81
N ILE A 954 -15.04 38.43 -0.97
CA ILE A 954 -14.22 39.14 -0.01
C ILE A 954 -12.98 39.71 -0.71
N ILE A 955 -12.75 41.00 -0.53
CA ILE A 955 -11.60 41.68 -1.14
C ILE A 955 -10.48 41.35 -0.14
N PRO A 956 -9.19 41.24 -0.53
CA PRO A 956 -8.21 40.52 0.33
C PRO A 956 -7.95 41.06 1.73
N MET A 957 -8.35 42.29 2.06
CA MET A 957 -8.09 42.78 3.41
C MET A 957 -8.92 42.05 4.46
N GLU A 958 -10.22 41.87 4.21
CA GLU A 958 -11.05 41.14 5.16
C GLU A 958 -10.68 39.66 5.16
N PHE A 959 -10.16 39.17 4.03
CA PHE A 959 -9.67 37.79 3.96
C PHE A 959 -8.48 37.58 4.88
N VAL A 960 -7.49 38.46 4.82
CA VAL A 960 -6.32 38.32 5.70
C VAL A 960 -6.71 38.59 7.15
N ASN A 961 -7.67 39.50 7.37
CA ASN A 961 -8.06 39.81 8.74
C ASN A 961 -8.86 38.67 9.36
N LYS A 962 -9.65 37.94 8.56
CA LYS A 962 -10.35 36.79 9.13
C LYS A 962 -9.42 35.59 9.26
N MET A 963 -8.38 35.51 8.42
CA MET A 963 -7.39 34.45 8.62
C MET A 963 -6.54 34.71 9.86
N LYS A 964 -6.47 35.97 10.30
CA LYS A 964 -5.87 36.23 11.61
C LYS A 964 -6.89 36.00 12.73
N LYS A 965 -8.14 36.42 12.53
CA LYS A 965 -9.12 36.44 13.61
C LYS A 965 -9.59 35.05 13.98
N GLU A 966 -10.07 34.27 13.00
CA GLU A 966 -10.38 32.88 13.24
C GLU A 966 -9.14 32.03 13.49
N GLY A 967 -7.95 32.52 13.14
CA GLY A 967 -6.74 31.87 13.55
C GLY A 967 -6.42 30.60 12.78
N LYS A 968 -6.15 30.75 11.49
CA LYS A 968 -5.68 29.63 10.70
C LYS A 968 -4.73 30.15 9.64
N LEU A 969 -3.71 29.37 9.36
CA LEU A 969 -2.68 29.77 8.42
C LEU A 969 -3.23 29.61 7.01
N ILE A 970 -2.76 30.46 6.11
CA ILE A 970 -3.23 30.44 4.73
C ILE A 970 -2.46 29.36 4.00
N MET A 971 -3.19 28.45 3.35
CA MET A 971 -2.59 27.20 2.90
C MET A 971 -1.71 27.39 1.67
N GLY A 972 -1.95 28.43 0.89
CA GLY A 972 -1.09 28.67 -0.25
C GLY A 972 0.20 29.37 0.12
N ILE A 973 0.18 30.17 1.17
CA ILE A 973 1.17 31.21 1.37
C ILE A 973 2.10 30.88 2.52
N GLY A 974 3.40 30.90 2.23
CA GLY A 974 4.41 30.80 3.27
C GLY A 974 5.60 29.97 2.85
N HIS A 975 6.80 30.51 2.99
CA HIS A 975 7.99 29.80 2.52
C HIS A 975 9.09 29.95 3.55
N ARG A 976 9.97 28.96 3.59
CA ARG A 976 10.91 28.83 4.71
C ARG A 976 12.07 29.81 4.59
N VAL A 977 12.49 30.12 3.37
CA VAL A 977 13.71 30.89 3.17
C VAL A 977 13.42 32.21 2.48
N LYS A 978 12.57 32.18 1.46
CA LYS A 978 12.62 33.16 0.39
C LYS A 978 11.65 34.33 0.54
N SER A 979 12.01 35.49 -0.01
CA SER A 979 11.27 36.74 0.15
C SER A 979 10.86 37.33 -1.19
N ILE A 980 10.33 38.57 -1.17
CA ILE A 980 10.11 39.32 -2.41
C ILE A 980 11.45 39.58 -3.10
N ASN A 981 12.48 39.88 -2.33
CA ASN A 981 13.83 40.15 -2.85
C ASN A 981 14.45 38.94 -3.54
N ASN A 982 14.03 37.74 -3.18
CA ASN A 982 14.52 36.50 -3.78
C ASN A 982 13.38 35.49 -3.79
N PRO A 983 12.70 35.33 -4.93
CA PRO A 983 11.58 34.37 -4.97
C PRO A 983 12.04 32.95 -5.19
N ASP A 984 11.13 31.97 -5.17
CA ASP A 984 11.42 30.74 -5.87
C ASP A 984 11.57 31.04 -7.35
N MET A 985 12.43 30.29 -8.01
CA MET A 985 12.50 30.41 -9.46
C MET A 985 11.45 29.58 -10.15
N ARG A 986 11.00 28.49 -9.52
CA ARG A 986 9.96 27.68 -10.13
C ARG A 986 8.63 28.43 -10.14
N VAL A 987 8.41 29.28 -9.13
CA VAL A 987 7.14 30.01 -9.08
C VAL A 987 7.17 31.14 -10.09
N GLN A 988 8.37 31.63 -10.41
CA GLN A 988 8.49 32.64 -11.44
C GLN A 988 8.30 32.05 -12.82
N ILE A 989 8.80 30.84 -13.05
CA ILE A 989 8.61 30.23 -14.37
C ILE A 989 7.14 29.86 -14.57
N LEU A 990 6.49 29.34 -13.53
CA LEU A 990 5.07 29.02 -13.64
C LEU A 990 4.22 30.28 -13.77
N LYS A 991 4.57 31.35 -13.05
CA LYS A 991 3.80 32.58 -13.12
C LYS A 991 3.95 33.25 -14.49
N ASP A 992 5.16 33.20 -15.05
CA ASP A 992 5.37 33.78 -16.37
C ASP A 992 4.64 32.98 -17.43
N TYR A 993 4.63 31.65 -17.31
CA TYR A 993 3.89 30.84 -18.28
C TYR A 993 2.38 31.06 -18.16
N VAL A 994 1.89 31.29 -16.94
CA VAL A 994 0.47 31.57 -16.78
C VAL A 994 0.10 32.89 -17.43
N ARG A 995 0.93 33.91 -17.24
CA ARG A 995 0.59 35.23 -17.79
C ARG A 995 0.72 35.28 -19.31
N GLN A 996 1.67 34.53 -19.88
CA GLN A 996 1.89 34.65 -21.32
C GLN A 996 0.85 33.92 -22.15
N HIS A 997 0.14 32.95 -21.58
CA HIS A 997 -0.65 32.06 -22.44
C HIS A 997 -2.11 31.92 -22.03
N PHE A 998 -2.47 32.02 -20.77
CA PHE A 998 -3.88 31.94 -20.41
C PHE A 998 -4.60 33.20 -20.85
N PRO A 999 -5.80 33.07 -21.42
CA PRO A 999 -6.51 34.26 -21.92
C PRO A 999 -7.02 35.17 -20.83
N ALA A 1000 -7.46 34.61 -19.70
CA ALA A 1000 -7.95 35.41 -18.60
C ALA A 1000 -7.66 34.68 -17.30
N THR A 1001 -6.98 35.37 -16.38
CA THR A 1001 -6.63 34.78 -15.09
C THR A 1001 -7.25 35.54 -13.92
N PRO A 1002 -8.50 35.25 -13.58
CA PRO A 1002 -8.95 35.54 -12.22
C PRO A 1002 -8.35 34.52 -11.26
N LEU A 1003 -8.45 34.86 -9.97
CA LEU A 1003 -8.06 34.06 -8.81
C LEU A 1003 -6.55 33.88 -8.68
N LEU A 1004 -5.77 34.27 -9.68
CA LEU A 1004 -4.33 34.48 -9.50
C LEU A 1004 -4.01 35.97 -9.48
N ASP A 1005 -4.72 36.79 -10.26
CA ASP A 1005 -4.73 38.22 -10.00
C ASP A 1005 -5.28 38.55 -8.62
N TYR A 1006 -6.15 37.70 -8.08
CA TYR A 1006 -6.57 37.81 -6.69
C TYR A 1006 -5.44 37.46 -5.74
N ALA A 1007 -4.80 36.30 -5.93
CA ALA A 1007 -3.85 35.76 -4.96
C ALA A 1007 -2.53 36.52 -4.95
N LEU A 1008 -2.16 37.13 -6.07
CA LEU A 1008 -0.96 37.96 -6.05
C LEU A 1008 -1.16 39.24 -5.29
N GLU A 1009 -2.41 39.68 -5.13
CA GLU A 1009 -2.69 40.79 -4.22
C GLU A 1009 -2.53 40.34 -2.78
N VAL A 1010 -2.85 39.06 -2.52
CA VAL A 1010 -2.75 38.57 -1.17
C VAL A 1010 -1.29 38.35 -0.80
N GLU A 1011 -0.43 38.07 -1.79
CA GLU A 1011 1.02 38.14 -1.57
C GLU A 1011 1.46 39.50 -1.05
N LYS A 1012 1.03 40.58 -1.69
CA LYS A 1012 1.55 41.89 -1.29
C LYS A 1012 0.98 42.32 0.06
N ILE A 1013 -0.31 42.04 0.29
CA ILE A 1013 -0.94 42.45 1.54
C ILE A 1013 -0.46 41.57 2.69
N THR A 1014 0.06 40.38 2.38
CA THR A 1014 0.61 39.55 3.44
C THR A 1014 2.09 39.87 3.64
N THR A 1015 2.79 40.14 2.55
CA THR A 1015 4.24 40.15 2.59
C THR A 1015 4.74 41.53 3.02
N SER A 1016 3.83 42.50 3.12
CA SER A 1016 4.23 43.76 3.75
C SER A 1016 4.39 43.62 5.27
N LYS A 1017 4.10 42.43 5.84
CA LYS A 1017 4.34 42.23 7.26
C LYS A 1017 5.57 41.37 7.52
N LYS A 1018 5.68 40.21 6.88
CA LYS A 1018 6.95 39.50 6.89
C LYS A 1018 7.40 39.32 5.46
N PRO A 1019 8.71 39.34 5.19
CA PRO A 1019 9.16 39.11 3.82
C PRO A 1019 8.95 37.70 3.33
N ASN A 1020 8.92 36.71 4.22
CA ASN A 1020 9.00 35.32 3.76
C ASN A 1020 7.63 34.73 3.47
N LEU A 1021 6.57 35.53 3.57
CA LEU A 1021 5.24 35.02 3.25
C LEU A 1021 4.93 35.19 1.77
N ILE A 1022 5.21 34.15 0.99
CA ILE A 1022 4.96 34.10 -0.44
C ILE A 1022 4.03 32.93 -0.69
N LEU A 1023 3.12 33.06 -1.66
CA LEU A 1023 2.42 31.88 -2.12
C LEU A 1023 3.40 30.95 -2.81
N ASN A 1024 3.41 29.69 -2.38
CA ASN A 1024 4.41 28.73 -2.80
C ASN A 1024 4.12 28.22 -4.20
N VAL A 1025 4.87 27.19 -4.60
CA VAL A 1025 4.47 26.43 -5.76
C VAL A 1025 3.27 25.56 -5.43
N ASP A 1026 3.17 25.12 -4.17
CA ASP A 1026 2.00 24.39 -3.70
C ASP A 1026 0.76 25.27 -3.62
N GLY A 1027 0.94 26.59 -3.64
CA GLY A 1027 -0.19 27.47 -3.71
C GLY A 1027 -0.50 27.85 -5.13
N LEU A 1028 0.53 28.00 -5.96
CA LEU A 1028 0.29 28.52 -7.31
C LEU A 1028 -0.25 27.45 -8.23
N ILE A 1029 0.12 26.19 -8.01
CA ILE A 1029 -0.49 25.15 -8.84
C ILE A 1029 -1.96 24.97 -8.48
N GLY A 1030 -2.29 25.06 -7.20
CA GLY A 1030 -3.67 24.95 -6.78
C GLY A 1030 -4.49 26.18 -7.09
N VAL A 1031 -3.86 27.27 -7.48
CA VAL A 1031 -4.53 28.45 -7.99
C VAL A 1031 -4.68 28.40 -9.51
N ALA A 1032 -3.61 28.01 -10.20
CA ALA A 1032 -3.64 28.02 -11.65
C ALA A 1032 -4.48 26.88 -12.22
N PHE A 1033 -4.68 25.80 -11.47
CA PHE A 1033 -5.66 24.82 -11.96
C PHE A 1033 -7.08 25.27 -11.72
N VAL A 1034 -7.34 26.01 -10.65
CA VAL A 1034 -8.67 26.61 -10.48
C VAL A 1034 -8.93 27.57 -11.63
N ASP A 1035 -7.96 28.41 -11.94
CA ASP A 1035 -8.11 29.36 -13.03
C ASP A 1035 -8.16 28.69 -14.39
N MET A 1036 -7.45 27.58 -14.56
CA MET A 1036 -7.50 26.87 -15.83
C MET A 1036 -8.83 26.14 -16.01
N LEU A 1037 -9.31 25.44 -14.98
CA LEU A 1037 -10.59 24.74 -15.11
C LEU A 1037 -11.76 25.69 -15.25
N ARG A 1038 -11.70 26.88 -14.65
CA ARG A 1038 -12.73 27.86 -14.98
C ARG A 1038 -12.56 28.39 -16.40
N ASN A 1039 -11.38 28.85 -16.75
CA ASN A 1039 -11.20 29.63 -17.96
C ASN A 1039 -10.57 28.85 -19.12
N CYS A 1040 -10.63 27.52 -19.09
CA CYS A 1040 -10.39 26.77 -20.31
C CYS A 1040 -11.56 26.95 -21.27
N GLY A 1041 -11.37 26.47 -22.49
CA GLY A 1041 -12.40 26.60 -23.50
C GLY A 1041 -13.62 25.75 -23.21
N SER A 1042 -13.42 24.57 -22.60
CA SER A 1042 -14.50 23.59 -22.48
C SER A 1042 -14.63 23.05 -21.04
N PHE A 1043 -15.31 23.80 -20.20
CA PHE A 1043 -15.86 23.38 -18.91
C PHE A 1043 -16.96 24.36 -18.54
N THR A 1044 -17.65 24.07 -17.44
CA THR A 1044 -18.52 25.02 -16.78
C THR A 1044 -18.11 25.15 -15.33
N ARG A 1045 -18.49 26.27 -14.71
CA ARG A 1045 -18.11 26.53 -13.32
C ARG A 1045 -18.72 25.52 -12.37
N GLU A 1046 -19.96 25.09 -12.65
CA GLU A 1046 -20.61 24.10 -11.80
C GLU A 1046 -20.02 22.70 -12.02
N GLU A 1047 -19.27 22.52 -13.12
CA GLU A 1047 -18.55 21.27 -13.32
C GLU A 1047 -17.09 21.41 -12.92
N ALA A 1048 -16.51 22.60 -13.09
CA ALA A 1048 -15.12 22.80 -12.71
C ALA A 1048 -14.96 23.02 -11.23
N ASP A 1049 -16.06 23.08 -10.48
CA ASP A 1049 -15.96 22.92 -9.04
C ASP A 1049 -15.77 21.45 -8.67
N GLU A 1050 -16.25 20.55 -9.53
CA GLU A 1050 -16.33 19.15 -9.11
C GLU A 1050 -14.96 18.48 -9.20
N TYR A 1051 -14.14 18.85 -10.19
CA TYR A 1051 -12.82 18.24 -10.27
C TYR A 1051 -11.88 18.81 -9.22
N ILE A 1052 -12.21 19.97 -8.66
CA ILE A 1052 -11.47 20.44 -7.48
C ILE A 1052 -11.92 19.66 -6.25
N ASP A 1053 -13.23 19.48 -6.08
CA ASP A 1053 -13.72 18.90 -4.84
C ASP A 1053 -13.52 17.39 -4.76
N ILE A 1054 -13.42 16.70 -5.90
CA ILE A 1054 -13.04 15.28 -5.93
C ILE A 1054 -11.61 15.12 -5.43
N GLY A 1055 -10.70 15.92 -5.96
CA GLY A 1055 -9.31 15.81 -5.58
C GLY A 1055 -8.38 15.49 -6.73
N ALA A 1056 -8.73 15.95 -7.93
CA ALA A 1056 -7.82 15.84 -9.06
C ALA A 1056 -6.56 16.63 -8.81
N LEU A 1057 -6.72 17.81 -8.25
CA LEU A 1057 -5.61 18.72 -8.02
C LEU A 1057 -4.71 18.19 -6.92
N ASN A 1058 -5.26 17.40 -6.00
CA ASN A 1058 -4.45 16.54 -5.15
C ASN A 1058 -3.70 15.53 -5.98
N GLY A 1059 -4.34 14.97 -7.00
CA GLY A 1059 -3.76 13.89 -7.76
C GLY A 1059 -2.77 14.33 -8.81
N ILE A 1060 -2.56 15.63 -8.95
CA ILE A 1060 -1.54 16.06 -9.88
C ILE A 1060 -0.21 15.92 -9.16
N PHE A 1061 -0.25 15.97 -7.82
CA PHE A 1061 0.97 15.86 -7.03
C PHE A 1061 1.47 14.43 -6.99
N VAL A 1062 0.55 13.47 -6.93
CA VAL A 1062 0.91 12.05 -6.90
C VAL A 1062 1.64 11.66 -8.18
N LEU A 1063 1.05 12.00 -9.32
CA LEU A 1063 1.67 11.72 -10.61
C LEU A 1063 2.92 12.54 -10.84
N GLY A 1064 3.02 13.72 -10.25
CA GLY A 1064 4.25 14.47 -10.38
C GLY A 1064 5.37 13.83 -9.61
N ARG A 1065 5.14 13.58 -8.34
CA ARG A 1065 6.18 13.14 -7.43
C ARG A 1065 6.53 11.67 -7.64
N SER A 1066 5.66 10.88 -8.28
CA SER A 1066 5.96 9.47 -8.49
C SER A 1066 7.14 9.26 -9.44
N MET A 1067 7.41 10.21 -10.34
CA MET A 1067 8.64 10.17 -11.11
C MET A 1067 9.85 10.25 -10.20
N GLY A 1068 9.77 11.11 -9.19
CA GLY A 1068 10.88 11.24 -8.27
C GLY A 1068 11.07 10.02 -7.39
N PHE A 1069 9.96 9.38 -7.01
CA PHE A 1069 10.09 8.25 -6.10
C PHE A 1069 10.53 6.99 -6.82
N ILE A 1070 10.15 6.81 -8.09
CA ILE A 1070 10.79 5.79 -8.90
C ILE A 1070 12.26 6.11 -9.08
N GLY A 1071 12.58 7.41 -9.16
CA GLY A 1071 13.98 7.81 -9.18
C GLY A 1071 14.74 7.39 -7.95
N HIS A 1072 14.16 7.57 -6.77
CA HIS A 1072 14.90 7.26 -5.55
C HIS A 1072 15.03 5.77 -5.32
N TYR A 1073 13.96 5.00 -5.62
CA TYR A 1073 14.08 3.55 -5.63
C TYR A 1073 15.18 3.08 -6.56
N LEU A 1074 15.18 3.57 -7.78
CA LEU A 1074 16.09 3.08 -8.79
C LEU A 1074 17.52 3.46 -8.48
N ASP A 1075 17.72 4.68 -8.00
CA ASP A 1075 19.03 5.16 -7.61
C ASP A 1075 19.61 4.38 -6.43
N GLN A 1076 18.81 4.16 -5.39
CA GLN A 1076 19.42 3.43 -4.29
C GLN A 1076 19.33 1.94 -4.43
N LYS A 1077 18.76 1.44 -5.52
CA LYS A 1077 19.04 0.07 -5.87
C LYS A 1077 20.33 -0.02 -6.66
N ARG A 1078 20.68 1.06 -7.36
CA ARG A 1078 21.95 1.07 -8.09
C ARG A 1078 23.13 1.22 -7.13
N LEU A 1079 23.11 2.25 -6.29
CA LEU A 1079 24.10 2.44 -5.24
C LEU A 1079 23.81 1.42 -4.17
N LYS A 1080 24.49 0.28 -4.23
CA LYS A 1080 24.06 -0.94 -3.56
C LYS A 1080 24.25 -0.79 -2.06
N GLN A 1081 23.18 -0.40 -1.37
CA GLN A 1081 23.21 -0.09 0.05
C GLN A 1081 22.34 -1.04 0.85
N GLY A 1082 22.75 -1.27 2.09
CA GLY A 1082 22.22 -2.34 2.91
C GLY A 1082 20.97 -1.95 3.67
N LEU A 1083 20.56 -2.87 4.55
CA LEU A 1083 19.37 -2.67 5.36
C LEU A 1083 19.60 -1.54 6.33
N TYR A 1084 18.55 -0.78 6.62
CA TYR A 1084 18.65 0.44 7.41
C TYR A 1084 17.87 0.28 8.70
N ARG A 1085 18.56 0.34 9.83
CA ARG A 1085 17.92 0.50 11.12
C ARG A 1085 18.29 1.87 11.66
N HIS A 1086 17.38 2.48 12.37
CA HIS A 1086 17.60 3.84 12.83
C HIS A 1086 18.55 3.77 14.02
N PRO A 1087 19.33 4.81 14.29
CA PRO A 1087 20.22 4.74 15.45
C PRO A 1087 19.45 4.80 16.76
N TRP A 1088 20.07 4.36 17.85
CA TRP A 1088 19.51 4.53 19.17
C TRP A 1088 19.78 5.92 19.72
N ASP A 1089 20.63 6.69 19.05
CA ASP A 1089 21.00 8.01 19.52
C ASP A 1089 19.93 9.05 19.26
N ASP A 1090 18.93 8.73 18.44
CA ASP A 1090 17.89 9.68 18.08
C ASP A 1090 16.56 9.39 18.74
N ILE A 1091 16.45 8.32 19.52
CA ILE A 1091 15.16 7.93 20.05
C ILE A 1091 15.16 8.00 21.57
N SER A 1092 14.22 8.74 22.14
CA SER A 1092 14.12 8.93 23.57
C SER A 1092 13.02 8.02 24.11
N TYR A 1093 13.41 6.86 24.62
CA TYR A 1093 12.47 5.89 25.16
C TYR A 1093 11.84 6.37 26.46
N VAL A 1094 10.52 6.29 26.52
CA VAL A 1094 9.73 6.69 27.69
C VAL A 1094 8.81 5.53 28.02
N LEU A 1095 9.15 4.75 29.03
CA LEU A 1095 8.36 3.57 29.37
C LEU A 1095 7.87 3.65 30.80
N PRO A 1096 6.55 3.47 31.01
CA PRO A 1096 5.99 3.54 32.37
C PRO A 1096 6.48 2.41 33.24
N GLU A 1097 7.15 2.72 34.36
CA GLU A 1097 7.87 1.71 35.12
C GLU A 1097 6.94 1.01 36.11
N HIS A 1098 6.35 -0.09 35.64
CA HIS A 1098 5.70 -1.07 36.51
C HIS A 1098 6.08 -2.48 36.02
N MET A 1099 7.19 -2.99 36.53
CA MET A 1099 7.59 -4.33 36.12
C MET A 1099 6.92 -5.38 36.99
N SER B 2 -56.57 -14.99 14.36
CA SER B 2 -55.29 -14.88 15.04
C SER B 2 -55.49 -14.55 16.51
N ALA B 3 -56.71 -14.14 16.85
CA ALA B 3 -57.02 -13.78 18.22
C ALA B 3 -57.03 -15.01 19.09
N LYS B 4 -55.98 -15.20 19.86
CA LYS B 4 -55.83 -16.43 20.63
C LYS B 4 -56.40 -16.23 22.02
N ALA B 5 -56.51 -17.31 22.79
CA ALA B 5 -57.08 -17.22 24.12
C ALA B 5 -55.97 -17.19 25.15
N ILE B 6 -56.28 -16.70 26.34
CA ILE B 6 -55.36 -16.79 27.47
C ILE B 6 -56.09 -17.40 28.65
N SER B 7 -55.32 -17.87 29.61
CA SER B 7 -55.86 -18.62 30.73
C SER B 7 -56.60 -17.70 31.68
N GLU B 8 -57.37 -18.30 32.58
CA GLU B 8 -58.07 -17.55 33.61
C GLU B 8 -57.10 -16.89 34.58
N GLN B 9 -56.02 -17.59 34.90
CA GLN B 9 -55.04 -17.06 35.85
C GLN B 9 -54.28 -15.87 35.29
N THR B 10 -53.67 -16.04 34.13
CA THR B 10 -52.87 -14.97 33.52
C THR B 10 -53.75 -13.79 33.17
N GLY B 11 -55.00 -14.04 32.79
CA GLY B 11 -55.99 -13.01 32.63
C GLY B 11 -56.26 -12.26 33.91
N LYS B 12 -56.36 -12.97 35.05
CA LYS B 12 -56.62 -12.24 36.28
C LYS B 12 -55.40 -11.49 36.77
N GLU B 13 -54.20 -11.99 36.49
CA GLU B 13 -53.03 -11.24 36.92
C GLU B 13 -52.84 -10.00 36.06
N LEU B 14 -53.13 -10.11 34.76
CA LEU B 14 -53.16 -8.93 33.92
C LEU B 14 -54.28 -7.98 34.30
N LEU B 15 -55.38 -8.48 34.86
CA LEU B 15 -56.39 -7.55 35.34
C LEU B 15 -55.91 -6.85 36.60
N TYR B 16 -55.38 -7.59 37.57
CA TYR B 16 -55.02 -7.00 38.85
C TYR B 16 -53.78 -6.12 38.74
N LYS B 17 -52.96 -6.33 37.73
CA LYS B 17 -51.73 -5.55 37.66
C LYS B 17 -51.98 -4.23 36.93
N PHE B 18 -52.99 -4.16 36.08
CA PHE B 18 -53.15 -2.97 35.27
C PHE B 18 -54.56 -2.40 35.20
N ILE B 19 -55.50 -2.84 36.04
CA ILE B 19 -56.73 -2.07 36.11
C ILE B 19 -56.51 -0.88 37.04
N CYS B 20 -57.17 0.22 36.73
CA CYS B 20 -57.09 1.41 37.57
CA CYS B 20 -57.09 1.42 37.56
C CYS B 20 -58.47 2.04 37.65
N THR B 21 -59.00 2.12 38.87
CA THR B 21 -60.32 2.65 39.11
C THR B 21 -60.38 3.20 40.53
N THR B 22 -61.40 3.99 40.79
CA THR B 22 -61.56 4.60 42.10
C THR B 22 -61.99 3.56 43.14
N SER B 23 -63.12 2.91 42.90
CA SER B 23 -63.62 1.90 43.81
C SER B 23 -62.71 0.68 43.79
N ALA B 24 -62.09 0.40 44.92
CA ALA B 24 -61.04 -0.61 45.01
C ALA B 24 -61.62 -2.01 44.77
N ILE B 25 -60.72 -2.91 44.39
CA ILE B 25 -61.08 -4.27 44.03
C ILE B 25 -60.47 -5.19 45.07
N GLN B 26 -61.30 -5.99 45.71
CA GLN B 26 -60.83 -6.88 46.76
C GLN B 26 -60.06 -8.04 46.15
N ASN B 27 -59.32 -8.74 47.02
CA ASN B 27 -58.63 -9.99 46.75
C ASN B 27 -57.56 -9.86 45.68
N ARG B 28 -56.74 -8.82 45.74
CA ARG B 28 -55.72 -8.63 44.71
C ARG B 28 -54.59 -9.61 44.93
N PHE B 29 -54.20 -10.31 43.85
CA PHE B 29 -53.10 -11.27 43.83
C PHE B 29 -53.30 -12.42 44.82
N LYS B 30 -54.51 -12.98 44.85
CA LYS B 30 -54.85 -14.03 45.79
C LYS B 30 -55.28 -15.25 45.00
N TYR B 31 -54.32 -16.05 44.56
CA TYR B 31 -54.60 -17.23 43.75
C TYR B 31 -53.44 -18.20 43.79
N ALA B 32 -53.69 -19.46 43.43
CA ALA B 32 -52.68 -20.49 43.62
C ALA B 32 -52.73 -21.44 42.44
N ARG B 33 -51.61 -21.57 41.74
CA ARG B 33 -51.51 -22.46 40.59
C ARG B 33 -51.06 -23.83 41.06
N VAL B 34 -51.80 -24.86 40.67
CA VAL B 34 -51.54 -26.21 41.15
C VAL B 34 -51.23 -27.11 39.96
N THR B 35 -50.07 -27.72 39.98
CA THR B 35 -49.59 -28.63 38.95
C THR B 35 -49.50 -30.03 39.55
N PRO B 36 -49.17 -31.07 38.78
CA PRO B 36 -48.71 -32.32 39.40
C PRO B 36 -47.28 -32.25 39.92
N ASP B 37 -46.62 -31.11 39.74
CA ASP B 37 -45.30 -30.86 40.31
C ASP B 37 -45.44 -29.91 41.48
N THR B 38 -46.49 -30.11 42.26
CA THR B 38 -46.81 -29.19 43.34
C THR B 38 -45.88 -29.40 44.53
N ASP B 39 -44.98 -28.45 44.72
CA ASP B 39 -44.29 -28.31 46.01
C ASP B 39 -45.26 -27.58 46.93
N TRP B 40 -46.01 -28.38 47.70
CA TRP B 40 -46.99 -27.84 48.63
C TRP B 40 -46.32 -27.01 49.72
N ALA B 41 -45.07 -27.37 50.05
CA ALA B 41 -44.29 -26.59 51.00
C ALA B 41 -44.04 -25.19 50.46
N ARG B 42 -43.66 -25.08 49.19
CA ARG B 42 -43.33 -23.77 48.64
C ARG B 42 -44.58 -22.93 48.44
N LEU B 43 -45.69 -23.57 48.05
CA LEU B 43 -46.95 -22.86 47.89
C LEU B 43 -47.49 -22.39 49.23
N LEU B 44 -47.35 -23.23 50.26
CA LEU B 44 -47.84 -22.86 51.59
C LEU B 44 -46.96 -21.79 52.21
N GLN B 45 -45.67 -21.79 51.87
CA GLN B 45 -44.84 -20.65 52.24
C GLN B 45 -45.20 -19.41 51.45
N ASP B 46 -45.71 -19.58 50.23
CA ASP B 46 -46.14 -18.42 49.46
C ASP B 46 -47.40 -17.79 50.06
N HIS B 47 -48.39 -18.63 50.38
CA HIS B 47 -49.75 -18.16 50.68
C HIS B 47 -50.15 -18.65 52.05
N PRO B 48 -49.90 -17.87 53.10
CA PRO B 48 -50.29 -18.29 54.45
C PRO B 48 -51.79 -18.22 54.67
N TRP B 49 -52.49 -17.46 53.84
CA TRP B 49 -53.94 -17.36 53.92
C TRP B 49 -54.65 -18.63 53.49
N LEU B 50 -53.94 -19.57 52.86
CA LEU B 50 -54.51 -20.88 52.56
C LEU B 50 -54.93 -21.62 53.81
N LEU B 51 -54.24 -21.37 54.93
CA LEU B 51 -54.67 -21.89 56.23
C LEU B 51 -55.58 -20.93 56.96
N SER B 52 -56.35 -20.11 56.24
CA SER B 52 -57.13 -19.09 56.91
C SER B 52 -58.61 -19.14 56.61
N GLN B 53 -59.01 -19.37 55.36
CA GLN B 53 -60.43 -19.36 55.02
C GLN B 53 -60.72 -20.53 54.10
N ASN B 54 -61.99 -20.69 53.75
CA ASN B 54 -62.38 -21.72 52.80
C ASN B 54 -61.94 -21.37 51.39
N LEU B 55 -61.83 -22.38 50.54
CA LEU B 55 -61.23 -22.22 49.23
C LEU B 55 -62.17 -22.74 48.15
N VAL B 56 -61.94 -22.26 46.93
CA VAL B 56 -62.61 -22.75 45.74
C VAL B 56 -61.54 -23.14 44.74
N VAL B 57 -61.56 -24.39 44.32
CA VAL B 57 -60.58 -24.91 43.38
C VAL B 57 -61.28 -25.36 42.11
N LYS B 58 -60.70 -24.96 40.96
CA LYS B 58 -61.34 -25.13 39.68
C LYS B 58 -60.31 -25.12 38.56
N PRO B 59 -60.56 -25.79 37.44
CA PRO B 59 -59.52 -25.92 36.41
C PRO B 59 -59.40 -24.69 35.53
N ASP B 60 -58.18 -24.49 35.03
CA ASP B 60 -57.84 -23.38 34.16
C ASP B 60 -57.23 -23.98 32.91
N GLN B 61 -58.08 -24.46 32.01
CA GLN B 61 -57.63 -25.04 30.75
C GLN B 61 -58.56 -24.73 29.60
N LEU B 62 -59.21 -23.55 29.65
CA LEU B 62 -60.21 -23.13 28.68
C LEU B 62 -61.35 -24.15 28.62
N ILE B 63 -61.90 -24.45 29.78
CA ILE B 63 -63.03 -25.38 29.88
C ILE B 63 -64.26 -24.55 30.13
N LYS B 64 -65.18 -24.55 29.17
CA LYS B 64 -66.43 -23.81 29.30
C LYS B 64 -67.42 -24.68 30.05
N ARG B 65 -68.32 -24.02 30.80
CA ARG B 65 -69.31 -24.68 31.67
C ARG B 65 -68.65 -25.56 32.72
N ARG B 66 -67.78 -24.98 33.54
CA ARG B 66 -67.18 -25.74 34.64
C ARG B 66 -68.19 -26.05 35.72
N GLY B 67 -69.11 -25.12 35.98
CA GLY B 67 -70.06 -25.26 37.06
C GLY B 67 -71.15 -26.28 36.85
N LYS B 68 -71.24 -26.90 35.68
CA LYS B 68 -72.24 -27.91 35.42
C LYS B 68 -71.64 -29.28 35.19
N LEU B 69 -70.32 -29.39 35.11
CA LEU B 69 -69.65 -30.67 35.00
C LEU B 69 -69.28 -31.23 36.36
N GLY B 70 -69.63 -30.52 37.43
CA GLY B 70 -69.23 -30.93 38.76
C GLY B 70 -67.74 -30.83 39.00
N LEU B 71 -67.06 -29.95 38.27
CA LEU B 71 -65.61 -29.82 38.34
C LEU B 71 -65.18 -28.56 39.07
N VAL B 72 -66.03 -28.04 39.95
CA VAL B 72 -65.69 -26.85 40.72
C VAL B 72 -65.81 -27.21 42.19
N GLY B 73 -64.69 -27.43 42.85
CA GLY B 73 -64.69 -27.62 44.29
C GLY B 73 -64.98 -26.30 44.98
N VAL B 74 -66.04 -26.27 45.78
CA VAL B 74 -66.53 -25.04 46.40
C VAL B 74 -66.40 -25.22 47.90
N ASN B 75 -65.95 -24.15 48.60
CA ASN B 75 -66.12 -24.00 50.05
C ASN B 75 -65.35 -25.09 50.81
N LEU B 76 -64.05 -25.14 50.58
CA LEU B 76 -63.23 -26.21 51.12
C LEU B 76 -62.03 -25.64 51.85
N THR B 77 -61.56 -26.35 52.87
CA THR B 77 -60.33 -26.05 53.56
C THR B 77 -59.17 -26.64 52.78
N LEU B 78 -57.95 -26.45 53.31
CA LEU B 78 -56.75 -26.96 52.63
C LEU B 78 -56.77 -28.47 52.48
N ASP B 79 -57.13 -29.19 53.55
CA ASP B 79 -57.21 -30.65 53.48
C ASP B 79 -58.36 -31.08 52.57
N GLY B 80 -59.47 -30.36 52.62
CA GLY B 80 -60.59 -30.66 51.74
C GLY B 80 -60.26 -30.41 50.28
N VAL B 81 -59.48 -29.37 49.99
CA VAL B 81 -58.99 -29.10 48.65
C VAL B 81 -58.08 -30.22 48.18
N LYS B 82 -57.12 -30.63 49.03
CA LYS B 82 -56.20 -31.70 48.64
C LYS B 82 -56.94 -33.02 48.39
N SER B 83 -57.95 -33.33 49.20
CA SER B 83 -58.72 -34.54 48.98
C SER B 83 -59.60 -34.43 47.75
N TRP B 84 -60.01 -33.20 47.40
CA TRP B 84 -60.77 -33.03 46.16
C TRP B 84 -59.85 -33.18 44.97
N LEU B 85 -58.56 -32.88 45.14
CA LEU B 85 -57.61 -33.00 44.05
C LEU B 85 -57.06 -34.40 43.91
N LYS B 86 -57.24 -35.26 44.94
CA LYS B 86 -56.83 -36.66 44.84
C LYS B 86 -57.44 -37.43 43.66
N PRO B 87 -58.76 -37.40 43.37
CA PRO B 87 -59.24 -38.23 42.26
C PRO B 87 -59.15 -37.57 40.90
N ARG B 88 -58.61 -36.36 40.78
CA ARG B 88 -58.68 -35.65 39.52
C ARG B 88 -57.33 -35.34 38.91
N LEU B 89 -56.37 -34.85 39.70
CA LEU B 89 -55.14 -34.33 39.12
C LEU B 89 -54.27 -35.44 38.54
N GLY B 90 -54.16 -35.45 37.21
CA GLY B 90 -53.52 -36.52 36.49
C GLY B 90 -54.48 -37.50 35.85
N GLN B 91 -55.77 -37.35 36.08
CA GLN B 91 -56.76 -38.29 35.56
C GLN B 91 -57.36 -37.70 34.29
N GLU B 92 -58.43 -38.32 33.80
CA GLU B 92 -59.05 -37.86 32.56
C GLU B 92 -60.52 -37.52 32.82
N ALA B 93 -61.06 -36.63 32.01
CA ALA B 93 -62.49 -36.35 31.98
C ALA B 93 -62.94 -36.21 30.54
N THR B 94 -64.07 -36.85 30.22
CA THR B 94 -64.68 -36.73 28.90
C THR B 94 -65.54 -35.46 28.91
N VAL B 95 -65.01 -34.39 28.32
CA VAL B 95 -65.62 -33.08 28.44
C VAL B 95 -66.19 -32.67 27.10
N GLY B 96 -67.52 -32.59 27.02
CA GLY B 96 -68.17 -32.27 25.77
C GLY B 96 -68.01 -33.41 24.78
N LYS B 97 -67.15 -33.21 23.79
CA LYS B 97 -66.80 -34.26 22.85
C LYS B 97 -65.36 -34.71 23.03
N ALA B 98 -64.49 -33.84 23.53
CA ALA B 98 -63.07 -34.13 23.59
C ALA B 98 -62.73 -34.82 24.91
N THR B 99 -61.47 -35.23 25.04
CA THR B 99 -61.02 -35.99 26.20
C THR B 99 -59.55 -35.70 26.41
N GLY B 100 -59.19 -35.27 27.63
CA GLY B 100 -57.80 -34.97 27.93
C GLY B 100 -57.52 -34.99 29.42
N PHE B 101 -56.25 -34.83 29.75
CA PHE B 101 -55.81 -34.86 31.13
C PHE B 101 -55.97 -33.50 31.79
N LEU B 102 -56.53 -33.50 33.00
CA LEU B 102 -56.64 -32.31 33.84
C LEU B 102 -55.33 -32.11 34.60
N LYS B 103 -54.45 -31.33 34.01
CA LYS B 103 -53.07 -31.20 34.48
C LYS B 103 -52.75 -29.84 35.07
N ASN B 104 -53.76 -28.98 35.25
CA ASN B 104 -53.49 -27.66 35.81
C ASN B 104 -54.76 -27.13 36.46
N PHE B 105 -54.67 -26.78 37.74
CA PHE B 105 -55.80 -26.33 38.54
C PHE B 105 -55.49 -25.01 39.21
N LEU B 106 -56.52 -24.32 39.68
CA LEU B 106 -56.38 -23.03 40.34
C LEU B 106 -57.17 -23.01 41.64
N ILE B 107 -56.59 -22.37 42.66
CA ILE B 107 -57.22 -22.20 43.96
C ILE B 107 -57.41 -20.71 44.22
N GLU B 108 -58.63 -20.32 44.56
CA GLU B 108 -59.00 -18.96 44.87
C GLU B 108 -59.73 -18.92 46.21
N PRO B 109 -59.74 -17.77 46.88
CA PRO B 109 -60.52 -17.67 48.12
C PRO B 109 -62.02 -17.65 47.86
N PHE B 110 -62.75 -18.49 48.60
CA PHE B 110 -64.19 -18.33 48.62
C PHE B 110 -64.57 -17.09 49.42
N VAL B 111 -65.40 -16.26 48.82
CA VAL B 111 -66.01 -15.16 49.55
C VAL B 111 -67.51 -15.27 49.33
N PRO B 112 -68.33 -15.23 50.40
CA PRO B 112 -69.76 -15.48 50.25
C PRO B 112 -70.47 -14.37 49.49
N HIS B 113 -71.60 -14.73 48.89
CA HIS B 113 -72.40 -13.82 48.09
C HIS B 113 -73.78 -14.41 47.91
N SER B 114 -74.75 -13.54 47.63
CA SER B 114 -76.12 -13.97 47.40
C SER B 114 -76.36 -14.16 45.90
N GLN B 115 -77.61 -14.37 45.52
CA GLN B 115 -77.94 -14.66 44.13
C GLN B 115 -78.08 -13.41 43.28
N ALA B 116 -78.67 -12.35 43.82
CA ALA B 116 -78.82 -11.10 43.08
C ALA B 116 -77.52 -10.33 42.94
N GLU B 117 -76.47 -10.76 43.62
CA GLU B 117 -75.15 -10.13 43.56
C GLU B 117 -74.28 -10.68 42.44
N GLU B 118 -74.82 -11.52 41.57
CA GLU B 118 -74.05 -12.17 40.52
C GLU B 118 -74.33 -11.50 39.18
N PHE B 119 -73.39 -10.67 38.73
CA PHE B 119 -73.60 -9.85 37.53
C PHE B 119 -72.80 -10.44 36.38
N TYR B 120 -73.15 -10.01 35.16
CA TYR B 120 -72.55 -10.51 33.94
C TYR B 120 -71.96 -9.35 33.13
N VAL B 121 -70.66 -9.44 32.82
CA VAL B 121 -70.00 -8.44 31.99
C VAL B 121 -69.32 -9.16 30.83
N CYS B 122 -69.49 -8.63 29.62
CA CYS B 122 -68.81 -9.23 28.48
C CYS B 122 -68.49 -8.15 27.44
N ILE B 123 -67.25 -8.12 27.00
CA ILE B 123 -66.78 -7.11 26.05
C ILE B 123 -66.14 -7.83 24.88
N TYR B 124 -66.67 -7.63 23.68
CA TYR B 124 -66.03 -8.19 22.50
C TYR B 124 -65.97 -7.20 21.35
N ALA B 125 -65.22 -7.58 20.34
CA ALA B 125 -65.00 -6.73 19.18
C ALA B 125 -65.86 -7.16 18.00
N THR B 126 -66.45 -6.18 17.31
CA THR B 126 -67.06 -6.37 16.00
C THR B 126 -66.48 -5.33 15.06
N ARG B 127 -66.83 -5.47 13.78
CA ARG B 127 -66.26 -4.63 12.73
C ARG B 127 -66.62 -3.16 12.91
N GLU B 128 -67.81 -2.90 13.43
CA GLU B 128 -68.19 -1.51 13.67
C GLU B 128 -67.83 -1.02 15.06
N GLY B 129 -67.24 -1.86 15.91
CA GLY B 129 -66.83 -1.32 17.21
C GLY B 129 -66.60 -2.33 18.32
N ASP B 130 -66.90 -1.95 19.55
CA ASP B 130 -66.64 -2.81 20.70
C ASP B 130 -67.91 -2.83 21.54
N TYR B 131 -68.56 -3.99 21.64
CA TYR B 131 -69.75 -4.05 22.46
C TYR B 131 -69.43 -4.05 23.94
N VAL B 132 -70.44 -3.69 24.72
CA VAL B 132 -70.48 -3.92 26.16
C VAL B 132 -71.80 -4.59 26.50
N LEU B 133 -71.73 -5.77 27.08
CA LEU B 133 -72.92 -6.50 27.50
C LEU B 133 -72.93 -6.57 29.01
N PHE B 134 -74.03 -6.14 29.59
CA PHE B 134 -74.25 -6.25 31.03
C PHE B 134 -75.55 -6.99 31.28
N HIS B 135 -75.56 -7.80 32.34
CA HIS B 135 -76.82 -8.38 32.78
C HIS B 135 -76.82 -8.55 34.29
N HIS B 136 -77.97 -8.29 34.91
CA HIS B 136 -77.99 -8.17 36.37
C HIS B 136 -77.94 -9.54 37.04
N GLU B 137 -78.37 -10.58 36.36
CA GLU B 137 -78.23 -11.95 36.83
C GLU B 137 -77.10 -12.64 36.10
N GLY B 138 -76.33 -13.44 36.83
CA GLY B 138 -75.24 -14.17 36.22
C GLY B 138 -75.34 -15.67 36.43
N GLY B 139 -74.29 -16.26 36.99
CA GLY B 139 -74.31 -17.66 37.35
C GLY B 139 -74.23 -18.57 36.15
N VAL B 140 -74.31 -19.88 36.43
CA VAL B 140 -74.26 -20.87 35.37
C VAL B 140 -75.63 -21.09 34.75
N ASP B 141 -76.67 -20.46 35.28
CA ASP B 141 -78.03 -20.59 34.76
C ASP B 141 -78.43 -19.32 34.02
N VAL B 142 -77.46 -18.66 33.42
CA VAL B 142 -77.74 -17.39 32.74
C VAL B 142 -78.40 -17.66 31.39
N GLY B 143 -78.17 -18.83 30.81
CA GLY B 143 -78.75 -19.16 29.53
C GLY B 143 -78.08 -18.46 28.37
N ASP B 144 -78.82 -18.25 27.29
CA ASP B 144 -78.30 -17.53 26.15
C ASP B 144 -78.33 -16.04 26.46
N VAL B 145 -77.14 -15.43 26.61
CA VAL B 145 -77.06 -14.07 27.12
C VAL B 145 -76.90 -13.04 26.01
N ASP B 146 -76.78 -13.48 24.76
CA ASP B 146 -76.63 -12.59 23.62
C ASP B 146 -77.83 -11.68 23.42
N ALA B 147 -78.99 -12.25 23.11
CA ALA B 147 -80.19 -11.48 22.84
C ALA B 147 -81.01 -11.18 24.08
N LYS B 148 -80.43 -11.33 25.27
CA LYS B 148 -81.17 -11.17 26.51
C LYS B 148 -80.52 -10.23 27.52
N ALA B 149 -79.56 -9.41 27.09
CA ALA B 149 -78.89 -8.54 28.04
C ALA B 149 -79.02 -7.07 27.63
N GLN B 150 -78.33 -6.21 28.36
CA GLN B 150 -78.19 -4.82 27.95
C GLN B 150 -76.95 -4.71 27.08
N LYS B 151 -77.16 -4.36 25.81
CA LYS B 151 -76.05 -4.12 24.89
C LYS B 151 -75.76 -2.64 24.80
N LEU B 152 -74.50 -2.32 24.55
CA LEU B 152 -74.13 -0.96 24.22
C LEU B 152 -73.07 -0.99 23.14
N LEU B 153 -73.36 -0.35 22.02
CA LEU B 153 -72.41 -0.14 20.94
C LEU B 153 -71.47 1.00 21.29
N VAL B 154 -70.19 0.73 21.19
CA VAL B 154 -69.17 1.77 21.33
C VAL B 154 -68.39 1.82 20.04
N GLY B 155 -68.38 2.98 19.41
CA GLY B 155 -67.80 3.13 18.08
C GLY B 155 -66.29 3.00 18.09
N VAL B 156 -65.77 2.83 16.88
CA VAL B 156 -64.34 2.66 16.71
C VAL B 156 -63.65 3.97 17.02
N ASP B 157 -62.58 3.91 17.82
CA ASP B 157 -61.76 5.05 18.24
C ASP B 157 -62.61 6.09 18.97
N GLU B 158 -63.22 5.64 20.06
CA GLU B 158 -64.09 6.49 20.85
C GLU B 158 -63.76 6.33 22.32
N LYS B 159 -64.57 6.96 23.16
CA LYS B 159 -64.46 6.82 24.61
C LYS B 159 -65.76 6.24 25.10
N LEU B 160 -65.88 6.15 26.42
CA LEU B 160 -67.06 5.54 27.03
C LEU B 160 -67.57 6.49 28.09
N ASN B 161 -68.68 7.16 27.81
CA ASN B 161 -69.25 8.13 28.72
C ASN B 161 -69.90 7.40 29.90
N PRO B 162 -69.48 7.67 31.13
CA PRO B 162 -70.10 7.00 32.28
C PRO B 162 -71.55 7.37 32.50
N GLU B 163 -71.97 8.56 32.09
CA GLU B 163 -73.38 8.93 32.15
C GLU B 163 -74.22 8.04 31.24
N ASP B 164 -73.67 7.63 30.09
CA ASP B 164 -74.39 6.73 29.20
C ASP B 164 -74.55 5.35 29.82
N ILE B 165 -73.55 4.90 30.57
CA ILE B 165 -73.69 3.63 31.27
C ILE B 165 -74.75 3.73 32.35
N LYS B 166 -74.75 4.85 33.08
CA LYS B 166 -75.76 5.06 34.13
C LYS B 166 -77.15 5.13 33.56
N LYS B 167 -77.29 5.63 32.34
CA LYS B 167 -78.61 5.82 31.79
C LYS B 167 -79.09 4.67 30.92
N HIS B 168 -78.18 3.80 30.46
CA HIS B 168 -78.59 2.73 29.56
C HIS B 168 -78.17 1.33 29.98
N LEU B 169 -77.01 1.14 30.61
CA LEU B 169 -76.53 -0.19 30.94
C LEU B 169 -76.92 -0.63 32.34
N LEU B 170 -77.49 0.25 33.16
CA LEU B 170 -77.81 -0.12 34.53
C LEU B 170 -79.26 0.21 34.84
N VAL B 171 -80.14 0.00 33.87
CA VAL B 171 -81.54 0.37 34.07
C VAL B 171 -82.26 -0.68 34.90
N HIS B 172 -81.74 -1.90 34.95
CA HIS B 172 -82.33 -2.95 35.78
C HIS B 172 -81.48 -3.28 37.00
N ALA B 173 -80.33 -2.63 37.15
CA ALA B 173 -79.47 -2.87 38.29
C ALA B 173 -80.10 -2.26 39.55
N PRO B 174 -79.75 -2.78 40.72
CA PRO B 174 -80.19 -2.12 41.97
C PRO B 174 -79.54 -0.76 42.13
N GLU B 175 -80.22 0.12 42.88
CA GLU B 175 -79.84 1.53 42.96
C GLU B 175 -78.50 1.73 43.66
N ASP B 176 -78.37 1.18 44.88
CA ASP B 176 -77.16 1.39 45.68
C ASP B 176 -75.93 0.75 45.08
N LYS B 177 -76.11 -0.21 44.18
CA LYS B 177 -75.02 -0.85 43.48
C LYS B 177 -74.78 -0.25 42.10
N LYS B 178 -75.44 0.85 41.74
CA LYS B 178 -75.20 1.43 40.43
C LYS B 178 -73.80 2.02 40.33
N GLU B 179 -73.48 2.96 41.22
CA GLU B 179 -72.37 3.88 41.00
C GLU B 179 -71.02 3.16 41.05
N ILE B 180 -70.95 2.06 41.78
CA ILE B 180 -69.70 1.32 41.82
C ILE B 180 -69.50 0.52 40.54
N LEU B 181 -70.59 0.05 39.93
CA LEU B 181 -70.47 -0.68 38.66
C LEU B 181 -70.06 0.24 37.54
N ALA B 182 -70.59 1.47 37.54
CA ALA B 182 -70.10 2.49 36.62
C ALA B 182 -68.68 2.92 37.01
N SER B 183 -68.30 2.71 38.26
CA SER B 183 -66.91 2.88 38.63
C SER B 183 -66.04 1.76 38.10
N PHE B 184 -66.65 0.63 37.74
CA PHE B 184 -65.91 -0.56 37.36
C PHE B 184 -65.81 -0.69 35.84
N ILE B 185 -66.96 -0.66 35.14
CA ILE B 185 -67.00 -0.92 33.71
C ILE B 185 -66.24 0.16 32.95
N SER B 186 -66.40 1.42 33.36
CA SER B 186 -65.68 2.52 32.73
C SER B 186 -64.19 2.42 32.96
N GLY B 187 -63.78 1.74 34.03
CA GLY B 187 -62.39 1.39 34.16
C GLY B 187 -62.03 0.25 33.25
N LEU B 188 -62.88 -0.78 33.20
CA LEU B 188 -62.51 -2.06 32.59
C LEU B 188 -62.32 -1.92 31.09
N PHE B 189 -63.19 -1.14 30.45
CA PHE B 189 -63.06 -0.87 29.02
C PHE B 189 -61.74 -0.17 28.72
N ASN B 190 -61.33 0.75 29.60
CA ASN B 190 -60.01 1.36 29.47
C ASN B 190 -58.92 0.32 29.54
N PHE B 191 -59.06 -0.63 30.48
CA PHE B 191 -58.21 -1.82 30.50
C PHE B 191 -58.32 -2.60 29.21
N TYR B 192 -59.55 -2.78 28.73
CA TYR B 192 -59.80 -3.47 27.47
C TYR B 192 -59.14 -2.76 26.31
N GLU B 193 -59.00 -1.44 26.39
CA GLU B 193 -58.44 -0.75 25.25
C GLU B 193 -56.93 -0.78 25.33
N ASP B 194 -56.39 -0.89 26.54
CA ASP B 194 -54.97 -0.61 26.66
C ASP B 194 -54.14 -1.87 26.44
N LEU B 195 -54.79 -3.03 26.42
CA LEU B 195 -54.09 -4.29 26.26
C LEU B 195 -54.48 -5.06 25.01
N TYR B 196 -55.38 -4.50 24.19
CA TYR B 196 -55.76 -5.04 22.89
C TYR B 196 -56.37 -6.44 22.98
N PHE B 197 -57.22 -6.64 23.98
CA PHE B 197 -58.12 -7.78 24.02
C PHE B 197 -59.11 -7.76 22.86
N THR B 198 -59.77 -8.89 22.64
CA THR B 198 -60.92 -8.95 21.76
C THR B 198 -62.17 -9.46 22.45
N TYR B 199 -62.03 -10.21 23.53
CA TYR B 199 -63.15 -10.89 24.16
C TYR B 199 -62.79 -11.07 25.62
N LEU B 200 -63.53 -10.41 26.50
CA LEU B 200 -63.27 -10.41 27.94
C LEU B 200 -64.61 -10.59 28.64
N GLU B 201 -64.80 -11.76 29.22
CA GLU B 201 -66.08 -12.13 29.81
C GLU B 201 -65.88 -12.51 31.27
N ILE B 202 -66.67 -11.89 32.14
CA ILE B 202 -66.64 -12.17 33.57
C ILE B 202 -68.06 -12.57 33.96
N ASN B 203 -68.20 -13.82 34.41
CA ASN B 203 -69.47 -14.41 34.79
C ASN B 203 -69.16 -15.42 35.88
N PRO B 204 -69.57 -15.19 37.14
CA PRO B 204 -70.34 -14.03 37.58
C PRO B 204 -69.46 -12.87 38.00
N LEU B 205 -70.07 -11.71 38.19
CA LEU B 205 -69.40 -10.57 38.78
C LEU B 205 -70.08 -10.26 40.11
N VAL B 206 -69.29 -10.20 41.17
CA VAL B 206 -69.82 -10.15 42.53
C VAL B 206 -69.50 -8.80 43.15
N VAL B 207 -70.53 -8.07 43.55
CA VAL B 207 -70.37 -6.83 44.30
C VAL B 207 -71.19 -6.99 45.58
N THR B 208 -70.49 -7.24 46.69
CA THR B 208 -71.13 -7.25 48.00
C THR B 208 -70.92 -5.90 48.67
N LYS B 209 -71.23 -5.81 49.96
CA LYS B 209 -70.94 -4.58 50.70
C LYS B 209 -69.46 -4.43 50.96
N ASP B 210 -68.70 -5.51 50.88
CA ASP B 210 -67.28 -5.46 51.13
C ASP B 210 -66.51 -4.81 50.00
N GLY B 211 -67.01 -4.89 48.77
CA GLY B 211 -66.33 -4.36 47.61
C GLY B 211 -66.53 -5.27 46.42
N VAL B 212 -65.69 -5.08 45.41
CA VAL B 212 -65.79 -5.77 44.14
C VAL B 212 -64.65 -6.77 44.04
N TYR B 213 -64.97 -8.00 43.67
CA TYR B 213 -63.93 -8.98 43.41
C TYR B 213 -64.43 -9.90 42.30
N VAL B 214 -63.49 -10.46 41.56
CA VAL B 214 -63.75 -11.10 40.28
C VAL B 214 -63.58 -12.61 40.47
N LEU B 215 -64.59 -13.38 40.03
CA LEU B 215 -64.51 -14.82 40.23
C LEU B 215 -63.95 -15.54 39.02
N ASP B 216 -64.45 -15.23 37.83
CA ASP B 216 -64.13 -15.97 36.63
C ASP B 216 -63.58 -14.98 35.61
N LEU B 217 -62.84 -15.47 34.62
CA LEU B 217 -62.38 -14.62 33.55
C LEU B 217 -62.15 -15.49 32.32
N ALA B 218 -62.69 -15.07 31.18
CA ALA B 218 -62.43 -15.72 29.92
C ALA B 218 -61.97 -14.66 28.94
N ALA B 219 -60.81 -14.86 28.34
CA ALA B 219 -60.28 -13.77 27.55
C ALA B 219 -59.53 -14.29 26.35
N LYS B 220 -59.59 -13.49 25.30
CA LYS B 220 -58.84 -13.71 24.08
C LYS B 220 -58.14 -12.41 23.71
N VAL B 221 -56.85 -12.49 23.42
CA VAL B 221 -56.07 -11.32 23.06
C VAL B 221 -55.66 -11.42 21.60
N ASP B 222 -55.42 -10.27 20.99
CA ASP B 222 -54.93 -10.14 19.63
C ASP B 222 -53.43 -10.41 19.64
N ALA B 223 -53.03 -11.58 19.14
CA ALA B 223 -51.65 -12.00 19.29
C ALA B 223 -50.71 -11.26 18.35
N THR B 224 -51.25 -10.59 17.35
CA THR B 224 -50.39 -9.82 16.45
C THR B 224 -50.07 -8.45 17.00
N ALA B 225 -50.62 -8.09 18.15
CA ALA B 225 -50.44 -6.76 18.73
C ALA B 225 -49.42 -6.76 19.85
N ASP B 226 -48.37 -7.57 19.76
CA ASP B 226 -47.41 -7.64 20.85
CA ASP B 226 -47.41 -7.65 20.84
C ASP B 226 -46.44 -6.48 20.80
N TYR B 227 -46.17 -5.95 19.62
CA TYR B 227 -45.13 -4.95 19.45
C TYR B 227 -45.48 -3.60 20.08
N ILE B 228 -46.74 -3.39 20.46
CA ILE B 228 -47.05 -2.32 21.40
C ILE B 228 -47.02 -2.82 22.83
N CYS B 229 -47.62 -3.96 23.12
CA CYS B 229 -48.08 -4.25 24.46
C CYS B 229 -47.21 -5.29 25.17
N LYS B 230 -46.02 -5.58 24.66
CA LYS B 230 -45.29 -6.74 25.15
C LYS B 230 -44.65 -6.45 26.49
N VAL B 231 -44.42 -5.16 26.80
CA VAL B 231 -44.03 -4.81 28.15
C VAL B 231 -45.21 -4.95 29.10
N LYS B 232 -46.39 -4.58 28.63
CA LYS B 232 -47.60 -4.68 29.46
C LYS B 232 -47.94 -6.15 29.70
N TRP B 233 -47.83 -6.92 28.63
CA TRP B 233 -48.11 -8.35 28.63
C TRP B 233 -47.13 -9.15 29.49
N GLY B 234 -45.88 -8.73 29.48
CA GLY B 234 -44.86 -9.45 30.24
C GLY B 234 -44.79 -10.82 29.62
N ASP B 235 -44.86 -11.87 30.42
CA ASP B 235 -44.80 -13.21 29.86
C ASP B 235 -46.23 -13.70 29.66
N ILE B 236 -46.56 -14.02 28.42
CA ILE B 236 -47.90 -14.49 28.09
C ILE B 236 -47.89 -15.87 27.45
N GLU B 237 -48.73 -16.76 27.97
CA GLU B 237 -48.81 -18.11 27.44
C GLU B 237 -50.22 -18.38 26.93
N PHE B 238 -50.30 -18.90 25.71
CA PHE B 238 -51.59 -19.21 25.11
C PHE B 238 -51.80 -20.71 25.23
N PRO B 239 -52.93 -21.10 25.80
CA PRO B 239 -53.21 -22.53 26.00
C PRO B 239 -53.96 -23.13 24.83
N PRO B 240 -53.81 -24.43 24.59
CA PRO B 240 -54.56 -25.09 23.52
C PRO B 240 -55.99 -25.34 23.95
N PRO B 241 -56.88 -25.67 23.01
CA PRO B 241 -58.23 -26.10 23.39
C PRO B 241 -58.19 -27.44 24.12
N PHE B 242 -59.30 -27.75 24.77
CA PHE B 242 -59.29 -28.92 25.65
C PHE B 242 -59.46 -30.19 24.82
N GLY B 243 -58.34 -30.78 24.41
CA GLY B 243 -58.35 -32.00 23.63
C GLY B 243 -57.32 -32.98 24.16
N ARG B 244 -56.90 -33.89 23.28
CA ARG B 244 -55.86 -34.82 23.65
C ARG B 244 -54.52 -34.10 23.73
N GLU B 245 -53.61 -34.83 24.18
CA GLU B 245 -52.31 -34.24 24.35
C GLU B 245 -51.63 -34.05 22.99
N ALA B 246 -51.02 -32.87 22.84
CA ALA B 246 -50.26 -32.54 21.65
C ALA B 246 -48.97 -33.35 21.67
N TYR B 247 -48.65 -34.00 20.55
CA TYR B 247 -47.39 -34.69 20.38
C TYR B 247 -46.22 -33.73 20.49
N PRO B 248 -45.03 -34.24 20.83
CA PRO B 248 -43.82 -33.42 20.69
C PRO B 248 -43.47 -33.12 19.24
N GLU B 249 -44.03 -33.87 18.30
CA GLU B 249 -43.88 -33.56 16.88
C GLU B 249 -44.53 -32.23 16.55
N GLU B 250 -45.75 -31.99 17.07
CA GLU B 250 -46.42 -30.72 16.85
C GLU B 250 -45.69 -29.59 17.56
N ALA B 251 -45.05 -29.89 18.69
CA ALA B 251 -44.22 -28.89 19.35
C ALA B 251 -42.98 -28.56 18.53
N TYR B 252 -42.43 -29.57 17.85
CA TYR B 252 -41.24 -29.35 17.01
C TYR B 252 -41.58 -28.55 15.77
N ILE B 253 -42.80 -28.73 15.23
CA ILE B 253 -43.22 -27.93 14.09
C ILE B 253 -43.67 -26.54 14.54
N ALA B 254 -44.29 -26.45 15.72
CA ALA B 254 -44.66 -25.15 16.27
C ALA B 254 -43.43 -24.34 16.65
N ASP B 255 -42.30 -25.01 16.90
CA ASP B 255 -41.04 -24.31 17.12
C ASP B 255 -40.55 -23.70 15.81
N LEU B 256 -40.93 -24.29 14.67
CA LEU B 256 -40.56 -23.68 13.40
C LEU B 256 -41.35 -22.41 13.13
N ASP B 257 -42.49 -22.24 13.79
CA ASP B 257 -43.18 -20.95 13.75
C ASP B 257 -42.43 -19.89 14.52
N ALA B 258 -41.65 -20.29 15.53
CA ALA B 258 -41.19 -19.36 16.55
C ALA B 258 -39.98 -18.56 16.08
N LYS B 259 -38.88 -19.24 15.80
CA LYS B 259 -37.63 -18.55 15.47
C LYS B 259 -37.58 -18.06 14.03
N SER B 260 -38.55 -18.43 13.20
CA SER B 260 -38.54 -18.08 11.79
C SER B 260 -39.44 -16.87 11.55
N GLY B 261 -39.67 -16.57 10.28
CA GLY B 261 -40.64 -15.57 9.88
C GLY B 261 -41.80 -16.17 9.13
N ALA B 262 -41.81 -17.50 9.04
CA ALA B 262 -42.80 -18.22 8.27
C ALA B 262 -44.07 -18.42 9.09
N SER B 263 -44.94 -19.29 8.59
CA SER B 263 -46.12 -19.74 9.31
C SER B 263 -46.39 -21.18 8.91
N LEU B 264 -46.18 -22.11 9.83
CA LEU B 264 -46.35 -23.53 9.51
C LEU B 264 -46.73 -24.30 10.76
N LYS B 265 -48.02 -24.56 10.92
CA LYS B 265 -48.54 -25.31 12.06
C LYS B 265 -49.03 -26.67 11.56
N LEU B 266 -48.92 -27.67 12.43
CA LEU B 266 -49.21 -29.05 12.04
C LEU B 266 -50.23 -29.61 13.04
N THR B 267 -51.41 -29.97 12.54
CA THR B 267 -52.47 -30.55 13.34
C THR B 267 -52.77 -31.94 12.81
N LEU B 268 -52.21 -32.96 13.45
CA LEU B 268 -52.39 -34.34 13.03
C LEU B 268 -53.38 -35.01 13.97
N LEU B 269 -54.29 -35.82 13.41
CA LEU B 269 -55.35 -36.37 14.25
C LEU B 269 -55.44 -37.88 14.14
N ASN B 270 -55.01 -38.45 13.02
CA ASN B 270 -55.10 -39.89 12.83
C ASN B 270 -53.78 -40.40 12.27
N PRO B 271 -52.86 -40.87 13.11
CA PRO B 271 -51.53 -41.27 12.60
C PRO B 271 -51.53 -42.53 11.73
N LYS B 272 -52.60 -43.32 11.76
CA LYS B 272 -52.65 -44.56 11.00
C LYS B 272 -53.53 -44.47 9.76
N GLY B 273 -53.45 -43.36 9.02
CA GLY B 273 -54.23 -43.24 7.80
C GLY B 273 -53.39 -43.41 6.55
N ARG B 274 -54.08 -43.65 5.43
CA ARG B 274 -53.42 -43.78 4.15
C ARG B 274 -53.38 -42.47 3.38
N ILE B 275 -53.94 -41.39 3.94
CA ILE B 275 -53.93 -40.10 3.30
C ILE B 275 -53.15 -39.13 4.17
N TRP B 276 -52.12 -38.52 3.58
CA TRP B 276 -51.32 -37.51 4.25
C TRP B 276 -51.31 -36.27 3.37
N THR B 277 -50.77 -35.16 3.89
CA THR B 277 -50.76 -33.90 3.15
C THR B 277 -49.42 -33.20 3.29
N MET B 278 -49.01 -32.53 2.22
CA MET B 278 -47.92 -31.54 2.23
C MET B 278 -48.40 -30.39 1.35
N VAL B 279 -49.10 -29.44 1.96
CA VAL B 279 -49.88 -28.46 1.20
C VAL B 279 -49.28 -27.09 1.48
N ALA B 280 -48.87 -26.39 0.43
CA ALA B 280 -48.34 -25.05 0.56
C ALA B 280 -49.46 -24.03 0.38
N GLY B 281 -49.62 -23.14 1.35
CA GLY B 281 -50.66 -22.13 1.28
C GLY B 281 -51.67 -22.24 2.39
N GLY B 282 -52.13 -21.09 2.90
CA GLY B 282 -53.12 -21.11 3.95
C GLY B 282 -54.49 -21.52 3.44
N GLY B 283 -54.73 -21.32 2.15
CA GLY B 283 -56.04 -21.62 1.61
C GLY B 283 -56.17 -23.05 1.12
N ALA B 284 -55.11 -23.58 0.50
CA ALA B 284 -55.25 -24.83 -0.24
C ALA B 284 -55.31 -26.04 0.69
N SER B 285 -54.83 -25.92 1.93
CA SER B 285 -54.96 -27.01 2.89
C SER B 285 -56.42 -27.25 3.24
N VAL B 286 -57.19 -26.18 3.34
CA VAL B 286 -58.63 -26.25 3.52
C VAL B 286 -59.31 -26.91 2.33
N VAL B 287 -58.77 -26.67 1.12
CA VAL B 287 -59.40 -27.21 -0.09
C VAL B 287 -59.16 -28.72 -0.19
N TYR B 288 -57.93 -29.16 0.08
CA TYR B 288 -57.67 -30.60 0.11
C TYR B 288 -58.42 -31.28 1.25
N SER B 289 -58.54 -30.62 2.40
CA SER B 289 -59.28 -31.22 3.51
C SER B 289 -60.78 -31.28 3.20
N ASP B 290 -61.25 -30.40 2.32
CA ASP B 290 -62.60 -30.55 1.79
C ASP B 290 -62.70 -31.78 0.89
N THR B 291 -61.83 -31.88 -0.12
CA THR B 291 -62.06 -32.83 -1.20
C THR B 291 -61.76 -34.26 -0.77
N ILE B 292 -60.71 -34.45 0.03
CA ILE B 292 -60.36 -35.75 0.61
C ILE B 292 -61.50 -36.32 1.46
N CYS B 293 -62.05 -35.50 2.35
CA CYS B 293 -63.14 -35.99 3.19
C CYS B 293 -64.45 -36.08 2.41
N ASP B 294 -64.55 -35.34 1.30
CA ASP B 294 -65.73 -35.43 0.46
C ASP B 294 -65.74 -36.69 -0.39
N LEU B 295 -64.58 -37.23 -0.73
CA LEU B 295 -64.51 -38.49 -1.46
C LEU B 295 -64.46 -39.71 -0.55
N GLY B 296 -64.97 -39.60 0.67
CA GLY B 296 -65.18 -40.76 1.52
C GLY B 296 -63.93 -41.38 2.10
N GLY B 297 -62.77 -40.76 1.96
CA GLY B 297 -61.56 -41.28 2.57
C GLY B 297 -61.26 -40.59 3.89
N VAL B 298 -62.31 -40.02 4.50
CA VAL B 298 -62.19 -39.18 5.68
C VAL B 298 -61.64 -39.95 6.88
N ASN B 299 -61.89 -41.26 6.94
CA ASN B 299 -61.41 -42.07 8.04
C ASN B 299 -59.92 -42.38 7.93
N GLU B 300 -59.31 -42.10 6.78
CA GLU B 300 -57.90 -42.36 6.56
C GLU B 300 -57.09 -41.08 6.38
N LEU B 301 -57.70 -39.92 6.59
CA LEU B 301 -56.94 -38.68 6.57
C LEU B 301 -56.06 -38.60 7.80
N ALA B 302 -54.88 -38.03 7.66
CA ALA B 302 -54.00 -37.94 8.81
C ALA B 302 -53.88 -36.53 9.37
N ASN B 303 -53.54 -35.55 8.55
CA ASN B 303 -53.23 -34.22 9.06
C ASN B 303 -53.70 -33.18 8.06
N TYR B 304 -53.79 -31.93 8.50
CA TYR B 304 -53.74 -30.83 7.57
C TYR B 304 -52.90 -29.73 8.20
N GLY B 305 -52.06 -29.09 7.40
CA GLY B 305 -51.19 -28.07 7.92
C GLY B 305 -50.98 -26.91 6.98
N GLU B 306 -51.20 -25.70 7.46
CA GLU B 306 -50.89 -24.53 6.66
C GLU B 306 -49.38 -24.34 6.59
N TYR B 307 -48.94 -23.66 5.53
CA TYR B 307 -47.55 -23.45 5.20
C TYR B 307 -47.50 -22.26 4.26
N SER B 308 -46.93 -21.15 4.73
CA SER B 308 -46.87 -19.95 3.92
C SER B 308 -45.62 -19.18 4.29
N GLY B 309 -45.46 -18.00 3.70
CA GLY B 309 -44.37 -17.13 4.06
C GLY B 309 -43.05 -17.42 3.39
N ALA B 310 -42.97 -18.55 2.66
CA ALA B 310 -41.80 -19.03 1.93
C ALA B 310 -40.56 -19.08 2.82
N PRO B 311 -40.46 -20.03 3.75
CA PRO B 311 -39.27 -20.09 4.60
C PRO B 311 -38.06 -20.60 3.84
N SER B 312 -36.94 -20.70 4.55
CA SER B 312 -35.72 -21.21 3.95
C SER B 312 -35.86 -22.68 3.62
N GLU B 313 -34.92 -23.18 2.80
CA GLU B 313 -34.96 -24.56 2.35
C GLU B 313 -34.74 -25.54 3.50
N GLN B 314 -33.99 -25.13 4.51
CA GLN B 314 -33.70 -26.02 5.63
C GLN B 314 -34.92 -26.17 6.54
N GLN B 315 -35.75 -25.14 6.65
CA GLN B 315 -36.94 -25.25 7.47
C GLN B 315 -38.01 -26.10 6.80
N THR B 316 -38.10 -26.00 5.47
CA THR B 316 -38.99 -26.91 4.74
C THR B 316 -38.45 -28.32 4.79
N TYR B 317 -37.13 -28.48 4.81
CA TYR B 317 -36.53 -29.79 5.06
C TYR B 317 -36.90 -30.33 6.43
N ASP B 318 -36.94 -29.46 7.44
CA ASP B 318 -37.29 -29.91 8.79
C ASP B 318 -38.76 -30.31 8.87
N TYR B 319 -39.63 -29.52 8.24
CA TYR B 319 -41.06 -29.84 8.18
C TYR B 319 -41.29 -31.15 7.45
N ALA B 320 -40.58 -31.36 6.34
CA ALA B 320 -40.77 -32.57 5.56
C ALA B 320 -40.12 -33.77 6.22
N LYS B 321 -39.03 -33.57 6.98
CA LYS B 321 -38.45 -34.72 7.67
C LYS B 321 -39.28 -35.11 8.87
N THR B 322 -40.00 -34.15 9.47
CA THR B 322 -40.96 -34.49 10.52
C THR B 322 -42.11 -35.31 9.95
N ILE B 323 -42.68 -34.87 8.83
CA ILE B 323 -43.81 -35.61 8.28
C ILE B 323 -43.37 -36.95 7.68
N LEU B 324 -42.19 -37.03 7.06
CA LEU B 324 -41.70 -38.32 6.60
C LEU B 324 -41.22 -39.21 7.73
N SER B 325 -40.86 -38.63 8.88
CA SER B 325 -40.57 -39.45 10.05
C SER B 325 -41.87 -40.03 10.61
N LEU B 326 -42.97 -39.29 10.48
CA LEU B 326 -44.26 -39.86 10.84
C LEU B 326 -44.80 -40.82 9.80
N MET B 327 -44.26 -40.81 8.58
CA MET B 327 -44.74 -41.74 7.55
C MET B 327 -44.34 -43.18 7.85
N THR B 328 -43.06 -43.42 8.11
CA THR B 328 -42.47 -44.76 8.01
C THR B 328 -42.39 -45.49 9.34
N ARG B 329 -43.40 -45.34 10.20
CA ARG B 329 -43.31 -45.98 11.50
C ARG B 329 -43.75 -47.45 11.44
N GLU B 330 -44.94 -47.73 10.92
CA GLU B 330 -45.33 -49.13 10.74
C GLU B 330 -46.18 -49.28 9.49
N LYS B 331 -46.44 -50.52 9.13
CA LYS B 331 -46.96 -50.83 7.80
C LYS B 331 -48.48 -50.95 7.81
N HIS B 332 -49.14 -50.15 6.99
CA HIS B 332 -50.49 -50.63 6.76
C HIS B 332 -50.57 -51.30 5.40
N PRO B 333 -51.34 -52.40 5.27
CA PRO B 333 -51.31 -53.15 4.00
C PRO B 333 -51.97 -52.47 2.81
N ASP B 334 -52.70 -51.37 3.01
CA ASP B 334 -53.26 -50.67 1.85
C ASP B 334 -52.23 -49.82 1.13
N GLY B 335 -51.49 -49.00 1.87
CA GLY B 335 -50.53 -48.11 1.26
C GLY B 335 -50.87 -46.64 1.43
N LYS B 336 -49.88 -45.87 1.87
CA LYS B 336 -50.08 -44.47 2.23
C LYS B 336 -49.91 -43.56 1.02
N ILE B 337 -50.81 -42.58 0.90
CA ILE B 337 -50.82 -41.67 -0.23
C ILE B 337 -50.47 -40.29 0.28
N LEU B 338 -49.28 -39.80 -0.07
CA LEU B 338 -48.87 -38.47 0.30
C LEU B 338 -49.20 -37.49 -0.81
N ILE B 339 -50.02 -36.49 -0.48
CA ILE B 339 -50.42 -35.46 -1.43
C ILE B 339 -49.57 -34.23 -1.22
N ILE B 340 -48.88 -33.80 -2.27
CA ILE B 340 -48.01 -32.64 -2.24
C ILE B 340 -48.48 -31.68 -3.32
N GLY B 341 -48.80 -30.46 -2.93
CA GLY B 341 -49.20 -29.45 -3.88
C GLY B 341 -50.09 -28.43 -3.23
N GLY B 342 -50.28 -27.31 -3.93
CA GLY B 342 -51.11 -26.26 -3.39
C GLY B 342 -51.05 -25.00 -4.23
N SER B 343 -51.20 -23.86 -3.54
CA SER B 343 -51.26 -22.58 -4.23
C SER B 343 -50.64 -21.47 -3.41
N ILE B 344 -49.59 -20.84 -3.95
CA ILE B 344 -48.94 -19.69 -3.35
C ILE B 344 -49.12 -18.52 -4.32
N ALA B 345 -49.22 -17.31 -3.77
CA ALA B 345 -49.20 -16.11 -4.59
C ALA B 345 -47.82 -15.53 -4.79
N ASN B 346 -46.96 -15.61 -3.77
CA ASN B 346 -45.62 -15.02 -3.81
C ASN B 346 -44.60 -16.12 -4.06
N PHE B 347 -44.22 -16.31 -5.32
CA PHE B 347 -43.20 -17.29 -5.63
C PHE B 347 -41.82 -16.68 -5.49
N THR B 348 -41.15 -17.00 -4.38
CA THR B 348 -39.88 -16.39 -4.03
C THR B 348 -38.77 -17.41 -3.84
N ASN B 349 -39.08 -18.57 -3.27
CA ASN B 349 -38.11 -19.63 -3.03
C ASN B 349 -38.47 -20.88 -3.82
N VAL B 350 -38.79 -20.72 -5.10
CA VAL B 350 -39.08 -21.86 -5.96
C VAL B 350 -37.88 -22.78 -6.11
N ALA B 351 -36.68 -22.22 -6.19
CA ALA B 351 -35.47 -23.02 -6.25
C ALA B 351 -35.11 -23.68 -4.93
N ALA B 352 -35.55 -23.11 -3.81
CA ALA B 352 -35.10 -23.61 -2.51
C ALA B 352 -35.98 -24.73 -1.99
N THR B 353 -37.31 -24.58 -2.10
CA THR B 353 -38.21 -25.50 -1.43
C THR B 353 -38.20 -26.88 -2.09
N PHE B 354 -37.98 -26.92 -3.40
CA PHE B 354 -37.78 -28.21 -4.07
C PHE B 354 -36.45 -28.83 -3.71
N LYS B 355 -35.49 -28.06 -3.19
CA LYS B 355 -34.26 -28.67 -2.72
C LYS B 355 -34.44 -29.24 -1.32
N GLY B 356 -35.49 -28.86 -0.62
CA GLY B 356 -35.75 -29.44 0.68
C GLY B 356 -36.39 -30.81 0.59
N ILE B 357 -37.53 -30.86 -0.10
CA ILE B 357 -38.39 -32.04 -0.08
C ILE B 357 -37.76 -33.19 -0.87
N VAL B 358 -36.99 -32.86 -1.90
CA VAL B 358 -36.15 -33.85 -2.57
C VAL B 358 -35.12 -34.43 -1.60
N ARG B 359 -34.50 -33.56 -0.80
CA ARG B 359 -33.50 -34.05 0.15
C ARG B 359 -34.17 -34.82 1.29
N ALA B 360 -35.41 -34.50 1.60
CA ALA B 360 -36.13 -35.28 2.59
C ALA B 360 -36.57 -36.63 2.03
N ILE B 361 -36.93 -36.70 0.75
CA ILE B 361 -37.26 -37.99 0.15
C ILE B 361 -36.00 -38.85 -0.01
N ARG B 362 -34.91 -38.28 -0.51
CA ARG B 362 -33.74 -39.12 -0.81
C ARG B 362 -32.97 -39.49 0.46
N ASP B 363 -33.35 -38.94 1.61
CA ASP B 363 -32.78 -39.43 2.86
C ASP B 363 -33.64 -40.50 3.51
N TYR B 364 -34.69 -40.97 2.84
CA TYR B 364 -35.50 -42.07 3.36
C TYR B 364 -35.90 -43.09 2.30
N GLN B 365 -35.03 -43.39 1.32
CA GLN B 365 -35.44 -44.29 0.23
C GLN B 365 -35.59 -45.72 0.71
N GLY B 366 -34.92 -46.07 1.80
CA GLY B 366 -35.07 -47.37 2.42
C GLY B 366 -36.46 -47.55 2.97
N PRO B 367 -36.80 -46.80 4.03
CA PRO B 367 -38.12 -46.98 4.67
C PRO B 367 -39.32 -46.57 3.82
N LEU B 368 -39.19 -45.60 2.91
CA LEU B 368 -40.36 -45.15 2.15
C LEU B 368 -40.84 -46.19 1.14
N LYS B 369 -39.91 -47.00 0.60
CA LYS B 369 -40.36 -48.07 -0.28
C LYS B 369 -41.08 -49.17 0.50
N GLU B 370 -40.46 -49.67 1.56
CA GLU B 370 -41.03 -50.77 2.32
C GLU B 370 -42.09 -50.33 3.33
N HIS B 371 -42.51 -49.07 3.29
CA HIS B 371 -43.79 -48.67 3.85
C HIS B 371 -44.80 -48.34 2.76
N GLU B 372 -44.42 -48.52 1.47
CA GLU B 372 -45.31 -48.48 0.31
C GLU B 372 -46.04 -47.14 0.17
N VAL B 373 -45.27 -46.10 -0.15
CA VAL B 373 -45.84 -44.76 -0.28
C VAL B 373 -45.97 -44.41 -1.76
N THR B 374 -47.16 -43.92 -2.14
CA THR B 374 -47.43 -43.52 -3.53
C THR B 374 -47.72 -42.03 -3.55
N ILE B 375 -46.73 -41.24 -3.96
CA ILE B 375 -46.77 -39.78 -3.81
C ILE B 375 -47.39 -39.19 -5.06
N PHE B 376 -48.30 -38.23 -4.87
CA PHE B 376 -48.80 -37.40 -5.98
C PHE B 376 -48.32 -35.98 -5.76
N VAL B 377 -47.48 -35.48 -6.67
CA VAL B 377 -46.97 -34.12 -6.62
C VAL B 377 -47.57 -33.35 -7.79
N ARG B 378 -48.10 -32.16 -7.50
CA ARG B 378 -48.55 -31.26 -8.55
C ARG B 378 -47.94 -29.88 -8.36
N ARG B 379 -47.45 -29.32 -9.46
CA ARG B 379 -46.86 -27.99 -9.46
C ARG B 379 -47.96 -26.98 -9.75
N GLY B 380 -47.76 -25.75 -9.31
CA GLY B 380 -48.59 -24.65 -9.72
C GLY B 380 -47.70 -23.45 -9.95
N GLY B 381 -48.20 -22.44 -10.64
CA GLY B 381 -47.43 -21.24 -10.86
C GLY B 381 -46.34 -21.40 -11.90
N PRO B 382 -45.09 -21.24 -11.49
CA PRO B 382 -43.98 -21.24 -12.45
C PRO B 382 -43.73 -22.62 -13.01
N ASN B 383 -43.23 -22.65 -14.25
CA ASN B 383 -42.88 -23.92 -14.88
C ASN B 383 -41.47 -24.34 -14.48
N TYR B 384 -41.31 -24.66 -13.19
CA TYR B 384 -40.00 -24.98 -12.64
C TYR B 384 -39.63 -26.40 -13.05
N GLN B 385 -38.94 -26.50 -14.18
CA GLN B 385 -38.75 -27.79 -14.83
C GLN B 385 -37.66 -28.59 -14.16
N GLU B 386 -36.74 -27.92 -13.47
CA GLU B 386 -35.66 -28.62 -12.80
C GLU B 386 -36.17 -29.44 -11.62
N GLY B 387 -37.14 -28.91 -10.87
CA GLY B 387 -37.70 -29.67 -9.77
C GLY B 387 -38.51 -30.86 -10.23
N LEU B 388 -39.29 -30.69 -11.29
CA LEU B 388 -40.01 -31.81 -11.90
C LEU B 388 -39.06 -32.87 -12.41
N ARG B 389 -37.94 -32.46 -12.98
CA ARG B 389 -36.95 -33.41 -13.46
C ARG B 389 -36.27 -34.15 -12.31
N VAL B 390 -35.95 -33.45 -11.22
CA VAL B 390 -35.25 -34.11 -10.12
C VAL B 390 -36.19 -35.06 -9.38
N MET B 391 -37.47 -34.70 -9.28
CA MET B 391 -38.47 -35.64 -8.78
C MET B 391 -38.57 -36.87 -9.69
N GLY B 392 -38.65 -36.66 -11.01
CA GLY B 392 -38.75 -37.79 -11.93
C GLY B 392 -37.51 -38.67 -11.96
N GLU B 393 -36.34 -38.11 -11.64
CA GLU B 393 -35.14 -38.93 -11.55
C GLU B 393 -35.04 -39.66 -10.23
N VAL B 394 -35.47 -39.04 -9.13
CA VAL B 394 -35.34 -39.72 -7.84
C VAL B 394 -36.43 -40.78 -7.70
N GLY B 395 -37.54 -40.63 -8.43
CA GLY B 395 -38.56 -41.67 -8.43
C GLY B 395 -38.11 -42.93 -9.16
N LYS B 396 -37.18 -42.77 -10.10
CA LYS B 396 -36.61 -43.93 -10.79
C LYS B 396 -35.39 -44.45 -10.06
N THR B 397 -34.68 -43.58 -9.37
CA THR B 397 -33.51 -44.03 -8.62
C THR B 397 -33.89 -44.79 -7.36
N THR B 398 -34.81 -44.24 -6.56
CA THR B 398 -35.27 -44.93 -5.37
C THR B 398 -36.17 -46.11 -5.72
N GLY B 399 -37.28 -45.82 -6.38
CA GLY B 399 -38.24 -46.83 -6.75
C GLY B 399 -39.60 -46.50 -6.20
N ILE B 400 -39.69 -45.40 -5.48
CA ILE B 400 -40.90 -44.91 -4.85
C ILE B 400 -41.85 -44.48 -5.98
N PRO B 401 -43.06 -45.01 -6.04
CA PRO B 401 -43.95 -44.64 -7.14
C PRO B 401 -44.50 -43.24 -6.98
N ILE B 402 -43.93 -42.27 -7.72
CA ILE B 402 -44.42 -40.91 -7.70
C ILE B 402 -45.23 -40.70 -8.96
N HIS B 403 -46.03 -39.65 -8.96
CA HIS B 403 -46.73 -39.22 -10.17
C HIS B 403 -46.72 -37.69 -10.18
N VAL B 404 -45.66 -37.11 -10.74
CA VAL B 404 -45.56 -35.65 -10.80
C VAL B 404 -46.41 -35.14 -11.95
N PHE B 405 -47.25 -34.17 -11.66
CA PHE B 405 -48.24 -33.71 -12.62
C PHE B 405 -47.96 -32.25 -12.96
N GLY B 406 -48.87 -31.64 -13.71
CA GLY B 406 -48.69 -30.29 -14.17
C GLY B 406 -49.93 -29.46 -13.91
N THR B 407 -49.94 -28.28 -14.54
CA THR B 407 -51.00 -27.33 -14.33
C THR B 407 -52.29 -27.77 -15.02
N GLU B 408 -52.19 -28.68 -15.99
CA GLU B 408 -53.36 -29.12 -16.75
C GLU B 408 -54.36 -29.92 -15.92
N THR B 409 -53.91 -30.56 -14.85
CA THR B 409 -54.81 -31.22 -13.92
C THR B 409 -55.25 -30.24 -12.85
N HIS B 410 -56.50 -30.34 -12.44
CA HIS B 410 -57.03 -29.41 -11.44
C HIS B 410 -56.46 -29.74 -10.07
N MET B 411 -56.51 -28.79 -9.15
CA MET B 411 -55.77 -28.89 -7.90
C MET B 411 -56.41 -29.89 -6.94
N THR B 412 -57.64 -30.29 -7.20
CA THR B 412 -58.23 -31.45 -6.55
C THR B 412 -58.53 -32.58 -7.52
N ALA B 413 -58.03 -32.52 -8.74
CA ALA B 413 -58.18 -33.65 -9.65
C ALA B 413 -57.31 -34.82 -9.22
N ILE B 414 -56.23 -34.54 -8.49
CA ILE B 414 -55.34 -35.60 -8.02
C ILE B 414 -55.97 -36.39 -6.88
N VAL B 415 -56.92 -35.81 -6.15
CA VAL B 415 -57.52 -36.51 -5.02
C VAL B 415 -58.40 -37.65 -5.53
N GLY B 416 -59.14 -37.39 -6.61
CA GLY B 416 -59.87 -38.46 -7.27
C GLY B 416 -58.96 -39.48 -7.93
N MET B 417 -57.75 -39.07 -8.32
CA MET B 417 -56.76 -40.01 -8.82
C MET B 417 -56.12 -40.81 -7.70
N ALA B 418 -56.21 -40.34 -6.47
CA ALA B 418 -55.70 -41.04 -5.31
C ALA B 418 -56.68 -42.01 -4.71
N LEU B 419 -57.96 -41.64 -4.61
CA LEU B 419 -58.93 -42.48 -3.91
C LEU B 419 -59.68 -43.41 -4.83
N GLY B 420 -59.12 -43.75 -5.99
CA GLY B 420 -59.71 -44.72 -6.87
C GLY B 420 -60.99 -44.24 -7.51
N HIS B 421 -60.89 -43.22 -8.35
CA HIS B 421 -62.06 -42.72 -9.07
C HIS B 421 -61.81 -42.48 -10.55
N ARG B 422 -60.56 -42.46 -10.99
CA ARG B 422 -60.18 -42.16 -12.37
C ARG B 422 -58.76 -42.65 -12.62
N PRO B 423 -58.45 -43.12 -13.83
CA PRO B 423 -57.11 -43.65 -14.10
C PRO B 423 -56.05 -42.55 -14.15
N ILE B 424 -54.82 -42.98 -14.40
CA ILE B 424 -53.64 -42.12 -14.25
C ILE B 424 -52.98 -41.92 -15.61
N PRO B 425 -53.23 -40.80 -16.30
CA PRO B 425 -52.51 -40.50 -17.55
C PRO B 425 -51.03 -40.18 -17.30
N GLY B 487 -65.97 9.53 -1.07
CA GLY B 487 -67.02 8.72 -1.66
C GLY B 487 -66.51 7.45 -2.30
N LYS B 488 -67.41 6.51 -2.57
CA LYS B 488 -67.01 5.25 -3.19
C LYS B 488 -66.88 5.42 -4.69
N SER B 489 -65.99 4.63 -5.29
CA SER B 489 -65.86 4.63 -6.75
C SER B 489 -66.59 3.43 -7.34
N THR B 490 -66.52 3.32 -8.67
CA THR B 490 -66.97 2.12 -9.37
C THR B 490 -65.84 1.49 -10.18
N THR B 491 -65.10 2.29 -10.94
CA THR B 491 -63.94 1.83 -11.71
C THR B 491 -62.69 2.25 -10.94
N LEU B 492 -62.02 1.27 -10.35
CA LEU B 492 -60.79 1.57 -9.62
C LEU B 492 -59.61 1.74 -10.56
N PHE B 493 -59.44 0.83 -11.52
CA PHE B 493 -58.21 0.76 -12.28
C PHE B 493 -58.51 0.87 -13.77
N SER B 494 -58.06 1.95 -14.39
CA SER B 494 -58.13 2.09 -15.83
C SER B 494 -56.77 1.71 -16.42
N ARG B 495 -56.64 1.83 -17.73
CA ARG B 495 -55.35 1.58 -18.36
C ARG B 495 -54.51 2.84 -18.42
N HIS B 496 -54.95 3.92 -17.78
CA HIS B 496 -54.13 5.09 -17.51
C HIS B 496 -53.91 5.28 -16.02
N THR B 497 -53.94 4.20 -15.25
CA THR B 497 -53.81 4.28 -13.81
C THR B 497 -52.33 4.32 -13.41
N LYS B 498 -51.97 5.31 -12.62
CA LYS B 498 -50.64 5.36 -12.01
C LYS B 498 -50.70 4.72 -10.63
N ALA B 499 -49.54 4.50 -10.03
CA ALA B 499 -49.49 3.95 -8.68
C ALA B 499 -48.19 4.36 -8.03
N ILE B 500 -48.22 4.52 -6.72
CA ILE B 500 -47.04 4.84 -5.94
C ILE B 500 -46.79 3.68 -4.99
N VAL B 501 -45.61 3.07 -5.11
CA VAL B 501 -45.24 1.90 -4.33
C VAL B 501 -44.56 2.36 -3.05
N TRP B 502 -45.20 2.12 -1.92
CA TRP B 502 -44.56 2.52 -0.68
C TRP B 502 -43.59 1.42 -0.26
N GLY B 503 -42.48 1.80 0.35
CA GLY B 503 -41.51 0.76 0.63
C GLY B 503 -40.64 0.53 -0.60
N MET B 504 -39.62 -0.32 -0.45
CA MET B 504 -38.74 -0.60 -1.58
C MET B 504 -38.86 -2.08 -1.94
N GLN B 505 -39.47 -2.34 -3.09
CA GLN B 505 -39.82 -3.66 -3.57
C GLN B 505 -39.50 -3.79 -5.05
N THR B 506 -38.23 -3.57 -5.41
CA THR B 506 -37.79 -3.56 -6.82
C THR B 506 -38.18 -4.78 -7.64
N ARG B 507 -38.37 -5.94 -6.99
CA ARG B 507 -38.93 -7.09 -7.67
C ARG B 507 -40.39 -6.87 -8.03
N ALA B 508 -41.19 -6.38 -7.08
CA ALA B 508 -42.61 -6.16 -7.35
C ALA B 508 -42.82 -5.02 -8.33
N VAL B 509 -41.97 -4.01 -8.30
CA VAL B 509 -42.11 -2.90 -9.23
C VAL B 509 -41.65 -3.31 -10.63
N GLN B 510 -40.63 -4.16 -10.69
CA GLN B 510 -40.23 -4.71 -11.98
C GLN B 510 -41.32 -5.59 -12.55
N GLY B 511 -42.01 -6.34 -11.69
CA GLY B 511 -43.16 -7.12 -12.11
C GLY B 511 -44.33 -6.28 -12.56
N MET B 512 -44.50 -5.09 -11.98
CA MET B 512 -45.44 -4.11 -12.52
C MET B 512 -45.08 -3.76 -13.95
N LEU B 513 -43.84 -3.27 -14.15
CA LEU B 513 -43.48 -2.64 -15.41
C LEU B 513 -43.42 -3.63 -16.55
N ASP B 514 -42.98 -4.87 -16.27
CA ASP B 514 -42.92 -5.85 -17.34
C ASP B 514 -44.31 -6.32 -17.74
N PHE B 515 -45.22 -6.46 -16.77
CA PHE B 515 -46.61 -6.73 -17.09
C PHE B 515 -47.23 -5.63 -17.92
N ASP B 516 -46.88 -4.38 -17.61
CA ASP B 516 -47.46 -3.27 -18.34
C ASP B 516 -46.92 -3.19 -19.76
N TYR B 517 -45.66 -3.55 -19.95
CA TYR B 517 -45.14 -3.59 -21.31
C TYR B 517 -45.70 -4.75 -22.10
N VAL B 518 -46.08 -5.84 -21.41
CA VAL B 518 -46.78 -6.91 -22.12
C VAL B 518 -48.19 -6.48 -22.48
N CYS B 519 -48.79 -5.59 -21.69
CA CYS B 519 -50.15 -5.13 -21.99
C CYS B 519 -50.19 -4.01 -23.03
N SER B 520 -49.07 -3.69 -23.67
CA SER B 520 -48.95 -2.68 -24.73
C SER B 520 -49.41 -1.31 -24.24
N ARG B 521 -49.13 -1.07 -22.97
CA ARG B 521 -49.51 0.15 -22.28
C ARG B 521 -48.58 1.29 -22.69
N ASP B 522 -49.15 2.49 -22.80
CA ASP B 522 -48.40 3.63 -23.33
C ASP B 522 -47.38 4.12 -22.32
N GLU B 523 -47.78 4.21 -21.07
CA GLU B 523 -47.00 4.76 -19.97
C GLU B 523 -46.63 3.63 -19.04
N PRO B 524 -45.80 3.83 -18.03
CA PRO B 524 -45.69 2.81 -16.97
C PRO B 524 -46.89 2.79 -16.04
N SER B 525 -46.83 2.01 -14.97
CA SER B 525 -47.84 2.15 -13.93
C SER B 525 -47.27 2.41 -12.56
N VAL B 526 -45.94 2.44 -12.42
CA VAL B 526 -45.36 2.96 -11.19
C VAL B 526 -44.82 4.35 -11.49
N ALA B 527 -45.51 5.38 -11.00
CA ALA B 527 -45.10 6.75 -11.28
C ALA B 527 -43.96 7.17 -10.37
N ALA B 528 -44.05 6.84 -9.08
CA ALA B 528 -43.01 7.19 -8.15
C ALA B 528 -42.97 6.21 -7.00
N MET B 529 -41.83 6.12 -6.31
CA MET B 529 -41.76 5.33 -5.10
C MET B 529 -41.51 6.22 -3.90
N VAL B 530 -41.91 5.74 -2.73
CA VAL B 530 -41.77 6.50 -1.49
C VAL B 530 -41.09 5.61 -0.46
N TYR B 531 -39.98 6.06 0.07
CA TYR B 531 -39.29 5.26 1.07
C TYR B 531 -38.56 6.17 2.05
N PRO B 532 -39.04 6.27 3.30
CA PRO B 532 -38.57 7.34 4.19
C PRO B 532 -37.30 7.02 4.93
N PHE B 533 -36.73 5.83 4.79
CA PHE B 533 -35.59 5.43 5.60
C PHE B 533 -34.28 5.47 4.83
N THR B 534 -34.26 6.08 3.66
CA THR B 534 -33.04 6.40 2.94
C THR B 534 -33.15 7.83 2.45
N GLY B 535 -32.23 8.23 1.57
CA GLY B 535 -32.21 9.56 1.01
C GLY B 535 -32.87 9.57 -0.36
N ASP B 536 -33.13 10.79 -0.85
CA ASP B 536 -33.84 10.94 -2.11
C ASP B 536 -32.91 10.67 -3.29
N HIS B 537 -33.35 9.81 -4.17
CA HIS B 537 -32.59 9.40 -5.34
C HIS B 537 -33.57 8.90 -6.39
N LYS B 538 -33.04 8.28 -7.43
CA LYS B 538 -33.85 7.63 -8.43
C LYS B 538 -33.37 6.20 -8.64
N GLN B 539 -34.28 5.35 -9.08
CA GLN B 539 -33.99 3.94 -9.25
C GLN B 539 -34.15 3.61 -10.73
N LYS B 540 -33.31 2.71 -11.22
CA LYS B 540 -33.22 2.44 -12.65
C LYS B 540 -33.82 1.07 -12.97
N PHE B 541 -34.88 1.08 -13.77
CA PHE B 541 -35.66 -0.12 -14.07
C PHE B 541 -35.72 -0.39 -15.56
N TYR B 542 -36.53 -1.36 -15.96
CA TYR B 542 -36.64 -1.77 -17.36
C TYR B 542 -38.07 -1.59 -17.81
N TRP B 543 -38.32 -0.57 -18.62
CA TRP B 543 -39.54 -0.50 -19.40
C TRP B 543 -39.29 -1.21 -20.72
N GLY B 544 -39.63 -2.49 -20.76
CA GLY B 544 -39.37 -3.30 -21.93
C GLY B 544 -37.90 -3.54 -22.10
N HIS B 545 -37.31 -2.87 -23.08
CA HIS B 545 -35.88 -2.98 -23.35
C HIS B 545 -35.11 -1.74 -22.95
N LYS B 546 -35.73 -0.57 -23.08
CA LYS B 546 -35.09 0.66 -22.67
C LYS B 546 -35.13 0.78 -21.15
N GLU B 547 -34.03 1.27 -20.58
CA GLU B 547 -33.96 1.55 -19.16
C GLU B 547 -34.56 2.92 -18.87
N ILE B 548 -35.62 2.94 -18.07
CA ILE B 548 -36.20 4.20 -17.60
C ILE B 548 -35.89 4.34 -16.12
N LEU B 549 -36.12 5.54 -15.60
CA LEU B 549 -35.90 5.82 -14.18
C LEU B 549 -37.24 6.01 -13.48
N ILE B 550 -37.27 5.63 -12.21
CA ILE B 550 -38.41 5.92 -11.34
C ILE B 550 -37.90 6.62 -10.08
N PRO B 551 -38.48 7.75 -9.71
CA PRO B 551 -37.96 8.52 -8.57
C PRO B 551 -38.37 7.93 -7.25
N VAL B 552 -37.45 7.95 -6.30
CA VAL B 552 -37.67 7.45 -4.95
C VAL B 552 -37.58 8.61 -3.98
N PHE B 553 -38.63 8.80 -3.19
CA PHE B 553 -38.71 9.95 -2.32
C PHE B 553 -38.64 9.56 -0.84
N LYS B 554 -38.48 10.54 0.05
CA LYS B 554 -38.48 10.28 1.48
C LYS B 554 -39.75 10.68 2.19
N ASN B 555 -40.19 11.93 2.11
CA ASN B 555 -41.46 12.32 2.68
C ASN B 555 -42.47 12.45 1.56
N MET B 556 -43.74 12.15 1.87
CA MET B 556 -44.72 11.92 0.82
C MET B 556 -45.16 13.22 0.16
N ALA B 557 -44.86 14.37 0.75
CA ALA B 557 -45.30 15.63 0.15
C ALA B 557 -44.56 15.90 -1.15
N ASP B 558 -43.32 15.43 -1.25
CA ASP B 558 -42.57 15.55 -2.50
C ASP B 558 -43.21 14.72 -3.62
N ALA B 559 -43.58 13.47 -3.31
CA ALA B 559 -44.16 12.59 -4.31
C ALA B 559 -45.60 12.96 -4.62
N MET B 560 -46.27 13.67 -3.73
CA MET B 560 -47.67 14.01 -3.96
C MET B 560 -47.80 15.42 -4.54
N ARG B 561 -46.74 16.22 -4.49
CA ARG B 561 -46.76 17.50 -5.20
C ARG B 561 -46.09 17.39 -6.57
N LYS B 562 -45.06 16.54 -6.69
CA LYS B 562 -44.51 16.40 -8.04
C LYS B 562 -45.30 15.47 -8.91
N HIS B 563 -46.28 14.74 -8.38
CA HIS B 563 -47.05 13.79 -9.19
C HIS B 563 -48.53 13.98 -8.90
N PRO B 564 -49.21 14.80 -9.69
CA PRO B 564 -50.67 14.94 -9.54
C PRO B 564 -51.46 13.93 -10.34
N GLU B 565 -50.85 12.84 -10.81
CA GLU B 565 -51.47 11.94 -11.77
C GLU B 565 -51.87 10.61 -11.14
N VAL B 566 -51.30 10.28 -10.00
CA VAL B 566 -51.51 9.03 -9.28
C VAL B 566 -52.91 9.01 -8.67
N ASP B 567 -53.55 7.85 -8.68
CA ASP B 567 -54.68 7.67 -7.77
C ASP B 567 -54.72 6.35 -7.01
N VAL B 568 -53.63 5.58 -6.95
CA VAL B 568 -53.58 4.30 -6.23
C VAL B 568 -52.26 4.29 -5.46
N LEU B 569 -52.29 3.90 -4.19
CA LEU B 569 -51.05 3.66 -3.49
C LEU B 569 -51.01 2.23 -2.97
N ILE B 570 -49.81 1.65 -3.03
CA ILE B 570 -49.61 0.24 -2.71
C ILE B 570 -48.64 0.13 -1.55
N ASN B 571 -49.16 -0.12 -0.35
CA ASN B 571 -48.29 -0.26 0.80
C ASN B 571 -47.67 -1.64 0.85
N PHE B 572 -46.35 -1.67 0.69
CA PHE B 572 -45.59 -2.86 1.03
C PHE B 572 -44.90 -2.70 2.37
N ALA B 573 -45.58 -2.06 3.33
CA ALA B 573 -44.96 -1.78 4.61
C ALA B 573 -44.76 -3.06 5.41
N SER B 574 -44.01 -2.95 6.50
CA SER B 574 -44.04 -4.01 7.49
C SER B 574 -45.35 -3.90 8.26
N LEU B 575 -45.62 -4.90 9.10
CA LEU B 575 -46.86 -4.86 9.86
C LEU B 575 -46.82 -3.82 10.97
N ARG B 576 -45.63 -3.41 11.41
CA ARG B 576 -45.46 -2.30 12.33
C ARG B 576 -45.70 -0.92 11.72
N SER B 577 -45.47 -0.72 10.43
CA SER B 577 -45.56 0.62 9.87
C SER B 577 -46.74 0.79 8.93
N ALA B 578 -47.57 -0.24 8.73
CA ALA B 578 -48.64 -0.15 7.75
C ALA B 578 -49.74 0.79 8.20
N TYR B 579 -50.10 0.73 9.48
CA TYR B 579 -51.08 1.65 10.04
C TYR B 579 -50.60 3.09 9.98
N ASP B 580 -49.32 3.32 10.32
CA ASP B 580 -48.82 4.69 10.35
C ASP B 580 -48.69 5.27 8.94
N SER B 581 -48.22 4.46 7.98
CA SER B 581 -48.08 4.95 6.61
C SER B 581 -49.44 5.14 5.96
N THR B 582 -50.42 4.30 6.30
CA THR B 582 -51.75 4.48 5.73
C THR B 582 -52.45 5.69 6.33
N MET B 583 -52.32 5.91 7.64
CA MET B 583 -52.89 7.11 8.25
C MET B 583 -52.16 8.38 7.79
N GLU B 584 -50.91 8.25 7.35
CA GLU B 584 -50.23 9.36 6.70
C GLU B 584 -50.81 9.62 5.31
N THR B 585 -51.17 8.54 4.60
CA THR B 585 -51.63 8.69 3.22
C THR B 585 -53.07 9.18 3.15
N MET B 586 -53.93 8.75 4.09
CA MET B 586 -55.38 9.03 4.06
C MET B 586 -55.72 10.51 4.07
N ASN B 587 -54.81 11.36 4.55
CA ASN B 587 -55.06 12.79 4.62
C ASN B 587 -55.09 13.46 3.25
N TYR B 588 -54.59 12.79 2.21
CA TYR B 588 -54.44 13.38 0.89
C TYR B 588 -55.69 13.11 0.05
N ALA B 589 -55.75 13.75 -1.11
CA ALA B 589 -56.98 13.77 -1.88
C ALA B 589 -57.03 12.75 -3.00
N GLN B 590 -56.02 12.74 -3.87
CA GLN B 590 -56.12 11.94 -5.09
C GLN B 590 -55.90 10.47 -4.86
N ILE B 591 -55.38 10.07 -3.70
CA ILE B 591 -55.24 8.65 -3.40
C ILE B 591 -56.62 8.06 -3.16
N ARG B 592 -57.14 7.33 -4.14
CA ARG B 592 -58.50 6.85 -4.09
C ARG B 592 -58.58 5.33 -4.01
N THR B 593 -57.46 4.65 -3.81
CA THR B 593 -57.38 3.20 -3.65
C THR B 593 -56.10 2.85 -2.92
N ILE B 594 -56.19 2.12 -1.81
CA ILE B 594 -55.01 1.74 -1.03
C ILE B 594 -55.01 0.23 -0.86
N ALA B 595 -53.94 -0.41 -1.32
CA ALA B 595 -53.72 -1.81 -1.02
C ALA B 595 -52.74 -1.93 0.14
N ILE B 596 -53.04 -2.84 1.06
CA ILE B 596 -52.17 -3.11 2.19
C ILE B 596 -51.77 -4.58 2.14
N ILE B 597 -50.49 -4.81 1.88
CA ILE B 597 -50.00 -6.18 1.65
C ILE B 597 -49.70 -6.93 2.94
N ALA B 598 -49.17 -6.28 3.97
CA ALA B 598 -48.58 -6.98 5.11
C ALA B 598 -49.63 -7.63 6.00
N GLU B 599 -49.41 -8.90 6.34
CA GLU B 599 -50.27 -9.64 7.24
C GLU B 599 -49.97 -9.28 8.67
N GLY B 600 -50.86 -9.68 9.58
CA GLY B 600 -50.57 -9.58 10.99
C GLY B 600 -50.70 -8.20 11.57
N ILE B 601 -51.53 -7.37 10.94
CA ILE B 601 -51.86 -6.06 11.49
C ILE B 601 -52.87 -6.31 12.60
N PRO B 602 -52.68 -5.73 13.78
CA PRO B 602 -53.60 -5.98 14.89
C PRO B 602 -55.00 -5.43 14.61
N GLU B 603 -56.00 -6.12 15.15
CA GLU B 603 -57.37 -5.88 14.74
C GLU B 603 -57.93 -4.59 15.31
N ALA B 604 -57.25 -4.00 16.29
CA ALA B 604 -57.67 -2.68 16.77
C ALA B 604 -57.22 -1.58 15.80
N LEU B 605 -56.10 -1.79 15.10
CA LEU B 605 -55.61 -0.77 14.18
C LEU B 605 -56.40 -0.80 12.87
N THR B 606 -56.81 -2.01 12.47
CA THR B 606 -57.50 -2.19 11.19
C THR B 606 -58.86 -1.53 11.20
N ARG B 607 -59.55 -1.55 12.34
CA ARG B 607 -60.85 -0.88 12.42
C ARG B 607 -60.69 0.63 12.38
N LYS B 608 -59.56 1.14 12.86
CA LYS B 608 -59.29 2.57 12.74
C LYS B 608 -59.07 2.95 11.29
N LEU B 609 -58.37 2.08 10.53
CA LEU B 609 -58.22 2.33 9.10
C LEU B 609 -59.55 2.22 8.36
N ILE B 610 -60.40 1.29 8.76
CA ILE B 610 -61.71 1.15 8.09
C ILE B 610 -62.60 2.34 8.43
N LYS B 611 -62.49 2.86 9.66
CA LYS B 611 -63.26 4.04 10.06
C LYS B 611 -62.86 5.26 9.27
N LYS B 612 -61.54 5.52 9.17
CA LYS B 612 -61.16 6.69 8.40
C LYS B 612 -61.33 6.45 6.89
N ALA B 613 -61.35 5.19 6.45
CA ALA B 613 -61.63 4.87 5.07
C ALA B 613 -63.08 5.15 4.72
N ASP B 614 -63.97 5.02 5.70
CA ASP B 614 -65.36 5.39 5.46
C ASP B 614 -65.58 6.88 5.67
N GLN B 615 -64.70 7.53 6.45
CA GLN B 615 -64.79 8.98 6.55
C GLN B 615 -64.17 9.68 5.35
N LYS B 616 -63.40 8.98 4.52
CA LYS B 616 -62.82 9.60 3.34
C LYS B 616 -63.30 8.97 2.04
N GLY B 617 -63.77 7.73 2.06
CA GLY B 617 -64.25 7.07 0.86
C GLY B 617 -63.24 6.21 0.13
N VAL B 618 -62.01 6.10 0.64
CA VAL B 618 -60.93 5.41 -0.07
C VAL B 618 -61.09 3.92 0.10
N THR B 619 -61.20 3.21 -1.02
CA THR B 619 -61.41 1.76 -1.02
C THR B 619 -60.12 1.05 -0.65
N ILE B 620 -60.19 0.14 0.33
CA ILE B 620 -59.03 -0.62 0.76
C ILE B 620 -59.18 -2.07 0.33
N ILE B 621 -58.16 -2.57 -0.37
CA ILE B 621 -58.06 -3.97 -0.75
C ILE B 621 -56.97 -4.58 0.13
N GLY B 622 -57.37 -5.21 1.23
CA GLY B 622 -56.44 -5.71 2.21
C GLY B 622 -56.97 -5.47 3.60
N PRO B 623 -56.17 -5.75 4.64
CA PRO B 623 -54.82 -6.31 4.73
C PRO B 623 -54.78 -7.79 4.42
N ALA B 624 -53.60 -8.40 4.54
CA ALA B 624 -53.31 -9.80 4.28
C ALA B 624 -53.60 -10.23 2.86
N THR B 625 -53.74 -9.30 1.92
CA THR B 625 -53.92 -9.67 0.53
C THR B 625 -52.58 -9.96 -0.11
N VAL B 626 -52.63 -10.20 -1.41
CA VAL B 626 -51.47 -10.04 -2.28
C VAL B 626 -51.78 -8.97 -3.32
N GLY B 627 -53.03 -8.52 -3.34
CA GLY B 627 -53.48 -7.56 -4.32
C GLY B 627 -54.29 -8.21 -5.41
N GLY B 628 -54.97 -7.41 -6.21
CA GLY B 628 -55.72 -7.97 -7.30
C GLY B 628 -54.97 -7.91 -8.62
N ILE B 629 -55.66 -8.18 -9.71
CA ILE B 629 -55.08 -8.02 -11.04
C ILE B 629 -56.19 -7.65 -12.02
N LYS B 630 -55.93 -6.66 -12.84
CA LYS B 630 -56.88 -6.33 -13.90
C LYS B 630 -56.16 -6.43 -15.22
N PRO B 631 -56.34 -7.53 -15.96
CA PRO B 631 -55.54 -7.77 -17.14
C PRO B 631 -55.83 -6.79 -18.26
N GLY B 632 -54.78 -6.37 -18.94
CA GLY B 632 -54.87 -5.29 -19.89
C GLY B 632 -54.79 -3.90 -19.29
N CYS B 633 -54.97 -3.76 -17.97
CA CYS B 633 -54.92 -2.45 -17.35
C CYS B 633 -53.83 -2.33 -16.31
N PHE B 634 -53.81 -3.18 -15.28
CA PHE B 634 -53.01 -2.92 -14.10
C PHE B 634 -52.91 -4.19 -13.27
N LYS B 635 -51.75 -4.40 -12.66
CA LYS B 635 -51.50 -5.53 -11.78
C LYS B 635 -51.09 -4.97 -10.42
N ILE B 636 -51.34 -5.73 -9.35
CA ILE B 636 -51.02 -5.27 -8.01
C ILE B 636 -50.07 -6.25 -7.36
N GLY B 637 -48.99 -5.73 -6.79
CA GLY B 637 -48.09 -6.49 -5.95
C GLY B 637 -47.35 -7.60 -6.65
N ASN B 638 -47.74 -8.83 -6.38
CA ASN B 638 -47.18 -10.00 -7.04
C ASN B 638 -48.28 -10.93 -7.51
N THR B 639 -49.47 -10.40 -7.75
CA THR B 639 -50.62 -11.22 -8.10
C THR B 639 -50.47 -11.76 -9.52
N GLY B 640 -50.64 -13.07 -9.65
CA GLY B 640 -50.41 -13.72 -10.91
C GLY B 640 -48.98 -14.13 -11.15
N GLY B 641 -48.08 -13.82 -10.21
CA GLY B 641 -46.69 -14.23 -10.31
C GLY B 641 -45.92 -13.44 -11.35
N MET B 642 -44.79 -14.02 -11.74
CA MET B 642 -43.93 -13.42 -12.75
C MET B 642 -44.55 -13.71 -14.12
N LEU B 643 -44.05 -13.12 -15.20
CA LEU B 643 -44.63 -13.26 -16.54
C LEU B 643 -44.57 -14.68 -17.09
N ASP B 644 -43.75 -15.54 -16.49
CA ASP B 644 -43.74 -16.96 -16.83
C ASP B 644 -45.10 -17.60 -16.56
N ASN B 645 -45.83 -17.07 -15.58
CA ASN B 645 -47.20 -17.49 -15.35
C ASN B 645 -48.18 -16.67 -16.17
N ILE B 646 -47.89 -15.38 -16.39
CA ILE B 646 -48.82 -14.48 -17.06
C ILE B 646 -49.05 -14.91 -18.50
N LEU B 647 -47.98 -15.27 -19.20
CA LEU B 647 -48.13 -15.66 -20.60
C LEU B 647 -48.75 -17.04 -20.74
N ALA B 648 -48.73 -17.83 -19.66
CA ALA B 648 -49.35 -19.15 -19.71
C ALA B 648 -50.83 -19.11 -19.36
N SER B 649 -51.21 -18.33 -18.35
CA SER B 649 -52.62 -18.18 -18.01
C SER B 649 -53.29 -17.08 -18.81
N LYS B 650 -52.57 -16.47 -19.76
CA LYS B 650 -53.09 -15.57 -20.78
C LYS B 650 -53.70 -14.31 -20.16
N LEU B 651 -53.04 -13.78 -19.14
CA LEU B 651 -53.52 -12.61 -18.40
C LEU B 651 -53.06 -11.29 -19.00
N TYR B 652 -52.79 -11.25 -20.27
CA TYR B 652 -52.42 -9.95 -20.83
C TYR B 652 -53.53 -9.32 -21.63
N ARG B 653 -54.71 -9.94 -21.72
CA ARG B 653 -55.81 -9.38 -22.49
C ARG B 653 -57.06 -9.48 -21.63
N PRO B 654 -58.03 -8.59 -21.84
CA PRO B 654 -59.26 -8.68 -21.05
C PRO B 654 -60.14 -9.82 -21.53
N GLY B 655 -60.85 -10.40 -20.57
CA GLY B 655 -61.83 -11.43 -20.82
C GLY B 655 -63.21 -10.93 -20.46
N SER B 656 -64.01 -11.83 -19.87
CA SER B 656 -65.35 -11.44 -19.46
C SER B 656 -65.76 -12.04 -18.13
N VAL B 657 -64.83 -12.58 -17.35
CA VAL B 657 -65.13 -13.21 -16.07
C VAL B 657 -64.44 -12.40 -14.99
N ALA B 658 -65.09 -12.24 -13.85
CA ALA B 658 -64.45 -11.63 -12.69
C ALA B 658 -64.54 -12.59 -11.50
N TYR B 659 -63.46 -12.67 -10.73
CA TYR B 659 -63.54 -13.44 -9.49
C TYR B 659 -63.27 -12.51 -8.32
N VAL B 660 -63.51 -13.03 -7.11
CA VAL B 660 -63.17 -12.37 -5.86
C VAL B 660 -63.05 -13.45 -4.78
N SER B 661 -62.03 -13.33 -3.92
CA SER B 661 -61.71 -14.41 -2.99
C SER B 661 -61.41 -13.87 -1.59
N ARG B 662 -61.62 -14.74 -0.60
CA ARG B 662 -61.09 -14.47 0.73
C ARG B 662 -59.57 -14.56 0.74
N SER B 663 -59.06 -15.73 0.37
CA SER B 663 -57.64 -15.99 0.54
C SER B 663 -56.87 -15.50 -0.67
N GLY B 664 -55.71 -14.92 -0.41
CA GLY B 664 -54.86 -14.42 -1.48
C GLY B 664 -54.03 -15.51 -2.13
N GLY B 665 -53.94 -16.66 -1.45
CA GLY B 665 -53.20 -17.77 -2.02
C GLY B 665 -53.92 -18.42 -3.19
N MET B 666 -55.25 -18.32 -3.21
CA MET B 666 -56.03 -18.99 -4.24
C MET B 666 -56.18 -18.16 -5.51
N SER B 667 -55.59 -16.96 -5.55
CA SER B 667 -55.70 -16.13 -6.73
C SER B 667 -54.90 -16.68 -7.89
N ASN B 668 -53.92 -17.53 -7.60
CA ASN B 668 -53.22 -18.26 -8.65
C ASN B 668 -54.12 -19.36 -9.20
N GLU B 669 -54.82 -20.08 -8.31
CA GLU B 669 -55.63 -21.20 -8.75
C GLU B 669 -56.87 -20.74 -9.51
N LEU B 670 -57.44 -19.60 -9.13
CA LEU B 670 -58.60 -19.12 -9.87
C LEU B 670 -58.19 -18.55 -11.23
N ASN B 671 -57.01 -17.92 -11.31
CA ASN B 671 -56.46 -17.54 -12.62
C ASN B 671 -56.27 -18.76 -13.50
N ASN B 672 -55.76 -19.84 -12.91
CA ASN B 672 -55.58 -21.11 -13.62
C ASN B 672 -56.90 -21.64 -14.15
N ILE B 673 -57.92 -21.75 -13.29
CA ILE B 673 -59.15 -22.43 -13.68
C ILE B 673 -59.96 -21.57 -14.64
N ILE B 674 -60.01 -20.27 -14.41
CA ILE B 674 -60.76 -19.39 -15.30
C ILE B 674 -60.00 -19.19 -16.61
N SER B 675 -58.70 -19.44 -16.63
CA SER B 675 -57.97 -19.39 -17.88
C SER B 675 -58.12 -20.67 -18.70
N ARG B 676 -58.37 -21.81 -18.06
CA ARG B 676 -58.51 -23.08 -18.76
C ARG B 676 -59.95 -23.38 -19.15
N THR B 677 -60.88 -22.47 -18.87
CA THR B 677 -62.26 -22.64 -19.29
C THR B 677 -62.81 -21.49 -20.12
N THR B 678 -62.45 -20.25 -19.82
CA THR B 678 -63.13 -19.10 -20.40
C THR B 678 -62.11 -18.29 -21.20
N ASP B 679 -62.52 -17.11 -21.64
CA ASP B 679 -61.65 -16.27 -22.46
C ASP B 679 -60.58 -15.59 -21.61
N GLY B 680 -60.89 -15.25 -20.38
CA GLY B 680 -59.92 -14.60 -19.52
C GLY B 680 -60.59 -13.86 -18.38
N VAL B 681 -59.78 -13.52 -17.38
CA VAL B 681 -60.27 -12.80 -16.22
C VAL B 681 -60.39 -11.31 -16.55
N TYR B 682 -61.52 -10.72 -16.23
CA TYR B 682 -61.63 -9.27 -16.35
C TYR B 682 -60.95 -8.55 -15.20
N GLU B 683 -61.29 -8.92 -13.96
CA GLU B 683 -60.55 -8.47 -12.78
C GLU B 683 -60.81 -9.44 -11.65
N GLY B 684 -59.75 -9.84 -10.95
CA GLY B 684 -59.90 -10.71 -9.80
C GLY B 684 -59.20 -10.10 -8.60
N VAL B 685 -59.91 -10.05 -7.48
CA VAL B 685 -59.48 -9.30 -6.32
C VAL B 685 -59.44 -10.23 -5.11
N ALA B 686 -58.29 -10.28 -4.44
CA ALA B 686 -58.17 -10.97 -3.18
C ALA B 686 -58.35 -9.96 -2.06
N ILE B 687 -59.40 -10.11 -1.26
CA ILE B 687 -59.72 -9.10 -0.26
C ILE B 687 -58.99 -9.38 1.05
N GLY B 688 -58.11 -10.38 1.04
CA GLY B 688 -57.23 -10.61 2.16
C GLY B 688 -57.79 -11.56 3.18
N GLY B 689 -56.90 -12.20 3.95
CA GLY B 689 -57.29 -13.23 4.88
C GLY B 689 -57.31 -12.83 6.33
N ASP B 690 -57.57 -11.56 6.65
CA ASP B 690 -57.72 -11.18 8.05
C ASP B 690 -59.19 -11.16 8.45
N ARG B 691 -59.43 -10.90 9.72
CA ARG B 691 -60.78 -10.93 10.26
C ARG B 691 -61.56 -9.69 9.84
N TYR B 692 -60.86 -8.59 9.57
CA TYR B 692 -61.44 -7.30 9.23
C TYR B 692 -60.94 -6.85 7.87
N PRO B 693 -61.60 -7.24 6.78
CA PRO B 693 -61.16 -6.79 5.46
C PRO B 693 -61.47 -5.33 5.24
N GLY B 694 -60.68 -4.70 4.39
CA GLY B 694 -60.89 -3.31 4.07
C GLY B 694 -62.10 -3.13 3.19
N SER B 695 -62.39 -4.16 2.39
CA SER B 695 -63.58 -4.18 1.57
C SER B 695 -63.99 -5.62 1.40
N THR B 696 -65.21 -5.95 1.80
CA THR B 696 -65.68 -7.33 1.78
C THR B 696 -66.08 -7.73 0.37
N PHE B 697 -66.81 -8.85 0.27
CA PHE B 697 -67.30 -9.34 -1.03
C PHE B 697 -68.20 -8.32 -1.70
N MET B 698 -69.17 -7.79 -0.94
CA MET B 698 -70.29 -7.08 -1.54
C MET B 698 -69.88 -5.78 -2.19
N ASP B 699 -68.82 -5.13 -1.72
CA ASP B 699 -68.39 -3.88 -2.33
C ASP B 699 -67.86 -4.12 -3.75
N HIS B 700 -67.01 -5.13 -3.91
CA HIS B 700 -66.47 -5.41 -5.23
C HIS B 700 -67.52 -6.09 -6.10
N VAL B 701 -68.48 -6.80 -5.49
CA VAL B 701 -69.56 -7.38 -6.27
C VAL B 701 -70.48 -6.28 -6.81
N LEU B 702 -70.68 -5.21 -6.03
CA LEU B 702 -71.42 -4.07 -6.56
C LEU B 702 -70.66 -3.34 -7.65
N ARG B 703 -69.33 -3.26 -7.54
CA ARG B 703 -68.57 -2.68 -8.66
C ARG B 703 -68.64 -3.56 -9.90
N TYR B 704 -68.61 -4.89 -9.71
CA TYR B 704 -68.68 -5.80 -10.85
C TYR B 704 -70.06 -5.79 -11.48
N GLN B 705 -71.10 -5.54 -10.67
CA GLN B 705 -72.45 -5.41 -11.20
C GLN B 705 -72.63 -4.09 -11.95
N ASP B 706 -71.97 -3.03 -11.50
CA ASP B 706 -72.05 -1.72 -12.15
C ASP B 706 -70.92 -1.54 -13.15
N THR B 707 -70.46 -2.63 -13.77
CA THR B 707 -69.39 -2.57 -14.76
C THR B 707 -69.87 -3.21 -16.06
N PRO B 708 -69.69 -2.56 -17.21
CA PRO B 708 -70.16 -3.16 -18.48
C PRO B 708 -69.37 -4.37 -18.92
N GLY B 709 -68.04 -4.34 -18.81
CA GLY B 709 -67.22 -5.41 -19.37
C GLY B 709 -67.31 -6.72 -18.63
N VAL B 710 -67.78 -6.71 -17.39
CA VAL B 710 -68.03 -7.92 -16.62
C VAL B 710 -69.20 -8.66 -17.24
N LYS B 711 -69.07 -9.97 -17.40
CA LYS B 711 -70.19 -10.78 -17.87
C LYS B 711 -70.57 -11.93 -16.95
N MET B 712 -69.66 -12.45 -16.14
CA MET B 712 -70.03 -13.38 -15.07
C MET B 712 -69.12 -13.12 -13.88
N ILE B 713 -69.60 -13.49 -12.69
CA ILE B 713 -68.88 -13.22 -11.45
C ILE B 713 -68.67 -14.54 -10.72
N VAL B 714 -67.46 -14.76 -10.19
CA VAL B 714 -67.16 -15.89 -9.35
C VAL B 714 -66.82 -15.37 -7.95
N VAL B 715 -67.28 -16.07 -6.92
CA VAL B 715 -67.05 -15.69 -5.53
C VAL B 715 -66.40 -16.87 -4.82
N LEU B 716 -65.28 -16.64 -4.14
CA LEU B 716 -64.64 -17.69 -3.35
C LEU B 716 -64.64 -17.27 -1.89
N GLY B 717 -65.45 -17.95 -1.09
CA GLY B 717 -65.58 -17.63 0.30
C GLY B 717 -64.80 -18.57 1.19
N GLU B 718 -64.90 -18.30 2.50
CA GLU B 718 -64.33 -19.18 3.51
C GLU B 718 -65.33 -19.21 4.66
N ILE B 719 -65.23 -20.27 5.47
CA ILE B 719 -66.08 -20.39 6.65
C ILE B 719 -65.79 -19.27 7.66
N GLY B 720 -66.86 -18.68 8.19
CA GLY B 720 -66.76 -17.67 9.23
C GLY B 720 -67.28 -16.30 8.82
N GLY B 721 -68.42 -15.92 9.38
CA GLY B 721 -68.96 -14.59 9.17
C GLY B 721 -70.18 -14.51 8.29
N THR B 722 -70.90 -13.38 8.37
CA THR B 722 -72.08 -13.11 7.57
C THR B 722 -71.75 -12.45 6.26
N GLU B 723 -70.56 -12.67 5.72
CA GLU B 723 -70.15 -12.00 4.50
C GLU B 723 -70.75 -12.64 3.26
N GLU B 724 -71.52 -13.72 3.42
CA GLU B 724 -71.99 -14.47 2.27
C GLU B 724 -73.52 -14.46 2.19
N TYR B 725 -74.21 -14.22 3.31
CA TYR B 725 -75.66 -14.12 3.26
C TYR B 725 -76.12 -12.81 2.64
N LYS B 726 -75.23 -11.82 2.56
CA LYS B 726 -75.57 -10.58 1.88
C LYS B 726 -75.69 -10.80 0.37
N ILE B 727 -75.05 -11.83 -0.16
CA ILE B 727 -75.25 -12.21 -1.56
C ILE B 727 -76.65 -12.77 -1.76
N CYS B 728 -77.11 -13.59 -0.82
CA CYS B 728 -78.47 -14.11 -0.85
C CYS B 728 -79.49 -12.98 -0.78
N ARG B 729 -79.26 -12.00 0.10
CA ARG B 729 -80.17 -10.85 0.13
C ARG B 729 -80.07 -9.99 -1.13
N GLY B 730 -78.87 -9.83 -1.70
CA GLY B 730 -78.72 -9.04 -2.90
C GLY B 730 -79.31 -9.68 -4.14
N ILE B 731 -79.52 -10.98 -4.12
CA ILE B 731 -80.14 -11.64 -5.27
C ILE B 731 -81.66 -11.80 -5.04
N LYS B 732 -82.06 -12.07 -3.79
CA LYS B 732 -83.50 -12.10 -3.49
C LYS B 732 -84.14 -10.73 -3.60
N GLU B 733 -83.38 -9.65 -3.38
CA GLU B 733 -83.87 -8.32 -3.71
C GLU B 733 -83.72 -8.00 -5.18
N GLY B 734 -83.07 -8.87 -5.96
CA GLY B 734 -82.82 -8.61 -7.36
C GLY B 734 -81.74 -7.59 -7.64
N ARG B 735 -80.99 -7.17 -6.62
CA ARG B 735 -79.94 -6.17 -6.81
C ARG B 735 -78.77 -6.71 -7.61
N LEU B 736 -78.44 -7.98 -7.42
CA LEU B 736 -77.32 -8.61 -8.10
C LEU B 736 -77.86 -9.52 -9.21
N THR B 737 -77.61 -9.14 -10.45
CA THR B 737 -78.31 -9.76 -11.58
C THR B 737 -77.46 -10.76 -12.35
N LYS B 738 -76.16 -10.50 -12.50
CA LYS B 738 -75.23 -11.24 -13.36
C LYS B 738 -75.06 -12.67 -12.86
N PRO B 739 -74.67 -13.63 -13.73
CA PRO B 739 -74.50 -15.01 -13.27
C PRO B 739 -73.36 -15.16 -12.28
N ILE B 740 -73.68 -15.75 -11.13
CA ILE B 740 -72.76 -15.82 -10.01
C ILE B 740 -72.51 -17.29 -9.70
N VAL B 741 -71.24 -17.68 -9.64
CA VAL B 741 -70.82 -19.02 -9.27
C VAL B 741 -70.02 -18.92 -7.98
N CYS B 742 -70.56 -19.45 -6.89
CA CYS B 742 -69.83 -19.39 -5.63
C CYS B 742 -69.65 -20.77 -5.03
N TRP B 743 -68.63 -20.85 -4.18
CA TRP B 743 -68.31 -22.01 -3.36
C TRP B 743 -67.35 -21.55 -2.28
N CYS B 744 -67.71 -21.74 -1.01
CA CYS B 744 -66.83 -21.32 0.07
C CYS B 744 -66.09 -22.55 0.59
N ILE B 745 -64.82 -22.35 0.94
CA ILE B 745 -63.96 -23.47 1.31
C ILE B 745 -64.19 -23.86 2.75
N GLY B 746 -64.03 -25.14 3.07
CA GLY B 746 -64.09 -25.61 4.43
C GLY B 746 -65.34 -26.31 4.87
N THR B 747 -65.93 -27.16 4.01
CA THR B 747 -67.13 -27.87 4.42
C THR B 747 -66.82 -28.90 5.50
N CYS B 748 -65.69 -29.57 5.39
CA CYS B 748 -65.40 -30.64 6.33
C CYS B 748 -64.60 -30.16 7.53
N ALA B 749 -64.74 -28.89 7.90
CA ALA B 749 -64.28 -28.45 9.20
C ALA B 749 -65.05 -29.09 10.33
N THR B 750 -66.34 -29.37 10.11
CA THR B 750 -67.16 -30.02 11.13
C THR B 750 -66.83 -31.51 11.24
N MET B 751 -66.12 -32.07 10.26
CA MET B 751 -65.82 -33.49 10.28
C MET B 751 -64.46 -33.78 10.91
N PHE B 752 -64.06 -32.98 11.90
CA PHE B 752 -62.91 -33.33 12.72
C PHE B 752 -63.35 -33.57 14.16
N GLN B 767 -70.92 -21.24 15.36
CA GLN B 767 -72.33 -20.92 15.21
C GLN B 767 -72.82 -21.62 13.94
N ALA B 768 -74.07 -22.10 13.96
CA ALA B 768 -74.53 -23.07 12.98
C ALA B 768 -74.74 -22.48 11.58
N SER B 769 -75.26 -21.25 11.47
CA SER B 769 -75.51 -20.69 10.15
C SER B 769 -74.24 -20.19 9.49
N GLU B 770 -73.15 -20.02 10.23
CA GLU B 770 -71.89 -19.56 9.67
C GLU B 770 -70.94 -20.72 9.39
N THR B 771 -71.49 -21.93 9.27
CA THR B 771 -70.72 -23.07 8.78
C THR B 771 -70.71 -23.08 7.26
N ALA B 772 -69.63 -23.61 6.69
CA ALA B 772 -69.43 -23.53 5.24
C ALA B 772 -70.43 -24.39 4.47
N VAL B 773 -70.85 -25.52 5.06
CA VAL B 773 -71.85 -26.38 4.45
C VAL B 773 -73.17 -25.64 4.30
N ALA B 774 -73.66 -25.05 5.39
CA ALA B 774 -74.96 -24.40 5.37
C ALA B 774 -74.92 -23.12 4.58
N LYS B 775 -73.77 -22.42 4.56
CA LYS B 775 -73.66 -21.23 3.74
C LYS B 775 -73.68 -21.57 2.26
N ASN B 776 -72.97 -22.63 1.85
CA ASN B 776 -73.02 -23.07 0.47
C ASN B 776 -74.41 -23.52 0.07
N GLN B 777 -75.11 -24.20 0.99
CA GLN B 777 -76.44 -24.69 0.68
C GLN B 777 -77.44 -23.54 0.61
N ALA B 778 -77.24 -22.48 1.40
CA ALA B 778 -78.15 -21.34 1.36
C ALA B 778 -77.88 -20.46 0.13
N LEU B 779 -76.62 -20.42 -0.31
CA LEU B 779 -76.34 -19.80 -1.61
C LEU B 779 -76.95 -20.61 -2.75
N LYS B 780 -76.96 -21.93 -2.61
CA LYS B 780 -77.49 -22.80 -3.66
C LYS B 780 -79.01 -22.74 -3.72
N GLU B 781 -79.67 -22.53 -2.58
CA GLU B 781 -81.13 -22.38 -2.56
C GLU B 781 -81.61 -21.00 -2.97
N ALA B 782 -80.71 -20.01 -3.10
CA ALA B 782 -81.14 -18.65 -3.36
C ALA B 782 -80.77 -18.17 -4.77
N GLY B 783 -80.28 -19.06 -5.62
CA GLY B 783 -79.95 -18.67 -6.97
C GLY B 783 -78.52 -18.21 -7.14
N VAL B 784 -77.58 -19.02 -6.69
CA VAL B 784 -76.16 -18.87 -6.99
C VAL B 784 -75.71 -20.22 -7.54
N PHE B 785 -75.01 -20.20 -8.67
CA PHE B 785 -74.71 -21.44 -9.36
C PHE B 785 -73.60 -22.18 -8.63
N VAL B 786 -73.96 -22.92 -7.59
CA VAL B 786 -72.99 -23.56 -6.71
C VAL B 786 -72.76 -24.99 -7.20
N PRO B 787 -71.52 -25.42 -7.36
CA PRO B 787 -71.25 -26.83 -7.67
C PRO B 787 -71.44 -27.71 -6.44
N ARG B 788 -71.41 -29.02 -6.66
CA ARG B 788 -71.67 -29.93 -5.55
C ARG B 788 -70.49 -30.01 -4.59
N SER B 789 -69.27 -29.83 -5.11
CA SER B 789 -68.10 -29.62 -4.27
C SER B 789 -67.11 -28.79 -5.08
N PHE B 790 -65.88 -28.69 -4.57
CA PHE B 790 -64.87 -27.87 -5.24
C PHE B 790 -64.38 -28.50 -6.53
N ASP B 791 -64.48 -29.82 -6.66
CA ASP B 791 -63.87 -30.48 -7.80
C ASP B 791 -64.72 -30.30 -9.06
N GLU B 792 -65.96 -29.85 -8.92
CA GLU B 792 -66.81 -29.52 -10.06
C GLU B 792 -66.84 -28.02 -10.34
N LEU B 793 -65.91 -27.25 -9.76
CA LEU B 793 -65.95 -25.80 -9.93
C LEU B 793 -65.57 -25.40 -11.35
N GLY B 794 -64.51 -26.04 -11.88
CA GLY B 794 -64.15 -25.79 -13.28
C GLY B 794 -65.22 -26.24 -14.24
N GLU B 795 -65.89 -27.35 -13.93
CA GLU B 795 -66.98 -27.83 -14.77
C GLU B 795 -68.16 -26.88 -14.74
N ILE B 796 -68.47 -26.29 -13.59
CA ILE B 796 -69.67 -25.45 -13.54
C ILE B 796 -69.39 -24.08 -14.14
N ILE B 797 -68.13 -23.60 -14.02
CA ILE B 797 -67.74 -22.36 -14.69
C ILE B 797 -67.76 -22.55 -16.20
N GLN B 798 -67.24 -23.69 -16.66
CA GLN B 798 -67.24 -24.02 -18.08
C GLN B 798 -68.65 -24.20 -18.62
N SER B 799 -69.54 -24.79 -17.82
CA SER B 799 -70.91 -25.05 -18.26
C SER B 799 -71.78 -23.80 -18.25
N VAL B 800 -71.48 -22.81 -17.40
CA VAL B 800 -72.10 -21.50 -17.51
C VAL B 800 -71.56 -20.72 -18.71
N TYR B 801 -70.26 -20.79 -18.95
CA TYR B 801 -69.65 -20.02 -20.03
C TYR B 801 -70.07 -20.53 -21.40
N GLU B 802 -70.29 -21.84 -21.54
CA GLU B 802 -70.79 -22.37 -22.80
C GLU B 802 -72.20 -21.88 -23.08
N ASP B 803 -73.03 -21.77 -22.04
CA ASP B 803 -74.39 -21.25 -22.22
C ASP B 803 -74.37 -19.75 -22.49
N LEU B 804 -73.35 -19.06 -22.00
CA LEU B 804 -73.18 -17.64 -22.31
C LEU B 804 -72.67 -17.41 -23.73
N VAL B 805 -71.87 -18.31 -24.27
CA VAL B 805 -71.41 -18.15 -25.66
C VAL B 805 -72.50 -18.57 -26.63
N ALA B 806 -73.22 -19.64 -26.31
CA ALA B 806 -74.22 -20.22 -27.21
C ALA B 806 -75.58 -19.53 -27.12
N ASN B 807 -75.63 -18.30 -26.58
CA ASN B 807 -76.85 -17.51 -26.55
C ASN B 807 -76.58 -16.06 -26.92
N GLY B 808 -75.45 -15.80 -27.57
CA GLY B 808 -75.15 -14.49 -28.09
C GLY B 808 -74.90 -13.42 -27.05
N VAL B 809 -74.56 -13.85 -25.84
CA VAL B 809 -74.30 -12.92 -24.75
C VAL B 809 -72.88 -12.37 -24.78
N ILE B 810 -71.88 -13.24 -24.85
CA ILE B 810 -70.47 -12.84 -24.84
C ILE B 810 -69.92 -13.00 -26.25
N VAL B 811 -69.29 -11.95 -26.77
CA VAL B 811 -68.60 -11.97 -28.05
C VAL B 811 -67.10 -12.03 -27.78
N PRO B 812 -66.47 -13.20 -27.89
CA PRO B 812 -65.10 -13.35 -27.38
C PRO B 812 -64.08 -12.60 -28.23
N ALA B 813 -62.95 -12.28 -27.61
CA ALA B 813 -61.90 -11.49 -28.22
C ALA B 813 -60.98 -12.38 -29.03
N GLN B 814 -60.61 -11.91 -30.23
CA GLN B 814 -59.62 -12.61 -31.03
C GLN B 814 -58.23 -12.39 -30.44
N GLU B 815 -57.62 -13.46 -29.96
CA GLU B 815 -56.39 -13.39 -29.19
C GLU B 815 -55.22 -13.09 -30.11
N VAL B 816 -54.38 -12.17 -29.67
CA VAL B 816 -53.25 -11.65 -30.42
C VAL B 816 -52.00 -11.83 -29.57
N PRO B 817 -50.87 -12.24 -30.13
CA PRO B 817 -49.66 -12.43 -29.32
C PRO B 817 -49.14 -11.11 -28.78
N PRO B 818 -48.53 -11.14 -27.61
CA PRO B 818 -48.09 -9.91 -26.97
C PRO B 818 -46.64 -9.61 -27.33
N PRO B 819 -46.15 -8.42 -27.00
CA PRO B 819 -44.70 -8.21 -27.00
C PRO B 819 -44.01 -9.05 -25.94
N THR B 820 -42.71 -9.29 -26.07
CA THR B 820 -42.03 -10.18 -25.15
C THR B 820 -40.76 -9.55 -24.60
N VAL B 821 -40.65 -9.53 -23.27
CA VAL B 821 -39.44 -9.05 -22.60
C VAL B 821 -38.50 -10.23 -22.42
N PRO B 822 -37.22 -10.00 -22.26
CA PRO B 822 -36.35 -11.08 -21.79
C PRO B 822 -36.58 -11.36 -20.31
N MET B 823 -36.28 -12.57 -19.86
CA MET B 823 -36.44 -12.90 -18.45
C MET B 823 -35.38 -12.18 -17.64
N ASP B 824 -35.64 -12.00 -16.36
CA ASP B 824 -34.61 -11.54 -15.46
C ASP B 824 -33.56 -12.62 -15.33
N TYR B 825 -32.30 -12.20 -15.14
CA TYR B 825 -31.28 -13.20 -14.89
C TYR B 825 -31.44 -13.81 -13.50
N SER B 826 -31.70 -12.96 -12.51
CA SER B 826 -31.79 -13.42 -11.12
C SER B 826 -33.02 -14.28 -10.89
N TRP B 827 -34.03 -14.18 -11.75
CA TRP B 827 -35.14 -15.11 -11.71
C TRP B 827 -34.93 -16.34 -12.57
N ALA B 828 -34.32 -16.21 -13.74
CA ALA B 828 -34.21 -17.37 -14.62
C ALA B 828 -32.96 -18.17 -14.32
N ARG B 829 -32.30 -17.83 -13.21
CA ARG B 829 -31.15 -18.56 -12.71
C ARG B 829 -31.68 -19.57 -11.68
N GLU B 830 -32.65 -19.14 -10.88
CA GLU B 830 -33.30 -19.98 -9.87
C GLU B 830 -34.09 -21.10 -10.51
N LEU B 831 -34.76 -20.83 -11.61
CA LEU B 831 -35.50 -21.86 -12.30
C LEU B 831 -34.59 -22.86 -12.99
N GLY B 832 -33.31 -22.54 -13.19
CA GLY B 832 -32.40 -23.45 -13.83
C GLY B 832 -32.43 -23.44 -15.35
N LEU B 833 -32.64 -22.28 -15.97
CA LEU B 833 -32.60 -22.20 -17.42
C LEU B 833 -31.26 -21.70 -17.90
N ILE B 834 -30.48 -21.09 -17.02
CA ILE B 834 -29.22 -20.45 -17.35
C ILE B 834 -28.13 -21.16 -16.58
N ARG B 835 -26.98 -21.35 -17.23
CA ARG B 835 -25.94 -22.21 -16.69
C ARG B 835 -24.60 -21.59 -17.03
N LYS B 836 -24.06 -20.80 -16.11
CA LYS B 836 -22.73 -20.21 -16.25
C LYS B 836 -21.88 -20.58 -15.04
N PRO B 837 -20.57 -20.74 -15.22
CA PRO B 837 -19.75 -21.20 -14.10
C PRO B 837 -19.35 -20.06 -13.18
N ALA B 838 -18.97 -20.43 -11.95
CA ALA B 838 -18.64 -19.46 -10.92
C ALA B 838 -17.23 -18.93 -11.13
N SER B 839 -17.08 -17.61 -10.99
CA SER B 839 -15.80 -16.96 -11.27
C SER B 839 -14.79 -17.19 -10.16
N PHE B 840 -15.18 -16.97 -8.91
CA PHE B 840 -14.27 -17.22 -7.81
C PHE B 840 -14.55 -18.58 -7.19
N MET B 841 -13.57 -19.10 -6.48
CA MET B 841 -13.75 -20.34 -5.73
C MET B 841 -13.06 -20.18 -4.40
N THR B 842 -13.84 -19.82 -3.39
CA THR B 842 -13.31 -19.51 -2.08
C THR B 842 -13.71 -20.59 -1.11
N SER B 843 -12.79 -20.94 -0.24
CA SER B 843 -12.89 -22.18 0.51
C SER B 843 -12.66 -21.98 1.99
N ILE B 844 -13.09 -20.85 2.54
CA ILE B 844 -12.85 -20.56 3.96
C ILE B 844 -14.12 -20.22 4.72
N CYS B 845 -14.85 -19.21 4.29
CA CYS B 845 -15.97 -18.71 5.08
C CYS B 845 -17.28 -19.02 4.37
N ASP B 846 -18.38 -18.59 4.98
CA ASP B 846 -19.69 -18.81 4.37
C ASP B 846 -20.62 -17.73 4.89
N GLU B 847 -20.82 -16.68 4.10
CA GLU B 847 -21.56 -15.47 4.49
C GLU B 847 -23.00 -15.75 4.86
N ARG B 848 -23.74 -16.32 3.92
CA ARG B 848 -25.18 -16.48 4.03
C ARG B 848 -25.54 -17.56 5.04
N GLY B 849 -26.83 -17.66 5.32
CA GLY B 849 -27.33 -18.59 6.30
C GLY B 849 -27.63 -17.91 7.62
N GLN B 850 -27.97 -18.75 8.60
CA GLN B 850 -28.23 -18.23 9.93
C GLN B 850 -26.93 -17.79 10.59
N GLU B 851 -25.98 -18.70 10.71
CA GLU B 851 -24.72 -18.42 11.39
C GLU B 851 -23.58 -18.34 10.40
N LEU B 852 -22.59 -17.52 10.72
CA LEU B 852 -21.37 -17.53 9.93
C LEU B 852 -20.56 -18.77 10.25
N ILE B 853 -20.02 -19.39 9.21
CA ILE B 853 -19.33 -20.66 9.31
C ILE B 853 -17.90 -20.40 8.89
N TYR B 854 -16.93 -20.86 9.69
CA TYR B 854 -15.55 -20.85 9.21
C TYR B 854 -15.29 -22.15 8.47
N ALA B 855 -14.03 -22.53 8.28
CA ALA B 855 -13.76 -23.70 7.46
C ALA B 855 -14.17 -24.98 8.17
N GLY B 856 -15.47 -25.25 8.19
CA GLY B 856 -16.05 -26.41 8.85
C GLY B 856 -16.95 -26.04 10.02
N MET B 857 -16.52 -25.08 10.83
CA MET B 857 -17.20 -24.87 12.10
C MET B 857 -18.07 -23.63 12.06
N PRO B 858 -19.27 -23.67 12.58
CA PRO B 858 -20.03 -22.43 12.80
C PRO B 858 -19.48 -21.67 13.98
N ILE B 859 -19.77 -20.38 14.12
CA ILE B 859 -19.11 -19.57 15.14
C ILE B 859 -19.60 -19.85 16.55
N THR B 860 -20.84 -20.33 16.73
CA THR B 860 -21.29 -20.66 18.07
C THR B 860 -20.61 -21.92 18.57
N GLU B 861 -20.12 -22.76 17.68
CA GLU B 861 -19.26 -23.85 18.11
C GLU B 861 -17.85 -23.36 18.39
N VAL B 862 -17.41 -22.29 17.73
CA VAL B 862 -16.07 -21.74 17.99
C VAL B 862 -16.01 -21.12 19.37
N PHE B 863 -17.07 -20.42 19.76
CA PHE B 863 -17.15 -19.87 21.10
C PHE B 863 -17.70 -20.86 22.12
N LYS B 864 -18.39 -21.92 21.66
CA LYS B 864 -18.85 -22.97 22.55
C LYS B 864 -17.68 -23.75 23.12
N GLU B 865 -16.78 -24.17 22.25
CA GLU B 865 -15.48 -24.65 22.70
C GLU B 865 -14.59 -23.45 22.99
N GLU B 866 -13.34 -23.66 23.34
CA GLU B 866 -12.43 -22.55 23.54
C GLU B 866 -11.39 -22.66 22.43
N MET B 867 -11.76 -22.14 21.27
CA MET B 867 -10.85 -22.22 20.13
C MET B 867 -9.72 -21.21 20.23
N GLY B 868 -9.99 -20.01 20.74
CA GLY B 868 -8.98 -18.98 20.80
C GLY B 868 -8.62 -18.38 19.45
N ILE B 869 -7.86 -17.28 19.48
CA ILE B 869 -7.33 -16.72 18.25
C ILE B 869 -6.34 -17.70 17.63
N GLY B 870 -5.63 -18.45 18.46
CA GLY B 870 -4.75 -19.47 17.95
C GLY B 870 -5.44 -20.65 17.29
N GLY B 871 -6.76 -20.76 17.42
CA GLY B 871 -7.49 -21.82 16.76
C GLY B 871 -8.27 -21.28 15.59
N VAL B 872 -8.75 -20.04 15.70
CA VAL B 872 -9.38 -19.36 14.57
C VAL B 872 -8.36 -19.10 13.47
N LEU B 873 -7.10 -18.92 13.86
CA LEU B 873 -6.04 -18.73 12.89
C LEU B 873 -5.80 -19.99 12.07
N GLY B 874 -5.66 -21.13 12.74
CA GLY B 874 -5.50 -22.39 12.05
C GLY B 874 -6.75 -22.79 11.33
N LEU B 875 -7.90 -22.31 11.78
CA LEU B 875 -9.16 -22.67 11.16
C LEU B 875 -9.41 -21.86 9.90
N LEU B 876 -8.91 -20.64 9.82
CA LEU B 876 -9.03 -19.85 8.61
C LEU B 876 -7.93 -20.20 7.61
N TRP B 877 -6.69 -20.09 8.04
CA TRP B 877 -5.56 -20.31 7.12
C TRP B 877 -5.37 -21.70 6.55
N PHE B 878 -5.46 -22.72 7.41
CA PHE B 878 -5.25 -24.09 6.95
C PHE B 878 -6.52 -24.84 6.60
N GLN B 879 -7.63 -24.47 7.23
CA GLN B 879 -8.89 -25.14 6.98
C GLN B 879 -8.88 -26.51 7.67
N LYS B 880 -7.87 -26.72 8.50
CA LYS B 880 -7.70 -27.95 9.26
C LYS B 880 -7.81 -27.51 10.70
N ARG B 881 -8.59 -28.22 11.51
CA ARG B 881 -8.75 -27.77 12.88
C ARG B 881 -7.57 -28.27 13.69
N LEU B 882 -7.06 -27.44 14.59
CA LEU B 882 -5.80 -27.66 15.26
C LEU B 882 -5.99 -28.01 16.72
N PRO B 883 -5.15 -28.88 17.28
CA PRO B 883 -5.28 -29.25 18.69
C PRO B 883 -4.73 -28.19 19.61
N LYS B 884 -4.89 -28.36 20.92
CA LYS B 884 -4.65 -27.26 21.86
C LYS B 884 -3.17 -26.96 22.04
N TYR B 885 -2.29 -27.95 21.96
CA TYR B 885 -0.88 -27.70 22.23
C TYR B 885 -0.20 -26.90 21.13
N SER B 886 -0.79 -26.86 19.94
CA SER B 886 -0.33 -26.00 18.85
C SER B 886 -1.15 -24.73 18.74
N CYS B 887 -2.42 -24.81 19.13
CA CYS B 887 -3.26 -23.63 19.27
C CYS B 887 -2.66 -22.63 20.25
N GLN B 888 -2.15 -23.10 21.38
CA GLN B 888 -1.45 -22.19 22.27
C GLN B 888 -0.09 -21.80 21.74
N PHE B 889 0.54 -22.63 20.91
CA PHE B 889 1.87 -22.31 20.40
C PHE B 889 1.84 -21.19 19.38
N ILE B 890 0.79 -21.16 18.57
CA ILE B 890 0.81 -20.15 17.53
C ILE B 890 0.41 -18.80 18.14
N GLU B 891 -0.26 -18.83 19.29
CA GLU B 891 -0.38 -17.61 20.08
C GLU B 891 0.96 -17.18 20.67
N MET B 892 1.83 -18.14 21.00
CA MET B 892 3.18 -17.77 21.44
C MET B 892 3.94 -17.08 20.33
N CYS B 893 3.84 -17.60 19.11
CA CYS B 893 4.52 -16.98 17.99
C CYS B 893 3.96 -15.60 17.64
N LEU B 894 2.68 -15.35 17.90
CA LEU B 894 2.22 -13.96 17.75
C LEU B 894 2.63 -13.08 18.93
N MET B 895 2.68 -13.60 20.15
CA MET B 895 3.08 -12.77 21.28
C MET B 895 4.57 -12.43 21.26
N VAL B 896 5.39 -13.19 20.54
CA VAL B 896 6.82 -12.91 20.46
C VAL B 896 7.14 -11.89 19.37
N THR B 897 6.60 -12.06 18.16
CA THR B 897 6.92 -11.17 17.06
C THR B 897 6.06 -9.92 17.03
N ALA B 898 5.52 -9.50 18.18
CA ALA B 898 4.69 -8.29 18.20
C ALA B 898 5.52 -7.04 18.01
N ASP B 899 6.58 -6.86 18.79
CA ASP B 899 7.57 -5.83 18.50
C ASP B 899 8.96 -6.34 18.78
N HIS B 900 9.88 -5.93 17.91
CA HIS B 900 11.28 -5.91 18.25
C HIS B 900 11.78 -4.51 18.55
N GLY B 901 11.18 -3.47 17.98
CA GLY B 901 11.49 -2.14 18.40
C GLY B 901 11.11 -1.05 17.42
N PRO B 902 11.33 0.20 17.80
CA PRO B 902 11.01 1.34 16.93
C PRO B 902 12.11 1.73 15.97
N ALA B 903 13.37 1.40 16.25
CA ALA B 903 14.44 1.73 15.32
C ALA B 903 14.64 0.59 14.35
N VAL B 904 13.55 0.15 13.75
CA VAL B 904 13.50 -1.04 12.92
C VAL B 904 12.67 -0.67 11.71
N SER B 905 13.14 -1.05 10.51
CA SER B 905 12.82 -0.42 9.24
C SER B 905 11.31 -0.27 9.00
N GLY B 906 10.54 -1.30 9.30
CA GLY B 906 9.10 -1.21 9.25
C GLY B 906 8.50 -0.26 10.28
N ALA B 907 8.93 -0.35 11.53
CA ALA B 907 8.40 0.57 12.54
C ALA B 907 8.87 1.98 12.30
N HIS B 908 10.03 2.15 11.67
CA HIS B 908 10.51 3.47 11.31
C HIS B 908 9.58 4.11 10.30
N ASN B 909 9.21 3.39 9.24
CA ASN B 909 8.34 4.05 8.27
C ASN B 909 6.86 3.81 8.53
N THR B 910 6.49 3.31 9.71
CA THR B 910 5.18 3.57 10.29
C THR B 910 5.18 4.83 11.16
N ILE B 911 6.26 5.06 11.92
CA ILE B 911 6.44 6.29 12.67
C ILE B 911 6.40 7.51 11.76
N ILE B 912 7.03 7.41 10.59
CA ILE B 912 7.08 8.57 9.70
C ILE B 912 5.72 8.87 9.08
N CYS B 913 5.04 7.87 8.55
CA CYS B 913 3.70 8.11 8.00
C CYS B 913 2.61 8.20 9.05
N ALA B 914 2.94 8.06 10.33
CA ALA B 914 2.00 8.41 11.39
C ALA B 914 2.23 9.84 11.85
N ARG B 915 3.47 10.31 11.79
CA ARG B 915 3.72 11.73 12.00
C ARG B 915 3.23 12.59 10.85
N ALA B 916 3.19 12.06 9.63
CA ALA B 916 2.68 12.87 8.52
C ALA B 916 1.16 13.00 8.51
N GLY B 917 0.48 12.60 9.58
CA GLY B 917 -0.89 12.93 9.84
C GLY B 917 -1.92 12.02 9.23
N LYS B 918 -1.53 10.90 8.66
CA LYS B 918 -2.47 10.14 7.87
C LYS B 918 -3.08 9.04 8.74
N ASP B 919 -3.81 8.11 8.13
CA ASP B 919 -4.78 7.26 8.78
C ASP B 919 -4.10 6.14 9.56
N LEU B 920 -4.90 5.21 10.09
CA LEU B 920 -4.31 4.02 10.70
C LEU B 920 -3.93 3.01 9.65
N VAL B 921 -4.78 2.85 8.64
CA VAL B 921 -4.52 1.90 7.57
C VAL B 921 -3.32 2.35 6.77
N SER B 922 -3.26 3.65 6.50
CA SER B 922 -2.18 4.18 5.68
C SER B 922 -0.89 4.34 6.48
N SER B 923 -0.93 4.12 7.78
CA SER B 923 0.31 4.14 8.54
C SER B 923 0.80 2.74 8.86
N LEU B 924 -0.13 1.82 9.13
CA LEU B 924 0.20 0.40 9.15
C LEU B 924 0.83 -0.03 7.84
N THR B 925 0.15 0.23 6.73
CA THR B 925 0.57 -0.19 5.41
C THR B 925 1.95 0.30 5.02
N SER B 926 2.29 1.55 5.33
CA SER B 926 3.58 2.07 4.92
C SER B 926 4.73 1.44 5.68
N GLY B 927 4.44 0.71 6.75
CA GLY B 927 5.44 -0.13 7.38
C GLY B 927 5.31 -1.59 7.02
N LEU B 928 4.17 -1.99 6.49
CA LEU B 928 4.02 -3.38 6.05
C LEU B 928 4.71 -3.67 4.74
N LEU B 929 4.84 -2.70 3.83
CA LEU B 929 5.53 -3.01 2.60
C LEU B 929 7.04 -2.98 2.75
N THR B 930 7.55 -3.01 3.99
CA THR B 930 8.96 -3.23 4.23
C THR B 930 9.25 -4.72 4.39
N ILE B 931 8.26 -5.49 4.86
CA ILE B 931 8.37 -6.94 5.02
C ILE B 931 8.68 -7.56 3.66
N GLY B 932 9.62 -8.49 3.64
CA GLY B 932 10.14 -8.85 2.34
C GLY B 932 11.34 -9.77 2.38
N ASP B 933 12.41 -9.38 1.70
CA ASP B 933 13.56 -10.24 1.59
C ASP B 933 14.73 -9.83 2.48
N ARG B 934 14.75 -8.61 3.02
CA ARG B 934 15.79 -8.27 3.98
C ARG B 934 15.25 -8.00 5.38
N PHE B 935 13.99 -7.60 5.52
CA PHE B 935 13.39 -7.40 6.83
C PHE B 935 12.22 -8.32 7.06
N GLY B 936 12.26 -9.08 8.15
CA GLY B 936 11.17 -9.94 8.55
C GLY B 936 10.94 -11.15 7.68
N GLY B 937 11.77 -11.38 6.67
CA GLY B 937 11.61 -12.54 5.84
C GLY B 937 12.67 -13.56 6.16
N ALA B 938 13.19 -13.51 7.38
CA ALA B 938 14.15 -14.52 7.80
C ALA B 938 13.45 -15.82 8.17
N LEU B 939 12.17 -15.73 8.55
CA LEU B 939 11.39 -16.90 8.92
C LEU B 939 11.26 -17.89 7.76
N ASP B 940 10.72 -17.44 6.63
CA ASP B 940 10.47 -18.39 5.55
C ASP B 940 11.73 -18.74 4.79
N ALA B 941 12.85 -18.11 5.12
CA ALA B 941 14.13 -18.57 4.64
C ALA B 941 14.74 -19.63 5.54
N ALA B 942 14.50 -19.56 6.85
CA ALA B 942 14.97 -20.60 7.77
C ALA B 942 14.24 -21.92 7.55
N ALA B 943 12.93 -21.85 7.31
CA ALA B 943 12.15 -23.05 7.00
C ALA B 943 12.61 -23.70 5.71
N LYS B 944 12.71 -22.92 4.64
CA LYS B 944 13.16 -23.44 3.36
C LYS B 944 14.63 -23.79 3.30
N MET B 945 15.40 -23.60 4.38
CA MET B 945 16.77 -24.07 4.45
C MET B 945 16.91 -25.32 5.31
N PHE B 946 16.44 -25.27 6.56
CA PHE B 946 16.51 -26.44 7.43
C PHE B 946 15.63 -27.57 6.92
N SER B 947 14.41 -27.30 6.47
CA SER B 947 13.56 -28.38 5.98
C SER B 947 14.04 -28.92 4.65
N LYS B 948 14.74 -28.12 3.85
CA LYS B 948 15.29 -28.61 2.60
C LYS B 948 16.51 -29.49 2.86
N ALA B 949 17.31 -29.14 3.86
CA ALA B 949 18.49 -29.93 4.18
C ALA B 949 18.19 -31.13 5.09
N PHE B 950 17.03 -31.15 5.72
CA PHE B 950 16.64 -32.30 6.53
C PHE B 950 16.26 -33.47 5.64
N ASP B 951 15.62 -33.18 4.51
CA ASP B 951 15.08 -34.23 3.66
C ASP B 951 16.13 -34.85 2.76
N SER B 952 17.21 -34.13 2.45
CA SER B 952 18.25 -34.70 1.61
C SER B 952 19.20 -35.59 2.39
N GLY B 953 19.05 -35.69 3.71
CA GLY B 953 19.75 -36.66 4.52
C GLY B 953 21.07 -36.21 5.09
N ILE B 954 21.41 -34.93 4.96
CA ILE B 954 22.74 -34.46 5.34
C ILE B 954 22.82 -34.31 6.85
N ILE B 955 23.83 -34.93 7.46
CA ILE B 955 24.03 -34.86 8.90
C ILE B 955 24.76 -33.52 9.06
N PRO B 956 24.64 -32.77 10.17
CA PRO B 956 24.99 -31.33 10.14
C PRO B 956 26.42 -30.94 9.80
N MET B 957 27.39 -31.86 9.82
CA MET B 957 28.76 -31.46 9.49
C MET B 957 28.91 -31.10 8.02
N GLU B 958 28.36 -31.92 7.12
CA GLU B 958 28.44 -31.60 5.70
C GLU B 958 27.55 -30.42 5.37
N PHE B 959 26.49 -30.22 6.16
CA PHE B 959 25.65 -29.04 6.01
C PHE B 959 26.40 -27.75 6.31
N VAL B 960 27.12 -27.71 7.43
CA VAL B 960 27.88 -26.51 7.76
C VAL B 960 29.05 -26.34 6.80
N ASN B 961 29.63 -27.46 6.34
CA ASN B 961 30.77 -27.36 5.44
C ASN B 961 30.34 -26.89 4.05
N LYS B 962 29.13 -27.26 3.60
CA LYS B 962 28.69 -26.74 2.32
C LYS B 962 28.18 -25.30 2.45
N MET B 963 27.69 -24.92 3.64
CA MET B 963 27.34 -23.52 3.84
C MET B 963 28.58 -22.63 3.91
N LYS B 964 29.73 -23.23 4.23
CA LYS B 964 30.97 -22.47 4.06
C LYS B 964 31.47 -22.53 2.62
N LYS B 965 31.36 -23.70 1.98
CA LYS B 965 31.99 -23.91 0.68
C LYS B 965 31.27 -23.15 -0.44
N GLU B 966 29.96 -23.37 -0.58
CA GLU B 966 29.17 -22.57 -1.51
C GLU B 966 29.03 -21.11 -1.07
N GLY B 967 29.30 -20.81 0.19
CA GLY B 967 29.41 -19.43 0.62
C GLY B 967 28.09 -18.73 0.75
N LYS B 968 27.28 -19.16 1.70
CA LYS B 968 26.05 -18.46 2.03
C LYS B 968 25.78 -18.62 3.52
N LEU B 969 25.27 -17.55 4.10
CA LEU B 969 25.01 -17.53 5.52
C LEU B 969 23.77 -18.35 5.82
N ILE B 970 23.74 -18.96 6.99
CA ILE B 970 22.62 -19.81 7.38
C ILE B 970 21.51 -18.91 7.90
N MET B 971 20.32 -19.06 7.35
CA MET B 971 19.28 -18.05 7.52
C MET B 971 18.65 -18.11 8.90
N GLY B 972 18.73 -19.25 9.57
CA GLY B 972 18.20 -19.33 10.92
C GLY B 972 19.15 -18.77 11.96
N ILE B 973 20.45 -18.88 11.70
CA ILE B 973 21.46 -18.82 12.75
C ILE B 973 22.26 -17.54 12.69
N GLY B 974 22.28 -16.80 13.79
CA GLY B 974 23.17 -15.67 13.95
C GLY B 974 22.54 -14.54 14.73
N HIS B 975 23.22 -14.06 15.76
CA HIS B 975 22.63 -13.03 16.60
C HIS B 975 23.68 -11.98 16.92
N ARG B 976 23.22 -10.75 17.14
CA ARG B 976 24.11 -9.60 17.17
C ARG B 976 24.89 -9.52 18.47
N VAL B 977 24.29 -9.97 19.56
CA VAL B 977 24.87 -9.76 20.89
C VAL B 977 25.17 -11.08 21.58
N LYS B 978 24.23 -12.01 21.51
CA LYS B 978 24.10 -13.04 22.52
C LYS B 978 24.79 -14.37 22.21
N SER B 979 25.20 -15.10 23.24
CA SER B 979 25.99 -16.33 23.10
C SER B 979 25.30 -17.52 23.77
N ILE B 980 26.02 -18.65 23.85
CA ILE B 980 25.55 -19.77 24.67
C ILE B 980 25.45 -19.37 26.14
N ASN B 981 26.41 -18.57 26.62
CA ASN B 981 26.45 -18.09 27.99
C ASN B 981 25.27 -17.19 28.34
N ASN B 982 24.68 -16.53 27.35
CA ASN B 982 23.52 -15.66 27.53
C ASN B 982 22.65 -15.76 26.29
N PRO B 983 21.58 -16.55 26.32
CA PRO B 983 20.73 -16.68 25.13
C PRO B 983 19.72 -15.55 25.02
N ASP B 984 18.94 -15.50 23.94
CA ASP B 984 17.67 -14.80 24.03
C ASP B 984 16.80 -15.50 25.06
N MET B 985 15.99 -14.72 25.76
CA MET B 985 15.01 -15.33 26.64
C MET B 985 13.76 -15.77 25.90
N ARG B 986 13.43 -15.10 24.79
CA ARG B 986 12.27 -15.49 24.01
C ARG B 986 12.51 -16.84 23.34
N VAL B 987 13.78 -17.14 22.97
CA VAL B 987 14.05 -18.40 22.31
C VAL B 987 14.04 -19.52 23.33
N GLN B 988 14.34 -19.18 24.59
CA GLN B 988 14.25 -20.18 25.65
C GLN B 988 12.81 -20.48 26.01
N ILE B 989 11.95 -19.47 26.02
CA ILE B 989 10.55 -19.73 26.33
C ILE B 989 9.90 -20.53 25.21
N LEU B 990 10.20 -20.19 23.96
CA LEU B 990 9.66 -20.96 22.84
C LEU B 990 10.22 -22.37 22.78
N LYS B 991 11.51 -22.53 23.09
CA LYS B 991 12.11 -23.86 23.07
C LYS B 991 11.56 -24.74 24.18
N ASP B 992 11.34 -24.16 25.36
CA ASP B 992 10.78 -24.93 26.45
C ASP B 992 9.33 -25.32 26.17
N TYR B 993 8.57 -24.42 25.54
CA TYR B 993 7.19 -24.77 25.20
C TYR B 993 7.14 -25.84 24.12
N VAL B 994 8.10 -25.81 23.19
CA VAL B 994 8.13 -26.85 22.16
C VAL B 994 8.44 -28.20 22.77
N ARG B 995 9.40 -28.26 23.70
CA ARG B 995 9.78 -29.54 24.27
C ARG B 995 8.72 -30.10 25.20
N GLN B 996 7.98 -29.23 25.91
CA GLN B 996 7.05 -29.74 26.90
C GLN B 996 5.76 -30.29 26.30
N HIS B 997 5.43 -29.90 25.06
CA HIS B 997 4.08 -30.18 24.57
C HIS B 997 4.01 -30.87 23.22
N PHE B 998 4.94 -30.65 22.32
CA PHE B 998 4.90 -31.37 21.05
C PHE B 998 5.25 -32.83 21.27
N PRO B 999 4.53 -33.76 20.62
CA PRO B 999 4.80 -35.18 20.86
C PRO B 999 6.10 -35.66 20.26
N ALA B 1000 6.49 -35.13 19.11
CA ALA B 1000 7.74 -35.52 18.47
C ALA B 1000 8.28 -34.32 17.69
N THR B 1001 9.52 -33.96 17.97
CA THR B 1001 10.16 -32.83 17.31
C THR B 1001 11.40 -33.26 16.53
N PRO B 1002 11.24 -33.74 15.29
CA PRO B 1002 12.35 -33.66 14.35
C PRO B 1002 12.51 -32.23 13.86
N LEU B 1003 13.66 -31.99 13.23
CA LEU B 1003 14.08 -30.76 12.57
C LEU B 1003 14.33 -29.60 13.54
N LEU B 1004 13.99 -29.75 14.81
CA LEU B 1004 14.53 -28.90 15.86
C LEU B 1004 15.56 -29.63 16.70
N ASP B 1005 15.38 -30.93 16.92
CA ASP B 1005 16.50 -31.76 17.35
C ASP B 1005 17.64 -31.77 16.34
N TYR B 1006 17.33 -31.57 15.06
CA TYR B 1006 18.35 -31.35 14.04
C TYR B 1006 19.03 -30.00 14.22
N ALA B 1007 18.25 -28.92 14.33
CA ALA B 1007 18.79 -27.56 14.29
C ALA B 1007 19.54 -27.19 15.57
N LEU B 1008 19.18 -27.80 16.70
CA LEU B 1008 19.95 -27.54 17.91
C LEU B 1008 21.31 -28.21 17.86
N GLU B 1009 21.48 -29.23 17.03
CA GLU B 1009 22.81 -29.76 16.79
C GLU B 1009 23.61 -28.78 15.95
N VAL B 1010 22.92 -28.06 15.05
CA VAL B 1010 23.62 -27.13 14.20
C VAL B 1010 24.02 -25.90 14.99
N GLU B 1011 23.27 -25.56 16.04
CA GLU B 1011 23.74 -24.57 17.03
C GLU B 1011 25.08 -24.95 17.63
N LYS B 1012 25.24 -26.19 18.09
CA LYS B 1012 26.48 -26.54 18.78
C LYS B 1012 27.64 -26.63 17.81
N ILE B 1013 27.40 -27.20 16.62
CA ILE B 1013 28.47 -27.37 15.65
C ILE B 1013 28.84 -26.02 15.02
N THR B 1014 27.94 -25.04 15.09
CA THR B 1014 28.28 -23.72 14.59
C THR B 1014 28.91 -22.90 15.71
N THR B 1015 28.40 -23.05 16.92
CA THR B 1015 28.71 -22.11 17.98
C THR B 1015 30.01 -22.49 18.67
N SER B 1016 30.55 -23.66 18.34
CA SER B 1016 31.90 -23.96 18.81
C SER B 1016 32.96 -23.16 18.05
N LYS B 1017 32.56 -22.36 17.04
CA LYS B 1017 33.53 -21.48 16.37
C LYS B 1017 33.39 -20.03 16.80
N LYS B 1018 32.18 -19.47 16.75
CA LYS B 1018 31.97 -18.18 17.39
C LYS B 1018 30.87 -18.36 18.43
N PRO B 1019 30.94 -17.64 19.55
CA PRO B 1019 29.86 -17.75 20.53
C PRO B 1019 28.53 -17.17 20.07
N ASN B 1020 28.55 -16.19 19.17
CA ASN B 1020 27.32 -15.44 18.91
C ASN B 1020 26.48 -16.06 17.82
N LEU B 1021 26.87 -17.21 17.31
CA LEU B 1021 26.05 -17.87 16.29
C LEU B 1021 25.01 -18.78 16.93
N ILE B 1022 23.81 -18.25 17.13
CA ILE B 1022 22.67 -18.96 17.70
C ILE B 1022 21.57 -18.91 16.66
N LEU B 1023 20.77 -19.97 16.57
CA LEU B 1023 19.53 -19.85 15.82
C LEU B 1023 18.60 -18.89 16.55
N ASN B 1024 18.10 -17.90 15.82
CA ASN B 1024 17.35 -16.80 16.39
C ASN B 1024 15.93 -17.22 16.72
N VAL B 1025 15.12 -16.23 17.08
CA VAL B 1025 13.68 -16.47 17.10
C VAL B 1025 13.15 -16.55 15.68
N ASP B 1026 13.78 -15.83 14.75
CA ASP B 1026 13.44 -15.93 13.34
C ASP B 1026 13.84 -17.26 12.75
N GLY B 1027 14.71 -18.00 13.41
CA GLY B 1027 15.03 -19.34 12.97
C GLY B 1027 14.17 -20.36 13.67
N LEU B 1028 13.83 -20.13 14.94
CA LEU B 1028 13.14 -21.17 15.68
C LEU B 1028 11.66 -21.19 15.35
N ILE B 1029 11.07 -20.05 15.00
CA ILE B 1029 9.67 -20.10 14.57
C ILE B 1029 9.54 -20.80 13.22
N GLY B 1030 10.49 -20.56 12.33
CA GLY B 1030 10.49 -21.21 11.03
C GLY B 1030 10.90 -22.67 11.09
N VAL B 1031 11.43 -23.12 12.22
CA VAL B 1031 11.69 -24.52 12.47
C VAL B 1031 10.51 -25.19 13.16
N ALA B 1032 9.94 -24.53 14.16
CA ALA B 1032 8.88 -25.15 14.92
C ALA B 1032 7.56 -25.19 14.15
N PHE B 1033 7.37 -24.31 13.16
CA PHE B 1033 6.20 -24.51 12.30
C PHE B 1033 6.41 -25.62 11.30
N VAL B 1034 7.63 -25.83 10.83
CA VAL B 1034 7.90 -27.01 10.02
C VAL B 1034 7.62 -28.27 10.82
N ASP B 1035 8.11 -28.31 12.05
CA ASP B 1035 7.90 -29.47 12.91
C ASP B 1035 6.45 -29.61 13.33
N MET B 1036 5.74 -28.51 13.51
CA MET B 1036 4.33 -28.59 13.86
C MET B 1036 3.48 -29.06 12.67
N LEU B 1037 3.70 -28.50 11.48
CA LEU B 1037 2.91 -28.93 10.32
C LEU B 1037 3.21 -30.36 9.92
N ARG B 1038 4.44 -30.84 10.12
CA ARG B 1038 4.64 -32.28 9.93
C ARG B 1038 3.96 -33.08 11.04
N ASN B 1039 4.22 -32.76 12.29
CA ASN B 1039 3.86 -33.64 13.39
C ASN B 1039 2.62 -33.19 14.15
N CYS B 1040 1.77 -32.36 13.56
CA CYS B 1040 0.42 -32.21 14.09
C CYS B 1040 -0.38 -33.47 13.82
N GLY B 1041 -1.57 -33.53 14.42
CA GLY B 1041 -2.42 -34.69 14.25
C GLY B 1041 -2.98 -34.82 12.86
N SER B 1042 -3.26 -33.69 12.20
CA SER B 1042 -3.99 -33.70 10.93
C SER B 1042 -3.31 -32.86 9.86
N PHE B 1043 -2.32 -33.45 9.19
CA PHE B 1043 -1.74 -33.00 7.92
C PHE B 1043 -1.04 -34.20 7.31
N THR B 1044 -0.54 -34.01 6.09
CA THR B 1044 0.40 -34.93 5.47
C THR B 1044 1.63 -34.15 5.05
N ARG B 1045 2.75 -34.87 4.89
CA ARG B 1045 4.01 -34.24 4.53
C ARG B 1045 3.95 -33.59 3.15
N GLU B 1046 3.23 -34.23 2.22
CA GLU B 1046 3.10 -33.67 0.88
C GLU B 1046 2.14 -32.48 0.86
N GLU B 1047 1.35 -32.31 1.93
CA GLU B 1047 0.52 -31.12 2.07
C GLU B 1047 1.18 -30.10 2.99
N ALA B 1048 1.93 -30.57 3.99
CA ALA B 1048 2.59 -29.65 4.91
C ALA B 1048 3.87 -29.08 4.31
N ASP B 1049 4.25 -29.53 3.11
CA ASP B 1049 5.23 -28.77 2.35
C ASP B 1049 4.59 -27.56 1.69
N GLU B 1050 3.28 -27.63 1.43
CA GLU B 1050 2.67 -26.62 0.59
C GLU B 1050 2.42 -25.33 1.38
N TYR B 1051 2.08 -25.44 2.66
CA TYR B 1051 1.87 -24.22 3.44
C TYR B 1051 3.18 -23.56 3.80
N ILE B 1052 4.29 -24.29 3.72
CA ILE B 1052 5.60 -23.64 3.82
C ILE B 1052 5.92 -22.93 2.51
N ASP B 1053 5.69 -23.59 1.38
CA ASP B 1053 6.14 -23.03 0.11
C ASP B 1053 5.26 -21.90 -0.39
N ILE B 1054 3.99 -21.85 0.02
CA ILE B 1054 3.12 -20.70 -0.26
C ILE B 1054 3.64 -19.47 0.46
N GLY B 1055 3.93 -19.61 1.74
CA GLY B 1055 4.40 -18.48 2.52
C GLY B 1055 3.51 -18.14 3.69
N ALA B 1056 2.87 -19.14 4.27
CA ALA B 1056 2.12 -18.94 5.52
C ALA B 1056 3.05 -18.53 6.63
N LEU B 1057 4.20 -19.17 6.68
CA LEU B 1057 5.16 -18.95 7.75
C LEU B 1057 5.80 -17.57 7.61
N ASN B 1058 5.87 -17.05 6.39
CA ASN B 1058 6.08 -15.63 6.18
C ASN B 1058 4.96 -14.82 6.77
N GLY B 1059 3.73 -15.29 6.62
CA GLY B 1059 2.57 -14.52 7.02
C GLY B 1059 2.27 -14.59 8.51
N ILE B 1060 3.04 -15.35 9.25
CA ILE B 1060 2.82 -15.35 10.69
C ILE B 1060 3.51 -14.11 11.22
N PHE B 1061 4.52 -13.63 10.49
CA PHE B 1061 5.26 -12.45 10.92
C PHE B 1061 4.46 -11.18 10.70
N VAL B 1062 3.71 -11.14 9.59
CA VAL B 1062 2.88 -9.97 9.26
C VAL B 1062 1.82 -9.76 10.32
N LEU B 1063 1.08 -10.83 10.64
CA LEU B 1063 0.06 -10.76 11.68
C LEU B 1063 0.66 -10.57 13.06
N GLY B 1064 1.87 -11.04 13.30
CA GLY B 1064 2.47 -10.78 14.58
C GLY B 1064 2.85 -9.33 14.75
N ARG B 1065 3.57 -8.80 13.78
CA ARG B 1065 4.15 -7.47 13.88
C ARG B 1065 3.12 -6.37 13.66
N SER B 1066 1.97 -6.68 13.04
CA SER B 1066 0.95 -5.67 12.81
C SER B 1066 0.32 -5.16 14.10
N MET B 1067 0.33 -5.96 15.17
CA MET B 1067 -0.04 -5.45 16.49
C MET B 1067 0.91 -4.34 16.91
N GLY B 1068 2.20 -4.54 16.67
CA GLY B 1068 3.17 -3.53 17.04
C GLY B 1068 3.06 -2.27 16.21
N PHE B 1069 2.72 -2.42 14.93
CA PHE B 1069 2.69 -1.24 14.08
C PHE B 1069 1.42 -0.42 14.29
N ILE B 1070 0.30 -1.08 14.62
CA ILE B 1070 -0.85 -0.33 15.11
C ILE B 1070 -0.50 0.34 16.43
N GLY B 1071 0.34 -0.32 17.23
CA GLY B 1071 0.85 0.30 18.44
C GLY B 1071 1.61 1.58 18.18
N HIS B 1072 2.50 1.56 17.19
CA HIS B 1072 3.34 2.73 16.94
C HIS B 1072 2.56 3.88 16.31
N TYR B 1073 1.65 3.56 15.38
CA TYR B 1073 0.72 4.57 14.88
C TYR B 1073 -0.06 5.21 16.00
N LEU B 1074 -0.65 4.40 16.87
CA LEU B 1074 -1.55 4.90 17.87
C LEU B 1074 -0.80 5.71 18.92
N ASP B 1075 0.38 5.25 19.30
CA ASP B 1075 1.23 5.94 20.25
C ASP B 1075 1.70 7.28 19.72
N GLN B 1076 2.16 7.33 18.49
CA GLN B 1076 2.63 8.64 18.05
C GLN B 1076 1.53 9.49 17.46
N LYS B 1077 0.31 9.00 17.42
CA LYS B 1077 -0.80 9.93 17.26
C LYS B 1077 -1.19 10.51 18.61
N ARG B 1078 -0.96 9.75 19.69
CA ARG B 1078 -1.25 10.28 21.02
C ARG B 1078 -0.23 11.32 21.44
N LEU B 1079 1.05 10.99 21.38
CA LEU B 1079 2.14 11.94 21.62
C LEU B 1079 2.20 12.85 20.40
N LYS B 1080 1.55 14.00 20.49
CA LYS B 1080 1.17 14.77 19.31
C LYS B 1080 2.41 15.41 18.70
N GLN B 1081 2.99 14.72 17.72
CA GLN B 1081 4.24 15.12 17.10
C GLN B 1081 4.04 15.49 15.64
N GLY B 1082 4.90 16.41 15.17
CA GLY B 1082 4.70 17.08 13.92
C GLY B 1082 5.30 16.34 12.73
N LEU B 1083 5.28 17.02 11.59
CA LEU B 1083 5.79 16.46 10.35
C LEU B 1083 7.28 16.27 10.45
N TYR B 1084 7.80 15.21 9.83
CA TYR B 1084 9.19 14.82 9.97
C TYR B 1084 9.89 14.93 8.63
N ARG B 1085 10.89 15.80 8.56
CA ARG B 1085 11.84 15.81 7.46
C ARG B 1085 13.19 15.37 8.00
N HIS B 1086 13.95 14.67 7.17
CA HIS B 1086 15.20 14.12 7.64
C HIS B 1086 16.21 15.28 7.68
N PRO B 1087 17.23 15.21 8.53
CA PRO B 1087 18.21 16.30 8.53
C PRO B 1087 19.07 16.29 7.29
N TRP B 1088 19.70 17.42 6.98
CA TRP B 1088 20.68 17.48 5.91
C TRP B 1088 22.04 17.00 6.39
N ASP B 1089 22.20 16.77 7.69
CA ASP B 1089 23.47 16.35 8.24
C ASP B 1089 23.76 14.88 8.01
N ASP B 1090 22.76 14.11 7.59
CA ASP B 1090 22.92 12.68 7.40
C ASP B 1090 22.97 12.26 5.95
N ILE B 1091 22.85 13.20 5.01
CA ILE B 1091 22.74 12.82 3.61
C ILE B 1091 23.91 13.41 2.82
N SER B 1092 24.64 12.53 2.13
CA SER B 1092 25.80 12.93 1.34
C SER B 1092 25.40 13.03 -0.12
N TYR B 1093 25.10 14.24 -0.58
CA TYR B 1093 24.70 14.46 -1.96
C TYR B 1093 25.86 14.27 -2.92
N VAL B 1094 25.60 13.50 -3.97
CA VAL B 1094 26.58 13.20 -5.01
C VAL B 1094 25.90 13.49 -6.34
N LEU B 1095 26.21 14.62 -6.96
CA LEU B 1095 25.56 15.01 -8.21
C LEU B 1095 26.58 15.24 -9.30
N PRO B 1096 26.39 14.62 -10.47
CA PRO B 1096 27.31 14.79 -11.58
C PRO B 1096 27.32 16.22 -12.11
N GLU B 1097 28.48 16.86 -12.14
CA GLU B 1097 28.55 18.29 -12.46
C GLU B 1097 28.70 18.49 -13.96
N HIS B 1098 27.56 18.65 -14.64
CA HIS B 1098 27.52 18.94 -16.07
C HIS B 1098 26.42 19.98 -16.34
N MET B 1099 26.38 21.02 -15.52
CA MET B 1099 25.38 22.10 -15.63
C MET B 1099 25.34 22.79 -16.99
N SER C 2 21.52 55.99 5.85
CA SER C 2 20.80 55.21 4.85
C SER C 2 19.94 56.13 3.99
N ALA C 3 19.75 57.35 4.46
CA ALA C 3 18.93 58.32 3.75
C ALA C 3 19.64 58.74 2.48
N LYS C 4 19.20 58.22 1.34
CA LYS C 4 19.89 58.45 0.09
C LYS C 4 19.27 59.64 -0.61
N ALA C 5 19.91 60.11 -1.68
CA ALA C 5 19.41 61.27 -2.41
C ALA C 5 18.67 60.82 -3.65
N ILE C 6 17.80 61.70 -4.16
CA ILE C 6 17.17 61.45 -5.45
C ILE C 6 17.39 62.67 -6.33
N SER C 7 17.17 62.48 -7.62
CA SER C 7 17.49 63.50 -8.60
C SER C 7 16.48 64.62 -8.56
N GLU C 8 16.81 65.74 -9.20
CA GLU C 8 15.91 66.87 -9.30
C GLU C 8 14.67 66.52 -10.12
N GLN C 9 14.85 65.73 -11.17
CA GLN C 9 13.75 65.37 -12.04
C GLN C 9 12.75 64.44 -11.34
N THR C 10 13.23 63.33 -10.82
CA THR C 10 12.36 62.36 -10.16
C THR C 10 11.71 62.95 -8.93
N GLY C 11 12.42 63.84 -8.24
CA GLY C 11 11.85 64.63 -7.19
C GLY C 11 10.72 65.52 -7.66
N LYS C 12 10.88 66.16 -8.83
CA LYS C 12 9.78 67.01 -9.28
C LYS C 12 8.61 66.21 -9.79
N GLU C 13 8.85 65.02 -10.35
CA GLU C 13 7.72 64.24 -10.80
C GLU C 13 6.97 63.66 -9.61
N LEU C 14 7.69 63.26 -8.57
CA LEU C 14 7.02 62.88 -7.33
C LEU C 14 6.34 64.05 -6.66
N LEU C 15 6.82 65.28 -6.86
CA LEU C 15 6.06 66.41 -6.32
C LEU C 15 4.80 66.64 -7.13
N TYR C 16 4.90 66.64 -8.46
CA TYR C 16 3.74 66.98 -9.29
C TYR C 16 2.70 65.86 -9.29
N LYS C 17 3.10 64.64 -8.98
CA LYS C 17 2.13 63.56 -9.07
C LYS C 17 1.36 63.42 -7.76
N PHE C 18 1.94 63.87 -6.64
CA PHE C 18 1.28 63.62 -5.37
C PHE C 18 1.19 64.82 -4.43
N ILE C 19 1.45 66.04 -4.88
CA ILE C 19 1.08 67.16 -4.03
C ILE C 19 -0.40 67.44 -4.22
N CYS C 20 -1.06 67.88 -3.16
CA CYS C 20 -2.47 68.24 -3.23
CA CYS C 20 -2.47 68.23 -3.23
C CYS C 20 -2.69 69.49 -2.39
N THR C 21 -3.13 70.56 -3.04
CA THR C 21 -3.35 71.83 -2.39
C THR C 21 -4.42 72.59 -3.16
N THR C 22 -4.95 73.62 -2.53
CA THR C 22 -6.01 74.42 -3.15
C THR C 22 -5.44 75.29 -4.27
N SER C 23 -4.48 76.15 -3.92
CA SER C 23 -3.86 77.02 -4.90
C SER C 23 -3.02 76.21 -5.88
N ALA C 24 -3.43 76.23 -7.15
CA ALA C 24 -2.86 75.36 -8.16
C ALA C 24 -1.41 75.71 -8.43
N ILE C 25 -0.70 74.73 -8.98
CA ILE C 25 0.73 74.84 -9.24
C ILE C 25 0.92 74.83 -10.74
N GLN C 26 1.57 75.86 -11.27
CA GLN C 26 1.77 75.97 -12.70
C GLN C 26 2.83 74.97 -13.15
N ASN C 27 2.87 74.76 -14.47
CA ASN C 27 3.90 74.01 -15.19
C ASN C 27 3.96 72.55 -14.78
N ARG C 28 2.82 71.88 -14.65
CA ARG C 28 2.82 70.49 -14.21
C ARG C 28 3.28 69.61 -15.36
N PHE C 29 4.25 68.73 -15.05
CA PHE C 29 4.81 67.74 -15.99
C PHE C 29 5.43 68.40 -17.22
N LYS C 30 6.22 69.45 -17.01
CA LYS C 30 6.81 70.20 -18.10
C LYS C 30 8.33 70.17 -17.92
N TYR C 31 8.96 69.10 -18.41
CA TYR C 31 10.40 68.93 -18.25
C TYR C 31 10.92 67.93 -19.28
N ALA C 32 12.23 67.95 -19.53
CA ALA C 32 12.78 67.15 -20.61
C ALA C 32 14.12 66.59 -20.19
N ARG C 33 14.24 65.27 -20.20
CA ARG C 33 15.48 64.61 -19.81
C ARG C 33 16.35 64.43 -21.05
N VAL C 34 17.60 64.86 -20.96
CA VAL C 34 18.49 64.86 -22.10
C VAL C 34 19.70 63.99 -21.77
N THR C 35 19.92 62.99 -22.60
CA THR C 35 21.03 62.05 -22.48
C THR C 35 21.95 62.24 -23.67
N PRO C 36 23.10 61.56 -23.75
CA PRO C 36 23.79 61.46 -25.04
C PRO C 36 23.15 60.48 -26.00
N ASP C 37 22.06 59.82 -25.58
CA ASP C 37 21.26 58.97 -26.44
C ASP C 37 19.97 59.69 -26.81
N THR C 38 20.09 60.99 -27.04
CA THR C 38 18.91 61.81 -27.25
C THR C 38 18.35 61.60 -28.65
N ASP C 39 17.20 60.93 -28.71
CA ASP C 39 16.35 60.97 -29.90
C ASP C 39 15.59 62.29 -29.81
N TRP C 40 16.15 63.32 -30.47
CA TRP C 40 15.53 64.64 -30.49
C TRP C 40 14.18 64.60 -31.19
N ALA C 41 14.02 63.69 -32.14
CA ALA C 41 12.74 63.51 -32.80
C ALA C 41 11.68 63.03 -31.81
N ARG C 42 12.04 62.07 -30.96
CA ARG C 42 11.06 61.52 -30.03
C ARG C 42 10.73 62.52 -28.93
N LEU C 43 11.74 63.27 -28.48
CA LEU C 43 11.52 64.30 -27.47
C LEU C 43 10.69 65.44 -28.01
N LEU C 44 10.93 65.82 -29.27
CA LEU C 44 10.17 66.92 -29.87
C LEU C 44 8.76 66.47 -30.17
N GLN C 45 8.56 65.19 -30.48
CA GLN C 45 7.20 64.66 -30.54
C GLN C 45 6.56 64.61 -29.17
N ASP C 46 7.36 64.43 -28.12
CA ASP C 46 6.79 64.44 -26.78
C ASP C 46 6.32 65.84 -26.38
N HIS C 47 7.17 66.84 -26.61
CA HIS C 47 6.98 68.17 -26.03
C HIS C 47 6.93 69.20 -27.14
N PRO C 48 5.74 69.51 -27.64
CA PRO C 48 5.63 70.53 -28.70
C PRO C 48 5.86 71.93 -28.20
N TRP C 49 5.75 72.14 -26.88
CA TRP C 49 6.00 73.44 -26.28
C TRP C 49 7.47 73.82 -26.28
N LEU C 50 8.36 72.88 -26.58
CA LEU C 50 9.77 73.20 -26.76
C LEU C 50 9.99 74.17 -27.91
N LEU C 51 9.12 74.15 -28.90
CA LEU C 51 9.12 75.15 -29.97
C LEU C 51 8.21 76.33 -29.65
N SER C 52 8.02 76.65 -28.37
CA SER C 52 7.04 77.67 -28.03
C SER C 52 7.61 78.81 -27.20
N GLN C 53 8.44 78.52 -26.20
CA GLN C 53 8.95 79.58 -25.33
C GLN C 53 10.42 79.35 -25.10
N ASN C 54 11.04 80.28 -24.38
CA ASN C 54 12.44 80.13 -24.01
C ASN C 54 12.62 79.05 -22.96
N LEU C 55 13.83 78.51 -22.87
CA LEU C 55 14.11 77.33 -22.05
C LEU C 55 15.25 77.62 -21.10
N VAL C 56 15.30 76.81 -20.04
CA VAL C 56 16.41 76.79 -19.10
C VAL C 56 16.89 75.35 -19.00
N VAL C 57 18.17 75.15 -19.29
CA VAL C 57 18.76 73.82 -19.26
C VAL C 57 19.87 73.78 -18.23
N LYS C 58 19.86 72.72 -17.42
CA LYS C 58 20.72 72.63 -16.26
C LYS C 58 20.93 71.17 -15.85
N PRO C 59 22.05 70.83 -15.23
CA PRO C 59 22.34 69.42 -14.97
C PRO C 59 21.61 68.88 -13.75
N ASP C 60 21.34 67.58 -13.80
CA ASP C 60 20.66 66.87 -12.72
C ASP C 60 21.56 65.71 -12.34
N GLN C 61 22.58 65.99 -11.54
CA GLN C 61 23.50 64.96 -11.08
C GLN C 61 23.96 65.20 -9.66
N LEU C 62 23.09 65.79 -8.83
CA LEU C 62 23.39 66.19 -7.46
C LEU C 62 24.60 67.12 -7.42
N ILE C 63 24.52 68.18 -8.22
CA ILE C 63 25.57 69.18 -8.27
C ILE C 63 25.07 70.41 -7.52
N LYS C 64 25.71 70.72 -6.42
CA LYS C 64 25.33 71.87 -5.61
C LYS C 64 26.03 73.10 -6.18
N ARG C 65 25.37 74.26 -6.02
CA ARG C 65 25.81 75.54 -6.60
C ARG C 65 25.97 75.48 -8.11
N ARG C 66 24.89 75.14 -8.82
CA ARG C 66 24.93 75.16 -10.27
C ARG C 66 25.00 76.58 -10.81
N GLY C 67 24.32 77.51 -10.15
CA GLY C 67 24.22 78.87 -10.63
C GLY C 67 25.47 79.70 -10.52
N LYS C 68 26.53 79.18 -9.89
CA LYS C 68 27.78 79.91 -9.79
C LYS C 68 28.91 79.26 -10.55
N LEU C 69 28.69 78.07 -11.10
CA LEU C 69 29.68 77.42 -11.95
C LEU C 69 29.49 77.78 -13.42
N GLY C 70 28.51 78.63 -13.72
CA GLY C 70 28.19 78.94 -15.10
C GLY C 70 27.62 77.76 -15.86
N LEU C 71 26.99 76.82 -15.17
CA LEU C 71 26.48 75.59 -15.77
C LEU C 71 24.96 75.61 -15.88
N VAL C 72 24.35 76.79 -15.92
CA VAL C 72 22.90 76.89 -16.05
C VAL C 72 22.61 77.73 -17.29
N GLY C 73 22.24 77.08 -18.38
CA GLY C 73 21.78 77.80 -19.55
C GLY C 73 20.42 78.42 -19.29
N VAL C 74 20.32 79.73 -19.41
CA VAL C 74 19.13 80.49 -19.06
C VAL C 74 18.61 81.12 -20.34
N ASN C 75 17.27 81.10 -20.53
CA ASN C 75 16.56 81.97 -21.47
C ASN C 75 16.98 81.67 -22.92
N LEU C 76 16.79 80.42 -23.33
CA LEU C 76 17.27 79.97 -24.62
C LEU C 76 16.14 79.30 -25.40
N THR C 77 16.22 79.40 -26.72
CA THR C 77 15.33 78.67 -27.62
C THR C 77 15.87 77.27 -27.82
N LEU C 78 15.18 76.48 -28.65
CA LEU C 78 15.59 75.11 -28.90
C LEU C 78 16.97 75.03 -29.53
N ASP C 79 17.24 75.86 -30.54
CA ASP C 79 18.54 75.87 -31.18
C ASP C 79 19.61 76.40 -30.23
N GLY C 80 19.25 77.41 -29.43
CA GLY C 80 20.17 77.93 -28.43
C GLY C 80 20.49 76.92 -27.35
N VAL C 81 19.51 76.12 -26.95
CA VAL C 81 19.72 75.02 -26.00
C VAL C 81 20.67 73.99 -26.61
N LYS C 82 20.41 73.58 -27.85
CA LYS C 82 21.27 72.58 -28.49
C LYS C 82 22.70 73.06 -28.65
N SER C 83 22.89 74.33 -28.99
CA SER C 83 24.23 74.89 -29.10
C SER C 83 24.88 75.03 -27.73
N TRP C 84 24.09 75.23 -26.68
CA TRP C 84 24.65 75.27 -25.35
C TRP C 84 25.06 73.87 -24.91
N LEU C 85 24.38 72.85 -25.44
CA LEU C 85 24.71 71.48 -25.07
C LEU C 85 25.84 70.92 -25.91
N LYS C 86 26.18 71.57 -27.03
CA LYS C 86 27.35 71.16 -27.83
C LYS C 86 28.68 71.09 -27.06
N PRO C 87 29.11 72.08 -26.28
CA PRO C 87 30.43 71.92 -25.66
C PRO C 87 30.41 71.18 -24.33
N ARG C 88 29.28 70.67 -23.87
CA ARG C 88 29.21 70.11 -22.53
C ARG C 88 28.86 68.64 -22.50
N LEU C 89 27.86 68.20 -23.26
CA LEU C 89 27.33 66.86 -23.10
C LEU C 89 28.31 65.80 -23.56
N GLY C 90 28.86 65.04 -22.61
CA GLY C 90 29.94 64.12 -22.89
C GLY C 90 31.30 64.61 -22.49
N GLN C 91 31.40 65.85 -22.03
CA GLN C 91 32.69 66.43 -21.69
C GLN C 91 32.89 66.33 -20.18
N GLU C 92 33.91 67.00 -19.65
CA GLU C 92 34.21 66.93 -18.22
C GLU C 92 34.18 68.33 -17.64
N ALA C 93 33.90 68.41 -16.34
CA ALA C 93 34.03 69.63 -15.57
C ALA C 93 34.65 69.32 -14.22
N THR C 94 35.62 70.11 -13.81
CA THR C 94 36.24 69.99 -12.50
C THR C 94 35.36 70.74 -11.51
N VAL C 95 34.56 70.02 -10.76
CA VAL C 95 33.52 70.62 -9.94
C VAL C 95 33.90 70.45 -8.47
N GLY C 96 34.19 71.56 -7.80
CA GLY C 96 34.62 71.50 -6.43
C GLY C 96 35.99 70.86 -6.32
N LYS C 97 36.02 69.63 -5.84
CA LYS C 97 37.24 68.84 -5.81
C LYS C 97 37.18 67.67 -6.79
N ALA C 98 35.98 67.18 -7.09
CA ALA C 98 35.85 65.97 -7.89
C ALA C 98 35.79 66.32 -9.37
N THR C 99 35.77 65.29 -10.22
CA THR C 99 35.80 65.48 -11.66
C THR C 99 35.08 64.31 -12.31
N GLY C 100 34.11 64.62 -13.16
CA GLY C 100 33.35 63.57 -13.83
C GLY C 100 32.67 64.07 -15.09
N PHE C 101 32.06 63.12 -15.79
CA PHE C 101 31.37 63.45 -17.04
C PHE C 101 29.95 63.93 -16.79
N LEU C 102 29.59 65.02 -17.46
CA LEU C 102 28.22 65.55 -17.44
C LEU C 102 27.39 64.80 -18.49
N LYS C 103 26.73 63.74 -18.03
CA LYS C 103 26.08 62.79 -18.91
C LYS C 103 24.55 62.83 -18.81
N ASN C 104 23.99 63.80 -18.09
CA ASN C 104 22.54 63.86 -17.96
C ASN C 104 22.12 65.29 -17.64
N PHE C 105 21.25 65.86 -18.48
CA PHE C 105 20.82 67.25 -18.37
C PHE C 105 19.30 67.33 -18.35
N LEU C 106 18.78 68.47 -17.92
CA LEU C 106 17.35 68.69 -17.83
C LEU C 106 16.98 70.02 -18.47
N ILE C 107 15.84 70.04 -19.16
CA ILE C 107 15.29 71.24 -19.79
C ILE C 107 13.95 71.55 -19.16
N GLU C 108 13.78 72.78 -18.70
CA GLU C 108 12.56 73.28 -18.09
C GLU C 108 12.15 74.58 -18.77
N PRO C 109 10.86 74.94 -18.70
CA PRO C 109 10.45 76.24 -19.25
C PRO C 109 10.94 77.40 -18.41
N PHE C 110 11.53 78.39 -19.07
CA PHE C 110 11.75 79.65 -18.39
C PHE C 110 10.45 80.40 -18.21
N VAL C 111 10.20 80.83 -16.98
CA VAL C 111 9.09 81.74 -16.73
C VAL C 111 9.67 82.93 -15.98
N PRO C 112 9.38 84.17 -16.41
CA PRO C 112 10.04 85.33 -15.81
C PRO C 112 9.58 85.58 -14.38
N HIS C 113 10.44 86.25 -13.63
CA HIS C 113 10.20 86.56 -12.23
C HIS C 113 11.14 87.66 -11.80
N SER C 114 10.76 88.37 -10.74
CA SER C 114 11.60 89.43 -10.19
C SER C 114 12.45 88.89 -9.06
N GLN C 115 13.13 89.79 -8.34
CA GLN C 115 14.06 89.37 -7.31
C GLN C 115 13.38 89.09 -5.97
N ALA C 116 12.37 89.88 -5.60
CA ALA C 116 11.66 89.65 -4.35
C ALA C 116 10.71 88.46 -4.42
N GLU C 117 10.51 87.89 -5.60
CA GLU C 117 9.66 86.73 -5.80
C GLU C 117 10.38 85.41 -5.60
N GLU C 118 11.62 85.43 -5.14
CA GLU C 118 12.44 84.22 -5.00
C GLU C 118 12.50 83.81 -3.53
N PHE C 119 11.74 82.79 -3.17
CA PHE C 119 11.59 82.38 -1.78
C PHE C 119 12.38 81.10 -1.54
N TYR C 120 12.62 80.80 -0.26
CA TYR C 120 13.41 79.66 0.15
C TYR C 120 12.62 78.77 1.09
N VAL C 121 12.48 77.49 0.72
CA VAL C 121 11.80 76.51 1.57
C VAL C 121 12.73 75.33 1.80
N CYS C 122 12.84 74.88 3.04
CA CYS C 122 13.68 73.71 3.32
C CYS C 122 13.11 72.94 4.50
N ILE C 123 12.94 71.63 4.31
CA ILE C 123 12.35 70.77 5.33
C ILE C 123 13.31 69.62 5.59
N TYR C 124 13.79 69.49 6.81
CA TYR C 124 14.60 68.33 7.15
C TYR C 124 14.22 67.73 8.49
N ALA C 125 14.80 66.56 8.74
CA ALA C 125 14.49 65.80 9.95
C ALA C 125 15.59 65.95 10.98
N THR C 126 15.19 66.13 12.24
CA THR C 126 16.07 66.00 13.40
C THR C 126 15.42 65.05 14.38
N ARG C 127 16.18 64.70 15.42
CA ARG C 127 15.75 63.69 16.38
C ARG C 127 14.49 64.12 17.13
N GLU C 128 14.35 65.42 17.39
CA GLU C 128 13.16 65.89 18.06
C GLU C 128 12.03 66.27 17.10
N GLY C 129 12.25 66.17 15.79
CA GLY C 129 11.12 66.47 14.91
C GLY C 129 11.46 66.81 13.47
N ASP C 130 10.68 67.70 12.86
CA ASP C 130 10.87 68.03 11.45
C ASP C 130 10.86 69.55 11.35
N TYR C 131 11.98 70.15 10.97
CA TYR C 131 12.01 71.59 10.84
C TYR C 131 11.28 72.05 9.58
N VAL C 132 10.90 73.33 9.61
CA VAL C 132 10.49 74.07 8.42
C VAL C 132 11.27 75.37 8.39
N LEU C 133 12.04 75.60 7.34
CA LEU C 133 12.79 76.82 7.16
C LEU C 133 12.21 77.59 6.00
N PHE C 134 11.87 78.83 6.24
CA PHE C 134 11.41 79.74 5.20
C PHE C 134 12.28 80.98 5.20
N HIS C 135 12.54 81.51 4.00
CA HIS C 135 13.18 82.82 3.92
C HIS C 135 12.67 83.56 2.69
N HIS C 136 12.49 84.88 2.85
CA HIS C 136 11.77 85.63 1.82
C HIS C 136 12.65 85.89 0.60
N GLU C 137 13.96 85.91 0.79
CA GLU C 137 14.90 86.01 -0.32
C GLU C 137 15.53 84.66 -0.59
N GLY C 138 15.71 84.34 -1.88
CA GLY C 138 16.32 83.09 -2.24
C GLY C 138 17.55 83.26 -3.11
N GLY C 139 17.55 82.62 -4.28
CA GLY C 139 18.62 82.79 -5.24
C GLY C 139 19.91 82.11 -4.82
N VAL C 140 20.93 82.32 -5.65
CA VAL C 140 22.23 81.73 -5.37
C VAL C 140 23.05 82.60 -4.42
N ASP C 141 22.54 83.78 -4.06
CA ASP C 141 23.22 84.69 -3.17
C ASP C 141 22.55 84.69 -1.80
N VAL C 142 21.97 83.55 -1.43
CA VAL C 142 21.24 83.47 -0.17
C VAL C 142 22.22 83.37 1.00
N GLY C 143 23.42 82.86 0.75
CA GLY C 143 24.41 82.72 1.80
C GLY C 143 24.11 81.57 2.74
N ASP C 144 24.59 81.68 3.98
CA ASP C 144 24.31 80.65 4.98
C ASP C 144 22.90 80.86 5.50
N VAL C 145 22.01 79.92 5.18
CA VAL C 145 20.59 80.11 5.44
C VAL C 145 20.12 79.44 6.72
N ASP C 146 21.01 78.71 7.39
CA ASP C 146 20.68 78.01 8.63
C ASP C 146 20.29 78.96 9.76
N ALA C 147 21.23 79.82 10.20
CA ALA C 147 20.99 80.72 11.31
C ALA C 147 20.41 82.06 10.86
N LYS C 148 19.88 82.15 9.64
CA LYS C 148 19.40 83.41 9.10
C LYS C 148 17.99 83.36 8.55
N ALA C 149 17.21 82.34 8.86
CA ALA C 149 15.87 82.22 8.30
C ALA C 149 14.81 82.16 9.38
N GLN C 150 13.57 81.93 8.98
CA GLN C 150 12.51 81.63 9.91
C GLN C 150 12.46 80.12 10.10
N LYS C 151 12.76 79.68 11.31
CA LYS C 151 12.66 78.26 11.65
C LYS C 151 11.34 77.98 12.35
N LEU C 152 10.84 76.77 12.15
CA LEU C 152 9.71 76.31 12.92
C LEU C 152 9.92 74.84 13.27
N LEU C 153 9.92 74.55 14.56
CA LEU C 153 9.95 73.19 15.07
C LEU C 153 8.57 72.57 14.97
N VAL C 154 8.51 71.40 14.36
CA VAL C 154 7.29 70.60 14.35
C VAL C 154 7.59 69.28 15.01
N GLY C 155 6.85 68.97 16.06
CA GLY C 155 7.15 67.81 16.89
C GLY C 155 6.86 66.50 16.18
N VAL C 156 7.39 65.44 16.77
CA VAL C 156 7.24 64.11 16.21
C VAL C 156 5.79 63.69 16.34
N ASP C 157 5.23 63.17 15.24
CA ASP C 157 3.85 62.68 15.15
C ASP C 157 2.85 63.79 15.48
N GLU C 158 2.94 64.86 14.69
CA GLU C 158 2.09 66.02 14.90
C GLU C 158 1.51 66.47 13.57
N LYS C 159 0.82 67.59 13.59
CA LYS C 159 0.30 68.22 12.38
C LYS C 159 0.92 69.59 12.28
N LEU C 160 0.47 70.35 11.29
CA LEU C 160 1.04 71.67 11.03
C LEU C 160 -0.10 72.65 10.92
N ASN C 161 -0.26 73.48 11.95
CA ASN C 161 -1.35 74.45 11.99
C ASN C 161 -1.06 75.58 11.01
N PRO C 162 -1.93 75.84 10.04
CA PRO C 162 -1.68 76.94 9.10
C PRO C 162 -1.70 78.32 9.75
N GLU C 163 -2.46 78.49 10.83
CA GLU C 163 -2.44 79.74 11.56
C GLU C 163 -1.07 80.00 12.16
N ASP C 164 -0.36 78.95 12.59
CA ASP C 164 0.99 79.12 13.12
C ASP C 164 1.96 79.55 12.04
N ILE C 165 1.77 79.06 10.82
CA ILE C 165 2.62 79.51 9.72
C ILE C 165 2.34 80.97 9.40
N LYS C 166 1.05 81.34 9.41
CA LYS C 166 0.69 82.73 9.15
C LYS C 166 1.23 83.67 10.22
N LYS C 167 1.36 83.19 11.44
CA LYS C 167 1.77 84.06 12.52
C LYS C 167 3.25 84.01 12.80
N HIS C 168 3.97 82.99 12.32
CA HIS C 168 5.39 82.88 12.65
C HIS C 168 6.31 82.71 11.45
N LEU C 169 5.90 82.01 10.40
CA LEU C 169 6.79 81.75 9.27
C LEU C 169 6.67 82.78 8.16
N LEU C 170 5.71 83.70 8.22
CA LEU C 170 5.54 84.65 7.14
C LEU C 170 5.49 86.06 7.70
N VAL C 171 6.31 86.34 8.71
CA VAL C 171 6.26 87.66 9.32
C VAL C 171 7.02 88.68 8.49
N HIS C 172 7.91 88.25 7.62
CA HIS C 172 8.62 89.15 6.73
C HIS C 172 8.17 89.02 5.29
N ALA C 173 7.25 88.11 5.00
CA ALA C 173 6.74 87.94 3.65
C ALA C 173 5.83 89.10 3.27
N PRO C 174 5.69 89.39 1.98
CA PRO C 174 4.70 90.40 1.55
C PRO C 174 3.28 89.94 1.84
N GLU C 175 2.38 90.91 2.00
CA GLU C 175 1.03 90.64 2.48
C GLU C 175 0.21 89.83 1.48
N ASP C 176 0.13 90.32 0.24
CA ASP C 176 -0.70 89.69 -0.78
C ASP C 176 -0.21 88.31 -1.18
N LYS C 177 1.06 88.00 -0.90
CA LYS C 177 1.61 86.69 -1.16
C LYS C 177 1.63 85.80 0.08
N LYS C 178 1.00 86.22 1.17
CA LYS C 178 0.98 85.35 2.35
C LYS C 178 0.16 84.10 2.13
N GLU C 179 -1.12 84.28 1.79
CA GLU C 179 -2.11 83.22 1.94
C GLU C 179 -1.86 82.07 0.96
N ILE C 180 -1.24 82.36 -0.16
CA ILE C 180 -0.94 81.29 -1.10
C ILE C 180 0.25 80.46 -0.62
N LEU C 181 1.21 81.09 0.07
CA LEU C 181 2.34 80.35 0.61
C LEU C 181 1.93 79.45 1.75
N ALA C 182 1.00 79.92 2.59
CA ALA C 182 0.37 79.05 3.57
C ALA C 182 -0.52 78.02 2.90
N SER C 183 -0.98 78.31 1.68
CA SER C 183 -1.65 77.29 0.89
C SER C 183 -0.67 76.27 0.37
N PHE C 184 0.62 76.59 0.33
CA PHE C 184 1.62 75.75 -0.29
C PHE C 184 2.35 74.90 0.75
N ILE C 185 2.92 75.55 1.77
CA ILE C 185 3.76 74.87 2.74
C ILE C 185 2.97 73.85 3.54
N SER C 186 1.73 74.20 3.92
CA SER C 186 0.86 73.28 4.64
C SER C 186 0.47 72.10 3.77
N GLY C 187 0.49 72.28 2.46
CA GLY C 187 0.38 71.13 1.59
C GLY C 187 1.67 70.34 1.55
N LEU C 188 2.80 71.05 1.43
CA LEU C 188 4.08 70.41 1.11
C LEU C 188 4.55 69.49 2.22
N PHE C 189 4.37 69.94 3.47
CA PHE C 189 4.70 69.11 4.62
C PHE C 189 3.89 67.83 4.63
N ASN C 190 2.61 67.92 4.25
CA ASN C 190 1.80 66.72 4.10
C ASN C 190 2.38 65.80 3.05
N PHE C 191 2.83 66.38 1.93
CA PHE C 191 3.63 65.64 0.96
C PHE C 191 4.89 65.07 1.59
N TYR C 192 5.58 65.90 2.39
CA TYR C 192 6.78 65.48 3.10
C TYR C 192 6.49 64.33 4.06
N GLU C 193 5.28 64.28 4.59
CA GLU C 193 5.02 63.23 5.54
C GLU C 193 4.61 61.96 4.83
N ASP C 194 4.06 62.09 3.64
CA ASP C 194 3.39 60.93 3.07
C ASP C 194 4.36 60.09 2.26
N LEU C 195 5.54 60.62 1.97
CA LEU C 195 6.52 59.92 1.17
C LEU C 195 7.83 59.63 1.89
N TYR C 196 7.92 60.00 3.17
CA TYR C 196 9.05 59.68 4.05
C TYR C 196 10.37 60.23 3.53
N PHE C 197 10.34 61.46 3.04
CA PHE C 197 11.55 62.25 2.83
C PHE C 197 12.28 62.52 4.14
N THR C 198 13.53 62.97 4.02
CA THR C 198 14.25 63.53 5.15
C THR C 198 14.73 64.95 4.91
N TYR C 199 14.88 65.36 3.65
CA TYR C 199 15.49 66.63 3.32
C TYR C 199 14.93 67.05 1.97
N LEU C 200 14.17 68.13 1.95
CA LEU C 200 13.48 68.63 0.76
C LEU C 200 13.70 70.13 0.72
N GLU C 201 14.50 70.58 -0.23
CA GLU C 201 14.91 71.97 -0.31
C GLU C 201 14.57 72.53 -1.68
N ILE C 202 13.86 73.64 -1.70
CA ILE C 202 13.48 74.33 -2.92
C ILE C 202 14.03 75.75 -2.82
N ASN C 203 14.96 76.08 -3.70
CA ASN C 203 15.64 77.38 -3.76
C ASN C 203 15.97 77.63 -5.22
N PRO C 204 15.34 78.62 -5.87
CA PRO C 204 14.35 79.53 -5.29
C PRO C 204 12.93 78.99 -5.40
N LEU C 205 12.00 79.63 -4.71
CA LEU C 205 10.59 79.35 -4.87
C LEU C 205 9.93 80.61 -5.42
N VAL C 206 9.22 80.45 -6.54
CA VAL C 206 8.74 81.60 -7.30
C VAL C 206 7.22 81.65 -7.24
N VAL C 207 6.68 82.75 -6.74
CA VAL C 207 5.24 83.00 -6.75
C VAL C 207 5.04 84.34 -7.45
N THR C 208 4.61 84.30 -8.70
CA THR C 208 4.22 85.50 -9.42
C THR C 208 2.71 85.67 -9.34
N LYS C 209 2.16 86.58 -10.15
CA LYS C 209 0.72 86.72 -10.20
C LYS C 209 0.08 85.57 -10.96
N ASP C 210 0.86 84.86 -11.76
CA ASP C 210 0.34 83.75 -12.53
C ASP C 210 0.05 82.52 -11.68
N GLY C 211 0.78 82.34 -10.59
CA GLY C 211 0.64 81.19 -9.73
C GLY C 211 1.99 80.76 -9.21
N VAL C 212 2.03 79.52 -8.71
CA VAL C 212 3.21 78.97 -8.05
C VAL C 212 3.82 77.92 -8.97
N TYR C 213 5.12 77.99 -9.17
CA TYR C 213 5.82 76.96 -9.90
C TYR C 213 7.21 76.81 -9.31
N VAL C 214 7.77 75.63 -9.44
CA VAL C 214 8.94 75.20 -8.68
C VAL C 214 10.13 75.13 -9.64
N LEU C 215 11.24 75.77 -9.27
CA LEU C 215 12.38 75.79 -10.18
C LEU C 215 13.39 74.69 -9.86
N ASP C 216 13.74 74.53 -8.60
CA ASP C 216 14.82 73.64 -8.20
C ASP C 216 14.25 72.67 -7.17
N LEU C 217 14.90 71.53 -6.99
CA LEU C 217 14.52 70.61 -5.94
C LEU C 217 15.73 69.79 -5.56
N ALA C 218 15.99 69.69 -4.26
CA ALA C 218 17.03 68.82 -3.74
C ALA C 218 16.40 67.95 -2.67
N ALA C 219 16.53 66.64 -2.81
CA ALA C 219 15.79 65.80 -1.90
C ALA C 219 16.56 64.54 -1.56
N LYS C 220 16.32 64.07 -0.35
CA LYS C 220 16.85 62.82 0.14
C LYS C 220 15.71 62.06 0.76
N VAL C 221 15.55 60.79 0.38
CA VAL C 221 14.49 59.95 0.91
C VAL C 221 15.10 58.86 1.78
N ASP C 222 14.29 58.37 2.72
CA ASP C 222 14.64 57.26 3.59
C ASP C 222 14.48 55.97 2.81
N ALA C 223 15.60 55.35 2.44
CA ALA C 223 15.54 54.22 1.52
C ALA C 223 15.06 52.95 2.20
N THR C 224 15.05 52.93 3.52
CA THR C 224 14.55 51.75 4.22
C THR C 224 13.04 51.75 4.34
N ALA C 225 12.38 52.82 3.89
CA ALA C 225 10.93 52.96 4.04
C ALA C 225 10.19 52.64 2.77
N ASP C 226 10.66 51.67 1.98
CA ASP C 226 10.01 51.39 0.72
CA ASP C 226 10.01 51.38 0.71
C ASP C 226 8.76 50.53 0.91
N TYR C 227 8.74 49.71 1.96
CA TYR C 227 7.68 48.75 2.14
C TYR C 227 6.33 49.38 2.48
N ILE C 228 6.31 50.67 2.85
CA ILE C 228 5.07 51.42 2.81
C ILE C 228 4.88 52.10 1.46
N CYS C 229 5.91 52.75 0.94
CA CYS C 229 5.71 53.82 -0.03
C CYS C 229 6.07 53.40 -1.45
N LYS C 230 6.24 52.12 -1.72
CA LYS C 230 6.84 51.71 -2.98
C LYS C 230 5.84 51.83 -4.12
N VAL C 231 4.55 51.80 -3.80
CA VAL C 231 3.56 52.14 -4.82
C VAL C 231 3.59 53.64 -5.10
N LYS C 232 3.77 54.44 -4.05
CA LYS C 232 3.81 55.89 -4.22
C LYS C 232 5.06 56.28 -4.99
N TRP C 233 6.16 55.64 -4.61
CA TRP C 233 7.48 55.87 -5.21
C TRP C 233 7.56 55.44 -6.66
N GLY C 234 6.86 54.36 -7.00
CA GLY C 234 6.90 53.85 -8.35
C GLY C 234 8.33 53.45 -8.60
N ASP C 235 8.92 53.91 -9.70
CA ASP C 235 10.31 53.55 -9.97
C ASP C 235 11.18 54.68 -9.46
N ILE C 236 12.08 54.35 -8.54
CA ILE C 236 12.97 55.34 -7.96
C ILE C 236 14.44 54.99 -8.17
N GLU C 237 15.20 55.96 -8.64
CA GLU C 237 16.63 55.75 -8.89
C GLU C 237 17.44 56.71 -8.03
N PHE C 238 18.44 56.17 -7.33
CA PHE C 238 19.29 56.99 -6.49
C PHE C 238 20.59 57.21 -7.24
N PRO C 239 20.98 58.47 -7.38
CA PRO C 239 22.21 58.79 -8.13
C PRO C 239 23.42 58.85 -7.22
N PRO C 240 24.60 58.58 -7.76
CA PRO C 240 25.83 58.69 -6.97
C PRO C 240 26.24 60.13 -6.79
N PRO C 241 27.15 60.43 -5.87
CA PRO C 241 27.72 61.79 -5.80
C PRO C 241 28.56 62.10 -7.02
N PHE C 242 28.85 63.38 -7.21
CA PHE C 242 29.47 63.79 -8.45
C PHE C 242 30.97 63.52 -8.39
N GLY C 243 31.36 62.33 -8.86
CA GLY C 243 32.75 61.94 -8.88
C GLY C 243 33.10 61.29 -10.20
N ARG C 244 34.16 60.48 -10.17
CA ARG C 244 34.54 59.75 -11.36
C ARG C 244 33.54 58.63 -11.64
N GLU C 245 33.75 58.07 -12.73
CA GLU C 245 32.83 57.03 -13.12
C GLU C 245 33.06 55.77 -12.29
N ALA C 246 31.96 55.19 -11.84
CA ALA C 246 31.97 53.93 -11.11
C ALA C 246 32.33 52.81 -12.08
N TYR C 247 33.30 51.97 -11.69
CA TYR C 247 33.64 50.79 -12.46
C TYR C 247 32.45 49.83 -12.56
N PRO C 248 32.44 48.97 -13.57
CA PRO C 248 31.48 47.86 -13.57
C PRO C 248 31.73 46.85 -12.48
N GLU C 249 32.95 46.85 -11.90
CA GLU C 249 33.25 46.02 -10.74
C GLU C 249 32.39 46.43 -9.55
N GLU C 250 32.28 47.74 -9.31
CA GLU C 250 31.45 48.24 -8.23
C GLU C 250 29.98 47.97 -8.51
N ALA C 251 29.59 47.97 -9.77
CA ALA C 251 28.22 47.61 -10.12
C ALA C 251 27.97 46.12 -9.88
N TYR C 252 28.99 45.29 -10.10
CA TYR C 252 28.85 43.85 -9.87
C TYR C 252 28.77 43.53 -8.38
N ILE C 253 29.48 44.31 -7.56
CA ILE C 253 29.38 44.12 -6.11
C ILE C 253 28.10 44.75 -5.57
N ALA C 254 27.67 45.87 -6.14
CA ALA C 254 26.41 46.48 -5.75
C ALA C 254 25.23 45.62 -6.16
N ASP C 255 25.42 44.76 -7.17
CA ASP C 255 24.40 43.79 -7.52
C ASP C 255 24.29 42.72 -6.44
N LEU C 256 25.38 42.47 -5.71
CA LEU C 256 25.31 41.52 -4.60
C LEU C 256 24.52 42.08 -3.43
N ASP C 257 24.38 43.42 -3.35
CA ASP C 257 23.47 44.00 -2.39
C ASP C 257 22.03 43.75 -2.77
N ALA C 258 21.75 43.57 -4.06
CA ALA C 258 20.38 43.71 -4.55
C ALA C 258 19.58 42.44 -4.32
N LYS C 259 20.00 41.32 -4.92
CA LYS C 259 19.22 40.10 -4.86
C LYS C 259 19.39 39.34 -3.54
N SER C 260 20.33 39.75 -2.70
CA SER C 260 20.62 39.06 -1.46
C SER C 260 19.91 39.72 -0.29
N GLY C 261 20.26 39.28 0.92
CA GLY C 261 19.80 39.93 2.13
C GLY C 261 20.95 40.57 2.88
N ALA C 262 22.14 40.50 2.30
CA ALA C 262 23.35 40.97 2.95
C ALA C 262 23.50 42.48 2.77
N SER C 263 24.69 42.98 3.08
CA SER C 263 25.08 44.34 2.81
C SER C 263 26.57 44.37 2.52
N LEU C 264 26.93 44.63 1.27
CA LEU C 264 28.34 44.60 0.88
C LEU C 264 28.57 45.55 -0.29
N LYS C 265 29.06 46.74 0.00
CA LYS C 265 29.36 47.75 -1.00
C LYS C 265 30.87 47.91 -1.10
N LEU C 266 31.34 48.23 -2.30
CA LEU C 266 32.78 48.27 -2.57
C LEU C 266 33.12 49.64 -3.17
N THR C 267 33.94 50.40 -2.46
CA THR C 267 34.37 51.72 -2.91
C THR C 267 35.88 51.69 -3.07
N LEU C 268 36.34 51.51 -4.31
CA LEU C 268 37.76 51.43 -4.61
C LEU C 268 38.20 52.74 -5.24
N LEU C 269 39.37 53.25 -4.83
CA LEU C 269 39.76 54.58 -5.27
C LEU C 269 41.15 54.59 -5.91
N ASN C 270 42.01 53.67 -5.52
CA ASN C 270 43.37 53.63 -6.06
C ASN C 270 43.71 52.19 -6.45
N PRO C 271 43.51 51.81 -7.71
CA PRO C 271 43.74 50.41 -8.10
C PRO C 271 45.19 49.96 -8.07
N LYS C 272 46.15 50.88 -8.02
CA LYS C 272 47.56 50.54 -8.05
C LYS C 272 48.23 50.68 -6.70
N GLY C 273 47.58 50.26 -5.62
CA GLY C 273 48.19 50.32 -4.31
C GLY C 273 48.64 48.97 -3.80
N ARG C 274 49.52 49.01 -2.80
CA ARG C 274 50.00 47.78 -2.17
C ARG C 274 49.18 47.39 -0.95
N ILE C 275 48.16 48.16 -0.61
CA ILE C 275 47.31 47.85 0.52
C ILE C 275 45.90 47.62 0.01
N TRP C 276 45.35 46.44 0.31
CA TRP C 276 43.98 46.09 -0.01
C TRP C 276 43.28 45.65 1.26
N THR C 277 41.97 45.47 1.20
CA THR C 277 41.18 45.11 2.37
C THR C 277 40.17 44.03 2.04
N MET C 278 39.94 43.14 3.01
CA MET C 278 38.79 42.22 3.03
C MET C 278 38.29 42.21 4.47
N VAL C 279 37.39 43.13 4.80
CA VAL C 279 37.07 43.44 6.18
C VAL C 279 35.61 43.07 6.41
N ALA C 280 35.36 42.20 7.36
CA ALA C 280 33.99 41.83 7.71
C ALA C 280 33.48 42.73 8.83
N GLY C 281 32.33 43.36 8.61
CA GLY C 281 31.77 44.23 9.62
C GLY C 281 31.64 45.67 9.15
N GLY C 282 30.55 46.33 9.53
CA GLY C 282 30.38 47.72 9.15
C GLY C 282 31.30 48.64 9.93
N GLY C 283 31.74 48.21 11.10
CA GLY C 283 32.57 49.07 11.92
C GLY C 283 34.06 48.92 11.64
N ALA C 284 34.50 47.69 11.38
CA ALA C 284 35.94 47.43 11.37
C ALA C 284 36.60 47.93 10.09
N SER C 285 35.84 48.13 9.01
CA SER C 285 36.42 48.71 7.81
C SER C 285 36.85 50.14 8.04
N VAL C 286 36.08 50.88 8.83
CA VAL C 286 36.43 52.21 9.28
C VAL C 286 37.69 52.19 10.13
N VAL C 287 37.87 51.14 10.93
CA VAL C 287 39.01 51.06 11.84
C VAL C 287 40.29 50.79 11.06
N TYR C 288 40.24 49.85 10.12
CA TYR C 288 41.41 49.62 9.26
C TYR C 288 41.71 50.83 8.39
N SER C 289 40.67 51.52 7.90
CA SER C 289 40.92 52.71 7.08
C SER C 289 41.49 53.84 7.93
N ASP C 290 41.23 53.83 9.23
CA ASP C 290 41.94 54.73 10.13
C ASP C 290 43.40 54.35 10.23
N THR C 291 43.69 53.10 10.58
CA THR C 291 45.04 52.74 11.01
C THR C 291 46.02 52.67 9.85
N ILE C 292 45.57 52.16 8.70
CA ILE C 292 46.37 52.13 7.46
C ILE C 292 46.78 53.53 7.03
N CYS C 293 45.84 54.47 7.00
CA CYS C 293 46.17 55.83 6.59
C CYS C 293 46.93 56.56 7.70
N ASP C 294 46.80 56.11 8.94
CA ASP C 294 47.54 56.73 10.04
C ASP C 294 49.00 56.28 10.04
N LEU C 295 49.30 55.10 9.53
CA LEU C 295 50.69 54.66 9.44
C LEU C 295 51.35 55.06 8.12
N GLY C 296 50.86 56.11 7.46
CA GLY C 296 51.55 56.69 6.34
C GLY C 296 51.53 55.89 5.06
N GLY C 297 50.75 54.82 4.98
CA GLY C 297 50.63 54.09 3.74
C GLY C 297 49.38 54.48 2.97
N VAL C 298 48.90 55.71 3.24
CA VAL C 298 47.64 56.21 2.71
C VAL C 298 47.65 56.31 1.19
N ASN C 299 48.82 56.55 0.59
CA ASN C 299 48.94 56.67 -0.85
C ASN C 299 48.86 55.32 -1.55
N GLU C 300 48.96 54.22 -0.81
CA GLU C 300 48.91 52.88 -1.37
C GLU C 300 47.67 52.12 -0.93
N LEU C 301 46.73 52.76 -0.25
CA LEU C 301 45.47 52.10 0.06
C LEU C 301 44.65 51.96 -1.22
N ALA C 302 43.90 50.87 -1.33
CA ALA C 302 43.10 50.69 -2.52
C ALA C 302 41.61 50.89 -2.29
N ASN C 303 41.02 50.20 -1.34
CA ASN C 303 39.57 50.21 -1.18
C ASN C 303 39.23 50.11 0.30
N TYR C 304 37.98 50.44 0.62
CA TYR C 304 37.40 49.93 1.85
C TYR C 304 35.97 49.53 1.57
N GLY C 305 35.54 48.40 2.12
CA GLY C 305 34.20 47.94 1.86
C GLY C 305 33.55 47.30 3.07
N GLU C 306 32.34 47.75 3.40
CA GLU C 306 31.60 47.08 4.46
C GLU C 306 31.07 45.75 3.96
N TYR C 307 30.81 44.86 4.92
CA TYR C 307 30.43 43.47 4.67
C TYR C 307 29.76 42.98 5.96
N SER C 308 28.46 42.73 5.91
CA SER C 308 27.76 42.29 7.10
C SER C 308 26.61 41.39 6.66
N GLY C 309 25.79 41.00 7.63
CA GLY C 309 24.59 40.24 7.32
C GLY C 309 24.81 38.76 7.13
N ALA C 310 26.06 38.31 7.09
CA ALA C 310 26.49 36.92 6.89
C ALA C 310 25.84 36.29 5.66
N PRO C 311 26.24 36.66 4.45
CA PRO C 311 25.62 36.05 3.26
C PRO C 311 26.07 34.62 3.07
N SER C 312 25.56 34.01 2.01
CA SER C 312 25.94 32.64 1.68
C SER C 312 27.41 32.57 1.25
N GLU C 313 27.93 31.35 1.22
CA GLU C 313 29.34 31.14 0.89
C GLU C 313 29.64 31.51 -0.56
N GLN C 314 28.65 31.38 -1.44
CA GLN C 314 28.87 31.67 -2.85
C GLN C 314 28.93 33.18 -3.09
N GLN C 315 28.21 33.97 -2.30
CA GLN C 315 28.26 35.42 -2.47
C GLN C 315 29.55 35.99 -1.92
N THR C 316 30.07 35.40 -0.83
CA THR C 316 31.39 35.79 -0.36
C THR C 316 32.46 35.33 -1.34
N TYR C 317 32.25 34.20 -2.00
CA TYR C 317 33.12 33.78 -3.09
C TYR C 317 33.09 34.79 -4.24
N ASP C 318 31.91 35.34 -4.55
CA ASP C 318 31.82 36.30 -5.64
C ASP C 318 32.51 37.62 -5.28
N TYR C 319 32.33 38.07 -4.04
CA TYR C 319 32.99 39.26 -3.53
C TYR C 319 34.51 39.09 -3.54
N ALA C 320 34.98 37.91 -3.12
CA ALA C 320 36.41 37.67 -3.05
C ALA C 320 37.00 37.42 -4.43
N LYS C 321 36.22 36.87 -5.36
CA LYS C 321 36.77 36.69 -6.70
C LYS C 321 36.81 38.01 -7.45
N THR C 322 35.91 38.94 -7.11
CA THR C 322 36.01 40.29 -7.65
C THR C 322 37.26 41.00 -7.15
N ILE C 323 37.50 40.94 -5.84
CA ILE C 323 38.67 41.63 -5.33
C ILE C 323 39.98 40.93 -5.72
N LEU C 324 40.01 39.60 -5.80
CA LEU C 324 41.19 38.92 -6.30
C LEU C 324 41.36 39.07 -7.81
N SER C 325 40.27 39.34 -8.54
CA SER C 325 40.41 39.66 -9.95
C SER C 325 41.01 41.05 -10.11
N LEU C 326 40.70 41.95 -9.18
CA LEU C 326 41.37 43.24 -9.18
C LEU C 326 42.80 43.17 -8.63
N MET C 327 43.16 42.10 -7.94
CA MET C 327 44.53 41.98 -7.43
C MET C 327 45.55 41.78 -8.55
N THR C 328 45.31 40.80 -9.42
CA THR C 328 46.36 40.22 -10.25
C THR C 328 46.39 40.80 -11.66
N ARG C 329 46.17 42.10 -11.80
CA ARG C 329 46.15 42.67 -13.14
C ARG C 329 47.56 43.00 -13.64
N GLU C 330 48.35 43.76 -12.87
CA GLU C 330 49.73 43.99 -13.27
C GLU C 330 50.61 44.11 -12.04
N LYS C 331 51.92 44.13 -12.27
CA LYS C 331 52.89 43.91 -11.21
C LYS C 331 53.38 45.23 -10.64
N HIS C 332 53.19 45.42 -9.33
CA HIS C 332 54.05 46.47 -8.81
C HIS C 332 55.24 45.84 -8.09
N PRO C 333 56.45 46.42 -8.22
CA PRO C 333 57.64 45.76 -7.65
C PRO C 333 57.73 45.74 -6.13
N ASP C 334 56.87 46.48 -5.41
CA ASP C 334 56.91 46.41 -3.96
C ASP C 334 56.22 45.16 -3.43
N GLY C 335 54.99 44.90 -3.89
CA GLY C 335 54.24 43.77 -3.39
C GLY C 335 52.98 44.17 -2.65
N LYS C 336 51.86 43.55 -3.01
CA LYS C 336 50.55 43.93 -2.50
C LYS C 336 50.24 43.18 -1.21
N ILE C 337 49.68 43.92 -0.25
CA ILE C 337 49.38 43.37 1.08
C ILE C 337 47.86 43.34 1.22
N LEU C 338 47.29 42.15 1.23
CA LEU C 338 45.86 41.98 1.43
C LEU C 338 45.58 41.73 2.90
N ILE C 339 44.78 42.62 3.50
CA ILE C 339 44.40 42.50 4.90
C ILE C 339 43.02 41.89 4.99
N ILE C 340 42.92 40.77 5.70
CA ILE C 340 41.68 40.05 5.89
C ILE C 340 41.43 39.92 7.38
N GLY C 341 40.29 40.42 7.83
CA GLY C 341 39.93 40.30 9.23
C GLY C 341 38.99 41.41 9.64
N GLY C 342 38.37 41.24 10.79
CA GLY C 342 37.44 42.24 11.28
C GLY C 342 36.70 41.79 12.50
N SER C 343 35.46 42.27 12.61
CA SER C 343 34.66 42.00 13.80
C SER C 343 33.19 41.89 13.47
N ILE C 344 32.60 40.72 13.75
CA ILE C 344 31.18 40.46 13.59
C ILE C 344 30.62 40.16 14.98
N ALA C 345 29.37 40.53 15.21
CA ALA C 345 28.68 40.13 16.43
C ALA C 345 27.90 38.84 16.27
N ASN C 346 27.31 38.59 15.11
CA ASN C 346 26.46 37.42 14.86
C ASN C 346 27.26 36.40 14.06
N PHE C 347 27.86 35.44 14.75
CA PHE C 347 28.58 34.39 14.05
C PHE C 347 27.64 33.27 13.66
N THR C 348 27.26 33.24 12.39
CA THR C 348 26.26 32.32 11.88
C THR C 348 26.78 31.45 10.76
N ASN C 349 27.62 31.98 9.88
CA ASN C 349 28.19 31.25 8.76
C ASN C 349 29.69 31.15 8.88
N VAL C 350 30.19 30.79 10.06
CA VAL C 350 31.62 30.60 10.27
C VAL C 350 32.16 29.47 9.41
N ALA C 351 31.40 28.40 9.23
CA ALA C 351 31.80 27.31 8.36
C ALA C 351 31.72 27.65 6.88
N ALA C 352 30.86 28.60 6.50
CA ALA C 352 30.63 28.84 5.09
C ALA C 352 31.60 29.85 4.51
N THR C 353 31.86 30.95 5.23
CA THR C 353 32.62 32.06 4.66
C THR C 353 34.08 31.70 4.46
N PHE C 354 34.62 30.86 5.33
CA PHE C 354 35.97 30.34 5.11
C PHE C 354 36.01 29.35 3.96
N LYS C 355 34.88 28.79 3.55
CA LYS C 355 34.88 27.95 2.36
C LYS C 355 34.82 28.79 1.09
N GLY C 356 34.47 30.06 1.21
CA GLY C 356 34.48 30.92 0.05
C GLY C 356 35.86 31.42 -0.29
N ILE C 357 36.51 32.06 0.69
CA ILE C 357 37.74 32.80 0.44
C ILE C 357 38.90 31.85 0.19
N VAL C 358 38.87 30.67 0.82
CA VAL C 358 39.79 29.60 0.46
C VAL C 358 39.61 29.18 -0.99
N ARG C 359 38.36 29.06 -1.43
CA ARG C 359 38.12 28.66 -2.81
C ARG C 359 38.47 29.79 -3.78
N ALA C 360 38.38 31.03 -3.32
CA ALA C 360 38.82 32.14 -4.15
C ALA C 360 40.34 32.22 -4.21
N ILE C 361 41.03 31.90 -3.13
CA ILE C 361 42.50 31.87 -3.18
C ILE C 361 42.99 30.68 -4.01
N ARG C 362 42.42 29.50 -3.82
CA ARG C 362 42.97 28.33 -4.52
C ARG C 362 42.55 28.29 -5.99
N ASP C 363 41.68 29.20 -6.42
CA ASP C 363 41.43 29.33 -7.85
C ASP C 363 42.29 30.39 -8.51
N TYR C 364 43.27 30.96 -7.80
CA TYR C 364 44.21 31.90 -8.38
C TYR C 364 45.64 31.70 -7.92
N GLN C 365 46.09 30.46 -7.70
CA GLN C 365 47.44 30.25 -7.16
C GLN C 365 48.52 30.60 -8.16
N GLY C 366 48.19 30.55 -9.46
CA GLY C 366 49.09 30.98 -10.49
C GLY C 366 49.37 32.46 -10.42
N PRO C 367 48.36 33.29 -10.69
CA PRO C 367 48.59 34.75 -10.71
C PRO C 367 48.89 35.37 -9.35
N LEU C 368 48.40 34.81 -8.23
CA LEU C 368 48.65 35.46 -6.93
C LEU C 368 50.11 35.35 -6.49
N LYS C 369 50.81 34.28 -6.89
CA LYS C 369 52.23 34.22 -6.56
C LYS C 369 53.03 35.20 -7.39
N GLU C 370 52.83 35.20 -8.70
CA GLU C 370 53.61 36.05 -9.60
C GLU C 370 53.07 37.48 -9.67
N HIS C 371 52.11 37.85 -8.83
CA HIS C 371 51.87 39.23 -8.51
C HIS C 371 52.31 39.57 -7.08
N GLU C 372 52.91 38.60 -6.37
CA GLU C 372 53.61 38.78 -5.10
C GLU C 372 52.70 39.36 -4.01
N VAL C 373 51.73 38.56 -3.57
CA VAL C 373 50.78 38.99 -2.56
C VAL C 373 51.15 38.38 -1.21
N THR C 374 51.20 39.22 -0.17
CA THR C 374 51.50 38.76 1.18
C THR C 374 50.30 39.02 2.06
N ILE C 375 49.54 37.97 2.35
CA ILE C 375 48.22 38.10 2.97
C ILE C 375 48.39 38.02 4.48
N PHE C 376 47.72 38.91 5.21
CA PHE C 376 47.60 38.80 6.66
C PHE C 376 46.15 38.52 7.00
N VAL C 377 45.90 37.34 7.59
CA VAL C 377 44.56 36.94 8.01
C VAL C 377 44.55 36.89 9.52
N ARG C 378 43.53 37.50 10.13
CA ARG C 378 43.32 37.38 11.56
C ARG C 378 41.88 36.97 11.85
N ARG C 379 41.74 36.00 12.75
CA ARG C 379 40.43 35.51 13.16
C ARG C 379 39.97 36.32 14.35
N GLY C 380 38.67 36.39 14.55
CA GLY C 380 38.10 36.92 15.76
C GLY C 380 36.93 36.05 16.15
N GLY C 381 36.48 36.15 17.40
CA GLY C 381 35.33 35.39 17.83
C GLY C 381 35.63 33.93 18.07
N PRO C 382 35.00 33.05 17.31
CA PRO C 382 35.12 31.61 17.56
C PRO C 382 36.49 31.09 17.18
N ASN C 383 36.92 30.05 17.89
CA ASN C 383 38.19 29.40 17.58
C ASN C 383 38.02 28.38 16.46
N TYR C 384 37.71 28.86 15.27
CA TYR C 384 37.40 28.01 14.13
C TYR C 384 38.71 27.47 13.57
N GLN C 385 39.11 26.30 14.09
CA GLN C 385 40.45 25.80 13.85
C GLN C 385 40.58 25.18 12.47
N GLU C 386 39.46 24.75 11.89
CA GLU C 386 39.50 24.13 10.58
C GLU C 386 39.84 25.15 9.49
N GLY C 387 39.32 26.37 9.61
CA GLY C 387 39.65 27.40 8.64
C GLY C 387 41.08 27.85 8.73
N LEU C 388 41.60 28.00 9.96
CA LEU C 388 43.00 28.30 10.17
C LEU C 388 43.90 27.21 9.61
N ARG C 389 43.50 25.95 9.77
CA ARG C 389 44.28 24.84 9.23
C ARG C 389 44.24 24.82 7.70
N VAL C 390 43.08 25.11 7.10
CA VAL C 390 43.00 25.04 5.64
C VAL C 390 43.75 26.21 5.01
N MET C 391 43.73 27.37 5.66
CA MET C 391 44.61 28.48 5.25
C MET C 391 46.08 28.09 5.36
N GLY C 392 46.48 27.51 6.49
CA GLY C 392 47.87 27.12 6.66
C GLY C 392 48.33 26.02 5.72
N GLU C 393 47.40 25.17 5.25
CA GLU C 393 47.77 24.16 4.26
C GLU C 393 47.81 24.73 2.86
N VAL C 394 46.91 25.66 2.53
CA VAL C 394 46.92 26.18 1.16
C VAL C 394 48.06 27.19 1.00
N GLY C 395 48.53 27.77 2.09
CA GLY C 395 49.69 28.65 2.01
C GLY C 395 50.98 27.89 1.74
N LYS C 396 51.01 26.61 2.13
CA LYS C 396 52.16 25.76 1.82
C LYS C 396 51.98 25.06 0.48
N THR C 397 50.74 24.80 0.09
CA THR C 397 50.50 24.15 -1.19
C THR C 397 50.73 25.11 -2.35
N THR C 398 50.15 26.31 -2.29
CA THR C 398 50.35 27.30 -3.34
C THR C 398 51.76 27.88 -3.27
N GLY C 399 52.08 28.52 -2.16
CA GLY C 399 53.36 29.15 -1.98
C GLY C 399 53.21 30.61 -1.63
N ILE C 400 51.95 31.06 -1.60
CA ILE C 400 51.58 32.43 -1.30
C ILE C 400 51.94 32.69 0.16
N PRO C 401 52.74 33.70 0.46
CA PRO C 401 53.11 33.93 1.86
C PRO C 401 51.97 34.50 2.67
N ILE C 402 51.32 33.66 3.47
CA ILE C 402 50.24 34.11 4.34
C ILE C 402 50.81 34.17 5.74
N HIS C 403 50.11 34.89 6.61
CA HIS C 403 50.43 34.90 8.03
C HIS C 403 49.10 34.90 8.80
N VAL C 404 48.57 33.71 9.05
CA VAL C 404 47.31 33.60 9.79
C VAL C 404 47.57 33.77 11.28
N PHE C 405 46.83 34.66 11.90
CA PHE C 405 47.10 35.05 13.28
C PHE C 405 45.90 34.66 14.14
N GLY C 406 45.93 35.08 15.39
CA GLY C 406 44.91 34.71 16.35
C GLY C 406 44.41 35.92 17.09
N THR C 407 43.65 35.63 18.15
CA THR C 407 43.01 36.67 18.92
C THR C 407 44.02 37.44 19.78
N GLU C 408 45.20 36.85 20.02
CA GLU C 408 46.21 37.48 20.88
C GLU C 408 46.81 38.75 20.28
N THR C 409 46.79 38.90 18.96
CA THR C 409 47.21 40.12 18.31
C THR C 409 46.01 41.05 18.18
N HIS C 410 46.24 42.34 18.35
CA HIS C 410 45.15 43.31 18.29
C HIS C 410 44.70 43.50 16.85
N MET C 411 43.49 44.00 16.66
CA MET C 411 42.85 43.99 15.34
C MET C 411 43.48 45.01 14.40
N THR C 412 44.26 45.94 14.91
CA THR C 412 45.14 46.77 14.10
C THR C 412 46.61 46.53 14.38
N ALA C 413 46.94 45.48 15.14
CA ALA C 413 48.36 45.14 15.32
C ALA C 413 48.95 44.60 14.03
N ILE C 414 48.12 44.02 13.16
CA ILE C 414 48.61 43.47 11.90
C ILE C 414 48.97 44.58 10.92
N VAL C 415 48.40 45.77 11.06
CA VAL C 415 48.68 46.86 10.11
C VAL C 415 50.11 47.34 10.30
N GLY C 416 50.55 47.45 11.56
CA GLY C 416 51.94 47.73 11.85
C GLY C 416 52.87 46.60 11.45
N MET C 417 52.37 45.37 11.42
CA MET C 417 53.14 44.24 10.91
C MET C 417 53.20 44.23 9.40
N ALA C 418 52.28 44.93 8.74
CA ALA C 418 52.25 45.07 7.29
C ALA C 418 53.10 46.21 6.78
N LEU C 419 53.07 47.37 7.44
CA LEU C 419 53.74 48.54 6.90
C LEU C 419 55.14 48.73 7.46
N GLY C 420 55.78 47.66 7.92
CA GLY C 420 57.15 47.72 8.35
C GLY C 420 57.35 48.51 9.62
N HIS C 421 56.80 48.02 10.73
CA HIS C 421 56.98 48.66 12.01
C HIS C 421 57.34 47.71 13.14
N ARG C 422 57.19 46.40 12.95
CA ARG C 422 57.41 45.40 13.98
C ARG C 422 57.57 44.04 13.31
N PRO C 423 58.41 43.15 13.86
CA PRO C 423 58.64 41.85 13.23
C PRO C 423 57.44 40.93 13.36
N ILE C 424 57.59 39.73 12.81
CA ILE C 424 56.47 38.80 12.63
C ILE C 424 56.71 37.55 13.47
N PRO C 425 56.11 37.43 14.64
CA PRO C 425 56.18 36.19 15.42
C PRO C 425 55.42 35.03 14.78
N GLY C 487 9.30 56.70 33.68
CA GLY C 487 10.52 57.32 34.18
C GLY C 487 11.77 56.53 33.84
N LYS C 488 12.92 57.19 33.94
CA LYS C 488 14.18 56.52 33.63
C LYS C 488 14.63 55.66 34.80
N SER C 489 15.36 54.60 34.50
CA SER C 489 15.95 53.77 35.54
C SER C 489 17.43 54.08 35.70
N THR C 490 18.08 53.34 36.60
CA THR C 490 19.53 53.36 36.74
C THR C 490 20.13 51.98 36.54
N THR C 491 19.56 50.96 37.19
CA THR C 491 19.99 49.57 37.04
C THR C 491 18.98 48.87 36.14
N LEU C 492 19.40 48.58 34.92
CA LEU C 492 18.51 47.88 34.00
C LEU C 492 18.46 46.39 34.29
N PHE C 493 19.61 45.75 34.48
CA PHE C 493 19.68 44.30 34.49
C PHE C 493 20.29 43.83 35.80
N SER C 494 19.51 43.13 36.61
CA SER C 494 20.02 42.48 37.80
C SER C 494 20.25 41.01 37.47
N ARG C 495 20.67 40.23 38.47
CA ARG C 495 20.82 38.80 38.26
C ARG C 495 19.53 38.05 38.58
N HIS C 496 18.44 38.77 38.82
CA HIS C 496 17.10 38.21 38.86
C HIS C 496 16.24 38.76 37.74
N THR C 497 16.87 39.17 36.63
CA THR C 497 16.13 39.77 35.52
C THR C 497 15.55 38.70 34.61
N LYS C 498 14.26 38.79 34.35
CA LYS C 498 13.62 37.94 33.37
C LYS C 498 13.60 38.67 32.03
N ALA C 499 13.23 37.97 30.97
CA ALA C 499 13.12 38.58 29.66
C ALA C 499 12.14 37.79 28.81
N ILE C 500 11.46 38.49 27.92
CA ILE C 500 10.54 37.85 26.98
C ILE C 500 11.08 38.10 25.58
N VAL C 501 11.33 37.00 24.86
CA VAL C 501 11.92 37.05 23.53
C VAL C 501 10.81 37.11 22.51
N TRP C 502 10.69 38.22 21.80
CA TRP C 502 9.67 38.30 20.79
C TRP C 502 10.18 37.66 19.51
N GLY C 503 9.31 37.00 18.77
CA GLY C 503 9.83 36.28 17.62
C GLY C 503 10.34 34.91 18.07
N MET C 504 10.74 34.10 17.10
CA MET C 504 11.24 32.75 17.42
C MET C 504 12.70 32.67 17.01
N GLN C 505 13.57 32.61 18.01
CA GLN C 505 15.01 32.66 17.88
C GLN C 505 15.68 31.64 18.79
N THR C 506 15.32 30.36 18.63
CA THR C 506 15.79 29.28 19.50
C THR C 506 17.31 29.20 19.68
N ARG C 507 18.07 29.68 18.69
CA ARG C 507 19.51 29.80 18.87
C ARG C 507 19.85 30.89 19.87
N ALA C 508 19.23 32.06 19.74
CA ALA C 508 19.52 33.16 20.66
C ALA C 508 19.01 32.87 22.06
N VAL C 509 17.90 32.16 22.17
CA VAL C 509 17.37 31.84 23.49
C VAL C 509 18.21 30.73 24.14
N GLN C 510 18.70 29.80 23.32
CA GLN C 510 19.62 28.81 23.85
C GLN C 510 20.92 29.45 24.31
N GLY C 511 21.38 30.47 23.58
CA GLY C 511 22.53 31.25 24.01
C GLY C 511 22.30 32.05 25.26
N MET C 512 21.06 32.50 25.49
CA MET C 512 20.70 33.06 26.79
C MET C 512 20.90 32.03 27.89
N LEU C 513 20.26 30.87 27.75
CA LEU C 513 20.14 29.94 28.86
C LEU C 513 21.48 29.29 29.20
N ASP C 514 22.31 29.04 28.20
CA ASP C 514 23.61 28.44 28.47
C ASP C 514 24.55 29.43 29.14
N PHE C 515 24.48 30.70 28.73
CA PHE C 515 25.21 31.76 29.42
C PHE C 515 24.76 31.88 30.87
N ASP C 516 23.47 31.74 31.11
CA ASP C 516 22.97 31.89 32.47
C ASP C 516 23.36 30.72 33.34
N TYR C 517 23.44 29.53 32.77
CA TYR C 517 23.91 28.39 33.55
C TYR C 517 25.41 28.48 33.79
N VAL C 518 26.16 29.14 32.90
CA VAL C 518 27.57 29.38 33.19
C VAL C 518 27.71 30.43 34.29
N CYS C 519 26.76 31.36 34.39
CA CYS C 519 26.84 32.39 35.43
C CYS C 519 26.32 31.93 36.78
N SER C 520 26.03 30.64 36.95
CA SER C 520 25.57 30.02 38.20
C SER C 520 24.29 30.68 38.72
N ARG C 521 23.47 31.08 37.76
CA ARG C 521 22.22 31.77 38.01
C ARG C 521 21.17 30.77 38.49
N ASP C 522 20.32 31.22 39.42
CA ASP C 522 19.37 30.32 40.07
C ASP C 522 18.25 29.94 39.12
N GLU C 523 17.74 30.92 38.39
CA GLU C 523 16.59 30.79 37.51
C GLU C 523 17.08 30.94 36.07
N PRO C 524 16.26 30.72 35.06
CA PRO C 524 16.65 31.14 33.70
C PRO C 524 16.59 32.64 33.51
N SER C 525 16.79 33.12 32.29
CA SER C 525 16.49 34.52 32.01
C SER C 525 15.53 34.71 30.85
N VAL C 526 15.10 33.63 30.20
CA VAL C 526 13.97 33.75 29.28
C VAL C 526 12.75 33.14 29.97
N ALA C 527 11.84 33.99 30.42
CA ALA C 527 10.66 33.52 31.13
C ALA C 527 9.61 33.00 30.17
N ALA C 528 9.38 33.72 29.08
CA ALA C 528 8.40 33.28 28.10
C ALA C 528 8.75 33.81 26.72
N MET C 529 8.23 33.16 25.68
CA MET C 529 8.39 33.69 24.34
C MET C 529 7.03 34.09 23.77
N VAL C 530 7.06 35.01 22.82
CA VAL C 530 5.84 35.53 22.20
C VAL C 530 6.00 35.44 20.70
N TYR C 531 5.08 34.75 20.05
CA TYR C 531 5.17 34.64 18.60
C TYR C 531 3.77 34.51 18.00
N PRO C 532 3.28 35.55 17.32
CA PRO C 532 1.86 35.60 16.98
C PRO C 532 1.48 34.86 15.71
N PHE C 533 2.44 34.29 14.99
CA PHE C 533 2.13 33.72 13.69
C PHE C 533 2.09 32.20 13.71
N THR C 534 2.06 31.60 14.90
CA THR C 534 1.76 30.18 15.07
C THR C 534 0.77 30.05 16.22
N GLY C 535 0.56 28.82 16.67
CA GLY C 535 -0.36 28.54 17.76
C GLY C 535 0.39 28.42 19.08
N ASP C 536 -0.38 28.42 20.16
CA ASP C 536 0.20 28.40 21.48
C ASP C 536 0.69 27.01 21.85
N HIS C 537 1.94 26.94 22.27
CA HIS C 537 2.59 25.68 22.63
C HIS C 537 3.73 26.00 23.58
N LYS C 538 4.57 25.02 23.84
CA LYS C 538 5.77 25.22 24.62
C LYS C 538 6.96 24.69 23.85
N GLN C 539 8.13 25.23 24.16
CA GLN C 539 9.35 24.87 23.46
C GLN C 539 10.31 24.26 24.47
N LYS C 540 11.09 23.28 24.04
CA LYS C 540 11.91 22.48 24.93
C LYS C 540 13.38 22.81 24.76
N PHE C 541 13.98 23.36 25.81
CA PHE C 541 15.34 23.87 25.77
C PHE C 541 16.23 23.16 26.78
N TYR C 542 17.46 23.65 26.94
CA TYR C 542 18.44 23.05 27.84
C TYR C 542 18.85 24.08 28.89
N TRP C 543 18.38 23.87 30.12
CA TRP C 543 18.97 24.54 31.26
C TRP C 543 20.09 23.68 31.80
N GLY C 544 21.30 23.93 31.33
CA GLY C 544 22.43 23.11 31.70
C GLY C 544 22.34 21.75 31.06
N HIS C 545 22.03 20.75 31.89
CA HIS C 545 21.87 19.38 31.44
C HIS C 545 20.42 18.93 31.43
N LYS C 546 19.61 19.42 32.36
CA LYS C 546 18.21 19.09 32.40
C LYS C 546 17.46 19.88 31.33
N GLU C 547 16.52 19.22 30.68
CA GLU C 547 15.64 19.87 29.72
C GLU C 547 14.50 20.56 30.45
N ILE C 548 14.41 21.88 30.30
CA ILE C 548 13.26 22.62 30.82
C ILE C 548 12.43 23.09 29.64
N LEU C 549 11.22 23.57 29.95
CA LEU C 549 10.33 24.09 28.93
C LEU C 549 10.20 25.60 29.06
N ILE C 550 9.99 26.27 27.93
CA ILE C 550 9.67 27.69 27.90
C ILE C 550 8.40 27.88 27.09
N PRO C 551 7.40 28.58 27.63
CA PRO C 551 6.12 28.70 26.93
C PRO C 551 6.18 29.73 25.80
N VAL C 552 5.51 29.40 24.71
CA VAL C 552 5.43 30.26 23.54
C VAL C 552 3.98 30.68 23.34
N PHE C 553 3.75 31.98 23.29
CA PHE C 553 2.40 32.52 23.25
C PHE C 553 2.10 33.17 21.91
N LYS C 554 0.82 33.50 21.66
CA LYS C 554 0.43 34.21 20.45
C LYS C 554 0.11 35.68 20.66
N ASN C 555 -0.82 36.03 21.53
CA ASN C 555 -1.07 37.43 21.84
C ASN C 555 -0.44 37.73 23.18
N MET C 556 0.01 38.98 23.34
CA MET C 556 0.91 39.30 24.44
C MET C 556 0.19 39.36 25.78
N ALA C 557 -1.14 39.42 25.77
CA ALA C 557 -1.86 39.52 27.03
C ALA C 557 -1.73 38.24 27.84
N ASP C 558 -1.60 37.10 27.15
CA ASP C 558 -1.36 35.83 27.83
C ASP C 558 0.00 35.82 28.53
N ALA C 559 1.03 36.29 27.83
CA ALA C 559 2.38 36.27 28.41
C ALA C 559 2.57 37.37 29.44
N MET C 560 1.75 38.40 29.40
CA MET C 560 1.90 39.50 30.35
C MET C 560 0.97 39.34 31.54
N ARG C 561 -0.01 38.45 31.46
CA ARG C 561 -0.81 38.13 32.63
C ARG C 561 -0.31 36.87 33.32
N LYS C 562 0.20 35.91 32.56
CA LYS C 562 0.75 34.76 33.25
C LYS C 562 2.14 35.00 33.78
N HIS C 563 2.82 36.09 33.44
CA HIS C 563 4.18 36.34 33.91
C HIS C 563 4.27 37.77 34.40
N PRO C 564 4.07 37.98 35.71
CA PRO C 564 4.27 39.32 36.27
C PRO C 564 5.69 39.60 36.72
N GLU C 565 6.67 38.81 36.27
CA GLU C 565 8.02 38.86 36.81
C GLU C 565 9.01 39.50 35.85
N VAL C 566 8.66 39.58 34.58
CA VAL C 566 9.49 40.11 33.50
C VAL C 566 9.61 41.62 33.62
N ASP C 567 10.80 42.17 33.33
CA ASP C 567 10.85 43.59 33.04
C ASP C 567 11.69 43.98 31.82
N VAL C 568 12.03 43.06 30.92
CA VAL C 568 12.83 43.36 29.73
C VAL C 568 12.16 42.60 28.58
N LEU C 569 11.97 43.26 27.44
CA LEU C 569 11.56 42.53 26.26
C LEU C 569 12.56 42.72 25.14
N ILE C 570 12.78 41.65 24.38
CA ILE C 570 13.81 41.62 23.36
C ILE C 570 13.16 41.37 22.00
N ASN C 571 13.00 42.41 21.20
CA ASN C 571 12.41 42.23 19.89
C ASN C 571 13.41 41.70 18.89
N PHE C 572 13.17 40.48 18.44
CA PHE C 572 13.86 39.98 17.26
C PHE C 572 12.96 40.05 16.04
N ALA C 573 12.18 41.12 15.93
CA ALA C 573 11.23 41.23 14.83
C ALA C 573 11.95 41.44 13.51
N SER C 574 11.19 41.33 12.42
CA SER C 574 11.69 41.84 11.16
C SER C 574 11.61 43.36 11.19
N LEU C 575 12.18 44.00 10.18
CA LEU C 575 12.15 45.46 10.15
C LEU C 575 10.76 45.99 9.82
N ARG C 576 9.91 45.18 9.18
CA ARG C 576 8.51 45.51 8.98
C ARG C 576 7.63 45.43 10.22
N SER C 577 7.95 44.59 11.19
CA SER C 577 7.06 44.41 12.33
C SER C 577 7.62 44.97 13.63
N ALA C 578 8.80 45.57 13.61
CA ALA C 578 9.43 46.00 14.85
C ALA C 578 8.70 47.19 15.46
N TYR C 579 8.31 48.14 14.61
CA TYR C 579 7.53 49.28 15.07
C TYR C 579 6.18 48.86 15.62
N ASP C 580 5.50 47.92 14.95
CA ASP C 580 4.17 47.52 15.39
C ASP C 580 4.23 46.71 16.69
N SER C 581 5.22 45.81 16.81
CA SER C 581 5.36 45.02 18.02
C SER C 581 5.82 45.88 19.19
N THR C 582 6.66 46.88 18.92
CA THR C 582 7.09 47.75 20.01
C THR C 582 5.96 48.67 20.47
N MET C 583 5.18 49.22 19.53
CA MET C 583 4.03 50.02 19.93
C MET C 583 2.94 49.19 20.59
N GLU C 584 2.91 47.88 20.31
CA GLU C 584 2.05 46.98 21.07
C GLU C 584 2.58 46.80 22.50
N THR C 585 3.90 46.74 22.65
CA THR C 585 4.48 46.45 23.95
C THR C 585 4.46 47.67 24.88
N MET C 586 4.65 48.87 24.32
CA MET C 586 4.80 50.11 25.10
C MET C 586 3.60 50.44 25.97
N ASN C 587 2.43 49.91 25.65
CA ASN C 587 1.22 50.17 26.42
C ASN C 587 1.24 49.52 27.79
N TYR C 588 2.13 48.56 28.04
CA TYR C 588 2.14 47.78 29.27
C TYR C 588 3.05 48.44 30.29
N ALA C 589 3.02 47.92 31.51
CA ALA C 589 3.64 48.60 32.63
C ALA C 589 5.02 48.07 32.98
N GLN C 590 5.14 46.76 33.20
CA GLN C 590 6.37 46.23 33.77
C GLN C 590 7.49 46.13 32.76
N ILE C 591 7.21 46.25 31.45
CA ILE C 591 8.28 46.27 30.47
C ILE C 591 9.04 47.58 30.59
N ARG C 592 10.24 47.52 31.18
CA ARG C 592 10.98 48.73 31.49
C ARG C 592 12.29 48.82 30.71
N THR C 593 12.49 47.93 29.73
CA THR C 593 13.66 47.93 28.85
C THR C 593 13.32 47.17 27.58
N ILE C 594 13.51 47.79 26.41
CA ILE C 594 13.19 47.16 25.14
C ILE C 594 14.42 47.23 24.25
N ALA C 595 14.91 46.07 23.83
CA ALA C 595 15.92 46.01 22.80
C ALA C 595 15.29 45.74 21.45
N ILE C 596 15.76 46.44 20.43
CA ILE C 596 15.29 46.25 19.07
C ILE C 596 16.47 45.86 18.21
N ILE C 597 16.46 44.62 17.74
CA ILE C 597 17.60 44.07 17.02
C ILE C 597 17.63 44.44 15.55
N ALA C 598 16.49 44.50 14.86
CA ALA C 598 16.46 44.55 13.40
C ALA C 598 16.91 45.89 12.86
N GLU C 599 17.81 45.85 11.88
CA GLU C 599 18.30 47.04 11.20
C GLU C 599 17.28 47.50 10.16
N GLY C 600 17.48 48.72 9.66
CA GLY C 600 16.72 49.18 8.52
C GLY C 600 15.30 49.59 8.84
N ILE C 601 15.07 50.00 10.08
CA ILE C 601 13.79 50.59 10.46
C ILE C 601 13.79 52.01 9.94
N PRO C 602 12.73 52.45 9.24
CA PRO C 602 12.71 53.79 8.68
C PRO C 602 12.72 54.87 9.76
N GLU C 603 13.35 56.00 9.44
CA GLU C 603 13.67 56.98 10.45
C GLU C 603 12.46 57.77 10.91
N ALA C 604 11.35 57.68 10.17
CA ALA C 604 10.11 58.30 10.65
C ALA C 604 9.46 57.44 11.73
N LEU C 605 9.64 56.12 11.68
CA LEU C 605 9.03 55.25 12.67
C LEU C 605 9.82 55.28 13.98
N THR C 606 11.15 55.42 13.86
CA THR C 606 12.02 55.37 15.02
C THR C 606 11.80 56.56 15.93
N ARG C 607 11.52 57.74 15.36
CA ARG C 607 11.23 58.90 16.18
C ARG C 607 9.90 58.76 16.91
N LYS C 608 8.96 58.03 16.31
CA LYS C 608 7.70 57.75 17.00
C LYS C 608 7.94 56.85 18.19
N LEU C 609 8.84 55.86 18.03
CA LEU C 609 9.18 55.01 19.16
C LEU C 609 9.94 55.79 20.24
N ILE C 610 10.80 56.72 19.84
CA ILE C 610 11.54 57.51 20.82
C ILE C 610 10.60 58.47 21.55
N LYS C 611 9.60 58.99 20.83
CA LYS C 611 8.61 59.88 21.45
C LYS C 611 7.78 59.15 22.49
N LYS C 612 7.26 57.96 22.13
CA LYS C 612 6.47 57.26 23.14
C LYS C 612 7.37 56.66 24.22
N ALA C 613 8.65 56.43 23.92
CA ALA C 613 9.59 55.98 24.94
C ALA C 613 9.87 57.07 25.95
N ASP C 614 9.80 58.32 25.53
CA ASP C 614 9.94 59.42 26.49
C ASP C 614 8.62 59.73 27.17
N GLN C 615 7.50 59.37 26.53
CA GLN C 615 6.22 59.51 27.23
C GLN C 615 5.95 58.38 28.20
N LYS C 616 6.72 57.29 28.15
CA LYS C 616 6.54 56.21 29.10
C LYS C 616 7.77 55.96 29.98
N GLY C 617 8.95 56.37 29.54
CA GLY C 617 10.17 56.16 30.32
C GLY C 617 10.95 54.91 30.01
N VAL C 618 10.51 54.10 29.05
CA VAL C 618 11.12 52.81 28.77
C VAL C 618 12.39 53.01 27.97
N THR C 619 13.51 52.54 28.49
CA THR C 619 14.81 52.70 27.86
C THR C 619 14.96 51.76 26.68
N ILE C 620 15.33 52.31 25.52
CA ILE C 620 15.51 51.51 24.32
C ILE C 620 16.99 51.41 23.99
N ILE C 621 17.45 50.16 23.82
CA ILE C 621 18.81 49.87 23.37
C ILE C 621 18.68 49.36 21.94
N GLY C 622 18.86 50.25 20.97
CA GLY C 622 18.63 49.91 19.59
C GLY C 622 17.97 51.08 18.88
N PRO C 623 17.56 50.90 17.61
CA PRO C 623 17.66 49.77 16.69
C PRO C 623 19.06 49.57 16.17
N ALA C 624 19.21 48.60 15.27
CA ALA C 624 20.47 48.19 14.64
C ALA C 624 21.53 47.74 15.62
N THR C 625 21.18 47.39 16.85
CA THR C 625 22.13 46.86 17.79
C THR C 625 22.31 45.37 17.56
N VAL C 626 23.08 44.75 18.44
CA VAL C 626 23.01 43.33 18.69
C VAL C 626 22.61 43.09 20.14
N GLY C 627 22.54 44.17 20.91
CA GLY C 627 22.24 44.09 22.32
C GLY C 627 23.49 44.23 23.16
N GLY C 628 23.32 44.44 24.46
CA GLY C 628 24.47 44.52 25.31
C GLY C 628 24.78 43.21 26.02
N ILE C 629 25.67 43.26 27.00
CA ILE C 629 25.94 42.10 27.83
C ILE C 629 26.33 42.57 29.23
N LYS C 630 25.75 41.95 30.24
CA LYS C 630 26.17 42.25 31.60
C LYS C 630 26.63 40.96 32.24
N PRO C 631 27.94 40.74 32.33
CA PRO C 631 28.46 39.44 32.75
C PRO C 631 28.15 39.16 34.21
N GLY C 632 27.81 37.91 34.49
CA GLY C 632 27.30 37.53 35.78
C GLY C 632 25.83 37.79 35.99
N CYS C 633 25.19 38.60 35.14
CA CYS C 633 23.77 38.88 35.31
C CYS C 633 22.93 38.46 34.11
N PHE C 634 23.24 38.94 32.91
CA PHE C 634 22.30 38.84 31.80
C PHE C 634 23.01 39.15 30.50
N LYS C 635 22.63 38.45 29.44
CA LYS C 635 23.17 38.65 28.11
C LYS C 635 22.01 39.00 27.19
N ILE C 636 22.27 39.73 26.11
CA ILE C 636 21.21 40.13 25.20
C ILE C 636 21.54 39.62 23.81
N GLY C 637 20.56 38.97 23.18
CA GLY C 637 20.64 38.62 21.78
C GLY C 637 21.70 37.59 21.44
N ASN C 638 22.75 38.06 20.78
CA ASN C 638 23.90 37.22 20.46
C ASN C 638 25.20 37.94 20.82
N THR C 639 25.14 38.85 21.78
CA THR C 639 26.30 39.66 22.13
C THR C 639 27.33 38.82 22.85
N GLY C 640 28.57 38.89 22.38
CA GLY C 640 29.62 38.04 22.90
C GLY C 640 29.69 36.68 22.26
N GLY C 641 28.80 36.37 21.32
CA GLY C 641 28.83 35.11 20.60
C GLY C 641 28.40 33.94 21.45
N MET C 642 28.77 32.76 20.97
CA MET C 642 28.46 31.52 21.66
C MET C 642 29.46 31.37 22.81
N LEU C 643 29.27 30.41 23.71
CA LEU C 643 30.12 30.23 24.90
C LEU C 643 31.57 29.89 24.58
N ASP C 644 31.86 29.48 23.34
CA ASP C 644 33.23 29.27 22.89
C ASP C 644 34.01 30.58 22.94
N ASN C 645 33.32 31.71 22.78
CA ASN C 645 33.95 33.01 22.99
C ASN C 645 33.84 33.46 24.44
N ILE C 646 32.74 33.10 25.12
CA ILE C 646 32.49 33.59 26.47
C ILE C 646 33.53 33.06 27.45
N LEU C 647 33.87 31.78 27.33
CA LEU C 647 34.84 31.20 28.26
C LEU C 647 36.26 31.65 27.93
N ALA C 648 36.48 32.17 26.73
CA ALA C 648 37.81 32.66 26.38
C ALA C 648 38.00 34.12 26.75
N SER C 649 36.99 34.96 26.54
CA SER C 649 37.09 36.35 26.96
C SER C 649 36.64 36.55 28.41
N LYS C 650 36.35 35.46 29.12
CA LYS C 650 36.13 35.42 30.56
C LYS C 650 34.93 36.26 30.98
N LEU C 651 33.86 36.21 30.19
CA LEU C 651 32.66 37.01 30.42
C LEU C 651 31.65 36.33 31.34
N TYR C 652 32.08 35.46 32.21
CA TYR C 652 31.10 34.89 33.12
C TYR C 652 31.19 35.45 34.50
N ARG C 653 32.07 36.42 34.77
CA ARG C 653 32.19 36.99 36.10
C ARG C 653 32.24 38.51 35.94
N PRO C 654 31.81 39.25 36.95
CA PRO C 654 31.88 40.71 36.84
C PRO C 654 33.29 41.22 37.00
N GLY C 655 33.58 42.31 36.30
CA GLY C 655 34.82 43.02 36.39
C GLY C 655 34.59 44.40 36.95
N SER C 656 35.33 45.36 36.41
CA SER C 656 35.16 46.74 36.86
C SER C 656 35.23 47.76 35.74
N VAL C 657 35.12 47.33 34.48
CA VAL C 657 35.20 48.23 33.34
C VAL C 657 33.85 48.17 32.63
N ALA C 658 33.39 49.31 32.12
CA ALA C 658 32.20 49.35 31.28
C ALA C 658 32.55 50.00 29.95
N TYR C 659 32.02 49.46 28.86
CA TYR C 659 32.17 50.13 27.57
C TYR C 659 30.79 50.49 27.04
N VAL C 660 30.80 51.30 25.97
CA VAL C 660 29.60 51.63 25.21
C VAL C 660 30.03 52.05 23.81
N SER C 661 29.30 51.61 22.78
CA SER C 661 29.76 51.78 21.41
C SER C 661 28.62 52.23 20.50
N ARG C 662 29.00 52.89 19.40
CA ARG C 662 28.06 53.10 18.31
C ARG C 662 27.75 51.79 17.61
N SER C 663 28.78 51.15 17.08
CA SER C 663 28.57 50.01 16.21
C SER C 663 28.46 48.73 17.04
N GLY C 664 27.54 47.86 16.65
CA GLY C 664 27.35 46.60 17.34
C GLY C 664 28.36 45.55 16.94
N GLY C 665 29.03 45.79 15.81
CA GLY C 665 30.06 44.84 15.37
C GLY C 665 31.29 44.88 16.24
N MET C 666 31.56 46.02 16.87
CA MET C 666 32.79 46.18 17.64
C MET C 666 32.65 45.68 19.07
N SER C 667 31.47 45.16 19.44
CA SER C 667 31.29 44.69 20.81
C SER C 667 32.05 43.41 21.05
N ASN C 668 32.41 42.68 20.00
CA ASN C 668 33.31 41.55 20.12
C ASN C 668 34.73 42.04 20.38
N GLU C 669 35.15 43.07 19.65
CA GLU C 669 36.52 43.55 19.76
C GLU C 669 36.77 44.24 21.10
N LEU C 670 35.77 44.94 21.63
CA LEU C 670 35.97 45.58 22.91
C LEU C 670 35.95 44.56 24.05
N ASN C 671 35.14 43.51 23.92
CA ASN C 671 35.22 42.38 24.86
C ASN C 671 36.60 41.76 24.83
N ASN C 672 37.16 41.59 23.63
CA ASN C 672 38.51 41.07 23.46
C ASN C 672 39.54 41.94 24.16
N ILE C 673 39.53 43.25 23.88
CA ILE C 673 40.61 44.12 24.36
C ILE C 673 40.49 44.35 25.87
N ILE C 674 39.27 44.52 26.36
CA ILE C 674 39.08 44.75 27.79
C ILE C 674 39.27 43.44 28.57
N SER C 675 39.16 42.29 27.90
CA SER C 675 39.46 41.03 28.55
C SER C 675 40.96 40.74 28.59
N ARG C 676 41.74 41.26 27.65
CA ARG C 676 43.16 41.02 27.60
C ARG C 676 43.97 42.07 28.36
N THR C 677 43.30 43.02 29.00
CA THR C 677 43.99 44.01 29.82
C THR C 677 43.49 44.08 31.25
N THR C 678 42.19 43.94 31.50
CA THR C 678 41.62 44.25 32.80
C THR C 678 41.00 42.98 33.37
N ASP C 679 40.27 43.13 34.47
CA ASP C 679 39.67 41.98 35.13
C ASP C 679 38.44 41.48 34.38
N GLY C 680 37.70 42.37 33.75
CA GLY C 680 36.51 41.97 33.02
C GLY C 680 35.57 43.13 32.81
N VAL C 681 34.63 42.93 31.88
CA VAL C 681 33.64 43.95 31.57
C VAL C 681 32.53 43.89 32.61
N TYR C 682 32.16 45.05 33.16
CA TYR C 682 30.99 45.10 34.01
C TYR C 682 29.70 45.10 33.21
N GLU C 683 29.58 46.00 32.25
CA GLU C 683 28.49 45.96 31.27
C GLU C 683 28.91 46.73 30.04
N GLY C 684 28.70 46.17 28.86
CA GLY C 684 28.99 46.86 27.62
C GLY C 684 27.77 46.86 26.72
N VAL C 685 27.44 48.03 26.20
CA VAL C 685 26.18 48.25 25.51
C VAL C 685 26.45 48.81 24.13
N ALA C 686 25.92 48.15 23.10
CA ALA C 686 25.94 48.67 21.75
C ALA C 686 24.63 49.39 21.50
N ILE C 687 24.70 50.69 21.27
CA ILE C 687 23.48 51.49 21.16
C ILE C 687 22.96 51.51 19.73
N GLY C 688 23.62 50.74 18.86
CA GLY C 688 23.10 50.53 17.52
C GLY C 688 23.64 51.51 16.50
N GLY C 689 23.63 51.10 15.23
CA GLY C 689 24.23 51.88 14.17
C GLY C 689 23.26 52.64 13.29
N ASP C 690 22.10 53.03 13.79
CA ASP C 690 21.21 53.87 13.01
C ASP C 690 21.42 55.34 13.34
N ARG C 691 20.69 56.19 12.61
CA ARG C 691 20.85 57.62 12.77
C ARG C 691 20.15 58.12 14.03
N TYR C 692 19.13 57.39 14.48
CA TYR C 692 18.31 57.74 15.63
C TYR C 692 18.37 56.63 16.67
N PRO C 693 19.34 56.65 17.59
CA PRO C 693 19.42 55.62 18.61
C PRO C 693 18.32 55.80 19.64
N GLY C 694 17.93 54.69 20.25
CA GLY C 694 16.91 54.74 21.28
C GLY C 694 17.45 55.34 22.56
N SER C 695 18.75 55.18 22.77
CA SER C 695 19.44 55.81 23.89
C SER C 695 20.86 56.06 23.46
N THR C 696 21.29 57.31 23.52
CA THR C 696 22.61 57.69 23.05
C THR C 696 23.67 57.33 24.08
N PHE C 697 24.88 57.89 23.91
CA PHE C 697 25.97 57.67 24.85
C PHE C 697 25.61 58.13 26.25
N MET C 698 25.08 59.35 26.37
CA MET C 698 25.01 60.03 27.65
C MET C 698 24.06 59.37 28.62
N ASP C 699 23.02 58.69 28.12
CA ASP C 699 22.09 58.02 29.04
C ASP C 699 22.76 56.86 29.75
N HIS C 700 23.48 56.03 29.00
CA HIS C 700 24.15 54.90 29.63
C HIS C 700 25.38 55.37 30.39
N VAL C 701 25.98 56.49 29.99
CA VAL C 701 27.11 57.03 30.75
C VAL C 701 26.62 57.57 32.09
N LEU C 702 25.41 58.15 32.13
CA LEU C 702 24.84 58.55 33.41
C LEU C 702 24.48 57.34 34.27
N ARG C 703 24.02 56.25 33.66
CA ARG C 703 23.80 55.04 34.47
C ARG C 703 25.10 54.48 34.99
N TYR C 704 26.17 54.53 34.18
CA TYR C 704 27.46 54.00 34.61
C TYR C 704 28.08 54.89 35.68
N GLN C 705 27.80 56.19 35.63
CA GLN C 705 28.25 57.10 36.68
C GLN C 705 27.47 56.89 37.98
N ASP C 706 26.19 56.57 37.89
CA ASP C 706 25.36 56.33 39.06
C ASP C 706 25.33 54.85 39.43
N THR C 707 26.43 54.13 39.15
CA THR C 707 26.52 52.71 39.48
C THR C 707 27.76 52.47 40.34
N PRO C 708 27.63 51.74 41.45
CA PRO C 708 28.80 51.50 42.32
C PRO C 708 29.84 50.58 41.71
N GLY C 709 29.43 49.49 41.07
CA GLY C 709 30.38 48.48 40.61
C GLY C 709 31.23 48.92 39.43
N VAL C 710 30.81 49.93 38.70
CA VAL C 710 31.59 50.52 37.63
C VAL C 710 32.80 51.22 38.22
N LYS C 711 33.97 51.01 37.62
CA LYS C 711 35.16 51.74 38.06
C LYS C 711 35.87 52.52 36.96
N MET C 712 35.73 52.12 35.69
CA MET C 712 36.18 52.98 34.59
C MET C 712 35.21 52.78 33.43
N ILE C 713 35.14 53.78 32.56
CA ILE C 713 34.20 53.79 31.44
C ILE C 713 34.97 53.95 30.15
N VAL C 714 34.62 53.16 29.13
CA VAL C 714 35.17 53.30 27.79
C VAL C 714 34.03 53.71 26.86
N VAL C 715 34.31 54.61 25.93
CA VAL C 715 33.34 55.12 24.97
C VAL C 715 33.90 54.88 23.57
N LEU C 716 33.11 54.27 22.69
CA LEU C 716 33.51 54.09 21.29
C LEU C 716 32.53 54.83 20.40
N GLY C 717 33.00 55.92 19.81
CA GLY C 717 32.14 56.73 18.98
C GLY C 717 32.38 56.50 17.50
N GLU C 718 31.61 57.23 16.70
CA GLU C 718 31.79 57.23 15.25
C GLU C 718 31.59 58.67 14.79
N ILE C 719 32.13 58.99 13.61
CA ILE C 719 31.95 60.30 13.02
C ILE C 719 30.47 60.56 12.71
N GLY C 720 30.02 61.77 13.04
CA GLY C 720 28.67 62.21 12.74
C GLY C 720 27.80 62.48 13.94
N GLY C 721 27.53 63.75 14.20
CA GLY C 721 26.60 64.13 15.25
C GLY C 721 27.23 64.75 16.47
N THR C 722 26.40 65.43 17.28
CA THR C 722 26.82 66.06 18.53
C THR C 722 26.72 65.13 19.71
N GLU C 723 26.82 63.82 19.49
CA GLU C 723 26.66 62.86 20.58
C GLU C 723 27.91 62.76 21.45
N GLU C 724 28.97 63.48 21.12
CA GLU C 724 30.24 63.31 21.81
C GLU C 724 30.66 64.59 22.53
N TYR C 725 30.14 65.75 22.10
CA TYR C 725 30.45 66.99 22.80
C TYR C 725 29.71 67.09 24.12
N LYS C 726 28.65 66.30 24.29
CA LYS C 726 27.95 66.26 25.58
C LYS C 726 28.82 65.61 26.65
N ILE C 727 29.77 64.78 26.26
CA ILE C 727 30.74 64.24 27.21
C ILE C 727 31.68 65.35 27.69
N CYS C 728 32.11 66.22 26.76
CA CYS C 728 32.93 67.36 27.11
C CYS C 728 32.19 68.30 28.06
N ARG C 729 30.90 68.55 27.79
CA ARG C 729 30.12 69.37 28.72
C ARG C 729 29.89 68.67 30.05
N GLY C 730 29.68 67.35 30.05
CA GLY C 730 29.47 66.63 31.29
C GLY C 730 30.70 66.51 32.16
N ILE C 731 31.89 66.68 31.58
CA ILE C 731 33.10 66.65 32.39
C ILE C 731 33.52 68.06 32.78
N LYS C 732 33.34 69.04 31.88
CA LYS C 732 33.61 70.43 32.26
C LYS C 732 32.63 70.95 33.29
N GLU C 733 31.41 70.42 33.35
CA GLU C 733 30.53 70.69 34.46
C GLU C 733 30.83 69.83 35.67
N GLY C 734 31.75 68.87 35.54
CA GLY C 734 32.07 67.95 36.62
C GLY C 734 31.01 66.89 36.88
N ARG C 735 30.02 66.76 36.00
CA ARG C 735 28.97 65.77 36.20
C ARG C 735 29.48 64.35 36.03
N LEU C 736 30.42 64.14 35.11
CA LEU C 736 30.96 62.82 34.83
C LEU C 736 32.35 62.73 35.44
N THR C 737 32.50 61.89 36.47
CA THR C 737 33.70 61.93 37.30
C THR C 737 34.68 60.80 37.01
N LYS C 738 34.19 59.60 36.71
CA LYS C 738 34.94 58.36 36.59
C LYS C 738 35.93 58.44 35.43
N PRO C 739 37.02 57.66 35.44
CA PRO C 739 37.98 57.73 34.33
C PRO C 739 37.40 57.22 33.03
N ILE C 740 37.50 58.07 32.00
CA ILE C 740 36.84 57.83 30.72
C ILE C 740 37.92 57.75 29.64
N VAL C 741 37.90 56.66 28.86
CA VAL C 741 38.79 56.48 27.73
C VAL C 741 37.94 56.44 26.48
N CYS C 742 38.09 57.43 25.60
CA CYS C 742 37.32 57.42 24.38
C CYS C 742 38.20 57.57 23.15
N TRP C 743 37.64 57.10 22.04
CA TRP C 743 38.22 57.21 20.70
C TRP C 743 37.11 56.93 19.70
N CYS C 744 36.82 57.86 18.81
CA CYS C 744 35.77 57.65 17.83
C CYS C 744 36.41 57.25 16.51
N ILE C 745 35.77 56.34 15.80
CA ILE C 745 36.34 55.76 14.59
C ILE C 745 36.13 56.66 13.40
N GLY C 746 37.08 56.67 12.47
CA GLY C 746 36.92 57.39 11.23
C GLY C 746 37.67 58.68 11.09
N THR C 747 38.91 58.77 11.57
CA THR C 747 39.67 60.01 11.42
C THR C 747 40.02 60.26 9.96
N CYS C 748 40.34 59.21 9.21
CA CYS C 748 40.79 59.41 7.85
C CYS C 748 39.65 59.32 6.85
N ALA C 749 38.43 59.65 7.27
CA ALA C 749 37.37 59.90 6.31
C ALA C 749 37.65 61.15 5.47
N THR C 750 38.31 62.14 6.05
CA THR C 750 38.67 63.35 5.32
C THR C 750 39.82 63.12 4.35
N MET C 751 40.53 62.00 4.51
CA MET C 751 41.68 61.74 3.65
C MET C 751 41.30 60.89 2.44
N PHE C 752 40.08 61.03 1.93
CA PHE C 752 39.72 60.46 0.64
C PHE C 752 39.41 61.57 -0.35
N GLN C 767 30.13 68.89 8.15
CA GLN C 767 30.32 70.04 9.03
C GLN C 767 31.61 69.81 9.81
N ALA C 768 32.35 70.88 10.09
CA ALA C 768 33.74 70.75 10.52
C ALA C 768 33.89 70.25 11.96
N SER C 769 33.01 70.66 12.88
CA SER C 769 33.16 70.21 14.26
C SER C 769 32.68 68.78 14.47
N GLU C 770 31.94 68.22 13.53
CA GLU C 770 31.44 66.85 13.65
C GLU C 770 32.33 65.89 12.87
N THR C 771 33.57 66.27 12.59
CA THR C 771 34.56 65.35 12.07
C THR C 771 35.21 64.57 13.21
N ALA C 772 35.66 63.35 12.90
CA ALA C 772 36.15 62.46 13.95
C ALA C 772 37.48 62.93 14.52
N VAL C 773 38.32 63.57 13.70
CA VAL C 773 39.58 64.13 14.17
C VAL C 773 39.35 65.21 15.21
N ALA C 774 38.49 66.18 14.89
CA ALA C 774 38.26 67.30 15.78
C ALA C 774 37.49 66.89 17.01
N LYS C 775 36.61 65.89 16.88
CA LYS C 775 35.88 65.40 18.06
C LYS C 775 36.82 64.68 19.01
N ASN C 776 37.72 63.85 18.46
CA ASN C 776 38.73 63.19 19.31
C ASN C 776 39.64 64.21 19.98
N GLN C 777 40.01 65.26 19.25
CA GLN C 777 40.90 66.25 19.81
C GLN C 777 40.20 67.10 20.87
N ALA C 778 38.89 67.32 20.72
CA ALA C 778 38.15 68.09 21.71
C ALA C 778 37.84 67.27 22.94
N LEU C 779 37.68 65.95 22.78
CA LEU C 779 37.62 65.07 23.94
C LEU C 779 38.96 65.02 24.65
N LYS C 780 40.06 65.08 23.89
CA LYS C 780 41.40 65.01 24.48
C LYS C 780 41.76 66.29 25.21
N GLU C 781 41.24 67.43 24.74
CA GLU C 781 41.48 68.70 25.43
C GLU C 781 40.57 68.93 26.63
N ALA C 782 39.56 68.09 26.84
CA ALA C 782 38.59 68.34 27.91
C ALA C 782 38.69 67.34 29.04
N GLY C 783 39.69 66.46 29.02
CA GLY C 783 39.84 65.52 30.10
C GLY C 783 39.16 64.18 29.85
N VAL C 784 39.43 63.60 28.68
CA VAL C 784 39.06 62.22 28.38
C VAL C 784 40.35 61.56 27.93
N PHE C 785 40.64 60.38 28.48
CA PHE C 785 41.94 59.76 28.25
C PHE C 785 41.98 59.16 26.85
N VAL C 786 42.27 59.99 25.86
CA VAL C 786 42.19 59.57 24.47
C VAL C 786 43.58 59.11 24.02
N PRO C 787 43.71 57.95 23.39
CA PRO C 787 44.99 57.55 22.81
C PRO C 787 45.27 58.31 21.52
N ARG C 788 46.49 58.17 21.03
CA ARG C 788 46.88 58.93 19.84
C ARG C 788 46.22 58.37 18.58
N SER C 789 45.98 57.07 18.54
CA SER C 789 45.14 56.48 17.51
C SER C 789 44.51 55.23 18.11
N PHE C 790 43.88 54.41 17.25
CA PHE C 790 43.19 53.22 17.73
C PHE C 790 44.17 52.14 18.18
N ASP C 791 45.39 52.14 17.66
CA ASP C 791 46.29 51.04 17.94
C ASP C 791 46.90 51.15 19.33
N GLU C 792 46.77 52.30 19.98
CA GLU C 792 47.19 52.47 21.37
C GLU C 792 46.02 52.38 22.34
N LEU C 793 44.86 51.87 21.89
CA LEU C 793 43.69 51.83 22.75
C LEU C 793 43.86 50.80 23.86
N GLY C 794 44.35 49.61 23.51
CA GLY C 794 44.64 48.61 24.52
C GLY C 794 45.72 49.05 25.48
N GLU C 795 46.73 49.76 24.97
CA GLU C 795 47.78 50.28 25.83
C GLU C 795 47.25 51.34 26.80
N ILE C 796 46.34 52.19 26.36
CA ILE C 796 45.89 53.26 27.24
C ILE C 796 44.88 52.73 28.26
N ILE C 797 44.09 51.71 27.88
CA ILE C 797 43.21 51.05 28.83
C ILE C 797 44.02 50.31 29.89
N GLN C 798 45.07 49.62 29.44
CA GLN C 798 45.96 48.91 30.35
C GLN C 798 46.71 49.85 31.27
N SER C 799 47.12 51.02 30.75
CA SER C 799 47.88 51.98 31.53
C SER C 799 47.02 52.76 32.52
N VAL C 800 45.73 52.94 32.25
CA VAL C 800 44.79 53.43 33.25
C VAL C 800 44.49 52.38 34.32
N TYR C 801 44.32 51.12 33.90
CA TYR C 801 43.95 50.07 34.84
C TYR C 801 45.09 49.73 35.80
N GLU C 802 46.34 49.84 35.34
CA GLU C 802 47.47 49.64 36.24
C GLU C 802 47.54 50.73 37.30
N ASP C 803 47.20 51.97 36.93
CA ASP C 803 47.18 53.05 37.92
C ASP C 803 46.00 52.92 38.85
N LEU C 804 44.92 52.29 38.38
CA LEU C 804 43.79 52.00 39.25
C LEU C 804 44.05 50.86 40.22
N VAL C 805 44.85 49.87 39.84
CA VAL C 805 45.18 48.78 40.75
C VAL C 805 46.24 49.21 41.75
N ALA C 806 47.24 49.97 41.28
CA ALA C 806 48.37 50.36 42.11
C ALA C 806 48.10 51.62 42.94
N ASN C 807 46.83 51.95 43.18
CA ASN C 807 46.44 53.06 44.04
C ASN C 807 45.29 52.68 44.95
N GLY C 808 45.03 51.38 45.10
CA GLY C 808 44.04 50.90 46.05
C GLY C 808 42.61 51.22 45.68
N VAL C 809 42.37 51.51 44.40
CA VAL C 809 41.03 51.84 43.94
C VAL C 809 40.20 50.60 43.63
N ILE C 810 40.73 49.67 42.83
CA ILE C 810 40.01 48.47 42.43
C ILE C 810 40.61 47.28 43.17
N VAL C 811 39.76 46.49 43.80
CA VAL C 811 40.15 45.25 44.46
C VAL C 811 39.68 44.09 43.59
N PRO C 812 40.57 43.46 42.82
CA PRO C 812 40.12 42.53 41.77
C PRO C 812 39.57 41.24 42.35
N ALA C 813 38.75 40.57 41.55
CA ALA C 813 38.05 39.36 41.96
C ALA C 813 38.94 38.15 41.74
N GLN C 814 38.94 37.24 42.71
CA GLN C 814 39.64 35.96 42.55
C GLN C 814 38.83 35.07 41.62
N GLU C 815 39.40 34.77 40.46
CA GLU C 815 38.69 34.09 39.39
C GLU C 815 38.51 32.62 39.72
N VAL C 816 37.30 32.13 39.51
CA VAL C 816 36.89 30.78 39.86
C VAL C 816 36.36 30.12 38.59
N PRO C 817 36.66 28.85 38.32
CA PRO C 817 36.16 28.22 37.10
C PRO C 817 34.65 28.05 37.13
N PRO C 818 34.01 28.10 35.96
CA PRO C 818 32.56 28.06 35.91
C PRO C 818 32.08 26.63 35.72
N PRO C 819 30.78 26.38 35.84
CA PRO C 819 30.22 25.12 35.34
C PRO C 819 30.32 25.05 33.82
N THR C 820 30.26 23.86 33.25
CA THR C 820 30.46 23.71 31.81
C THR C 820 29.34 22.90 31.18
N VAL C 821 28.74 23.47 30.15
CA VAL C 821 27.73 22.77 29.36
C VAL C 821 28.43 22.03 28.23
N PRO C 822 27.82 21.00 27.67
CA PRO C 822 28.33 20.45 26.41
C PRO C 822 28.00 21.40 25.26
N MET C 823 28.77 21.35 24.18
CA MET C 823 28.50 22.18 23.01
C MET C 823 27.27 21.68 22.32
N ASP C 824 26.63 22.55 21.55
CA ASP C 824 25.58 22.11 20.67
C ASP C 824 26.17 21.25 19.57
N TYR C 825 25.42 20.26 19.11
CA TYR C 825 25.90 19.49 17.97
C TYR C 825 25.87 20.32 16.70
N SER C 826 24.78 21.04 16.48
CA SER C 826 24.62 21.81 15.26
C SER C 826 25.58 22.98 15.17
N TRP C 827 26.13 23.43 16.30
CA TRP C 827 27.20 24.40 16.28
C TRP C 827 28.58 23.77 16.23
N ALA C 828 28.81 22.66 16.92
CA ALA C 828 30.16 22.11 16.95
C ALA C 828 30.40 21.17 15.79
N ARG C 829 29.46 21.15 14.84
CA ARG C 829 29.58 20.40 13.61
C ARG C 829 30.15 21.35 12.56
N GLU C 830 29.70 22.61 12.58
CA GLU C 830 30.16 23.65 11.68
C GLU C 830 31.61 24.01 11.94
N LEU C 831 32.01 24.04 13.20
CA LEU C 831 33.40 24.33 13.51
C LEU C 831 34.32 23.18 13.15
N GLY C 832 33.79 21.98 12.91
CA GLY C 832 34.62 20.85 12.54
C GLY C 832 35.27 20.13 13.71
N LEU C 833 34.58 20.02 14.85
CA LEU C 833 35.12 19.25 15.96
C LEU C 833 34.54 17.86 16.00
N ILE C 834 33.44 17.64 15.31
CA ILE C 834 32.70 16.39 15.34
C ILE C 834 32.70 15.81 13.94
N ARG C 835 32.85 14.50 13.84
CA ARG C 835 33.09 13.84 12.57
C ARG C 835 32.34 12.52 12.56
N LYS C 836 31.13 12.53 12.03
CA LYS C 836 30.34 11.32 11.86
C LYS C 836 29.92 11.18 10.40
N PRO C 837 29.80 9.95 9.90
CA PRO C 837 29.51 9.79 8.47
C PRO C 837 28.03 9.92 8.17
N ALA C 838 27.73 10.21 6.90
CA ALA C 838 26.36 10.45 6.47
C ALA C 838 25.62 9.13 6.29
N SER C 839 24.38 9.08 6.77
CA SER C 839 23.60 7.84 6.77
C SER C 839 23.06 7.51 5.39
N PHE C 840 22.44 8.47 4.73
CA PHE C 840 21.95 8.24 3.38
C PHE C 840 22.94 8.78 2.35
N MET C 841 22.83 8.27 1.14
CA MET C 841 23.63 8.78 0.04
C MET C 841 22.74 8.85 -1.19
N THR C 842 22.21 10.04 -1.44
CA THR C 842 21.24 10.23 -2.49
C THR C 842 21.87 11.06 -3.59
N SER C 843 21.56 10.69 -4.82
CA SER C 843 22.33 11.13 -5.95
C SER C 843 21.46 11.68 -7.07
N ILE C 844 20.35 12.34 -6.73
CA ILE C 844 19.45 12.84 -7.76
C ILE C 844 19.16 14.33 -7.62
N CYS C 845 18.65 14.76 -6.47
CA CYS C 845 18.17 16.13 -6.35
C CYS C 845 19.09 16.90 -5.41
N ASP C 846 18.75 18.17 -5.19
CA ASP C 846 19.53 19.01 -4.28
C ASP C 846 18.61 20.08 -3.74
N GLU C 847 18.10 19.88 -2.52
CA GLU C 847 17.08 20.72 -1.92
C GLU C 847 17.53 22.16 -1.71
N ARG C 848 18.62 22.31 -0.97
CA ARG C 848 19.08 23.62 -0.53
C ARG C 848 19.68 24.42 -1.67
N GLY C 849 19.97 25.68 -1.39
CA GLY C 849 20.50 26.59 -2.39
C GLY C 849 19.42 27.52 -2.91
N GLN C 850 19.81 28.29 -3.92
CA GLN C 850 18.86 29.19 -4.55
C GLN C 850 17.86 28.41 -5.38
N GLU C 851 18.35 27.61 -6.31
CA GLU C 851 17.50 26.86 -7.23
C GLU C 851 17.56 25.38 -6.92
N LEU C 852 16.46 24.69 -7.18
CA LEU C 852 16.48 23.24 -7.12
C LEU C 852 17.21 22.69 -8.33
N ILE C 853 18.04 21.69 -8.09
CA ILE C 853 18.92 21.13 -9.09
C ILE C 853 18.52 19.68 -9.26
N TYR C 854 18.32 19.24 -10.50
CA TYR C 854 18.15 17.80 -10.71
C TYR C 854 19.52 17.17 -10.92
N ALA C 855 19.58 15.97 -11.47
CA ALA C 855 20.88 15.30 -11.55
C ALA C 855 21.79 15.97 -12.57
N GLY C 856 22.36 17.11 -12.19
CA GLY C 856 23.20 17.91 -13.04
C GLY C 856 22.63 19.27 -13.35
N MET C 857 21.34 19.35 -13.62
CA MET C 857 20.82 20.58 -14.18
C MET C 857 19.99 21.34 -13.16
N PRO C 858 20.12 22.66 -13.08
CA PRO C 858 19.16 23.43 -12.30
C PRO C 858 17.84 23.57 -13.06
N ILE C 859 16.75 23.92 -12.38
CA ILE C 859 15.44 23.86 -13.03
C ILE C 859 15.22 24.99 -14.03
N THR C 860 15.87 26.14 -13.86
CA THR C 860 15.70 27.20 -14.85
C THR C 860 16.39 26.85 -16.15
N GLU C 861 17.38 25.97 -16.10
CA GLU C 861 17.92 25.42 -17.34
C GLU C 861 17.01 24.35 -17.91
N VAL C 862 16.25 23.65 -17.07
CA VAL C 862 15.32 22.62 -17.55
C VAL C 862 14.18 23.28 -18.31
N PHE C 863 13.67 24.39 -17.80
CA PHE C 863 12.64 25.14 -18.51
C PHE C 863 13.21 26.12 -19.53
N LYS C 864 14.50 26.46 -19.42
CA LYS C 864 15.16 27.30 -20.42
C LYS C 864 15.28 26.56 -21.74
N GLU C 865 15.78 25.34 -21.68
CA GLU C 865 15.67 24.43 -22.81
C GLU C 865 14.28 23.82 -22.79
N GLU C 866 13.99 22.91 -23.71
CA GLU C 866 12.70 22.23 -23.70
C GLU C 866 13.00 20.78 -23.36
N MET C 867 13.14 20.51 -22.06
CA MET C 867 13.46 19.16 -21.64
C MET C 867 12.26 18.25 -21.68
N GLY C 868 11.07 18.75 -21.37
CA GLY C 868 9.89 17.92 -21.33
C GLY C 868 9.85 16.95 -20.16
N ILE C 869 8.69 16.31 -19.95
CA ILE C 869 8.59 15.24 -18.97
C ILE C 869 9.44 14.07 -19.41
N GLY C 870 9.56 13.85 -20.72
CA GLY C 870 10.43 12.83 -21.23
C GLY C 870 11.92 13.08 -21.02
N GLY C 871 12.29 14.29 -20.61
CA GLY C 871 13.68 14.59 -20.33
C GLY C 871 13.92 14.68 -18.85
N VAL C 872 12.93 15.17 -18.11
CA VAL C 872 12.97 15.16 -16.64
C VAL C 872 12.96 13.73 -16.13
N LEU C 873 12.31 12.83 -16.87
CA LEU C 873 12.28 11.43 -16.50
C LEU C 873 13.66 10.80 -16.61
N GLY C 874 14.33 11.00 -17.74
CA GLY C 874 15.66 10.48 -17.92
C GLY C 874 16.66 11.21 -17.06
N LEU C 875 16.34 12.42 -16.66
CA LEU C 875 17.25 13.20 -15.84
C LEU C 875 17.16 12.81 -14.37
N LEU C 876 15.99 12.37 -13.91
CA LEU C 876 15.87 11.87 -12.54
C LEU C 876 16.31 10.42 -12.44
N TRP C 877 15.70 9.55 -13.24
CA TRP C 877 15.99 8.12 -13.14
C TRP C 877 17.40 7.65 -13.49
N PHE C 878 17.93 8.15 -14.60
CA PHE C 878 19.26 7.71 -15.03
C PHE C 878 20.39 8.62 -14.61
N GLN C 879 20.09 9.90 -14.42
CA GLN C 879 21.11 10.86 -14.02
C GLN C 879 22.00 11.18 -15.23
N LYS C 880 21.56 10.71 -16.40
CA LYS C 880 22.26 10.92 -17.66
C LYS C 880 21.29 11.75 -18.46
N ARG C 881 21.76 12.82 -19.10
CA ARG C 881 20.82 13.65 -19.84
C ARG C 881 20.60 13.03 -21.21
N LEU C 882 19.37 13.05 -21.68
CA LEU C 882 18.94 12.29 -22.83
C LEU C 882 18.67 13.18 -24.04
N PRO C 883 18.97 12.71 -25.25
CA PRO C 883 18.73 13.52 -26.45
C PRO C 883 17.27 13.53 -26.84
N LYS C 884 16.90 14.32 -27.85
CA LYS C 884 15.49 14.59 -28.11
C LYS C 884 14.76 13.41 -28.72
N TYR C 885 15.42 12.59 -29.54
CA TYR C 885 14.73 11.51 -30.22
C TYR C 885 14.33 10.38 -29.28
N SER C 886 14.96 10.30 -28.11
CA SER C 886 14.56 9.37 -27.06
C SER C 886 13.72 10.04 -25.99
N CYS C 887 13.95 11.34 -25.78
CA CYS C 887 13.08 12.15 -24.94
C CYS C 887 11.64 12.13 -25.42
N GLN C 888 11.44 12.24 -26.74
CA GLN C 888 10.10 12.10 -27.25
C GLN C 888 9.62 10.66 -27.24
N PHE C 889 10.54 9.69 -27.30
CA PHE C 889 10.13 8.28 -27.32
C PHE C 889 9.61 7.82 -25.98
N ILE C 890 10.19 8.32 -24.91
CA ILE C 890 9.76 7.80 -23.62
C ILE C 890 8.44 8.46 -23.24
N GLU C 891 8.14 9.61 -23.84
CA GLU C 891 6.78 10.13 -23.77
C GLU C 891 5.82 9.28 -24.57
N MET C 892 6.27 8.67 -25.67
CA MET C 892 5.41 7.73 -26.40
C MET C 892 5.09 6.52 -25.54
N CYS C 893 6.09 5.99 -24.84
CA CYS C 893 5.86 4.84 -23.97
C CYS C 893 4.96 5.18 -22.78
N LEU C 894 4.95 6.43 -22.31
CA LEU C 894 3.94 6.77 -21.31
C LEU C 894 2.57 7.01 -21.93
N MET C 895 2.48 7.56 -23.13
CA MET C 895 1.18 7.80 -23.74
C MET C 895 0.51 6.50 -24.19
N VAL C 896 1.26 5.42 -24.38
CA VAL C 896 0.68 4.15 -24.79
C VAL C 896 0.18 3.34 -23.59
N THR C 897 0.98 3.20 -22.54
CA THR C 897 0.60 2.38 -21.39
C THR C 897 -0.25 3.13 -20.38
N ALA C 898 -0.97 4.18 -20.81
CA ALA C 898 -1.80 4.92 -19.87
C ALA C 898 -3.03 4.12 -19.45
N ASP C 899 -3.79 3.60 -20.40
CA ASP C 899 -4.82 2.61 -20.09
C ASP C 899 -4.85 1.53 -21.15
N HIS C 900 -5.07 0.31 -20.68
CA HIS C 900 -5.60 -0.73 -21.53
C HIS C 900 -7.07 -1.00 -21.27
N GLY C 901 -7.57 -0.75 -20.06
CA GLY C 901 -8.98 -0.79 -19.85
C GLY C 901 -9.40 -0.94 -18.40
N PRO C 902 -10.71 -0.92 -18.17
CA PRO C 902 -11.24 -1.06 -16.80
C PRO C 902 -11.46 -2.49 -16.35
N ALA C 903 -11.62 -3.45 -17.25
CA ALA C 903 -11.78 -4.83 -16.85
C ALA C 903 -10.43 -5.51 -16.77
N VAL C 904 -9.51 -4.86 -16.08
CA VAL C 904 -8.11 -5.25 -16.03
C VAL C 904 -7.70 -5.14 -14.57
N SER C 905 -6.98 -6.14 -14.07
CA SER C 905 -6.91 -6.48 -12.64
C SER C 905 -6.55 -5.30 -11.74
N GLY C 906 -5.57 -4.50 -12.16
CA GLY C 906 -5.26 -3.27 -11.47
C GLY C 906 -6.36 -2.22 -11.51
N ALA C 907 -6.94 -1.98 -12.69
CA ALA C 907 -8.02 -1.00 -12.76
C ALA C 907 -9.27 -1.51 -12.07
N HIS C 908 -9.44 -2.82 -12.01
CA HIS C 908 -10.55 -3.41 -11.27
C HIS C 908 -10.43 -3.10 -9.79
N ASN C 909 -9.27 -3.32 -9.20
CA ASN C 909 -9.20 -3.04 -7.78
C ASN C 909 -8.72 -1.63 -7.45
N THR C 910 -8.70 -0.74 -8.43
CA THR C 910 -8.84 0.70 -8.18
C THR C 910 -10.29 1.15 -8.21
N ILE C 911 -11.09 0.59 -9.13
CA ILE C 911 -12.53 0.83 -9.16
C ILE C 911 -13.18 0.43 -7.86
N ILE C 912 -12.76 -0.70 -7.27
CA ILE C 912 -13.40 -1.18 -6.05
C ILE C 912 -13.05 -0.30 -4.85
N CYS C 913 -11.76 0.01 -4.67
CA CYS C 913 -11.38 0.89 -3.56
C CYS C 913 -11.64 2.37 -3.85
N ALA C 914 -12.15 2.72 -5.02
CA ALA C 914 -12.68 4.06 -5.25
C ALA C 914 -14.16 4.11 -4.97
N ARG C 915 -14.87 3.02 -5.22
CA ARG C 915 -16.25 2.92 -4.77
C ARG C 915 -16.37 2.79 -3.27
N ALA C 916 -15.39 2.20 -2.59
CA ALA C 916 -15.48 2.10 -1.15
C ALA C 916 -15.19 3.41 -0.42
N GLY C 917 -15.14 4.53 -1.13
CA GLY C 917 -15.18 5.86 -0.56
C GLY C 917 -13.86 6.43 -0.12
N LYS C 918 -12.75 5.78 -0.42
CA LYS C 918 -11.51 6.19 0.20
C LYS C 918 -10.77 7.15 -0.74
N ASP C 919 -9.52 7.47 -0.42
CA ASP C 919 -8.82 8.64 -0.92
C ASP C 919 -8.36 8.43 -2.36
N LEU C 920 -7.56 9.37 -2.88
CA LEU C 920 -6.95 9.15 -4.19
C LEU C 920 -5.72 8.28 -4.06
N VAL C 921 -4.94 8.51 -3.01
CA VAL C 921 -3.72 7.74 -2.80
C VAL C 921 -4.06 6.30 -2.48
N SER C 922 -5.07 6.10 -1.65
CA SER C 922 -5.43 4.76 -1.25
C SER C 922 -6.28 4.06 -2.30
N SER C 923 -6.63 4.74 -3.38
CA SER C 923 -7.32 4.05 -4.46
C SER C 923 -6.40 3.79 -5.64
N LEU C 924 -5.49 4.72 -5.92
CA LEU C 924 -4.35 4.44 -6.79
C LEU C 924 -3.57 3.23 -6.30
N THR C 925 -3.16 3.27 -5.04
CA THR C 925 -2.28 2.27 -4.46
C THR C 925 -2.88 0.89 -4.45
N SER C 926 -4.17 0.76 -4.20
CA SER C 926 -4.76 -0.56 -4.18
C SER C 926 -4.85 -1.20 -5.55
N GLY C 927 -4.60 -0.43 -6.61
CA GLY C 927 -4.42 -1.01 -7.92
C GLY C 927 -2.97 -1.13 -8.33
N LEU C 928 -2.10 -0.37 -7.70
CA LEU C 928 -0.68 -0.48 -8.00
C LEU C 928 -0.06 -1.73 -7.44
N LEU C 929 -0.55 -2.26 -6.33
CA LEU C 929 0.05 -3.48 -5.82
C LEU C 929 -0.44 -4.73 -6.56
N THR C 930 -1.02 -4.56 -7.74
CA THR C 930 -1.31 -5.68 -8.61
C THR C 930 -0.17 -5.87 -9.62
N ILE C 931 0.54 -4.79 -9.95
CA ILE C 931 1.71 -4.82 -10.83
C ILE C 931 2.73 -5.79 -10.25
N GLY C 932 3.31 -6.62 -11.10
CA GLY C 932 4.05 -7.73 -10.52
C GLY C 932 4.51 -8.76 -11.52
N ASP C 933 4.18 -10.02 -11.27
CA ASP C 933 4.68 -11.08 -12.12
C ASP C 933 3.64 -11.65 -13.08
N ARG C 934 2.35 -11.39 -12.89
CA ARG C 934 1.38 -11.80 -13.89
C ARG C 934 0.69 -10.63 -14.57
N PHE C 935 0.58 -9.48 -13.93
CA PHE C 935 0.01 -8.30 -14.55
C PHE C 935 1.02 -7.17 -14.69
N GLY C 936 1.20 -6.68 -15.91
CA GLY C 936 2.04 -5.54 -16.17
C GLY C 936 3.53 -5.79 -16.02
N GLY C 937 3.94 -7.01 -15.74
CA GLY C 937 5.36 -7.30 -15.63
C GLY C 937 5.83 -8.07 -16.83
N ALA C 938 5.13 -7.92 -17.95
CA ALA C 938 5.58 -8.54 -19.18
C ALA C 938 6.74 -7.78 -19.81
N LEU C 939 6.82 -6.48 -19.52
CA LEU C 939 7.88 -5.63 -20.03
C LEU C 939 9.26 -6.11 -19.60
N ASP C 940 9.50 -6.19 -18.29
CA ASP C 940 10.85 -6.52 -17.84
C ASP C 940 11.15 -8.01 -18.00
N ALA C 941 10.17 -8.81 -18.38
CA ALA C 941 10.44 -10.16 -18.80
C ALA C 941 10.83 -10.24 -20.27
N ALA C 942 10.26 -9.40 -21.12
CA ALA C 942 10.65 -9.36 -22.53
C ALA C 942 12.08 -8.85 -22.72
N ALA C 943 12.46 -7.82 -21.94
CA ALA C 943 13.82 -7.31 -21.98
C ALA C 943 14.82 -8.38 -21.53
N LYS C 944 14.58 -8.99 -20.38
CA LYS C 944 15.46 -10.02 -19.85
C LYS C 944 15.41 -11.33 -20.63
N MET C 945 14.58 -11.46 -21.66
CA MET C 945 14.60 -12.61 -22.54
C MET C 945 15.28 -12.32 -23.87
N PHE C 946 14.83 -11.30 -24.58
CA PHE C 946 15.45 -10.94 -25.85
C PHE C 946 16.88 -10.44 -25.67
N SER C 947 17.15 -9.60 -24.67
CA SER C 947 18.51 -9.13 -24.47
C SER C 947 19.43 -10.21 -23.93
N LYS C 948 18.89 -11.20 -23.24
CA LYS C 948 19.72 -12.31 -22.78
C LYS C 948 20.04 -13.25 -23.93
N ALA C 949 19.11 -13.44 -24.86
CA ALA C 949 19.35 -14.31 -26.00
C ALA C 949 20.06 -13.62 -27.16
N PHE C 950 20.13 -12.30 -27.15
CA PHE C 950 20.87 -11.57 -28.17
C PHE C 950 22.36 -11.70 -27.93
N ASP C 951 22.76 -11.71 -26.65
CA ASP C 951 24.18 -11.67 -26.30
C ASP C 951 24.83 -13.04 -26.38
N SER C 952 24.06 -14.13 -26.25
CA SER C 952 24.64 -15.46 -26.33
C SER C 952 24.83 -15.92 -27.78
N GLY C 953 24.39 -15.12 -28.76
CA GLY C 953 24.73 -15.35 -30.14
C GLY C 953 23.73 -16.18 -30.92
N ILE C 954 22.60 -16.53 -30.32
CA ILE C 954 21.68 -17.48 -30.95
C ILE C 954 20.88 -16.78 -32.05
N ILE C 955 20.89 -17.36 -33.25
CA ILE C 955 20.16 -16.82 -34.39
C ILE C 955 18.75 -17.36 -34.15
N PRO C 956 17.66 -16.68 -34.56
CA PRO C 956 16.33 -16.99 -33.97
C PRO C 956 15.77 -18.39 -34.13
N MET C 957 16.30 -19.23 -35.01
CA MET C 957 15.73 -20.57 -35.16
C MET C 957 16.02 -21.44 -33.93
N GLU C 958 17.26 -21.41 -33.44
CA GLU C 958 17.57 -22.19 -32.24
C GLU C 958 16.91 -21.57 -31.01
N PHE C 959 16.67 -20.26 -31.05
CA PHE C 959 15.94 -19.58 -29.99
C PHE C 959 14.50 -20.08 -29.90
N VAL C 960 13.80 -20.13 -31.02
CA VAL C 960 12.42 -20.62 -31.00
C VAL C 960 12.38 -22.11 -30.69
N ASN C 961 13.39 -22.85 -31.16
CA ASN C 961 13.40 -24.29 -30.92
C ASN C 961 13.70 -24.60 -29.45
N LYS C 962 14.52 -23.79 -28.78
CA LYS C 962 14.73 -24.03 -27.36
C LYS C 962 13.57 -23.51 -26.53
N MET C 963 12.86 -22.49 -27.02
CA MET C 963 11.64 -22.07 -26.32
C MET C 963 10.53 -23.10 -26.46
N LYS C 964 10.61 -23.94 -27.49
CA LYS C 964 9.71 -25.09 -27.52
C LYS C 964 10.25 -26.24 -26.67
N LYS C 965 11.56 -26.48 -26.73
CA LYS C 965 12.13 -27.68 -26.12
C LYS C 965 12.14 -27.60 -24.59
N GLU C 966 12.72 -26.54 -24.04
CA GLU C 966 12.64 -26.31 -22.60
C GLU C 966 11.22 -25.95 -22.15
N GLY C 967 10.34 -25.55 -23.06
CA GLY C 967 8.94 -25.42 -22.73
C GLY C 967 8.61 -24.19 -21.92
N LYS C 968 8.80 -23.02 -22.51
CA LYS C 968 8.37 -21.79 -21.88
C LYS C 968 7.94 -20.82 -22.96
N LEU C 969 6.90 -20.06 -22.65
CA LEU C 969 6.34 -19.13 -23.60
C LEU C 969 7.25 -17.92 -23.71
N ILE C 970 7.29 -17.32 -24.88
CA ILE C 970 8.15 -16.17 -25.12
C ILE C 970 7.43 -14.93 -24.60
N MET C 971 8.11 -14.18 -23.74
CA MET C 971 7.42 -13.18 -22.93
C MET C 971 7.04 -11.94 -23.73
N GLY C 972 7.74 -11.69 -24.83
CA GLY C 972 7.35 -10.55 -25.64
C GLY C 972 6.19 -10.86 -26.57
N ILE C 973 6.05 -12.11 -26.98
CA ILE C 973 5.29 -12.45 -28.18
C ILE C 973 4.00 -13.18 -27.83
N GLY C 974 2.88 -12.63 -28.30
CA GLY C 974 1.61 -13.31 -28.23
C GLY C 974 0.46 -12.36 -27.99
N HIS C 975 -0.57 -12.43 -28.81
CA HIS C 975 -1.68 -11.49 -28.69
C HIS C 975 -2.99 -12.23 -28.87
N ARG C 976 -4.04 -11.71 -28.23
CA ARG C 976 -5.28 -12.45 -28.07
C ARG C 976 -6.09 -12.47 -29.36
N VAL C 977 -6.04 -11.39 -30.13
CA VAL C 977 -6.94 -11.23 -31.27
C VAL C 977 -6.16 -11.16 -32.58
N LYS C 978 -5.06 -10.41 -32.57
CA LYS C 978 -4.56 -9.80 -33.80
C LYS C 978 -3.46 -10.57 -34.51
N SER C 979 -3.37 -10.42 -35.83
CA SER C 979 -2.45 -11.19 -36.68
C SER C 979 -1.52 -10.27 -37.48
N ILE C 980 -0.77 -10.87 -38.42
CA ILE C 980 -0.03 -10.08 -39.40
C ILE C 980 -0.98 -9.25 -40.25
N ASN C 981 -2.11 -9.83 -40.63
CA ASN C 981 -3.13 -9.17 -41.43
C ASN C 981 -3.74 -7.95 -40.74
N ASN C 982 -3.74 -7.93 -39.41
CA ASN C 982 -4.28 -6.82 -38.62
C ASN C 982 -3.45 -6.69 -37.37
N PRO C 983 -2.50 -5.76 -37.33
CA PRO C 983 -1.66 -5.62 -36.13
C PRO C 983 -2.32 -4.78 -35.05
N ASP C 984 -1.71 -4.64 -33.87
CA ASP C 984 -2.03 -3.49 -33.06
C ASP C 984 -1.63 -2.23 -33.81
N MET C 985 -2.39 -1.17 -33.60
CA MET C 985 -1.99 0.11 -34.15
C MET C 985 -0.97 0.81 -33.28
N ARG C 986 -0.99 0.55 -31.97
CA ARG C 986 -0.01 1.17 -31.08
C ARG C 986 1.37 0.60 -31.35
N VAL C 987 1.46 -0.68 -31.76
CA VAL C 987 2.77 -1.27 -32.01
C VAL C 987 3.30 -0.76 -33.33
N GLN C 988 2.40 -0.38 -34.24
CA GLN C 988 2.83 0.20 -35.50
C GLN C 988 3.31 1.63 -35.31
N ILE C 989 2.65 2.39 -34.44
CA ILE C 989 3.11 3.76 -34.21
C ILE C 989 4.45 3.75 -33.48
N LEU C 990 4.61 2.87 -32.49
CA LEU C 990 5.90 2.77 -31.80
C LEU C 990 7.00 2.24 -32.72
N LYS C 991 6.67 1.28 -33.58
CA LYS C 991 7.68 0.72 -34.47
C LYS C 991 8.11 1.74 -35.52
N ASP C 992 7.16 2.53 -36.02
CA ASP C 992 7.51 3.56 -37.00
C ASP C 992 8.34 4.66 -36.35
N TYR C 993 8.03 5.03 -35.11
CA TYR C 993 8.83 6.04 -34.43
C TYR C 993 10.23 5.53 -34.13
N VAL C 994 10.35 4.23 -33.82
CA VAL C 994 11.68 3.67 -33.58
C VAL C 994 12.52 3.70 -34.85
N ARG C 995 11.92 3.32 -35.99
CA ARG C 995 12.69 3.27 -37.22
C ARG C 995 13.05 4.65 -37.74
N GLN C 996 12.18 5.65 -37.54
CA GLN C 996 12.44 6.95 -38.16
C GLN C 996 13.50 7.75 -37.42
N HIS C 997 13.79 7.42 -36.16
CA HIS C 997 14.59 8.35 -35.35
C HIS C 997 15.78 7.73 -34.64
N PHE C 998 15.73 6.46 -34.24
CA PHE C 998 16.91 5.87 -33.63
C PHE C 998 18.00 5.65 -34.67
N PRO C 999 19.26 5.94 -34.35
CA PRO C 999 20.33 5.81 -35.34
C PRO C 999 20.65 4.38 -35.69
N ALA C 1000 20.59 3.47 -34.72
CA ALA C 1000 20.87 2.07 -34.96
C ALA C 1000 20.04 1.22 -34.01
N THR C 1001 19.27 0.29 -34.58
CA THR C 1001 18.41 -0.58 -33.79
C THR C 1001 18.80 -2.05 -33.93
N PRO C 1002 19.78 -2.54 -33.18
CA PRO C 1002 19.84 -3.96 -32.90
C PRO C 1002 18.76 -4.33 -31.89
N LEU C 1003 18.53 -5.64 -31.79
CA LEU C 1003 17.63 -6.32 -30.85
C LEU C 1003 16.14 -6.03 -31.12
N LEU C 1004 15.82 -5.10 -32.00
CA LEU C 1004 14.49 -5.03 -32.60
C LEU C 1004 14.50 -5.52 -34.04
N ASP C 1005 15.58 -5.27 -34.78
CA ASP C 1005 15.82 -6.04 -35.99
C ASP C 1005 15.97 -7.53 -35.72
N TYR C 1006 16.43 -7.90 -34.52
CA TYR C 1006 16.40 -9.28 -34.08
C TYR C 1006 14.98 -9.76 -33.84
N ALA C 1007 14.20 -9.02 -33.05
CA ALA C 1007 12.90 -9.50 -32.57
C ALA C 1007 11.84 -9.50 -33.66
N LEU C 1008 11.98 -8.63 -34.67
CA LEU C 1008 11.04 -8.69 -35.78
C LEU C 1008 11.28 -9.89 -36.66
N GLU C 1009 12.48 -10.47 -36.63
CA GLU C 1009 12.69 -11.76 -37.27
C GLU C 1009 12.00 -12.86 -36.49
N VAL C 1010 11.94 -12.69 -35.16
CA VAL C 1010 11.32 -13.71 -34.35
C VAL C 1010 9.80 -13.66 -34.50
N GLU C 1011 9.25 -12.46 -34.80
CA GLU C 1011 7.86 -12.37 -35.25
C GLU C 1011 7.58 -13.25 -36.47
N LYS C 1012 8.42 -13.16 -37.51
CA LYS C 1012 8.10 -13.88 -38.73
C LYS C 1012 8.29 -15.38 -38.54
N ILE C 1013 9.36 -15.77 -37.83
CA ILE C 1013 9.64 -17.19 -37.63
C ILE C 1013 8.65 -17.81 -36.65
N THR C 1014 8.01 -16.98 -35.82
CA THR C 1014 6.98 -17.51 -34.94
C THR C 1014 5.63 -17.49 -35.62
N THR C 1015 5.37 -16.44 -36.40
CA THR C 1015 4.02 -16.16 -36.85
C THR C 1015 3.72 -16.93 -38.11
N SER C 1016 4.72 -17.57 -38.70
CA SER C 1016 4.41 -18.51 -39.78
C SER C 1016 3.80 -19.81 -39.26
N LYS C 1017 3.64 -19.97 -37.94
CA LYS C 1017 2.93 -21.14 -37.42
C LYS C 1017 1.53 -20.79 -36.95
N LYS C 1018 1.38 -19.76 -36.11
CA LYS C 1018 0.04 -19.24 -35.85
C LYS C 1018 0.03 -17.77 -36.23
N PRO C 1019 -1.09 -17.26 -36.75
CA PRO C 1019 -1.13 -15.83 -37.08
C PRO C 1019 -1.10 -14.91 -35.87
N ASN C 1020 -1.58 -15.37 -34.71
CA ASN C 1020 -1.81 -14.43 -33.62
C ASN C 1020 -0.59 -14.26 -32.73
N LEU C 1021 0.55 -14.84 -33.11
CA LEU C 1021 1.76 -14.65 -32.34
C LEU C 1021 2.56 -13.44 -32.82
N ILE C 1022 2.30 -12.29 -32.21
CA ILE C 1022 2.97 -11.03 -32.51
C ILE C 1022 3.67 -10.60 -31.23
N LEU C 1023 4.83 -9.96 -31.35
CA LEU C 1023 5.37 -9.27 -30.19
C LEU C 1023 4.47 -8.10 -29.86
N ASN C 1024 4.06 -8.02 -28.59
CA ASN C 1024 3.06 -7.06 -28.16
C ASN C 1024 3.65 -5.67 -28.01
N VAL C 1025 2.85 -4.77 -27.44
CA VAL C 1025 3.42 -3.52 -26.96
C VAL C 1025 4.23 -3.77 -25.71
N ASP C 1026 3.85 -4.77 -24.91
CA ASP C 1026 4.62 -5.18 -23.75
C ASP C 1026 5.93 -5.85 -24.14
N GLY C 1027 6.06 -6.27 -25.39
CA GLY C 1027 7.32 -6.79 -25.86
C GLY C 1027 8.13 -5.71 -26.52
N LEU C 1028 7.47 -4.78 -27.21
CA LEU C 1028 8.23 -3.81 -28.01
C LEU C 1028 8.78 -2.70 -27.14
N ILE C 1029 8.10 -2.36 -26.04
CA ILE C 1029 8.68 -1.36 -25.16
C ILE C 1029 9.90 -1.94 -24.44
N GLY C 1030 9.82 -3.19 -24.04
CA GLY C 1030 10.94 -3.85 -23.40
C GLY C 1030 12.08 -4.20 -24.34
N VAL C 1031 11.84 -4.10 -25.63
CA VAL C 1031 12.89 -4.21 -26.64
C VAL C 1031 13.48 -2.86 -26.99
N ALA C 1032 12.63 -1.85 -27.17
CA ALA C 1032 13.12 -0.56 -27.60
C ALA C 1032 13.81 0.19 -26.47
N PHE C 1033 13.52 -0.13 -25.21
CA PHE C 1033 14.37 0.46 -24.16
C PHE C 1033 15.71 -0.23 -24.06
N VAL C 1034 15.77 -1.53 -24.33
CA VAL C 1034 17.08 -2.19 -24.41
C VAL C 1034 17.89 -1.56 -25.53
N ASP C 1035 17.27 -1.38 -26.69
CA ASP C 1035 17.96 -0.78 -27.82
C ASP C 1035 18.29 0.69 -27.59
N MET C 1036 17.44 1.41 -26.86
CA MET C 1036 17.72 2.80 -26.58
C MET C 1036 18.86 2.94 -25.56
N LEU C 1037 18.84 2.16 -24.46
CA LEU C 1037 19.89 2.26 -23.47
C LEU C 1037 21.23 1.78 -24.01
N ARG C 1038 21.25 0.82 -24.92
CA ARG C 1038 22.52 0.53 -25.59
C ARG C 1038 22.91 1.66 -26.54
N ASN C 1039 22.03 2.06 -27.43
CA ASN C 1039 22.42 2.92 -28.53
C ASN C 1039 22.03 4.38 -28.36
N CYS C 1040 21.78 4.82 -27.14
CA CYS C 1040 21.78 6.25 -26.88
C CYS C 1040 23.20 6.80 -26.96
N GLY C 1041 23.29 8.13 -26.94
CA GLY C 1041 24.59 8.76 -27.04
C GLY C 1041 25.45 8.56 -25.80
N SER C 1042 24.82 8.48 -24.62
CA SER C 1042 25.56 8.50 -23.36
C SER C 1042 25.11 7.37 -22.42
N PHE C 1043 25.65 6.17 -22.65
CA PHE C 1043 25.66 5.04 -21.72
C PHE C 1043 26.78 4.12 -22.14
N THR C 1044 27.01 3.08 -21.35
CA THR C 1044 27.82 1.93 -21.75
C THR C 1044 27.02 0.67 -21.56
N ARG C 1045 27.41 -0.39 -22.28
CA ARG C 1045 26.68 -1.66 -22.23
C ARG C 1045 26.73 -2.27 -20.84
N GLU C 1046 27.87 -2.13 -20.15
CA GLU C 1046 27.99 -2.67 -18.81
C GLU C 1046 27.21 -1.84 -17.80
N GLU C 1047 26.83 -0.61 -18.17
CA GLU C 1047 25.94 0.18 -17.33
C GLU C 1047 24.50 0.08 -17.80
N ALA C 1048 24.28 -0.08 -19.11
CA ALA C 1048 22.91 -0.18 -19.61
C ALA C 1048 22.35 -1.58 -19.42
N ASP C 1049 23.15 -2.50 -18.91
CA ASP C 1049 22.57 -3.73 -18.38
C ASP C 1049 21.97 -3.49 -17.00
N GLU C 1050 22.47 -2.48 -16.29
CA GLU C 1050 22.11 -2.36 -14.88
C GLU C 1050 20.73 -1.73 -14.73
N TYR C 1051 20.36 -0.81 -15.60
CA TYR C 1051 19.03 -0.21 -15.49
C TYR C 1051 17.96 -1.16 -15.99
N ILE C 1052 18.34 -2.17 -16.77
CA ILE C 1052 17.40 -3.24 -17.07
C ILE C 1052 17.25 -4.17 -15.88
N ASP C 1053 18.37 -4.54 -15.26
CA ASP C 1053 18.32 -5.56 -14.22
C ASP C 1053 17.77 -5.03 -12.89
N ILE C 1054 17.88 -3.73 -12.63
CA ILE C 1054 17.23 -3.10 -11.48
C ILE C 1054 15.72 -3.18 -11.62
N GLY C 1055 15.22 -2.79 -12.79
CA GLY C 1055 13.79 -2.79 -13.02
C GLY C 1055 13.22 -1.43 -13.34
N ALA C 1056 14.02 -0.59 -14.01
CA ALA C 1056 13.50 0.67 -14.52
C ALA C 1056 12.43 0.43 -15.56
N LEU C 1057 12.66 -0.56 -16.40
CA LEU C 1057 11.76 -0.85 -17.51
C LEU C 1057 10.47 -1.45 -16.99
N ASN C 1058 10.52 -2.12 -15.84
CA ASN C 1058 9.33 -2.40 -15.06
C ASN C 1058 8.66 -1.10 -14.63
N GLY C 1059 9.45 -0.12 -14.22
CA GLY C 1059 8.91 1.08 -13.65
C GLY C 1059 8.42 2.09 -14.66
N ILE C 1060 8.55 1.79 -15.95
CA ILE C 1060 7.99 2.70 -16.93
C ILE C 1060 6.51 2.38 -17.00
N PHE C 1061 6.15 1.15 -16.64
CA PHE C 1061 4.76 0.74 -16.69
C PHE C 1061 3.97 1.34 -15.56
N VAL C 1062 4.58 1.44 -14.38
CA VAL C 1062 3.93 2.02 -13.20
C VAL C 1062 3.58 3.47 -13.45
N LEU C 1063 4.55 4.24 -13.93
CA LEU C 1063 4.33 5.64 -14.22
C LEU C 1063 3.41 5.83 -15.42
N GLY C 1064 3.39 4.88 -16.35
CA GLY C 1064 2.46 5.00 -17.44
C GLY C 1064 1.04 4.79 -17.00
N ARG C 1065 0.81 3.68 -16.31
CA ARG C 1065 -0.54 3.25 -15.97
C ARG C 1065 -1.12 4.04 -14.82
N SER C 1066 -0.29 4.72 -14.01
CA SER C 1066 -0.80 5.50 -12.90
C SER C 1066 -1.64 6.70 -13.34
N MET C 1067 -1.41 7.21 -14.55
CA MET C 1067 -2.31 8.19 -15.13
C MET C 1067 -3.70 7.60 -15.30
N GLY C 1068 -3.76 6.36 -15.76
CA GLY C 1068 -5.04 5.72 -15.96
C GLY C 1068 -5.74 5.42 -14.66
N PHE C 1069 -4.99 5.07 -13.63
CA PHE C 1069 -5.63 4.69 -12.38
C PHE C 1069 -6.10 5.91 -11.59
N ILE C 1070 -5.39 7.03 -11.69
CA ILE C 1070 -5.95 8.29 -11.20
C ILE C 1070 -7.19 8.64 -12.01
N GLY C 1071 -7.17 8.31 -13.30
CA GLY C 1071 -8.36 8.48 -14.12
C GLY C 1071 -9.56 7.70 -13.61
N HIS C 1072 -9.35 6.43 -13.24
CA HIS C 1072 -10.47 5.60 -12.84
C HIS C 1072 -10.99 5.97 -11.46
N TYR C 1073 -10.08 6.29 -10.53
CA TYR C 1073 -10.50 6.87 -9.25
C TYR C 1073 -11.33 8.11 -9.44
N LEU C 1074 -10.85 9.04 -10.24
CA LEU C 1074 -11.48 10.33 -10.37
C LEU C 1074 -12.82 10.22 -11.07
N ASP C 1075 -12.88 9.38 -12.09
CA ASP C 1075 -14.10 9.13 -12.83
C ASP C 1075 -15.17 8.48 -11.96
N GLN C 1076 -14.81 7.45 -11.20
CA GLN C 1076 -15.87 6.85 -10.42
C GLN C 1076 -16.08 7.52 -9.08
N LYS C 1077 -15.32 8.55 -8.77
CA LYS C 1077 -15.77 9.44 -7.71
C LYS C 1077 -16.74 10.46 -8.27
N ARG C 1078 -16.61 10.79 -9.56
CA ARG C 1078 -17.55 11.72 -10.18
C ARG C 1078 -18.90 11.05 -10.40
N LEU C 1079 -18.92 9.91 -11.08
CA LEU C 1079 -20.13 9.10 -11.25
C LEU C 1079 -20.41 8.45 -9.91
N LYS C 1080 -21.28 9.08 -9.12
CA LYS C 1080 -21.36 8.83 -7.69
C LYS C 1080 -21.96 7.46 -7.43
N GLN C 1081 -21.10 6.46 -7.28
CA GLN C 1081 -21.50 5.06 -7.15
C GLN C 1081 -21.15 4.51 -5.78
N GLY C 1082 -21.96 3.55 -5.34
CA GLY C 1082 -21.96 3.10 -3.96
C GLY C 1082 -20.97 1.98 -3.70
N LEU C 1083 -21.06 1.44 -2.50
CA LEU C 1083 -20.17 0.38 -2.05
C LEU C 1083 -20.44 -0.89 -2.86
N TYR C 1084 -19.40 -1.65 -3.13
CA TYR C 1084 -19.47 -2.79 -4.03
C TYR C 1084 -19.18 -4.06 -3.28
N ARG C 1085 -20.17 -4.95 -3.21
CA ARG C 1085 -19.94 -6.32 -2.79
C ARG C 1085 -20.15 -7.23 -3.98
N HIS C 1086 -19.39 -8.30 -4.04
CA HIS C 1086 -19.44 -9.17 -5.20
C HIS C 1086 -20.71 -10.01 -5.09
N PRO C 1087 -21.28 -10.46 -6.19
CA PRO C 1087 -22.48 -11.30 -6.07
C PRO C 1087 -22.17 -12.66 -5.51
N TRP C 1088 -23.18 -13.34 -4.98
CA TRP C 1088 -23.03 -14.73 -4.56
C TRP C 1088 -23.16 -15.68 -5.74
N ASP C 1089 -23.57 -15.18 -6.91
CA ASP C 1089 -23.77 -16.00 -8.08
C ASP C 1089 -22.47 -16.39 -8.76
N ASP C 1090 -21.36 -15.74 -8.40
CA ASP C 1090 -20.09 -15.99 -9.04
C ASP C 1090 -19.11 -16.77 -8.18
N ILE C 1091 -19.49 -17.10 -6.95
CA ILE C 1091 -18.55 -17.72 -6.03
C ILE C 1091 -19.01 -19.12 -5.65
N SER C 1092 -18.16 -20.11 -5.87
CA SER C 1092 -18.47 -21.50 -5.58
C SER C 1092 -17.82 -21.88 -4.26
N TYR C 1093 -18.59 -21.85 -3.18
CA TYR C 1093 -18.10 -22.19 -1.86
C TYR C 1093 -17.82 -23.68 -1.71
N VAL C 1094 -16.63 -23.98 -1.20
CA VAL C 1094 -16.19 -25.35 -0.99
C VAL C 1094 -15.69 -25.43 0.45
N LEU C 1095 -16.48 -26.00 1.34
CA LEU C 1095 -16.12 -26.04 2.75
C LEU C 1095 -16.10 -27.47 3.26
N PRO C 1096 -15.00 -27.89 3.90
CA PRO C 1096 -14.91 -29.27 4.41
C PRO C 1096 -15.90 -29.51 5.53
N GLU C 1097 -16.76 -30.52 5.39
CA GLU C 1097 -17.90 -30.66 6.29
C GLU C 1097 -17.50 -31.50 7.51
N HIS C 1098 -17.03 -30.80 8.54
CA HIS C 1098 -16.92 -31.36 9.89
C HIS C 1098 -17.42 -30.31 10.90
N MET C 1099 -18.72 -30.33 11.17
CA MET C 1099 -19.26 -29.38 12.14
C MET C 1099 -19.13 -29.92 13.54
N SER D 2 44.57 -19.81 35.38
CA SER D 2 43.19 -20.19 35.08
C SER D 2 42.99 -21.68 35.27
N ALA D 3 44.09 -22.41 35.37
CA ALA D 3 44.04 -23.85 35.55
C ALA D 3 43.51 -24.18 36.93
N LYS D 4 42.24 -24.58 36.99
CA LYS D 4 41.60 -24.79 38.28
C LYS D 4 41.74 -26.25 38.69
N ALA D 5 41.37 -26.57 39.92
CA ALA D 5 41.50 -27.92 40.41
C ALA D 5 40.15 -28.63 40.33
N ILE D 6 40.18 -29.96 40.33
CA ILE D 6 38.96 -30.73 40.47
C ILE D 6 39.14 -31.74 41.58
N SER D 7 38.02 -32.27 42.05
CA SER D 7 38.01 -33.13 43.23
C SER D 7 38.58 -34.48 42.90
N GLU D 8 38.89 -35.24 43.95
CA GLU D 8 39.39 -36.61 43.79
C GLU D 8 38.33 -37.51 43.17
N GLN D 9 37.07 -37.31 43.56
CA GLN D 9 35.99 -38.14 43.06
C GLN D 9 35.73 -37.92 41.58
N THR D 10 35.47 -36.67 41.20
CA THR D 10 35.17 -36.34 39.81
C THR D 10 36.35 -36.65 38.91
N GLY D 11 37.56 -36.48 39.42
CA GLY D 11 38.75 -36.93 38.76
C GLY D 11 38.77 -38.42 38.54
N LYS D 12 38.35 -39.21 39.53
CA LYS D 12 38.36 -40.66 39.31
C LYS D 12 37.25 -41.11 38.40
N GLU D 13 36.12 -40.41 38.40
CA GLU D 13 35.06 -40.82 37.48
C GLU D 13 35.43 -40.45 36.05
N LEU D 14 36.07 -39.30 35.86
CA LEU D 14 36.62 -38.99 34.55
C LEU D 14 37.75 -39.92 34.16
N LEU D 15 38.48 -40.48 35.11
CA LEU D 15 39.47 -41.47 34.72
C LEU D 15 38.80 -42.77 34.31
N TYR D 16 37.84 -43.25 35.10
CA TYR D 16 37.23 -44.55 34.83
C TYR D 16 36.31 -44.51 33.61
N LYS D 17 35.81 -43.33 33.26
CA LYS D 17 34.88 -43.28 32.15
C LYS D 17 35.61 -43.18 30.82
N PHE D 18 36.84 -42.64 30.82
CA PHE D 18 37.49 -42.39 29.55
C PHE D 18 38.94 -42.84 29.46
N ILE D 19 39.46 -43.64 30.39
CA ILE D 19 40.74 -44.26 30.11
C ILE D 19 40.50 -45.49 29.24
N CYS D 20 41.45 -45.76 28.34
CA CYS D 20 41.37 -46.94 27.49
CA CYS D 20 41.37 -46.93 27.48
C CYS D 20 42.76 -47.55 27.38
N THR D 21 42.90 -48.78 27.83
CA THR D 21 44.16 -49.49 27.83
C THR D 21 43.88 -50.97 27.77
N THR D 22 44.93 -51.73 27.45
CA THR D 22 44.79 -53.18 27.33
C THR D 22 44.64 -53.84 28.70
N SER D 23 45.62 -53.62 29.57
CA SER D 23 45.58 -54.18 30.91
C SER D 23 44.47 -53.51 31.72
N ALA D 24 43.49 -54.31 32.12
CA ALA D 24 42.28 -53.79 32.73
C ALA D 24 42.57 -53.18 34.10
N ILE D 25 41.66 -52.31 34.52
CA ILE D 25 41.81 -51.56 35.76
C ILE D 25 40.72 -52.03 36.71
N GLN D 26 41.13 -52.50 37.88
CA GLN D 26 40.16 -53.01 38.84
C GLN D 26 39.38 -51.87 39.48
N ASN D 27 38.28 -52.25 40.13
CA ASN D 27 37.45 -51.38 40.98
C ASN D 27 36.82 -50.23 40.21
N ARG D 28 36.28 -50.49 39.02
CA ARG D 28 35.69 -49.41 38.23
C ARG D 28 34.36 -49.00 38.82
N PHE D 29 34.19 -47.68 39.02
CA PHE D 29 32.97 -47.06 39.54
C PHE D 29 32.60 -47.59 40.93
N LYS D 30 33.58 -47.66 41.82
CA LYS D 30 33.36 -48.21 43.16
C LYS D 30 33.76 -47.13 44.17
N TYR D 31 32.82 -46.24 44.46
CA TYR D 31 33.09 -45.13 45.38
C TYR D 31 31.78 -44.55 45.91
N ALA D 32 31.85 -43.83 47.02
CA ALA D 32 30.63 -43.39 47.69
C ALA D 32 30.83 -41.99 48.22
N ARG D 33 29.99 -41.07 47.78
CA ARG D 33 30.08 -39.69 48.22
C ARG D 33 29.21 -39.51 49.45
N VAL D 34 29.78 -38.93 50.51
CA VAL D 34 29.10 -38.81 51.78
C VAL D 34 29.01 -37.34 52.15
N THR D 35 27.78 -36.88 52.35
CA THR D 35 27.46 -35.51 52.73
C THR D 35 26.89 -35.52 54.13
N PRO D 36 26.60 -34.36 54.75
CA PRO D 36 25.70 -34.36 55.91
C PRO D 36 24.24 -34.55 55.55
N ASP D 37 23.92 -34.65 54.27
CA ASP D 37 22.58 -34.99 53.79
C ASP D 37 22.54 -36.42 53.33
N THR D 38 23.23 -37.28 54.07
CA THR D 38 23.39 -38.66 53.64
C THR D 38 22.13 -39.46 53.89
N ASP D 39 21.43 -39.79 52.80
CA ASP D 39 20.43 -40.86 52.84
C ASP D 39 21.21 -42.16 52.76
N TRP D 40 21.48 -42.73 53.93
CA TRP D 40 22.21 -43.99 54.02
C TRP D 40 21.43 -45.12 53.39
N ALA D 41 20.10 -45.02 53.41
CA ALA D 41 19.26 -46.00 52.75
C ALA D 41 19.48 -45.98 51.24
N ARG D 42 19.55 -44.77 50.66
CA ARG D 42 19.71 -44.69 49.21
C ARG D 42 21.11 -45.10 48.78
N LEU D 43 22.11 -44.74 49.59
CA LEU D 43 23.49 -45.14 49.30
C LEU D 43 23.68 -46.64 49.44
N LEU D 44 23.04 -47.24 50.44
CA LEU D 44 23.16 -48.67 50.65
C LEU D 44 22.39 -49.43 49.59
N GLN D 45 21.30 -48.86 49.09
CA GLN D 45 20.65 -49.42 47.91
C GLN D 45 21.52 -49.25 46.67
N ASP D 46 22.33 -48.19 46.62
CA ASP D 46 23.22 -48.02 45.48
C ASP D 46 24.33 -49.06 45.49
N HIS D 47 24.96 -49.27 46.64
CA HIS D 47 26.22 -49.99 46.73
C HIS D 47 26.06 -51.14 47.71
N PRO D 48 25.67 -52.32 47.23
CA PRO D 48 25.52 -53.48 48.12
C PRO D 48 26.86 -54.03 48.58
N TRP D 49 27.94 -53.71 47.87
CA TRP D 49 29.27 -54.14 48.26
C TRP D 49 29.79 -53.44 49.50
N LEU D 50 29.11 -52.37 49.95
CA LEU D 50 29.46 -51.74 51.22
C LEU D 50 29.28 -52.68 52.40
N LEU D 51 28.37 -53.64 52.28
CA LEU D 51 28.23 -54.71 53.25
C LEU D 51 29.06 -55.93 52.90
N SER D 52 30.17 -55.74 52.19
CA SER D 52 30.91 -56.90 51.69
C SER D 52 32.38 -56.92 52.12
N GLN D 53 33.08 -55.80 52.08
CA GLN D 53 34.49 -55.81 52.42
C GLN D 53 34.79 -54.61 53.29
N ASN D 54 36.05 -54.51 53.73
CA ASN D 54 36.47 -53.37 54.51
C ASN D 54 36.59 -52.12 53.63
N LEU D 55 36.52 -50.96 54.27
CA LEU D 55 36.41 -49.69 53.56
C LEU D 55 37.51 -48.74 54.00
N VAL D 56 37.77 -47.76 53.15
CA VAL D 56 38.67 -46.65 53.45
C VAL D 56 37.90 -45.37 53.17
N VAL D 57 37.79 -44.53 54.19
CA VAL D 57 37.05 -43.29 54.08
C VAL D 57 38.00 -42.11 54.32
N LYS D 58 37.91 -41.11 53.46
CA LYS D 58 38.87 -40.02 53.43
C LYS D 58 38.26 -38.79 52.78
N PRO D 59 38.70 -37.58 53.13
CA PRO D 59 38.03 -36.38 52.64
C PRO D 59 38.45 -36.01 51.22
N ASP D 60 37.52 -35.36 50.51
CA ASP D 60 37.74 -34.92 49.15
C ASP D 60 37.43 -33.43 49.13
N GLN D 61 38.39 -32.62 49.57
CA GLN D 61 38.23 -31.17 49.59
C GLN D 61 39.52 -30.45 49.26
N LEU D 62 40.35 -31.06 48.41
CA LEU D 62 41.68 -30.57 48.06
C LEU D 62 42.54 -30.38 49.31
N ILE D 63 42.62 -31.43 50.10
CA ILE D 63 43.42 -31.43 51.32
C ILE D 63 44.68 -32.24 51.03
N LYS D 64 45.81 -31.57 51.04
CA LYS D 64 47.08 -32.23 50.80
C LYS D 64 47.59 -32.81 52.11
N ARG D 65 48.34 -33.92 52.02
CA ARG D 65 48.82 -34.69 53.16
C ARG D 65 47.70 -35.17 54.07
N ARG D 66 46.76 -35.93 53.52
CA ARG D 66 45.70 -36.51 54.34
C ARG D 66 46.24 -37.59 55.25
N GLY D 67 47.21 -38.37 54.77
CA GLY D 67 47.71 -39.51 55.50
C GLY D 67 48.57 -39.19 56.70
N LYS D 68 48.88 -37.92 56.94
CA LYS D 68 49.66 -37.54 58.11
C LYS D 68 48.88 -36.69 59.08
N LEU D 69 47.67 -36.29 58.75
CA LEU D 69 46.80 -35.57 59.67
C LEU D 69 45.92 -36.51 60.46
N GLY D 70 46.06 -37.82 60.24
CA GLY D 70 45.18 -38.78 60.87
C GLY D 70 43.76 -38.71 60.39
N LEU D 71 43.54 -38.22 59.16
CA LEU D 71 42.20 -38.01 58.62
C LEU D 71 41.86 -39.05 57.56
N VAL D 72 42.47 -40.22 57.61
CA VAL D 72 42.18 -41.28 56.65
C VAL D 72 41.76 -42.50 57.44
N GLY D 73 40.46 -42.77 57.49
CA GLY D 73 39.98 -44.00 58.07
C GLY D 73 40.32 -45.18 57.18
N VAL D 74 41.06 -46.14 57.70
CA VAL D 74 41.60 -47.26 56.94
C VAL D 74 40.96 -48.53 57.49
N ASN D 75 40.56 -49.45 56.59
CA ASN D 75 40.29 -50.85 56.93
C ASN D 75 39.11 -50.98 57.89
N LEU D 76 37.97 -50.46 57.48
CA LEU D 76 36.80 -50.38 58.35
C LEU D 76 35.60 -50.99 57.67
N THR D 77 34.69 -51.54 58.47
CA THR D 77 33.40 -52.01 58.00
C THR D 77 32.44 -50.84 57.95
N LEU D 78 31.18 -51.12 57.56
CA LEU D 78 30.18 -50.06 57.45
C LEU D 78 29.91 -49.37 58.77
N ASP D 79 29.76 -50.15 59.85
CA ASP D 79 29.54 -49.56 61.16
C ASP D 79 30.79 -48.83 61.65
N GLY D 80 31.96 -49.39 61.36
CA GLY D 80 33.20 -48.73 61.72
C GLY D 80 33.40 -47.42 60.96
N VAL D 81 33.00 -47.38 59.70
CA VAL D 81 33.02 -46.16 58.91
C VAL D 81 32.08 -45.12 59.50
N LYS D 82 30.85 -45.53 59.83
CA LYS D 82 29.89 -44.59 60.40
C LYS D 82 30.35 -44.04 61.74
N SER D 83 30.97 -44.88 62.57
CA SER D 83 31.48 -44.40 63.85
C SER D 83 32.71 -43.52 63.65
N TRP D 84 33.47 -43.74 62.58
CA TRP D 84 34.58 -42.86 62.29
C TRP D 84 34.08 -41.51 61.79
N LEU D 85 32.90 -41.51 61.16
CA LEU D 85 32.34 -40.26 60.66
C LEU D 85 31.57 -39.51 61.73
N LYS D 86 31.23 -40.16 62.85
CA LYS D 86 30.58 -39.46 63.96
C LYS D 86 31.34 -38.24 64.50
N PRO D 87 32.65 -38.29 64.81
CA PRO D 87 33.25 -37.09 65.38
C PRO D 87 33.74 -36.08 64.36
N ARG D 88 33.54 -36.30 63.07
CA ARG D 88 34.16 -35.44 62.07
C ARG D 88 33.16 -34.71 61.19
N LEU D 89 32.14 -35.37 60.69
CA LEU D 89 31.29 -34.78 59.66
C LEU D 89 30.44 -33.65 60.21
N GLY D 90 30.74 -32.43 59.80
CA GLY D 90 30.14 -31.24 60.36
C GLY D 90 31.01 -30.52 61.36
N GLN D 91 32.18 -31.06 61.70
CA GLN D 91 33.04 -30.46 62.69
C GLN D 91 34.13 -29.66 61.99
N GLU D 92 35.14 -29.22 62.73
CA GLU D 92 36.20 -28.41 62.15
C GLU D 92 37.54 -29.09 62.37
N ALA D 93 38.49 -28.79 61.50
CA ALA D 93 39.88 -29.19 61.68
C ALA D 93 40.79 -28.03 61.28
N THR D 94 41.78 -27.76 62.11
CA THR D 94 42.79 -26.74 61.81
C THR D 94 43.85 -27.39 60.94
N VAL D 95 43.78 -27.15 59.64
CA VAL D 95 44.59 -27.87 58.67
C VAL D 95 45.63 -26.92 58.09
N GLY D 96 46.90 -27.19 58.40
CA GLY D 96 47.96 -26.31 57.96
C GLY D 96 47.87 -24.97 58.65
N LYS D 97 47.43 -23.96 57.91
CA LYS D 97 47.16 -22.64 58.48
C LYS D 97 45.68 -22.33 58.49
N ALA D 98 44.91 -22.90 57.57
CA ALA D 98 43.51 -22.54 57.41
C ALA D 98 42.63 -23.41 58.31
N THR D 99 41.34 -23.10 58.34
CA THR D 99 40.41 -23.78 59.21
C THR D 99 39.04 -23.75 58.55
N GLY D 100 38.42 -24.92 58.42
CA GLY D 100 37.11 -25.01 57.79
C GLY D 100 36.38 -26.29 58.17
N PHE D 101 35.13 -26.36 57.71
CA PHE D 101 34.29 -27.52 58.01
C PHE D 101 34.52 -28.65 57.03
N LEU D 102 34.68 -29.86 57.56
CA LEU D 102 34.78 -31.07 56.75
C LEU D 102 33.37 -31.56 56.39
N LYS D 103 32.90 -31.12 55.23
CA LYS D 103 31.51 -31.28 54.84
C LYS D 103 31.34 -32.24 53.67
N ASN D 104 32.39 -32.94 53.26
CA ASN D 104 32.26 -33.88 52.14
C ASN D 104 33.34 -34.93 52.24
N PHE D 105 32.94 -36.20 52.28
CA PHE D 105 33.83 -37.34 52.46
C PHE D 105 33.62 -38.37 51.35
N LEU D 106 34.58 -39.27 51.20
CA LEU D 106 34.52 -40.31 50.18
C LEU D 106 34.86 -41.66 50.79
N ILE D 107 34.14 -42.69 50.34
CA ILE D 107 34.36 -44.07 50.75
C ILE D 107 34.77 -44.90 49.54
N GLU D 108 35.88 -45.61 49.67
CA GLU D 108 36.43 -46.47 48.64
C GLU D 108 36.69 -47.85 49.22
N PRO D 109 36.74 -48.89 48.39
CA PRO D 109 37.10 -50.22 48.90
C PRO D 109 38.57 -50.31 49.27
N PHE D 110 38.83 -50.83 50.46
CA PHE D 110 40.19 -51.23 50.78
C PHE D 110 40.56 -52.49 50.02
N VAL D 111 41.70 -52.43 49.35
CA VAL D 111 42.28 -53.63 48.76
C VAL D 111 43.71 -53.72 49.27
N PRO D 112 44.15 -54.87 49.79
CA PRO D 112 45.46 -54.96 50.42
C PRO D 112 46.60 -54.84 49.42
N HIS D 113 47.74 -54.40 49.92
CA HIS D 113 48.93 -54.19 49.10
C HIS D 113 50.14 -54.12 50.02
N SER D 114 51.31 -54.40 49.46
CA SER D 114 52.55 -54.32 50.20
C SER D 114 53.20 -52.96 50.01
N GLN D 115 54.43 -52.80 50.48
CA GLN D 115 55.10 -51.51 50.44
C GLN D 115 55.77 -51.24 49.10
N ALA D 116 56.39 -52.25 48.48
CA ALA D 116 57.03 -52.07 47.20
C ALA D 116 56.04 -51.94 46.05
N GLU D 117 54.75 -52.18 46.30
CA GLU D 117 53.70 -52.05 45.31
C GLU D 117 53.11 -50.65 45.20
N GLU D 118 53.70 -49.67 45.88
CA GLU D 118 53.17 -48.32 45.93
C GLU D 118 54.00 -47.42 45.01
N PHE D 119 53.46 -47.11 43.83
CA PHE D 119 54.20 -46.37 42.82
C PHE D 119 53.69 -44.94 42.75
N TYR D 120 54.49 -44.07 42.12
CA TYR D 120 54.21 -42.65 42.02
C TYR D 120 54.17 -42.21 40.57
N VAL D 121 53.04 -41.62 40.16
CA VAL D 121 52.91 -41.09 38.80
C VAL D 121 52.48 -39.63 38.89
N CYS D 122 53.14 -38.77 38.11
CA CYS D 122 52.74 -37.37 38.11
C CYS D 122 53.00 -36.75 36.74
N ILE D 123 51.99 -36.09 36.19
CA ILE D 123 52.08 -35.50 34.86
C ILE D 123 51.69 -34.04 34.97
N TYR D 124 52.60 -33.15 34.60
CA TYR D 124 52.24 -31.74 34.56
C TYR D 124 52.77 -31.05 33.31
N ALA D 125 52.31 -29.83 33.13
CA ALA D 125 52.65 -29.05 31.94
C ALA D 125 53.71 -28.01 32.26
N THR D 126 54.69 -27.87 31.36
CA THR D 126 55.62 -26.76 31.33
C THR D 126 55.61 -26.16 29.94
N ARG D 127 56.31 -25.02 29.80
CA ARG D 127 56.29 -24.26 28.56
C ARG D 127 56.87 -25.05 27.39
N GLU D 128 57.88 -25.88 27.68
CA GLU D 128 58.46 -26.68 26.61
C GLU D 128 57.80 -28.05 26.46
N GLY D 129 56.80 -28.38 27.29
CA GLY D 129 56.14 -29.65 27.06
C GLY D 129 55.36 -30.23 28.22
N ASP D 130 55.33 -31.55 28.33
CA ASP D 130 54.54 -32.23 29.36
C ASP D 130 55.46 -33.25 30.02
N TYR D 131 55.77 -33.06 31.29
CA TYR D 131 56.61 -34.03 31.97
C TYR D 131 55.84 -35.30 32.29
N VAL D 132 56.62 -36.36 32.51
CA VAL D 132 56.15 -37.59 33.15
C VAL D 132 57.12 -37.94 34.26
N LEU D 133 56.62 -38.01 35.50
CA LEU D 133 57.43 -38.38 36.64
C LEU D 133 56.96 -39.72 37.15
N PHE D 134 57.89 -40.66 37.27
CA PHE D 134 57.62 -41.95 37.86
C PHE D 134 58.58 -42.19 39.01
N HIS D 135 58.09 -42.86 40.05
CA HIS D 135 58.98 -43.31 41.10
C HIS D 135 58.48 -44.62 41.68
N HIS D 136 59.40 -45.53 42.00
CA HIS D 136 59.00 -46.89 42.32
C HIS D 136 58.44 -46.99 43.74
N GLU D 137 58.82 -46.07 44.62
CA GLU D 137 58.24 -45.97 45.95
C GLU D 137 57.27 -44.80 46.00
N GLY D 138 56.16 -45.00 46.70
CA GLY D 138 55.18 -43.95 46.85
C GLY D 138 54.89 -43.62 48.30
N GLY D 139 53.61 -43.67 48.66
CA GLY D 139 53.20 -43.49 50.05
C GLY D 139 53.31 -42.04 50.50
N VAL D 140 53.02 -41.85 51.78
CA VAL D 140 53.09 -40.51 52.35
C VAL D 140 54.50 -40.16 52.80
N ASP D 141 55.43 -41.10 52.70
CA ASP D 141 56.82 -40.89 53.10
C ASP D 141 57.71 -40.77 51.86
N VAL D 142 57.13 -40.26 50.77
CA VAL D 142 57.88 -40.18 49.52
C VAL D 142 58.85 -39.00 49.57
N GLY D 143 58.56 -38.00 50.39
CA GLY D 143 59.43 -36.83 50.51
C GLY D 143 59.33 -35.91 49.31
N ASP D 144 60.39 -35.16 49.05
CA ASP D 144 60.42 -34.29 47.89
C ASP D 144 60.68 -35.12 46.64
N VAL D 145 59.67 -35.22 45.77
CA VAL D 145 59.72 -36.16 44.67
C VAL D 145 60.14 -35.51 43.36
N ASP D 146 60.34 -34.18 43.36
CA ASP D 146 60.74 -33.44 42.16
C ASP D 146 62.11 -33.86 41.66
N ALA D 147 63.16 -33.62 42.46
CA ALA D 147 64.53 -33.92 42.04
C ALA D 147 64.96 -35.33 42.41
N LYS D 148 64.02 -36.22 42.70
CA LYS D 148 64.34 -37.57 43.15
C LYS D 148 63.65 -38.68 42.38
N ALA D 149 63.07 -38.40 41.22
CA ALA D 149 62.33 -39.42 40.49
C ALA D 149 62.90 -39.63 39.10
N GLN D 150 62.23 -40.44 38.31
CA GLN D 150 62.52 -40.56 36.89
C GLN D 150 61.68 -39.54 36.16
N LYS D 151 62.34 -38.57 35.53
CA LYS D 151 61.66 -37.59 34.70
C LYS D 151 61.74 -37.98 33.25
N LEU D 152 60.73 -37.59 32.49
CA LEU D 152 60.78 -37.71 31.05
C LEU D 152 60.13 -36.49 30.44
N LEU D 153 60.89 -35.78 29.62
CA LEU D 153 60.39 -34.69 28.82
C LEU D 153 59.66 -35.22 27.60
N VAL D 154 58.44 -34.75 27.41
CA VAL D 154 57.69 -35.03 26.20
C VAL D 154 57.38 -33.70 25.53
N GLY D 155 57.82 -33.56 24.28
CA GLY D 155 57.74 -32.29 23.60
C GLY D 155 56.32 -31.92 23.23
N VAL D 156 56.16 -30.64 22.87
CA VAL D 156 54.85 -30.12 22.53
C VAL D 156 54.41 -30.73 21.21
N ASP D 157 53.15 -31.20 21.18
CA ASP D 157 52.51 -31.81 20.01
C ASP D 157 53.30 -33.05 19.56
N GLU D 158 53.42 -34.00 20.47
CA GLU D 158 54.18 -35.21 20.19
C GLU D 158 53.37 -36.41 20.68
N LYS D 159 53.99 -37.58 20.60
CA LYS D 159 53.41 -38.81 21.11
C LYS D 159 54.33 -39.34 22.20
N LEU D 160 54.02 -40.52 22.70
CA LEU D 160 54.79 -41.10 23.79
C LEU D 160 55.13 -42.53 23.40
N ASN D 161 56.39 -42.75 23.07
CA ASN D 161 56.86 -44.06 22.63
C ASN D 161 56.92 -45.00 23.83
N PRO D 162 56.21 -46.13 23.81
CA PRO D 162 56.28 -47.05 24.95
C PRO D 162 57.63 -47.70 25.14
N GLU D 163 58.40 -47.86 24.06
CA GLU D 163 59.76 -48.36 24.19
C GLU D 163 60.63 -47.39 24.99
N ASP D 164 60.39 -46.08 24.85
CA ASP D 164 61.14 -45.11 25.63
C ASP D 164 60.81 -45.18 27.11
N ILE D 165 59.54 -45.48 27.43
CA ILE D 165 59.18 -45.67 28.83
C ILE D 165 59.84 -46.93 29.38
N LYS D 166 59.86 -48.00 28.58
CA LYS D 166 60.50 -49.24 29.01
C LYS D 166 62.00 -49.05 29.22
N LYS D 167 62.60 -48.17 28.45
CA LYS D 167 64.05 -48.04 28.52
C LYS D 167 64.50 -46.92 29.46
N HIS D 168 63.62 -45.99 29.84
CA HIS D 168 64.04 -44.87 30.66
C HIS D 168 63.22 -44.65 31.92
N LEU D 169 61.91 -44.89 31.91
CA LEU D 169 61.07 -44.60 33.07
C LEU D 169 60.90 -45.79 34.00
N LEU D 170 61.36 -46.97 33.62
CA LEU D 170 61.15 -48.14 34.45
C LEU D 170 62.47 -48.86 34.69
N VAL D 171 63.54 -48.10 34.87
CA VAL D 171 64.84 -48.73 35.04
C VAL D 171 65.04 -49.25 36.46
N HIS D 172 64.26 -48.74 37.41
CA HIS D 172 64.32 -49.22 38.78
C HIS D 172 63.09 -50.02 39.17
N ALA D 173 62.12 -50.15 38.27
CA ALA D 173 60.92 -50.91 38.55
C ALA D 173 61.24 -52.40 38.56
N PRO D 174 60.44 -53.20 39.27
CA PRO D 174 60.59 -54.66 39.18
C PRO D 174 60.23 -55.16 37.78
N GLU D 175 60.82 -56.31 37.42
CA GLU D 175 60.76 -56.81 36.06
C GLU D 175 59.35 -57.23 35.66
N ASP D 176 58.72 -58.10 36.47
CA ASP D 176 57.41 -58.65 36.14
C ASP D 176 56.31 -57.60 36.16
N LYS D 177 56.56 -56.47 36.82
CA LYS D 177 55.61 -55.37 36.85
C LYS D 177 55.96 -54.28 35.84
N LYS D 178 56.92 -54.51 34.94
CA LYS D 178 57.23 -53.48 33.95
C LYS D 178 56.10 -53.30 32.96
N GLU D 179 55.73 -54.38 32.27
CA GLU D 179 54.97 -54.28 31.02
C GLU D 179 53.56 -53.78 31.27
N ILE D 180 53.02 -54.01 32.46
CA ILE D 180 51.69 -53.51 32.75
C ILE D 180 51.74 -52.01 33.03
N LEU D 181 52.83 -51.52 33.62
CA LEU D 181 52.95 -50.08 33.88
C LEU D 181 53.13 -49.32 32.58
N ALA D 182 53.89 -49.87 31.64
CA ALA D 182 53.93 -49.32 30.30
C ALA D 182 52.61 -49.51 29.58
N SER D 183 51.81 -50.48 30.01
CA SER D 183 50.44 -50.57 29.53
C SER D 183 49.57 -49.49 30.13
N PHE D 184 49.99 -48.89 31.24
CA PHE D 184 49.17 -47.94 31.97
C PHE D 184 49.52 -46.51 31.61
N ILE D 185 50.80 -46.14 31.74
CA ILE D 185 51.23 -44.76 31.56
C ILE D 185 51.01 -44.30 30.13
N SER D 186 51.30 -45.17 29.15
CA SER D 186 51.07 -44.84 27.75
C SER D 186 49.59 -44.69 27.45
N GLY D 187 48.74 -45.33 28.25
CA GLY D 187 47.33 -45.00 28.18
C GLY D 187 47.04 -43.68 28.82
N LEU D 188 47.60 -43.45 30.02
CA LEU D 188 47.19 -42.34 30.88
C LEU D 188 47.51 -41.00 30.25
N PHE D 189 48.69 -40.89 29.62
CA PHE D 189 49.06 -39.67 28.91
C PHE D 189 48.09 -39.37 27.78
N ASN D 190 47.63 -40.41 27.08
CA ASN D 190 46.60 -40.23 26.09
C ASN D 190 45.33 -39.68 26.71
N PHE D 191 44.97 -40.21 27.89
CA PHE D 191 43.91 -39.61 28.70
C PHE D 191 44.25 -38.17 29.05
N TYR D 192 45.50 -37.94 29.48
CA TYR D 192 45.97 -36.60 29.80
C TYR D 192 45.88 -35.67 28.61
N GLU D 193 46.01 -36.20 27.41
CA GLU D 193 45.99 -35.30 26.27
C GLU D 193 44.57 -35.03 25.84
N ASP D 194 43.66 -35.96 26.14
CA ASP D 194 42.37 -35.88 25.48
C ASP D 194 41.41 -35.03 26.29
N LEU D 195 41.76 -34.73 27.54
CA LEU D 195 40.88 -33.96 28.41
C LEU D 195 41.47 -32.64 28.87
N TYR D 196 42.68 -32.29 28.40
CA TYR D 196 43.33 -31.01 28.63
C TYR D 196 43.56 -30.71 30.10
N PHE D 197 43.98 -31.72 30.85
CA PHE D 197 44.54 -31.53 32.18
C PHE D 197 45.83 -30.71 32.12
N THR D 198 46.27 -30.24 33.28
CA THR D 198 47.60 -29.67 33.44
C THR D 198 48.42 -30.38 34.49
N TYR D 199 47.79 -31.05 35.44
CA TYR D 199 48.49 -31.61 36.59
C TYR D 199 47.65 -32.79 37.07
N LEU D 200 48.20 -33.99 36.96
CA LEU D 200 47.51 -35.24 37.29
C LEU D 200 48.50 -36.09 38.08
N GLU D 201 48.24 -36.23 39.37
CA GLU D 201 49.15 -36.91 40.27
C GLU D 201 48.44 -38.04 40.99
N ILE D 202 49.03 -39.23 40.92
CA ILE D 202 48.49 -40.41 41.59
C ILE D 202 49.59 -40.93 42.50
N ASN D 203 49.32 -40.91 43.80
CA ASN D 203 50.24 -41.32 44.85
C ASN D 203 49.39 -41.86 45.98
N PRO D 204 49.44 -43.18 46.27
CA PRO D 204 50.27 -44.17 45.59
C PRO D 204 49.57 -44.78 44.39
N LEU D 205 50.33 -45.51 43.58
CA LEU D 205 49.77 -46.32 42.52
C LEU D 205 50.05 -47.77 42.84
N VAL D 206 49.00 -48.59 42.85
CA VAL D 206 49.09 -49.95 43.36
C VAL D 206 48.88 -50.93 42.23
N VAL D 207 49.86 -51.80 42.01
CA VAL D 207 49.76 -52.89 41.06
C VAL D 207 50.08 -54.17 41.83
N THR D 208 49.04 -54.93 42.16
CA THR D 208 49.23 -56.25 42.75
C THR D 208 49.11 -57.30 41.66
N LYS D 209 49.00 -58.58 42.06
CA LYS D 209 48.79 -59.63 41.06
C LYS D 209 47.37 -59.60 40.54
N ASP D 210 46.46 -58.97 41.26
CA ASP D 210 45.06 -58.90 40.85
C ASP D 210 44.85 -57.94 39.69
N GLY D 211 45.68 -56.92 39.55
CA GLY D 211 45.53 -55.91 38.53
C GLY D 211 45.89 -54.55 39.07
N VAL D 212 45.47 -53.52 38.33
CA VAL D 212 45.81 -52.13 38.63
C VAL D 212 44.57 -51.44 39.14
N TYR D 213 44.70 -50.72 40.25
CA TYR D 213 43.61 -49.90 40.74
C TYR D 213 44.22 -48.67 41.38
N VAL D 214 43.46 -47.58 41.39
CA VAL D 214 43.96 -46.24 41.68
C VAL D 214 43.43 -45.82 43.04
N LEU D 215 44.31 -45.36 43.92
CA LEU D 215 43.87 -45.00 45.26
C LEU D 215 43.58 -43.51 45.39
N ASP D 216 44.47 -42.66 44.91
CA ASP D 216 44.38 -41.23 45.13
C ASP D 216 44.41 -40.56 43.76
N LEU D 217 43.93 -39.33 43.69
CA LEU D 217 44.03 -38.56 42.46
C LEU D 217 44.01 -37.09 42.82
N ALA D 218 44.96 -36.33 42.28
CA ALA D 218 44.97 -34.89 42.42
C ALA D 218 45.07 -34.30 41.03
N ALA D 219 44.15 -33.43 40.67
CA ALA D 219 44.13 -33.00 39.28
C ALA D 219 43.71 -31.55 39.17
N LYS D 220 44.26 -30.92 38.16
CA LYS D 220 43.91 -29.56 37.78
C LYS D 220 43.66 -29.56 36.28
N VAL D 221 42.53 -29.00 35.86
CA VAL D 221 42.18 -28.91 34.46
C VAL D 221 42.24 -27.47 33.99
N ASP D 222 42.46 -27.30 32.69
CA ASP D 222 42.45 -26.01 32.02
C ASP D 222 41.01 -25.59 31.81
N ALA D 223 40.54 -24.62 32.59
CA ALA D 223 39.12 -24.30 32.59
C ALA D 223 38.71 -23.52 31.34
N THR D 224 39.67 -22.97 30.61
CA THR D 224 39.31 -22.26 29.40
C THR D 224 39.15 -23.19 28.21
N ALA D 225 39.38 -24.48 28.39
CA ALA D 225 39.32 -25.45 27.31
C ALA D 225 38.02 -26.24 27.31
N ASP D 226 36.91 -25.62 27.70
CA ASP D 226 35.66 -26.38 27.78
CA ASP D 226 35.67 -26.37 27.78
C ASP D 226 35.03 -26.56 26.40
N TYR D 227 35.27 -25.61 25.49
CA TYR D 227 34.57 -25.61 24.22
C TYR D 227 35.00 -26.75 23.30
N ILE D 228 36.09 -27.45 23.61
CA ILE D 228 36.32 -28.76 23.01
C ILE D 228 35.73 -29.86 23.88
N CYS D 229 35.96 -29.83 25.17
CA CYS D 229 35.90 -31.04 25.98
C CYS D 229 34.65 -31.11 26.85
N LYS D 230 33.64 -30.28 26.60
CA LYS D 230 32.56 -30.13 27.56
C LYS D 230 31.60 -31.32 27.48
N VAL D 231 31.59 -32.01 26.35
CA VAL D 231 30.88 -33.29 26.29
C VAL D 231 31.65 -34.35 27.07
N LYS D 232 32.97 -34.32 26.97
CA LYS D 232 33.80 -35.29 27.69
C LYS D 232 33.71 -35.04 29.18
N TRP D 233 33.78 -33.77 29.53
CA TRP D 233 33.72 -33.30 30.90
C TRP D 233 32.39 -33.58 31.58
N GLY D 234 31.31 -33.46 30.81
CA GLY D 234 29.99 -33.65 31.36
C GLY D 234 29.81 -32.56 32.40
N ASP D 235 29.41 -32.93 33.60
CA ASP D 235 29.23 -31.91 34.63
C ASP D 235 30.50 -31.86 35.46
N ILE D 236 31.12 -30.69 35.49
CA ILE D 236 32.36 -30.52 36.25
C ILE D 236 32.25 -29.43 37.29
N GLU D 237 32.67 -29.75 38.52
CA GLU D 237 32.62 -28.80 39.62
C GLU D 237 34.03 -28.54 40.14
N PHE D 238 34.37 -27.27 40.28
CA PHE D 238 35.69 -26.89 40.78
C PHE D 238 35.51 -26.50 42.24
N PRO D 239 36.30 -27.12 43.12
CA PRO D 239 36.17 -26.83 44.55
C PRO D 239 37.11 -25.72 44.99
N PRO D 240 36.75 -25.00 46.05
CA PRO D 240 37.64 -23.94 46.56
C PRO D 240 38.77 -24.55 47.36
N PRO D 241 39.83 -23.78 47.66
CA PRO D 241 40.85 -24.26 48.58
C PRO D 241 40.30 -24.41 49.99
N PHE D 242 41.05 -25.13 50.81
CA PHE D 242 40.53 -25.49 52.12
C PHE D 242 40.65 -24.33 53.08
N GLY D 243 39.62 -23.49 53.15
CA GLY D 243 39.61 -22.34 54.03
C GLY D 243 38.28 -22.23 54.73
N ARG D 244 37.97 -21.01 55.18
CA ARG D 244 36.68 -20.77 55.81
C ARG D 244 35.57 -20.82 54.76
N GLU D 245 34.37 -20.76 55.24
CA GLU D 245 33.26 -20.85 54.34
C GLU D 245 33.10 -19.54 53.56
N ALA D 246 32.84 -19.69 52.26
CA ALA D 246 32.56 -18.57 51.38
C ALA D 246 31.20 -18.01 51.74
N TYR D 247 31.13 -16.69 51.91
CA TYR D 247 29.86 -16.00 52.10
C TYR D 247 28.95 -16.18 50.89
N PRO D 248 27.63 -16.04 51.08
CA PRO D 248 26.74 -15.94 49.93
C PRO D 248 26.95 -14.67 49.11
N GLU D 249 27.61 -13.67 49.70
CA GLU D 249 27.99 -12.47 48.96
C GLU D 249 28.97 -12.81 47.85
N GLU D 250 29.99 -13.63 48.17
CA GLU D 250 30.95 -14.06 47.17
C GLU D 250 30.31 -14.95 46.13
N ALA D 251 29.29 -15.72 46.53
CA ALA D 251 28.54 -16.51 45.56
C ALA D 251 27.72 -15.61 44.64
N TYR D 252 27.20 -14.51 45.17
CA TYR D 252 26.42 -13.57 44.37
C TYR D 252 27.30 -12.82 43.38
N ILE D 253 28.54 -12.54 43.76
CA ILE D 253 29.47 -11.89 42.85
C ILE D 253 30.04 -12.92 41.86
N ALA D 254 30.27 -14.15 42.30
CA ALA D 254 30.72 -15.20 41.40
C ALA D 254 29.63 -15.57 40.41
N ASP D 255 28.37 -15.30 40.74
CA ASP D 255 27.29 -15.48 39.78
C ASP D 255 27.37 -14.42 38.69
N LEU D 256 27.95 -13.26 39.01
CA LEU D 256 28.14 -12.24 37.98
C LEU D 256 29.22 -12.64 36.99
N ASP D 257 30.12 -13.56 37.38
CA ASP D 257 31.05 -14.14 36.42
C ASP D 257 30.33 -15.06 35.44
N ALA D 258 29.20 -15.64 35.86
CA ALA D 258 28.67 -16.80 35.16
C ALA D 258 27.88 -16.39 33.92
N LYS D 259 26.79 -15.66 34.10
CA LYS D 259 25.89 -15.33 33.00
C LYS D 259 26.42 -14.20 32.13
N SER D 260 27.49 -13.53 32.53
CA SER D 260 28.03 -12.39 31.80
C SER D 260 29.18 -12.82 30.91
N GLY D 261 29.88 -11.84 30.34
CA GLY D 261 31.11 -12.07 29.62
C GLY D 261 32.28 -11.41 30.32
N ALA D 262 32.02 -10.85 31.49
CA ALA D 262 33.03 -10.10 32.23
C ALA D 262 33.91 -11.04 33.04
N SER D 263 34.67 -10.47 33.96
CA SER D 263 35.43 -11.21 34.95
C SER D 263 35.50 -10.38 36.21
N LEU D 264 34.82 -10.82 37.26
CA LEU D 264 34.77 -10.04 38.50
C LEU D 264 34.56 -10.98 39.69
N LYS D 265 35.65 -11.31 40.37
CA LYS D 265 35.61 -12.17 41.54
C LYS D 265 35.93 -11.34 42.78
N LEU D 266 35.31 -11.71 43.90
CA LEU D 266 35.41 -10.92 45.12
C LEU D 266 35.90 -11.84 46.24
N THR D 267 37.07 -11.53 46.79
CA THR D 267 37.66 -12.28 47.89
C THR D 267 37.78 -11.36 49.08
N LEU D 268 36.80 -11.41 49.97
CA LEU D 268 36.76 -10.56 51.15
C LEU D 268 37.26 -11.38 52.33
N LEU D 269 38.11 -10.78 53.16
CA LEU D 269 38.76 -11.57 54.21
C LEU D 269 38.62 -10.93 55.59
N ASN D 270 38.36 -9.64 55.65
CA ASN D 270 38.22 -8.95 56.93
C ASN D 270 37.05 -7.97 56.83
N PRO D 271 35.85 -8.37 57.24
CA PRO D 271 34.68 -7.49 57.05
C PRO D 271 34.67 -6.24 57.92
N LYS D 272 35.48 -6.19 58.97
CA LYS D 272 35.49 -5.06 59.88
C LYS D 272 36.70 -4.14 59.70
N GLY D 273 37.11 -3.88 58.47
CA GLY D 273 38.23 -3.00 58.23
C GLY D 273 37.82 -1.62 57.77
N ARG D 274 38.75 -0.67 57.89
CA ARG D 274 38.52 0.69 57.44
C ARG D 274 39.04 0.92 56.02
N ILE D 275 39.60 -0.10 55.39
CA ILE D 275 40.09 0.00 54.04
C ILE D 275 39.31 -0.97 53.17
N TRP D 276 38.68 -0.44 52.12
CA TRP D 276 37.94 -1.24 51.15
C TRP D 276 38.47 -0.89 49.76
N THR D 277 38.06 -1.66 48.75
CA THR D 277 38.56 -1.45 47.39
C THR D 277 37.42 -1.55 46.39
N MET D 278 37.52 -0.73 45.33
CA MET D 278 36.72 -0.87 44.11
C MET D 278 37.69 -0.60 42.95
N VAL D 279 38.36 -1.65 42.49
CA VAL D 279 39.53 -1.50 41.62
C VAL D 279 39.19 -2.12 40.28
N ALA D 280 39.30 -1.33 39.22
CA ALA D 280 39.06 -1.83 37.88
C ALA D 280 40.37 -2.29 37.25
N GLY D 281 40.42 -3.54 36.81
CA GLY D 281 41.62 -4.06 36.20
C GLY D 281 42.18 -5.26 36.93
N GLY D 282 42.69 -6.24 36.18
CA GLY D 282 43.29 -7.40 36.82
C GLY D 282 44.62 -7.08 37.45
N GLY D 283 45.28 -6.03 36.97
CA GLY D 283 46.60 -5.70 37.49
C GLY D 283 46.56 -4.77 38.68
N ALA D 284 45.65 -3.78 38.66
CA ALA D 284 45.74 -2.70 39.62
C ALA D 284 45.24 -3.11 41.00
N SER D 285 44.44 -4.16 41.09
CA SER D 285 44.03 -4.67 42.41
C SER D 285 45.22 -5.20 43.18
N VAL D 286 46.13 -5.86 42.49
CA VAL D 286 47.39 -6.31 43.05
C VAL D 286 48.23 -5.13 43.50
N VAL D 287 48.17 -4.02 42.78
CA VAL D 287 49.01 -2.86 43.10
C VAL D 287 48.50 -2.16 44.35
N TYR D 288 47.18 -1.97 44.45
CA TYR D 288 46.61 -1.42 45.68
C TYR D 288 46.81 -2.35 46.86
N SER D 289 46.69 -3.66 46.63
CA SER D 289 46.90 -4.60 47.74
C SER D 289 48.36 -4.63 48.16
N ASP D 290 49.27 -4.26 47.27
CA ASP D 290 50.64 -4.03 47.68
C ASP D 290 50.75 -2.80 48.56
N THR D 291 50.25 -1.65 48.07
CA THR D 291 50.59 -0.37 48.69
C THR D 291 49.87 -0.17 50.02
N ILE D 292 48.60 -0.59 50.09
CA ILE D 292 47.82 -0.56 51.33
C ILE D 292 48.48 -1.35 52.44
N CYS D 293 48.89 -2.59 52.15
CA CYS D 293 49.53 -3.40 53.16
C CYS D 293 50.96 -2.94 53.43
N ASP D 294 51.57 -2.26 52.47
CA ASP D 294 52.91 -1.72 52.66
C ASP D 294 52.91 -0.50 53.57
N LEU D 295 51.81 0.27 53.59
CA LEU D 295 51.71 1.40 54.50
C LEU D 295 51.11 1.04 55.85
N GLY D 296 51.22 -0.23 56.27
CA GLY D 296 50.89 -0.60 57.63
C GLY D 296 49.43 -0.63 57.97
N GLY D 297 48.53 -0.48 57.01
CA GLY D 297 47.11 -0.59 57.28
C GLY D 297 46.58 -1.96 56.93
N VAL D 298 47.48 -2.95 56.94
CA VAL D 298 47.19 -4.31 56.48
C VAL D 298 46.12 -4.99 57.34
N ASN D 299 46.03 -4.61 58.61
CA ASN D 299 45.05 -5.19 59.53
C ASN D 299 43.65 -4.67 59.28
N GLU D 300 43.50 -3.62 58.49
CA GLU D 300 42.21 -3.02 58.20
C GLU D 300 41.82 -3.17 56.74
N LEU D 301 42.59 -3.90 55.94
CA LEU D 301 42.19 -4.18 54.57
C LEU D 301 41.03 -5.17 54.56
N ALA D 302 40.06 -4.92 53.71
CA ALA D 302 38.90 -5.79 53.69
C ALA D 302 38.93 -6.81 52.55
N ASN D 303 39.08 -6.36 51.31
CA ASN D 303 38.93 -7.24 50.17
C ASN D 303 39.92 -6.85 49.09
N TYR D 304 40.15 -7.76 48.15
CA TYR D 304 40.71 -7.37 46.87
C TYR D 304 39.96 -8.13 45.79
N GLY D 305 39.57 -7.41 44.73
CA GLY D 305 38.79 -8.04 43.70
C GLY D 305 39.11 -7.54 42.31
N GLU D 306 39.41 -8.47 41.39
CA GLU D 306 39.62 -8.09 40.02
C GLU D 306 38.29 -7.76 39.35
N TYR D 307 38.37 -6.98 38.29
CA TYR D 307 37.22 -6.44 37.57
C TYR D 307 37.73 -6.02 36.19
N SER D 308 37.30 -6.74 35.16
CA SER D 308 37.77 -6.42 33.82
C SER D 308 36.66 -6.76 32.83
N GLY D 309 36.96 -6.63 31.55
CA GLY D 309 36.02 -7.04 30.53
C GLY D 309 34.95 -6.04 30.19
N ALA D 310 34.85 -4.95 30.95
CA ALA D 310 33.89 -3.86 30.81
C ALA D 310 32.46 -4.37 30.73
N PRO D 311 31.86 -4.84 31.83
CA PRO D 311 30.49 -5.33 31.76
C PRO D 311 29.50 -4.19 31.62
N SER D 312 28.22 -4.55 31.57
CA SER D 312 27.16 -3.56 31.47
C SER D 312 27.07 -2.74 32.76
N GLU D 313 26.35 -1.62 32.67
CA GLU D 313 26.22 -0.71 33.80
C GLU D 313 25.45 -1.34 34.95
N GLN D 314 24.52 -2.25 34.64
CA GLN D 314 23.73 -2.87 35.68
C GLN D 314 24.52 -3.90 36.46
N GLN D 315 25.49 -4.55 35.81
CA GLN D 315 26.31 -5.52 36.54
C GLN D 315 27.32 -4.83 37.43
N THR D 316 27.84 -3.68 36.99
CA THR D 316 28.70 -2.90 37.87
C THR D 316 27.88 -2.29 39.00
N TYR D 317 26.61 -1.97 38.73
CA TYR D 317 25.69 -1.57 39.81
C TYR D 317 25.48 -2.71 40.81
N ASP D 318 25.41 -3.95 40.33
CA ASP D 318 25.20 -5.07 41.23
C ASP D 318 26.45 -5.32 42.08
N TYR D 319 27.63 -5.24 41.45
CA TYR D 319 28.89 -5.38 42.16
C TYR D 319 29.06 -4.28 43.21
N ALA D 320 28.70 -3.05 42.86
CA ALA D 320 28.86 -1.95 43.78
C ALA D 320 27.79 -1.95 44.86
N LYS D 321 26.60 -2.47 44.56
CA LYS D 321 25.59 -2.54 45.61
C LYS D 321 25.89 -3.67 46.58
N THR D 322 26.59 -4.72 46.11
CA THR D 322 27.07 -5.75 47.02
C THR D 322 28.13 -5.21 47.96
N ILE D 323 29.11 -4.48 47.41
CA ILE D 323 30.16 -3.96 48.26
C ILE D 323 29.66 -2.83 49.17
N LEU D 324 28.74 -1.98 48.69
CA LEU D 324 28.15 -0.98 49.58
C LEU D 324 27.16 -1.58 50.56
N SER D 325 26.59 -2.74 50.27
CA SER D 325 25.78 -3.43 51.25
C SER D 325 26.67 -4.01 52.34
N LEU D 326 27.88 -4.42 51.98
CA LEU D 326 28.85 -4.81 53.00
C LEU D 326 29.44 -3.61 53.74
N MET D 327 29.34 -2.40 53.19
CA MET D 327 29.86 -1.22 53.87
C MET D 327 29.03 -0.87 55.11
N THR D 328 27.70 -0.83 54.96
CA THR D 328 26.82 -0.16 55.90
C THR D 328 26.17 -1.10 56.90
N ARG D 329 26.91 -2.12 57.37
CA ARG D 329 26.32 -3.03 58.33
C ARG D 329 26.41 -2.51 59.76
N GLU D 330 27.61 -2.18 60.24
CA GLU D 330 27.70 -1.58 61.56
C GLU D 330 28.87 -0.60 61.61
N LYS D 331 28.98 0.10 62.72
CA LYS D 331 29.84 1.28 62.80
C LYS D 331 31.21 0.94 63.35
N HIS D 332 32.25 1.41 62.67
CA HIS D 332 33.47 1.48 63.46
C HIS D 332 33.82 2.94 63.71
N PRO D 333 34.33 3.28 64.91
CA PRO D 333 34.55 4.71 65.22
C PRO D 333 35.68 5.39 64.47
N ASP D 334 36.52 4.65 63.75
CA ASP D 334 37.57 5.33 62.96
C ASP D 334 37.02 5.90 61.67
N GLY D 335 36.31 5.09 60.89
CA GLY D 335 35.81 5.54 59.60
C GLY D 335 36.39 4.77 58.44
N LYS D 336 35.53 4.32 57.53
CA LYS D 336 35.91 3.44 56.44
C LYS D 336 36.35 4.23 55.21
N ILE D 337 37.45 3.79 54.61
CA ILE D 337 38.02 4.46 53.45
C ILE D 337 37.82 3.56 52.25
N LEU D 338 36.94 3.96 51.33
CA LEU D 338 36.71 3.23 50.11
C LEU D 338 37.58 3.79 49.00
N ILE D 339 38.44 2.95 48.45
CA ILE D 339 39.34 3.33 47.37
C ILE D 339 38.75 2.87 46.04
N ILE D 340 38.52 3.83 45.14
CA ILE D 340 37.97 3.56 43.83
C ILE D 340 38.95 4.09 42.79
N GLY D 341 39.40 3.22 41.91
CA GLY D 341 40.28 3.62 40.84
C GLY D 341 41.13 2.45 40.38
N GLY D 342 41.77 2.64 39.23
CA GLY D 342 42.59 1.58 38.69
C GLY D 342 43.05 1.88 37.29
N SER D 343 43.24 0.81 36.51
CA SER D 343 43.80 0.95 35.17
C SER D 343 43.21 -0.06 34.21
N ILE D 344 42.55 0.42 33.16
CA ILE D 344 42.00 -0.40 32.09
C ILE D 344 42.72 0.00 30.80
N ALA D 345 42.91 -0.95 29.90
CA ALA D 345 43.42 -0.64 28.57
C ALA D 345 42.33 -0.39 27.55
N ASN D 346 41.19 -1.07 27.67
CA ASN D 346 40.09 -0.98 26.70
C ASN D 346 38.99 -0.13 27.30
N PHE D 347 38.99 1.17 26.98
CA PHE D 347 37.92 2.03 27.47
C PHE D 347 36.75 1.98 26.53
N THR D 348 35.70 1.24 26.93
CA THR D 348 34.56 0.97 26.08
C THR D 348 33.25 1.43 26.71
N ASN D 349 33.10 1.27 28.03
CA ASN D 349 31.91 1.66 28.74
C ASN D 349 32.20 2.75 29.76
N VAL D 350 32.94 3.77 29.34
CA VAL D 350 33.23 4.91 30.21
C VAL D 350 31.97 5.64 30.61
N ALA D 351 31.00 5.77 29.72
CA ALA D 351 29.73 6.39 30.05
C ALA D 351 28.84 5.51 30.92
N ALA D 352 29.01 4.19 30.87
CA ALA D 352 28.08 3.31 31.56
C ALA D 352 28.49 3.05 33.00
N THR D 353 29.78 2.81 33.24
CA THR D 353 30.22 2.34 34.56
C THR D 353 30.12 3.44 35.59
N PHE D 354 30.32 4.70 35.20
CA PHE D 354 30.05 5.81 36.10
C PHE D 354 28.57 6.00 36.35
N LYS D 355 27.70 5.46 35.51
CA LYS D 355 26.28 5.53 35.83
C LYS D 355 25.87 4.43 36.80
N GLY D 356 26.72 3.43 36.99
CA GLY D 356 26.42 2.42 37.98
C GLY D 356 26.75 2.87 39.39
N ILE D 357 28.01 3.27 39.59
CA ILE D 357 28.52 3.50 40.93
C ILE D 357 27.93 4.76 41.53
N VAL D 358 27.62 5.75 40.69
CA VAL D 358 26.83 6.89 41.13
C VAL D 358 25.45 6.45 41.61
N ARG D 359 24.82 5.52 40.88
CA ARG D 359 23.51 5.06 41.28
C ARG D 359 23.60 4.18 42.52
N ALA D 360 24.73 3.51 42.71
CA ALA D 360 24.91 2.73 43.92
C ALA D 360 25.19 3.61 45.13
N ILE D 361 25.91 4.71 44.94
CA ILE D 361 26.10 5.66 46.03
C ILE D 361 24.80 6.35 46.39
N ARG D 362 24.03 6.82 45.40
CA ARG D 362 22.82 7.58 45.73
C ARG D 362 21.67 6.68 46.16
N ASP D 363 21.86 5.35 46.09
CA ASP D 363 20.86 4.47 46.69
C ASP D 363 21.27 4.00 48.07
N TYR D 364 22.39 4.49 48.61
CA TYR D 364 22.74 4.25 50.00
C TYR D 364 23.18 5.53 50.70
N GLN D 365 22.63 6.68 50.28
CA GLN D 365 23.06 7.99 50.79
C GLN D 365 22.69 8.19 52.24
N GLY D 366 21.67 7.48 52.74
CA GLY D 366 21.35 7.48 54.14
C GLY D 366 22.41 6.81 54.98
N PRO D 367 22.57 5.49 54.83
CA PRO D 367 23.51 4.76 55.68
C PRO D 367 24.99 5.06 55.45
N LEU D 368 25.39 5.54 54.27
CA LEU D 368 26.82 5.80 54.03
C LEU D 368 27.34 6.99 54.85
N LYS D 369 26.47 7.96 55.13
CA LYS D 369 26.90 9.03 56.02
C LYS D 369 27.06 8.56 57.45
N GLU D 370 26.05 7.85 57.98
CA GLU D 370 26.08 7.40 59.36
C GLU D 370 26.90 6.13 59.57
N HIS D 371 27.59 5.64 58.53
CA HIS D 371 28.73 4.76 58.74
C HIS D 371 30.05 5.44 58.45
N GLU D 372 30.02 6.74 58.11
CA GLU D 372 31.19 7.63 58.04
C GLU D 372 32.21 7.13 57.00
N VAL D 373 31.84 7.20 55.73
CA VAL D 373 32.72 6.72 54.66
C VAL D 373 33.37 7.91 53.97
N THR D 374 34.70 7.83 53.78
CA THR D 374 35.47 8.87 53.10
C THR D 374 36.07 8.28 51.83
N ILE D 375 35.45 8.57 50.69
CA ILE D 375 35.75 7.89 49.44
C ILE D 375 36.86 8.66 48.73
N PHE D 376 37.85 7.94 48.20
CA PHE D 376 38.83 8.52 47.29
C PHE D 376 38.63 7.91 45.91
N VAL D 377 38.24 8.73 44.94
CA VAL D 377 38.05 8.30 43.56
C VAL D 377 39.14 8.93 42.71
N ARG D 378 39.80 8.13 41.89
CA ARG D 378 40.75 8.64 40.91
C ARG D 378 40.41 8.09 39.52
N ARG D 379 40.42 8.99 38.54
CA ARG D 379 40.18 8.62 37.15
C ARG D 379 41.51 8.28 36.50
N GLY D 380 41.45 7.47 35.47
CA GLY D 380 42.59 7.26 34.60
C GLY D 380 42.10 7.21 33.17
N GLY D 381 43.00 7.37 32.21
CA GLY D 381 42.61 7.29 30.82
C GLY D 381 41.89 8.53 30.32
N PRO D 382 40.64 8.37 29.91
CA PRO D 382 39.91 9.48 29.28
C PRO D 382 39.55 10.56 30.29
N ASN D 383 39.47 11.79 29.80
CA ASN D 383 39.07 12.91 30.65
C ASN D 383 37.55 13.01 30.71
N TYR D 384 36.92 12.00 31.32
CA TYR D 384 35.47 11.90 31.37
C TYR D 384 34.94 12.86 32.42
N GLN D 385 34.64 14.08 31.97
CA GLN D 385 34.39 15.18 32.89
C GLN D 385 32.99 15.09 33.47
N GLU D 386 32.07 14.42 32.78
CA GLU D 386 30.71 14.31 33.27
C GLU D 386 30.63 13.44 34.52
N GLY D 387 31.42 12.36 34.55
CA GLY D 387 31.43 11.51 35.74
C GLY D 387 32.06 12.18 36.94
N LEU D 388 33.15 12.92 36.71
CA LEU D 388 33.76 13.73 37.77
C LEU D 388 32.81 14.77 38.29
N ARG D 389 32.04 15.39 37.41
CA ARG D 389 31.06 16.39 37.82
C ARG D 389 29.91 15.76 38.61
N VAL D 390 29.43 14.59 38.20
CA VAL D 390 28.29 13.99 38.89
C VAL D 390 28.71 13.46 40.26
N MET D 391 29.95 12.94 40.35
CA MET D 391 30.52 12.61 41.67
C MET D 391 30.63 13.86 42.55
N GLY D 392 31.16 14.95 42.01
CA GLY D 392 31.28 16.18 42.80
C GLY D 392 29.95 16.80 43.20
N GLU D 393 28.89 16.56 42.42
CA GLU D 393 27.58 17.04 42.81
C GLU D 393 26.91 16.14 43.83
N VAL D 394 27.09 14.83 43.73
CA VAL D 394 26.41 13.95 44.68
C VAL D 394 27.14 13.97 46.02
N GLY D 395 28.44 14.33 46.02
CA GLY D 395 29.14 14.48 47.28
C GLY D 395 28.71 15.71 48.05
N LYS D 396 28.21 16.72 47.34
CA LYS D 396 27.66 17.91 48.00
C LYS D 396 26.18 17.72 48.32
N THR D 397 25.48 16.92 47.52
CA THR D 397 24.07 16.70 47.78
C THR D 397 23.87 15.78 48.98
N THR D 398 24.56 14.64 49.01
CA THR D 398 24.45 13.73 50.14
C THR D 398 25.19 14.26 51.36
N GLY D 399 26.48 14.50 51.21
CA GLY D 399 27.29 15.01 52.29
C GLY D 399 28.45 14.09 52.58
N ILE D 400 28.51 12.99 51.83
CA ILE D 400 29.55 11.97 51.94
C ILE D 400 30.86 12.62 51.52
N PRO D 401 31.89 12.62 52.35
CA PRO D 401 33.14 13.29 51.96
C PRO D 401 33.89 12.51 50.91
N ILE D 402 33.81 12.96 49.65
CA ILE D 402 34.55 12.33 48.56
C ILE D 402 35.74 13.21 48.28
N HIS D 403 36.72 12.64 47.58
CA HIS D 403 37.84 13.42 47.06
C HIS D 403 38.16 12.86 45.66
N VAL D 404 37.48 13.40 44.64
CA VAL D 404 37.72 12.94 43.27
C VAL D 404 38.97 13.62 42.74
N PHE D 405 39.87 12.81 42.21
CA PHE D 405 41.19 13.29 41.81
C PHE D 405 41.35 13.12 40.32
N GLY D 406 42.55 13.39 39.84
CA GLY D 406 42.83 13.36 38.42
C GLY D 406 44.07 12.54 38.13
N THR D 407 44.51 12.65 36.88
CA THR D 407 45.63 11.86 36.40
C THR D 407 46.96 12.35 36.99
N GLU D 408 46.99 13.59 37.49
CA GLU D 408 48.22 14.17 38.02
C GLU D 408 48.72 13.49 39.29
N THR D 409 47.82 12.90 40.07
CA THR D 409 48.21 12.12 41.24
C THR D 409 48.50 10.69 40.80
N HIS D 410 49.51 10.08 41.41
CA HIS D 410 49.88 8.73 41.04
C HIS D 410 48.86 7.73 41.56
N MET D 411 48.82 6.54 40.98
CA MET D 411 47.72 5.60 41.20
C MET D 411 47.80 4.98 42.58
N THR D 412 48.94 5.08 43.26
CA THR D 412 49.03 4.78 44.68
C THR D 412 49.36 6.01 45.51
N ALA D 413 49.29 7.21 44.93
CA ALA D 413 49.46 8.41 45.74
C ALA D 413 48.27 8.64 46.65
N ILE D 414 47.10 8.11 46.29
CA ILE D 414 45.92 8.27 47.11
C ILE D 414 45.96 7.40 48.35
N VAL D 415 46.74 6.32 48.33
CA VAL D 415 46.80 5.42 49.48
C VAL D 415 47.52 6.10 50.64
N GLY D 416 48.60 6.83 50.32
CA GLY D 416 49.25 7.67 51.31
C GLY D 416 48.39 8.84 51.76
N MET D 417 47.48 9.30 50.90
CA MET D 417 46.53 10.32 51.29
C MET D 417 45.41 9.75 52.15
N ALA D 418 45.21 8.43 52.11
CA ALA D 418 44.23 7.75 52.93
C ALA D 418 44.75 7.35 54.30
N LEU D 419 45.97 6.83 54.39
CA LEU D 419 46.45 6.29 55.64
C LEU D 419 47.24 7.30 56.45
N GLY D 420 47.02 8.59 56.24
CA GLY D 420 47.65 9.61 57.04
C GLY D 420 49.14 9.72 56.81
N HIS D 421 49.54 10.09 55.60
CA HIS D 421 50.94 10.29 55.29
C HIS D 421 51.23 11.57 54.54
N ARG D 422 50.22 12.25 54.02
CA ARG D 422 50.36 13.47 53.24
C ARG D 422 49.01 14.18 53.17
N PRO D 423 49.00 15.52 53.14
CA PRO D 423 47.73 16.25 53.16
C PRO D 423 46.98 16.14 51.83
N ILE D 424 45.84 16.82 51.77
CA ILE D 424 44.88 16.64 50.69
C ILE D 424 44.74 17.95 49.91
N PRO D 425 45.42 18.10 48.77
CA PRO D 425 45.19 19.28 47.92
C PRO D 425 43.83 19.26 47.25
N GLY D 487 64.95 -15.63 11.10
CA GLY D 487 64.45 -16.17 12.36
C GLY D 487 63.83 -15.11 13.23
N LYS D 488 64.55 -14.72 14.29
CA LYS D 488 64.09 -13.64 15.15
C LYS D 488 64.48 -12.29 14.54
N SER D 489 63.69 -11.27 14.84
CA SER D 489 64.02 -9.93 14.39
C SER D 489 64.60 -9.11 15.54
N THR D 490 64.93 -7.86 15.24
CA THR D 490 65.29 -6.88 16.25
C THR D 490 64.36 -5.67 16.23
N THR D 491 64.11 -5.12 15.04
CA THR D 491 63.17 -4.01 14.87
C THR D 491 61.87 -4.59 14.32
N LEU D 492 60.85 -4.64 15.18
CA LEU D 492 59.56 -5.12 14.74
C LEU D 492 58.80 -4.08 13.94
N PHE D 493 58.73 -2.85 14.42
CA PHE D 493 57.82 -1.86 13.88
C PHE D 493 58.59 -0.63 13.44
N SER D 494 58.58 -0.36 12.14
CA SER D 494 59.14 0.87 11.61
C SER D 494 57.99 1.83 11.36
N ARG D 495 58.30 3.01 10.83
CA ARG D 495 57.25 3.95 10.47
C ARG D 495 56.76 3.73 9.04
N HIS D 496 57.20 2.65 8.40
CA HIS D 496 56.63 2.17 7.16
C HIS D 496 56.00 0.80 7.36
N THR D 497 55.54 0.49 8.56
CA THR D 497 54.99 -0.81 8.87
C THR D 497 53.51 -0.87 8.49
N LYS D 498 53.15 -1.89 7.72
CA LYS D 498 51.74 -2.15 7.44
C LYS D 498 51.22 -3.17 8.44
N ALA D 499 49.91 -3.39 8.46
CA ALA D 499 49.33 -4.39 9.33
C ALA D 499 48.01 -4.85 8.74
N ILE D 500 47.67 -6.10 8.99
CA ILE D 500 46.39 -6.68 8.57
C ILE D 500 45.62 -7.04 9.82
N VAL D 501 44.43 -6.45 9.96
CA VAL D 501 43.59 -6.64 11.13
C VAL D 501 42.67 -7.82 10.87
N TRP D 502 42.85 -8.89 11.62
CA TRP D 502 41.96 -10.03 11.44
C TRP D 502 40.69 -9.80 12.25
N GLY D 503 39.56 -10.24 11.73
CA GLY D 503 38.34 -9.90 12.45
C GLY D 503 37.88 -8.51 12.02
N MET D 504 36.70 -8.11 12.52
CA MET D 504 36.17 -6.79 12.17
C MET D 504 36.08 -5.95 13.44
N GLN D 505 36.95 -4.96 13.52
CA GLN D 505 37.13 -4.10 14.69
C GLN D 505 37.27 -2.65 14.27
N THR D 506 36.26 -2.11 13.57
CA THR D 506 36.29 -0.76 13.00
C THR D 506 36.65 0.34 14.00
N ARG D 507 36.36 0.13 15.29
CA ARG D 507 36.84 1.06 16.31
C ARG D 507 38.35 0.99 16.46
N ALA D 508 38.89 -0.23 16.54
CA ALA D 508 40.34 -0.38 16.71
C ALA D 508 41.09 0.05 15.46
N VAL D 509 40.51 -0.16 14.29
CA VAL D 509 41.18 0.23 13.06
C VAL D 509 41.10 1.75 12.88
N GLN D 510 39.99 2.34 13.32
CA GLN D 510 39.90 3.79 13.30
C GLN D 510 40.89 4.41 14.28
N GLY D 511 41.10 3.74 15.42
CA GLY D 511 42.13 4.16 16.36
C GLY D 511 43.53 4.00 15.83
N MET D 512 43.77 3.01 14.98
CA MET D 512 45.02 2.93 14.24
C MET D 512 45.21 4.17 13.38
N LEU D 513 44.24 4.45 12.51
CA LEU D 513 44.43 5.42 11.44
C LEU D 513 44.51 6.84 11.98
N ASP D 514 43.75 7.14 13.04
CA ASP D 514 43.81 8.48 13.61
C ASP D 514 45.12 8.71 14.35
N PHE D 515 45.62 7.68 15.04
CA PHE D 515 46.96 7.76 15.63
C PHE D 515 48.02 7.97 14.57
N ASP D 516 47.87 7.32 13.43
CA ASP D 516 48.88 7.45 12.38
C ASP D 516 48.84 8.82 11.74
N TYR D 517 47.66 9.40 11.61
CA TYR D 517 47.59 10.76 11.08
C TYR D 517 48.10 11.77 12.10
N VAL D 518 48.01 11.47 13.39
CA VAL D 518 48.64 12.35 14.38
C VAL D 518 50.16 12.20 14.31
N CYS D 519 50.66 11.03 13.95
CA CYS D 519 52.10 10.84 13.85
C CYS D 519 52.72 11.35 12.56
N SER D 520 51.95 12.06 11.72
CA SER D 520 52.38 12.68 10.47
C SER D 520 52.96 11.63 9.51
N ARG D 521 52.37 10.46 9.58
CA ARG D 521 52.76 9.29 8.80
C ARG D 521 52.27 9.46 7.36
N ASP D 522 53.10 8.98 6.42
CA ASP D 522 52.82 9.20 5.00
C ASP D 522 51.66 8.33 4.54
N GLU D 523 51.68 7.08 4.92
CA GLU D 523 50.73 6.05 4.50
C GLU D 523 49.86 5.70 5.70
N PRO D 524 48.81 4.90 5.56
CA PRO D 524 48.15 4.35 6.75
C PRO D 524 48.98 3.25 7.42
N SER D 525 48.41 2.58 8.42
CA SER D 525 49.05 1.37 8.91
C SER D 525 48.14 0.16 8.91
N VAL D 526 46.88 0.32 8.49
CA VAL D 526 46.08 -0.86 8.21
C VAL D 526 45.97 -0.98 6.69
N ALA D 527 46.68 -1.95 6.12
CA ALA D 527 46.69 -2.11 4.67
C ALA D 527 45.44 -2.85 4.20
N ALA D 528 45.06 -3.90 4.90
CA ALA D 528 43.87 -4.65 4.54
C ALA D 528 43.26 -5.32 5.75
N MET D 529 41.98 -5.67 5.66
CA MET D 529 41.36 -6.44 6.72
C MET D 529 40.95 -7.81 6.18
N VAL D 530 40.85 -8.77 7.08
CA VAL D 530 40.50 -10.15 6.72
C VAL D 530 39.36 -10.61 7.62
N TYR D 531 38.26 -11.01 7.02
CA TYR D 531 37.14 -11.46 7.82
C TYR D 531 36.36 -12.53 7.05
N PRO D 532 36.43 -13.79 7.48
CA PRO D 532 35.95 -14.89 6.63
C PRO D 532 34.46 -15.16 6.74
N PHE D 533 33.73 -14.47 7.59
CA PHE D 533 32.33 -14.80 7.81
C PHE D 533 31.38 -13.82 7.15
N THR D 534 31.87 -13.00 6.24
CA THR D 534 31.04 -12.18 5.36
C THR D 534 31.61 -12.31 3.95
N GLY D 535 31.11 -11.45 3.04
CA GLY D 535 31.56 -11.43 1.68
C GLY D 535 32.60 -10.34 1.47
N ASP D 536 33.27 -10.42 0.32
CA ASP D 536 34.36 -9.49 0.04
C ASP D 536 33.80 -8.12 -0.36
N HIS D 537 34.31 -7.09 0.31
CA HIS D 537 33.86 -5.72 0.09
C HIS D 537 34.98 -4.81 0.55
N LYS D 538 34.69 -3.52 0.65
CA LYS D 538 35.61 -2.56 1.20
C LYS D 538 34.90 -1.74 2.27
N GLN D 539 35.69 -1.22 3.20
CA GLN D 539 35.17 -0.48 4.33
C GLN D 539 35.71 0.93 4.26
N LYS D 540 34.89 1.89 4.67
CA LYS D 540 35.18 3.31 4.46
C LYS D 540 35.54 3.97 5.79
N PHE D 541 36.78 4.44 5.88
CA PHE D 541 37.33 4.98 7.11
C PHE D 541 37.79 6.42 6.94
N TYR D 542 38.45 6.97 7.96
CA TYR D 542 38.90 8.35 7.95
C TYR D 542 40.41 8.38 8.10
N TRP D 543 41.11 8.71 7.02
CA TRP D 543 42.50 9.11 7.10
C TRP D 543 42.53 10.62 7.29
N GLY D 544 42.57 11.05 8.55
CA GLY D 544 42.52 12.46 8.85
C GLY D 544 41.15 13.03 8.56
N HIS D 545 41.06 13.80 7.50
CA HIS D 545 39.81 14.40 7.07
C HIS D 545 39.24 13.75 5.81
N LYS D 546 40.10 13.28 4.92
CA LYS D 546 39.65 12.60 3.73
C LYS D 546 39.24 11.17 4.08
N GLU D 547 38.16 10.72 3.46
CA GLU D 547 37.72 9.34 3.58
C GLU D 547 38.48 8.46 2.63
N ILE D 548 39.21 7.48 3.17
CA ILE D 548 39.87 6.48 2.35
C ILE D 548 39.16 5.15 2.56
N LEU D 549 39.46 4.19 1.70
CA LEU D 549 38.88 2.86 1.80
C LEU D 549 39.94 1.85 2.23
N ILE D 550 39.49 0.84 2.97
CA ILE D 550 40.34 -0.30 3.32
C ILE D 550 39.63 -1.58 2.89
N PRO D 551 40.30 -2.46 2.16
CA PRO D 551 39.62 -3.65 1.64
C PRO D 551 39.46 -4.73 2.69
N VAL D 552 38.32 -5.39 2.65
CA VAL D 552 38.00 -6.47 3.57
C VAL D 552 37.85 -7.76 2.77
N PHE D 553 38.62 -8.78 3.17
CA PHE D 553 38.67 -10.01 2.41
C PHE D 553 38.07 -11.18 3.17
N LYS D 554 37.85 -12.31 2.49
CA LYS D 554 37.34 -13.51 3.15
C LYS D 554 38.39 -14.58 3.40
N ASN D 555 39.08 -15.06 2.37
CA ASN D 555 40.17 -16.00 2.57
C ASN D 555 41.48 -15.24 2.45
N MET D 556 42.49 -15.69 3.20
CA MET D 556 43.67 -14.86 3.41
C MET D 556 44.57 -14.81 2.18
N ALA D 557 44.37 -15.72 1.22
CA ALA D 557 45.25 -15.73 0.05
C ALA D 557 45.03 -14.51 -0.81
N ASP D 558 43.82 -13.97 -0.80
CA ASP D 558 43.54 -12.72 -1.51
C ASP D 558 44.30 -11.56 -0.89
N ALA D 559 44.27 -11.47 0.44
CA ALA D 559 44.93 -10.35 1.13
C ALA D 559 46.44 -10.52 1.15
N MET D 560 46.94 -11.74 0.95
CA MET D 560 48.37 -11.96 1.01
C MET D 560 48.98 -11.98 -0.39
N ARG D 561 48.16 -12.08 -1.43
CA ARG D 561 48.67 -11.92 -2.79
C ARG D 561 48.45 -10.49 -3.28
N LYS D 562 47.37 -9.85 -2.87
CA LYS D 562 47.23 -8.47 -3.30
C LYS D 562 48.03 -7.51 -2.47
N HIS D 563 48.62 -7.92 -1.34
CA HIS D 563 49.36 -7.02 -0.47
C HIS D 563 50.69 -7.68 -0.10
N PRO D 564 51.75 -7.42 -0.86
CA PRO D 564 53.07 -7.92 -0.48
C PRO D 564 53.84 -7.00 0.45
N GLU D 565 53.18 -6.04 1.09
CA GLU D 565 53.86 -4.97 1.81
C GLU D 565 53.74 -5.14 3.33
N VAL D 566 52.79 -5.93 3.78
CA VAL D 566 52.49 -6.17 5.18
C VAL D 566 53.58 -7.02 5.82
N ASP D 567 53.93 -6.72 7.08
CA ASP D 567 54.66 -7.72 7.86
C ASP D 567 54.17 -7.92 9.28
N VAL D 568 52.97 -7.46 9.66
CA VAL D 568 52.42 -7.62 11.00
C VAL D 568 50.96 -8.03 10.83
N LEU D 569 50.51 -9.03 11.57
CA LEU D 569 49.09 -9.31 11.60
C LEU D 569 48.57 -9.24 13.02
N ILE D 570 47.36 -8.72 13.17
CA ILE D 570 46.77 -8.45 14.47
C ILE D 570 45.48 -9.25 14.61
N ASN D 571 45.54 -10.35 15.34
CA ASN D 571 44.34 -11.15 15.54
C ASN D 571 43.44 -10.55 16.60
N PHE D 572 42.27 -10.11 16.17
CA PHE D 572 41.21 -9.82 17.11
C PHE D 572 40.18 -10.94 17.13
N ALA D 573 40.64 -12.19 17.06
CA ALA D 573 39.72 -13.32 16.99
C ALA D 573 39.02 -13.52 18.32
N SER D 574 38.00 -14.38 18.30
CA SER D 574 37.51 -14.90 19.56
C SER D 574 38.50 -15.92 20.10
N LEU D 575 38.27 -16.37 21.33
CA LEU D 575 39.18 -17.35 21.89
C LEU D 575 39.03 -18.73 21.27
N ARG D 576 37.87 -19.01 20.65
CA ARG D 576 37.67 -20.21 19.86
C ARG D 576 38.37 -20.23 18.51
N SER D 577 38.63 -19.08 17.90
CA SER D 577 39.20 -19.08 16.55
C SER D 577 40.61 -18.54 16.49
N ALA D 578 41.21 -18.17 17.62
CA ALA D 578 42.53 -17.55 17.58
C ALA D 578 43.60 -18.54 17.20
N TYR D 579 43.53 -19.75 17.76
CA TYR D 579 44.46 -20.82 17.39
C TYR D 579 44.35 -21.18 15.92
N ASP D 580 43.12 -21.29 15.41
CA ASP D 580 42.92 -21.72 14.03
C ASP D 580 43.37 -20.63 13.04
N SER D 581 43.06 -19.37 13.34
CA SER D 581 43.47 -18.28 12.46
C SER D 581 44.97 -18.06 12.52
N THR D 582 45.58 -18.28 13.68
CA THR D 582 47.02 -18.11 13.77
C THR D 582 47.75 -19.25 13.06
N MET D 583 47.27 -20.49 13.20
CA MET D 583 47.87 -21.60 12.48
C MET D 583 47.61 -21.49 10.98
N GLU D 584 46.56 -20.77 10.58
CA GLU D 584 46.38 -20.45 9.17
C GLU D 584 47.40 -19.42 8.71
N THR D 585 47.73 -18.47 9.58
CA THR D 585 48.61 -17.38 9.18
C THR D 585 50.08 -17.80 9.17
N MET D 586 50.49 -18.67 10.10
CA MET D 586 51.88 -19.06 10.29
C MET D 586 52.53 -19.70 9.07
N ASN D 587 51.72 -20.25 8.16
CA ASN D 587 52.24 -20.89 6.95
C ASN D 587 52.84 -19.90 5.96
N TYR D 588 52.57 -18.60 6.11
CA TYR D 588 52.97 -17.61 5.13
C TYR D 588 54.32 -17.03 5.52
N ALA D 589 54.87 -16.20 4.64
CA ALA D 589 56.26 -15.79 4.76
C ALA D 589 56.42 -14.41 5.38
N GLN D 590 55.75 -13.40 4.82
CA GLN D 590 56.05 -12.03 5.20
C GLN D 590 55.45 -11.64 6.54
N ILE D 591 54.53 -12.42 7.09
CA ILE D 591 54.00 -12.15 8.42
C ILE D 591 55.09 -12.45 9.44
N ARG D 592 55.70 -11.40 9.97
CA ARG D 592 56.86 -11.57 10.85
C ARG D 592 56.57 -11.11 12.28
N THR D 593 55.32 -10.79 12.59
CA THR D 593 54.89 -10.40 13.94
C THR D 593 53.40 -10.63 14.07
N ILE D 594 52.96 -11.39 15.08
CA ILE D 594 51.56 -11.70 15.29
C ILE D 594 51.17 -11.29 16.70
N ALA D 595 50.20 -10.41 16.82
CA ALA D 595 49.59 -10.13 18.09
C ALA D 595 48.30 -10.91 18.24
N ILE D 596 48.09 -11.48 19.43
CA ILE D 596 46.88 -12.20 19.73
C ILE D 596 46.20 -11.54 20.92
N ILE D 597 45.05 -10.93 20.66
CA ILE D 597 44.37 -10.13 21.67
C ILE D 597 43.52 -10.96 22.63
N ALA D 598 42.85 -12.01 22.17
CA ALA D 598 41.81 -12.66 22.95
C ALA D 598 42.34 -13.45 24.12
N GLU D 599 41.76 -13.22 25.29
CA GLU D 599 42.12 -13.94 26.51
C GLU D 599 41.47 -15.32 26.50
N GLY D 600 41.92 -16.17 27.41
CA GLY D 600 41.24 -17.42 27.65
C GLY D 600 41.48 -18.48 26.59
N ILE D 601 42.62 -18.40 25.93
CA ILE D 601 43.04 -19.46 25.02
C ILE D 601 43.58 -20.60 25.88
N PRO D 602 43.16 -21.84 25.65
CA PRO D 602 43.61 -22.95 26.48
C PRO D 602 45.11 -23.20 26.34
N GLU D 603 45.71 -23.65 27.43
CA GLU D 603 47.16 -23.67 27.52
C GLU D 603 47.78 -24.78 26.69
N ALA D 604 46.99 -25.74 26.23
CA ALA D 604 47.50 -26.74 25.32
C ALA D 604 47.63 -26.17 23.90
N LEU D 605 46.77 -25.23 23.54
CA LEU D 605 46.83 -24.66 22.20
C LEU D 605 47.95 -23.64 22.08
N THR D 606 48.20 -22.92 23.18
CA THR D 606 49.18 -21.85 23.19
C THR D 606 50.60 -22.39 23.02
N ARG D 607 50.88 -23.56 23.58
CA ARG D 607 52.20 -24.15 23.40
C ARG D 607 52.39 -24.64 21.97
N LYS D 608 51.30 -25.02 21.30
CA LYS D 608 51.40 -25.38 19.89
C LYS D 608 51.74 -24.15 19.06
N LEU D 609 51.14 -23.01 19.41
CA LEU D 609 51.49 -21.78 18.72
C LEU D 609 52.93 -21.35 19.00
N ILE D 610 53.40 -21.55 20.23
CA ILE D 610 54.78 -21.20 20.56
C ILE D 610 55.76 -22.13 19.85
N LYS D 611 55.39 -23.41 19.71
CA LYS D 611 56.23 -24.36 19.01
C LYS D 611 56.36 -24.01 17.53
N LYS D 612 55.25 -23.73 16.87
CA LYS D 612 55.37 -23.38 15.46
C LYS D 612 55.95 -21.97 15.29
N ALA D 613 55.81 -21.11 16.31
CA ALA D 613 56.44 -19.80 16.27
C ALA D 613 57.96 -19.90 16.38
N ASP D 614 58.45 -20.93 17.04
CA ASP D 614 59.89 -21.16 17.07
C ASP D 614 60.36 -21.94 15.84
N GLN D 615 59.45 -22.70 15.23
CA GLN D 615 59.81 -23.35 13.97
C GLN D 615 59.76 -22.40 12.79
N LYS D 616 59.14 -21.23 12.94
CA LYS D 616 59.10 -20.26 11.85
C LYS D 616 59.81 -18.95 12.16
N GLY D 617 59.95 -18.61 13.44
CA GLY D 617 60.62 -17.38 13.83
C GLY D 617 59.71 -16.20 14.08
N VAL D 618 58.41 -16.35 13.93
CA VAL D 618 57.47 -15.24 14.03
C VAL D 618 57.25 -14.89 15.49
N THR D 619 57.52 -13.63 15.84
CA THR D 619 57.42 -13.16 17.22
C THR D 619 55.96 -12.94 17.59
N ILE D 620 55.55 -13.53 18.71
CA ILE D 620 54.18 -13.37 19.18
C ILE D 620 54.15 -12.47 20.41
N ILE D 621 53.32 -11.44 20.34
CA ILE D 621 53.05 -10.54 21.46
C ILE D 621 51.64 -10.88 21.94
N GLY D 622 51.53 -11.70 22.98
CA GLY D 622 50.25 -12.20 23.42
C GLY D 622 50.35 -13.67 23.78
N PRO D 623 49.23 -14.33 24.08
CA PRO D 623 47.83 -13.90 24.19
C PRO D 623 47.57 -13.08 25.42
N ALA D 624 46.31 -12.70 25.64
CA ALA D 624 45.81 -11.89 26.74
C ALA D 624 46.44 -10.50 26.81
N THR D 625 47.07 -10.03 25.74
CA THR D 625 47.58 -8.68 25.72
C THR D 625 46.48 -7.70 25.38
N VAL D 626 46.88 -6.44 25.23
CA VAL D 626 46.12 -5.48 24.47
C VAL D 626 46.95 -4.98 23.30
N GLY D 627 48.22 -5.41 23.27
CA GLY D 627 49.15 -4.98 22.25
C GLY D 627 50.09 -3.93 22.78
N GLY D 628 51.15 -3.65 22.03
CA GLY D 628 52.06 -2.62 22.45
C GLY D 628 51.79 -1.29 21.78
N ILE D 629 52.71 -0.35 21.92
CA ILE D 629 52.62 0.92 21.20
C ILE D 629 54.03 1.43 20.93
N LYS D 630 54.27 1.86 19.71
CA LYS D 630 55.54 2.49 19.41
C LYS D 630 55.27 3.88 18.88
N PRO D 631 55.43 4.91 19.72
CA PRO D 631 55.00 6.25 19.34
C PRO D 631 55.84 6.83 18.22
N GLY D 632 55.17 7.52 17.31
CA GLY D 632 55.78 7.96 16.09
C GLY D 632 55.83 6.93 14.99
N CYS D 633 55.61 5.64 15.29
CA CYS D 633 55.66 4.62 14.28
C CYS D 633 54.35 3.85 14.13
N PHE D 634 53.83 3.26 15.20
CA PHE D 634 52.77 2.27 15.06
C PHE D 634 52.14 2.00 16.42
N LYS D 635 50.83 1.78 16.41
CA LYS D 635 50.08 1.45 17.62
C LYS D 635 49.40 0.11 17.39
N ILE D 636 49.13 -0.63 18.46
CA ILE D 636 48.52 -1.94 18.34
C ILE D 636 47.23 -1.96 19.12
N GLY D 637 46.16 -2.43 18.47
CA GLY D 637 44.90 -2.72 19.14
C GLY D 637 44.19 -1.51 19.70
N ASN D 638 44.20 -1.39 21.02
CA ASN D 638 43.64 -0.24 21.70
C ASN D 638 44.60 0.29 22.75
N THR D 639 45.89 0.05 22.56
CA THR D 639 46.89 0.42 23.55
C THR D 639 47.07 1.92 23.59
N GLY D 640 47.00 2.49 24.79
CA GLY D 640 47.02 3.92 24.94
C GLY D 640 45.67 4.59 24.80
N GLY D 641 44.62 3.83 24.51
CA GLY D 641 43.28 4.37 24.41
C GLY D 641 43.07 5.19 23.17
N MET D 642 42.01 5.99 23.21
CA MET D 642 41.66 6.88 22.12
C MET D 642 42.60 8.08 22.18
N LEU D 643 42.61 8.95 21.16
CA LEU D 643 43.53 10.08 21.08
C LEU D 643 43.34 11.12 22.18
N ASP D 644 42.21 11.07 22.88
CA ASP D 644 42.00 11.92 24.06
C ASP D 644 43.03 11.60 25.14
N ASN D 645 43.52 10.36 25.18
CA ASN D 645 44.62 10.01 26.06
C ASN D 645 45.97 10.24 25.37
N ILE D 646 46.03 10.03 24.06
CA ILE D 646 47.31 10.10 23.33
C ILE D 646 47.88 11.51 23.36
N LEU D 647 47.02 12.50 23.17
CA LEU D 647 47.51 13.89 23.14
C LEU D 647 47.83 14.38 24.55
N ALA D 648 47.31 13.71 25.57
CA ALA D 648 47.60 14.10 26.95
C ALA D 648 48.87 13.44 27.47
N SER D 649 49.07 12.17 27.18
CA SER D 649 50.30 11.50 27.59
C SER D 649 51.41 11.67 26.55
N LYS D 650 51.18 12.47 25.52
CA LYS D 650 52.19 12.93 24.56
C LYS D 650 52.82 11.78 23.79
N LEU D 651 52.01 10.80 23.40
CA LEU D 651 52.47 9.60 22.72
C LEU D 651 52.52 9.76 21.21
N TYR D 652 52.68 10.96 20.70
CA TYR D 652 52.80 11.05 19.26
C TYR D 652 54.20 11.31 18.80
N ARG D 653 55.19 11.36 19.70
CA ARG D 653 56.57 11.61 19.31
C ARG D 653 57.44 10.60 20.05
N PRO D 654 58.59 10.25 19.48
CA PRO D 654 59.47 9.31 20.18
C PRO D 654 60.18 9.96 21.34
N GLY D 655 60.42 9.15 22.37
CA GLY D 655 61.18 9.55 23.53
C GLY D 655 62.45 8.74 23.62
N SER D 656 62.81 8.36 24.85
CA SER D 656 64.00 7.55 25.03
C SER D 656 63.84 6.48 26.10
N VAL D 657 62.62 6.17 26.52
CA VAL D 657 62.35 5.19 27.56
C VAL D 657 61.55 4.07 26.93
N ALA D 658 61.83 2.83 27.33
CA ALA D 658 61.02 1.69 26.91
C ALA D 658 60.52 0.95 28.15
N TYR D 659 59.27 0.51 28.12
CA TYR D 659 58.77 -0.33 29.20
C TYR D 659 58.36 -1.68 28.62
N VAL D 660 58.10 -2.63 29.51
CA VAL D 660 57.54 -3.93 29.17
C VAL D 660 56.85 -4.49 30.43
N SER D 661 55.67 -5.08 30.26
CA SER D 661 54.85 -5.46 31.41
C SER D 661 54.26 -6.84 31.24
N ARG D 662 53.95 -7.48 32.37
CA ARG D 662 53.11 -8.67 32.35
C ARG D 662 51.69 -8.30 31.97
N SER D 663 51.06 -7.43 32.75
CA SER D 663 49.65 -7.19 32.61
C SER D 663 49.41 -6.09 31.57
N GLY D 664 48.38 -6.29 30.75
CA GLY D 664 48.04 -5.33 29.73
C GLY D 664 47.25 -4.16 30.26
N GLY D 665 46.69 -4.32 31.46
CA GLY D 665 45.95 -3.23 32.07
C GLY D 665 46.84 -2.09 32.53
N MET D 666 48.09 -2.42 32.86
CA MET D 666 48.99 -1.40 33.41
C MET D 666 49.70 -0.60 32.34
N SER D 667 49.43 -0.88 31.06
CA SER D 667 50.09 -0.13 29.99
C SER D 667 49.58 1.30 29.90
N ASN D 668 48.40 1.56 30.45
CA ASN D 668 47.93 2.93 30.60
C ASN D 668 48.69 3.63 31.70
N GLU D 669 48.89 2.95 32.82
CA GLU D 669 49.54 3.58 33.96
C GLU D 669 51.02 3.83 33.70
N LEU D 670 51.68 2.94 32.97
CA LEU D 670 53.09 3.17 32.67
C LEU D 670 53.26 4.27 31.64
N ASN D 671 52.34 4.39 30.68
CA ASN D 671 52.32 5.54 29.79
C ASN D 671 52.15 6.82 30.56
N ASN D 672 51.26 6.81 31.55
CA ASN D 672 51.03 7.95 32.43
C ASN D 672 52.30 8.35 33.17
N ILE D 673 52.95 7.39 33.85
CA ILE D 673 54.06 7.72 34.73
C ILE D 673 55.30 8.10 33.93
N ILE D 674 55.56 7.38 32.83
CA ILE D 674 56.72 7.71 32.01
C ILE D 674 56.49 8.99 31.21
N SER D 675 55.22 9.38 31.01
CA SER D 675 54.95 10.65 30.38
C SER D 675 55.07 11.83 31.34
N ARG D 676 54.84 11.61 32.64
CA ARG D 676 54.92 12.68 33.62
C ARG D 676 56.30 12.83 34.23
N THR D 677 57.28 12.05 33.77
CA THR D 677 58.65 12.19 34.25
C THR D 677 59.66 12.40 33.13
N THR D 678 59.51 11.76 31.99
CA THR D 678 60.57 11.70 30.99
C THR D 678 60.06 12.35 29.71
N ASP D 679 60.84 12.22 28.63
CA ASP D 679 60.46 12.85 27.37
C ASP D 679 59.35 12.06 26.67
N GLY D 680 59.32 10.76 26.82
CA GLY D 680 58.31 9.95 26.18
C GLY D 680 58.73 8.50 26.06
N VAL D 681 57.74 7.65 25.78
CA VAL D 681 58.00 6.22 25.63
C VAL D 681 58.53 5.96 24.23
N TYR D 682 59.62 5.19 24.13
CA TYR D 682 60.06 4.74 22.82
C TYR D 682 59.23 3.59 22.30
N GLU D 683 59.07 2.54 23.10
CA GLU D 683 58.13 1.47 22.81
C GLU D 683 57.80 0.74 24.10
N GLY D 684 56.52 0.48 24.34
CA GLY D 684 56.10 -0.26 25.50
C GLY D 684 55.22 -1.42 25.09
N VAL D 685 55.53 -2.61 25.60
CA VAL D 685 54.93 -3.84 25.11
C VAL D 685 54.32 -4.58 26.29
N ALA D 686 53.05 -4.92 26.18
CA ALA D 686 52.38 -5.78 27.15
C ALA D 686 52.42 -7.20 26.61
N ILE D 687 53.11 -8.10 27.30
CA ILE D 687 53.31 -9.44 26.78
C ILE D 687 52.17 -10.36 27.19
N GLY D 688 51.14 -9.79 27.82
CA GLY D 688 49.93 -10.53 28.07
C GLY D 688 49.92 -11.23 29.41
N GLY D 689 48.72 -11.48 29.94
CA GLY D 689 48.56 -12.03 31.26
C GLY D 689 48.21 -13.50 31.33
N ASP D 690 48.63 -14.31 30.37
CA ASP D 690 48.42 -15.75 30.47
C ASP D 690 49.66 -16.44 31.03
N ARG D 691 49.54 -17.74 31.23
CA ARG D 691 50.62 -18.50 31.84
C ARG D 691 51.74 -18.76 30.84
N TYR D 692 51.40 -18.77 29.56
CA TYR D 692 52.32 -19.06 28.47
C TYR D 692 52.38 -17.88 27.51
N PRO D 693 53.27 -16.91 27.74
CA PRO D 693 53.36 -15.77 26.82
C PRO D 693 54.03 -16.19 25.52
N GLY D 694 53.71 -15.46 24.45
CA GLY D 694 54.30 -15.74 23.17
C GLY D 694 55.74 -15.27 23.12
N SER D 695 56.03 -14.25 23.91
CA SER D 695 57.39 -13.75 24.07
C SER D 695 57.49 -13.16 25.46
N THR D 696 58.43 -13.65 26.25
CA THR D 696 58.57 -13.24 27.63
C THR D 696 59.30 -11.90 27.71
N PHE D 697 59.75 -11.56 28.93
CA PHE D 697 60.51 -10.32 29.13
C PHE D 697 61.77 -10.28 28.30
N MET D 698 62.54 -11.37 28.34
CA MET D 698 63.93 -11.33 27.88
C MET D 698 64.04 -11.13 26.38
N ASP D 699 63.06 -11.57 25.60
CA ASP D 699 63.14 -11.38 24.15
C ASP D 699 63.03 -9.90 23.79
N HIS D 700 62.06 -9.21 24.39
CA HIS D 700 61.91 -7.79 24.10
C HIS D 700 63.00 -6.98 24.78
N VAL D 701 63.54 -7.47 25.90
CA VAL D 701 64.66 -6.78 26.54
C VAL D 701 65.91 -6.90 25.67
N LEU D 702 66.09 -8.04 24.99
CA LEU D 702 67.20 -8.16 24.05
C LEU D 702 66.99 -7.26 22.82
N ARG D 703 65.74 -7.10 22.37
CA ARG D 703 65.51 -6.15 21.29
C ARG D 703 65.78 -4.72 21.74
N TYR D 704 65.40 -4.39 22.98
CA TYR D 704 65.61 -3.04 23.49
C TYR D 704 67.10 -2.77 23.73
N GLN D 705 67.85 -3.82 24.07
CA GLN D 705 69.29 -3.69 24.21
C GLN D 705 69.98 -3.53 22.86
N ASP D 706 69.47 -4.19 21.82
CA ASP D 706 70.02 -4.10 20.48
C ASP D 706 69.33 -3.01 19.66
N THR D 707 68.85 -1.95 20.33
CA THR D 707 68.19 -0.85 19.65
C THR D 707 68.90 0.46 19.98
N PRO D 708 69.22 1.30 18.99
CA PRO D 708 69.92 2.55 19.29
C PRO D 708 69.08 3.57 20.03
N GLY D 709 67.82 3.77 19.63
CA GLY D 709 67.01 4.85 20.18
C GLY D 709 66.58 4.64 21.62
N VAL D 710 66.64 3.43 22.11
CA VAL D 710 66.36 3.11 23.51
C VAL D 710 67.48 3.69 24.37
N LYS D 711 67.12 4.35 25.47
CA LYS D 711 68.13 4.82 26.40
C LYS D 711 67.95 4.32 27.83
N MET D 712 66.73 3.98 28.27
CA MET D 712 66.55 3.28 29.53
C MET D 712 65.39 2.31 29.36
N ILE D 713 65.37 1.26 30.18
CA ILE D 713 64.38 0.20 30.08
C ILE D 713 63.68 0.07 31.43
N VAL D 714 62.35 -0.07 31.40
CA VAL D 714 61.55 -0.34 32.58
C VAL D 714 60.92 -1.71 32.40
N VAL D 715 60.86 -2.50 33.49
CA VAL D 715 60.29 -3.85 33.48
C VAL D 715 59.22 -3.90 34.55
N LEU D 716 58.02 -4.37 34.20
CA LEU D 716 56.95 -4.56 35.18
C LEU D 716 56.59 -6.03 35.23
N GLY D 717 56.95 -6.67 36.33
CA GLY D 717 56.70 -8.09 36.48
C GLY D 717 55.50 -8.38 37.36
N GLU D 718 55.24 -9.68 37.53
CA GLU D 718 54.20 -10.15 38.43
C GLU D 718 54.76 -11.39 39.11
N ILE D 719 54.19 -11.72 40.28
CA ILE D 719 54.58 -12.93 40.99
C ILE D 719 54.24 -14.18 40.17
N GLY D 720 55.19 -15.13 40.13
CA GLY D 720 54.98 -16.40 39.48
C GLY D 720 55.89 -16.66 38.31
N GLY D 721 56.87 -17.54 38.49
CA GLY D 721 57.71 -17.96 37.39
C GLY D 721 59.14 -17.46 37.44
N THR D 722 60.02 -18.11 36.67
CA THR D 722 61.42 -17.73 36.57
C THR D 722 61.68 -16.72 35.48
N GLU D 723 60.69 -15.90 35.14
CA GLU D 723 60.83 -14.94 34.05
C GLU D 723 61.63 -13.71 34.46
N GLU D 724 62.06 -13.63 35.72
CA GLU D 724 62.69 -12.42 36.21
C GLU D 724 64.13 -12.68 36.65
N TYR D 725 64.47 -13.93 36.98
CA TYR D 725 65.86 -14.25 37.32
C TYR D 725 66.75 -14.27 36.10
N LYS D 726 66.16 -14.38 34.91
CA LYS D 726 66.95 -14.30 33.69
C LYS D 726 67.50 -12.89 33.46
N ILE D 727 66.85 -11.88 34.05
CA ILE D 727 67.40 -10.52 34.02
C ILE D 727 68.65 -10.44 34.89
N CYS D 728 68.61 -11.08 36.07
CA CYS D 728 69.78 -11.16 36.93
C CYS D 728 70.93 -11.88 36.24
N ARG D 729 70.63 -12.99 35.55
CA ARG D 729 71.68 -13.66 34.79
C ARG D 729 72.16 -12.85 33.60
N GLY D 730 71.26 -12.10 32.95
CA GLY D 730 71.67 -11.29 31.82
C GLY D 730 72.51 -10.08 32.18
N ILE D 731 72.42 -9.63 33.43
CA ILE D 731 73.26 -8.52 33.87
C ILE D 731 74.56 -9.04 34.50
N LYS D 732 74.48 -10.17 35.24
CA LYS D 732 75.69 -10.77 35.78
C LYS D 732 76.58 -11.36 34.69
N GLU D 733 76.01 -11.79 33.56
CA GLU D 733 76.81 -12.11 32.40
C GLU D 733 77.24 -10.87 31.62
N GLY D 734 76.73 -9.69 32.00
CA GLY D 734 77.04 -8.46 31.29
C GLY D 734 76.32 -8.29 29.98
N ARG D 735 75.35 -9.15 29.66
CA ARG D 735 74.65 -9.05 28.39
C ARG D 735 73.72 -7.84 28.33
N LEU D 736 73.11 -7.48 29.44
CA LEU D 736 72.17 -6.38 29.50
C LEU D 736 72.84 -5.18 30.15
N THR D 737 73.05 -4.12 29.39
CA THR D 737 73.90 -3.02 29.83
C THR D 737 73.14 -1.78 30.26
N LYS D 738 72.04 -1.45 29.58
CA LYS D 738 71.28 -0.20 29.71
C LYS D 738 70.66 -0.09 31.10
N PRO D 739 70.36 1.13 31.58
CA PRO D 739 69.76 1.26 32.92
C PRO D 739 68.37 0.66 32.99
N ILE D 740 68.18 -0.22 33.95
CA ILE D 740 66.95 -1.01 34.06
C ILE D 740 66.31 -0.68 35.41
N VAL D 741 65.03 -0.33 35.37
CA VAL D 741 64.24 -0.06 36.56
C VAL D 741 63.11 -1.08 36.61
N CYS D 742 63.15 -1.99 37.58
CA CYS D 742 62.09 -2.98 37.66
C CYS D 742 61.44 -2.99 39.02
N TRP D 743 60.23 -3.52 39.03
CA TRP D 743 59.42 -3.77 40.22
C TRP D 743 58.30 -4.71 39.81
N CYS D 744 58.15 -5.83 40.50
CA CYS D 744 57.10 -6.78 40.16
C CYS D 744 55.98 -6.64 41.18
N ILE D 745 54.75 -6.76 40.72
CA ILE D 745 53.58 -6.49 41.55
C ILE D 745 53.26 -7.70 42.41
N GLY D 746 52.76 -7.48 43.60
CA GLY D 746 52.28 -8.55 44.46
C GLY D 746 53.16 -8.95 45.61
N THR D 747 53.78 -8.00 46.31
CA THR D 747 54.60 -8.37 47.45
C THR D 747 53.76 -8.91 48.59
N CYS D 748 52.58 -8.33 48.80
CA CYS D 748 51.78 -8.74 49.95
C CYS D 748 50.78 -9.83 49.59
N ALA D 749 51.09 -10.66 48.59
CA ALA D 749 50.36 -11.91 48.42
C ALA D 749 50.61 -12.86 49.57
N THR D 750 51.81 -12.83 50.14
CA THR D 750 52.14 -13.68 51.28
C THR D 750 51.50 -13.17 52.58
N MET D 751 50.99 -11.94 52.56
CA MET D 751 50.40 -11.37 53.77
C MET D 751 48.89 -11.61 53.84
N PHE D 752 48.41 -12.70 53.28
CA PHE D 752 47.04 -13.14 53.52
C PHE D 752 47.03 -14.50 54.21
N GLN D 767 56.30 -21.70 45.67
CA GLN D 767 57.73 -21.93 45.84
C GLN D 767 58.34 -20.61 46.29
N ALA D 768 59.38 -20.69 47.15
CA ALA D 768 59.85 -19.52 47.89
C ALA D 768 60.60 -18.51 47.03
N SER D 769 61.38 -18.97 46.05
CA SER D 769 62.14 -18.01 45.23
C SER D 769 61.28 -17.33 44.18
N GLU D 770 60.08 -17.86 43.91
CA GLU D 770 59.19 -17.25 42.93
C GLU D 770 58.14 -16.37 43.60
N THR D 771 58.44 -15.91 44.81
CA THR D 771 57.62 -14.88 45.45
C THR D 771 58.08 -13.50 45.00
N ALA D 772 57.15 -12.54 45.02
CA ALA D 772 57.43 -11.22 44.46
C ALA D 772 58.42 -10.43 45.31
N VAL D 773 58.38 -10.64 46.63
CA VAL D 773 59.32 -9.99 47.54
C VAL D 773 60.75 -10.41 47.24
N ALA D 774 60.98 -11.72 47.19
CA ALA D 774 62.33 -12.23 46.99
C ALA D 774 62.83 -11.98 45.58
N LYS D 775 61.92 -11.96 44.60
CA LYS D 775 62.34 -11.63 43.23
C LYS D 775 62.74 -10.17 43.12
N ASN D 776 61.98 -9.27 43.75
CA ASN D 776 62.36 -7.86 43.78
C ASN D 776 63.68 -7.65 44.49
N GLN D 777 63.90 -8.39 45.58
CA GLN D 777 65.14 -8.22 46.33
C GLN D 777 66.33 -8.81 45.58
N ALA D 778 66.12 -9.85 44.78
CA ALA D 778 67.21 -10.44 44.00
C ALA D 778 67.52 -9.59 42.78
N LEU D 779 66.51 -8.92 42.22
CA LEU D 779 66.78 -7.91 41.19
C LEU D 779 67.52 -6.71 41.78
N LYS D 780 67.21 -6.36 43.03
CA LYS D 780 67.84 -5.22 43.67
C LYS D 780 69.28 -5.51 44.06
N GLU D 781 69.60 -6.77 44.37
CA GLU D 781 70.98 -7.16 44.67
C GLU D 781 71.81 -7.42 43.43
N ALA D 782 71.26 -7.40 42.22
CA ALA D 782 72.01 -7.77 41.04
C ALA D 782 72.23 -6.60 40.10
N GLY D 783 71.83 -5.39 40.48
CA GLY D 783 72.05 -4.24 39.64
C GLY D 783 70.87 -3.93 38.75
N VAL D 784 69.68 -3.86 39.35
CA VAL D 784 68.48 -3.33 38.70
C VAL D 784 67.95 -2.26 39.64
N PHE D 785 67.66 -1.08 39.10
CA PHE D 785 67.33 0.05 39.94
C PHE D 785 65.91 -0.10 40.47
N VAL D 786 65.77 -0.83 41.56
CA VAL D 786 64.45 -1.17 42.10
C VAL D 786 64.08 -0.17 43.17
N PRO D 787 62.88 0.42 43.14
CA PRO D 787 62.42 1.26 44.24
C PRO D 787 62.02 0.42 45.44
N ARG D 788 61.79 1.11 46.57
CA ARG D 788 61.49 0.39 47.79
C ARG D 788 60.07 -0.18 47.77
N SER D 789 59.15 0.49 47.08
CA SER D 789 57.85 -0.09 46.78
C SER D 789 57.37 0.54 45.49
N PHE D 790 56.09 0.33 45.16
CA PHE D 790 55.55 0.84 43.91
C PHE D 790 55.36 2.35 43.95
N ASP D 791 55.19 2.93 45.13
CA ASP D 791 54.86 4.34 45.20
C ASP D 791 56.07 5.23 44.95
N GLU D 792 57.27 4.66 44.95
CA GLU D 792 58.49 5.37 44.58
C GLU D 792 58.93 5.07 43.16
N LEU D 793 58.05 4.49 42.34
CA LEU D 793 58.45 4.10 41.00
C LEU D 793 58.62 5.32 40.10
N GLY D 794 57.68 6.27 40.17
CA GLY D 794 57.84 7.51 39.44
C GLY D 794 59.04 8.31 39.89
N GLU D 795 59.31 8.30 41.20
CA GLU D 795 60.48 8.99 41.73
C GLU D 795 61.77 8.35 41.24
N ILE D 796 61.84 7.03 41.16
CA ILE D 796 63.10 6.41 40.79
C ILE D 796 63.32 6.51 39.28
N ILE D 797 62.24 6.50 38.49
CA ILE D 797 62.35 6.74 37.05
C ILE D 797 62.80 8.17 36.78
N GLN D 798 62.22 9.12 37.52
CA GLN D 798 62.59 10.53 37.39
C GLN D 798 64.03 10.77 37.83
N SER D 799 64.47 10.09 38.89
CA SER D 799 65.81 10.27 39.40
C SER D 799 66.88 9.59 38.55
N VAL D 800 66.55 8.53 37.83
CA VAL D 800 67.43 7.99 36.80
C VAL D 800 67.50 8.91 35.59
N TYR D 801 66.35 9.46 35.17
CA TYR D 801 66.31 10.27 33.96
C TYR D 801 67.02 11.61 34.15
N GLU D 802 66.99 12.16 35.36
CA GLU D 802 67.74 13.39 35.63
C GLU D 802 69.24 13.15 35.51
N ASP D 803 69.72 11.99 35.99
CA ASP D 803 71.13 11.67 35.88
C ASP D 803 71.51 11.33 34.44
N LEU D 804 70.54 10.84 33.66
CA LEU D 804 70.78 10.63 32.24
C LEU D 804 70.84 11.93 31.45
N VAL D 805 70.09 12.95 31.86
CA VAL D 805 70.18 14.24 31.19
C VAL D 805 71.45 14.98 31.62
N ALA D 806 71.82 14.89 32.90
CA ALA D 806 72.92 15.67 33.45
C ALA D 806 74.28 15.05 33.20
N ASN D 807 74.40 14.11 32.25
CA ASN D 807 75.70 13.56 31.86
C ASN D 807 75.83 13.46 30.35
N GLY D 808 75.01 14.21 29.61
CA GLY D 808 75.13 14.30 28.18
C GLY D 808 74.77 13.04 27.44
N VAL D 809 74.01 12.16 28.10
CA VAL D 809 73.62 10.89 27.50
C VAL D 809 72.41 11.04 26.58
N ILE D 810 71.33 11.65 27.05
CA ILE D 810 70.11 11.81 26.28
C ILE D 810 70.01 13.27 25.84
N VAL D 811 69.82 13.49 24.54
CA VAL D 811 69.57 14.81 23.98
C VAL D 811 68.10 14.91 23.64
N PRO D 812 67.29 15.58 24.46
CA PRO D 812 65.83 15.47 24.33
C PRO D 812 65.31 16.17 23.09
N ALA D 813 64.11 15.76 22.67
CA ALA D 813 63.49 16.23 21.44
C ALA D 813 62.71 17.51 21.72
N GLN D 814 62.85 18.49 20.82
CA GLN D 814 62.03 19.68 20.90
C GLN D 814 60.62 19.37 20.46
N GLU D 815 59.67 19.48 21.38
CA GLU D 815 58.32 19.02 21.16
C GLU D 815 57.57 20.00 20.26
N VAL D 816 56.88 19.44 19.28
CA VAL D 816 56.18 20.18 18.24
C VAL D 816 54.73 19.74 18.26
N PRO D 817 53.76 20.66 18.12
CA PRO D 817 52.35 20.25 18.15
C PRO D 817 51.98 19.39 16.95
N PRO D 818 51.04 18.47 17.13
CA PRO D 818 50.70 17.54 16.07
C PRO D 818 49.55 18.06 15.25
N PRO D 819 49.24 17.43 14.11
CA PRO D 819 47.95 17.68 13.47
C PRO D 819 46.80 17.18 14.32
N THR D 820 45.59 17.68 14.10
CA THR D 820 44.48 17.32 14.97
C THR D 820 43.28 16.86 14.15
N VAL D 821 42.77 15.68 14.50
CA VAL D 821 41.54 15.17 13.90
C VAL D 821 40.36 15.64 14.71
N PRO D 822 39.17 15.69 14.14
CA PRO D 822 37.97 15.85 14.98
C PRO D 822 37.68 14.57 15.74
N MET D 823 37.00 14.65 16.88
CA MET D 823 36.62 13.48 17.63
C MET D 823 35.55 12.73 16.90
N ASP D 824 35.43 11.44 17.19
CA ASP D 824 34.30 10.68 16.71
C ASP D 824 33.04 11.18 17.39
N TYR D 825 31.92 11.15 16.68
CA TYR D 825 30.67 11.49 17.34
C TYR D 825 30.26 10.43 18.34
N SER D 826 30.37 9.16 17.94
CA SER D 826 29.93 8.07 18.80
C SER D 826 30.80 7.90 20.03
N TRP D 827 32.03 8.42 20.00
CA TRP D 827 32.85 8.48 21.20
C TRP D 827 32.65 9.76 22.00
N ALA D 828 32.48 10.91 21.34
CA ALA D 828 32.39 12.14 22.11
C ALA D 828 30.97 12.44 22.52
N ARG D 829 30.09 11.46 22.33
CA ARG D 829 28.71 11.53 22.78
C ARG D 829 28.66 10.85 24.16
N GLU D 830 29.41 9.76 24.31
CA GLU D 830 29.52 9.01 25.57
C GLU D 830 30.19 9.83 26.64
N LEU D 831 31.22 10.58 26.28
CA LEU D 831 31.89 11.42 27.25
C LEU D 831 31.04 12.62 27.65
N GLY D 832 30.00 12.95 26.91
CA GLY D 832 29.15 14.06 27.25
C GLY D 832 29.65 15.42 26.81
N LEU D 833 30.31 15.52 25.66
CA LEU D 833 30.74 16.81 25.15
C LEU D 833 29.75 17.35 24.13
N ILE D 834 28.88 16.49 23.61
CA ILE D 834 27.97 16.84 22.54
C ILE D 834 26.56 16.64 23.05
N ARG D 835 25.66 17.55 22.68
CA ARG D 835 24.34 17.61 23.29
C ARG D 835 23.33 17.97 22.21
N LYS D 836 22.72 16.96 21.59
CA LYS D 836 21.67 17.17 20.61
C LYS D 836 20.43 16.40 21.03
N PRO D 837 19.25 16.90 20.71
CA PRO D 837 18.03 16.25 21.20
C PRO D 837 17.62 15.08 20.32
N ALA D 838 16.82 14.18 20.91
CA ALA D 838 16.39 12.97 20.23
C ALA D 838 15.28 13.27 19.24
N SER D 839 15.38 12.69 18.04
CA SER D 839 14.43 12.99 16.97
C SER D 839 13.08 12.30 17.20
N PHE D 840 13.11 11.00 17.47
CA PHE D 840 11.87 10.29 17.74
C PHE D 840 11.64 10.16 19.24
N MET D 841 10.39 9.93 19.61
CA MET D 841 10.06 9.67 20.99
C MET D 841 9.04 8.56 21.02
N THR D 842 9.53 7.34 21.24
CA THR D 842 8.69 6.15 21.18
C THR D 842 8.54 5.59 22.57
N SER D 843 7.33 5.13 22.85
CA SER D 843 6.92 4.89 24.22
C SER D 843 6.28 3.52 24.40
N ILE D 844 6.77 2.52 23.67
CA ILE D 844 6.17 1.19 23.76
C ILE D 844 7.17 0.10 24.07
N CYS D 845 8.21 -0.05 23.26
CA CYS D 845 9.09 -1.18 23.39
C CYS D 845 10.46 -0.72 23.87
N ASP D 846 11.39 -1.66 24.01
CA ASP D 846 12.75 -1.32 24.43
C ASP D 846 13.67 -2.40 23.89
N GLU D 847 14.34 -2.11 22.77
CA GLU D 847 15.15 -3.07 22.03
C GLU D 847 16.31 -3.61 22.83
N ARG D 848 17.15 -2.72 23.30
CA ARG D 848 18.41 -3.08 23.94
C ARG D 848 18.20 -3.66 25.32
N GLY D 849 19.27 -4.18 25.89
CA GLY D 849 19.23 -4.83 27.19
C GLY D 849 19.25 -6.33 27.05
N GLN D 850 19.08 -6.98 28.20
CA GLN D 850 19.02 -8.44 28.20
C GLN D 850 17.71 -8.93 27.60
N GLU D 851 16.59 -8.46 28.13
CA GLU D 851 15.29 -8.91 27.69
C GLU D 851 14.57 -7.78 26.97
N LEU D 852 13.72 -8.16 26.02
CA LEU D 852 12.84 -7.19 25.42
C LEU D 852 11.71 -6.84 26.38
N ILE D 853 11.40 -5.56 26.47
CA ILE D 853 10.47 -5.04 27.43
C ILE D 853 9.32 -4.43 26.63
N TYR D 854 8.08 -4.78 26.97
CA TYR D 854 6.96 -4.04 26.39
C TYR D 854 6.65 -2.84 27.28
N ALA D 855 5.47 -2.25 27.16
CA ALA D 855 5.22 -1.03 27.90
C ALA D 855 5.10 -1.27 29.39
N GLY D 856 6.25 -1.48 30.05
CA GLY D 856 6.32 -1.78 31.47
C GLY D 856 6.86 -3.16 31.75
N MET D 857 6.43 -4.15 31.00
CA MET D 857 6.70 -5.53 31.39
C MET D 857 7.79 -6.14 30.52
N PRO D 858 8.73 -6.87 31.09
CA PRO D 858 9.63 -7.68 30.27
C PRO D 858 8.91 -8.91 29.76
N ILE D 859 9.42 -9.57 28.72
CA ILE D 859 8.67 -10.65 28.09
C ILE D 859 8.63 -11.93 28.91
N THR D 860 9.61 -12.18 29.78
CA THR D 860 9.54 -13.37 30.61
C THR D 860 8.47 -13.22 31.68
N GLU D 861 8.12 -11.99 32.02
CA GLU D 861 6.95 -11.79 32.87
C GLU D 861 5.66 -11.92 32.07
N VAL D 862 5.70 -11.62 30.77
CA VAL D 862 4.50 -11.76 29.93
C VAL D 862 4.16 -13.23 29.75
N PHE D 863 5.17 -14.07 29.56
CA PHE D 863 4.93 -15.50 29.48
C PHE D 863 4.92 -16.18 30.85
N LYS D 864 5.46 -15.52 31.89
CA LYS D 864 5.39 -16.04 33.25
C LYS D 864 3.95 -16.02 33.75
N GLU D 865 3.30 -14.88 33.59
CA GLU D 865 1.86 -14.82 33.76
C GLU D 865 1.21 -15.33 32.48
N GLU D 866 -0.11 -15.30 32.38
CA GLU D 866 -0.77 -15.69 31.15
C GLU D 866 -1.41 -14.43 30.60
N MET D 867 -0.61 -13.64 29.90
CA MET D 867 -1.11 -12.39 29.36
C MET D 867 -1.96 -12.60 28.12
N GLY D 868 -1.61 -13.56 27.28
CA GLY D 868 -2.33 -13.77 26.05
C GLY D 868 -2.11 -12.69 25.00
N ILE D 869 -2.58 -12.96 23.78
CA ILE D 869 -2.57 -11.94 22.74
C ILE D 869 -3.50 -10.80 23.13
N GLY D 870 -4.59 -11.12 23.83
CA GLY D 870 -5.46 -10.09 24.34
C GLY D 870 -4.87 -9.21 25.43
N GLY D 871 -3.71 -9.57 25.97
CA GLY D 871 -3.06 -8.76 26.97
C GLY D 871 -1.87 -8.07 26.38
N VAL D 872 -1.18 -8.73 25.44
CA VAL D 872 -0.10 -8.10 24.69
C VAL D 872 -0.65 -6.97 23.82
N LEU D 873 -1.89 -7.12 23.38
CA LEU D 873 -2.53 -6.08 22.59
C LEU D 873 -2.77 -4.82 23.42
N GLY D 874 -3.36 -4.98 24.60
CA GLY D 874 -3.56 -3.85 25.48
C GLY D 874 -2.27 -3.32 26.03
N LEU D 875 -1.25 -4.16 26.09
CA LEU D 875 0.03 -3.74 26.62
C LEU D 875 0.84 -2.96 25.59
N LEU D 876 0.67 -3.22 24.32
CA LEU D 876 1.34 -2.44 23.29
C LEU D 876 0.55 -1.17 22.96
N TRP D 877 -0.72 -1.33 22.60
CA TRP D 877 -1.51 -0.17 22.18
C TRP D 877 -1.82 0.90 23.21
N PHE D 878 -2.23 0.48 24.42
CA PHE D 878 -2.57 1.43 25.45
C PHE D 878 -1.46 1.75 26.43
N GLN D 879 -0.55 0.81 26.62
CA GLN D 879 0.56 1.01 27.55
C GLN D 879 0.03 0.89 28.98
N LYS D 880 -1.21 0.44 29.10
CA LYS D 880 -1.88 0.24 30.38
C LYS D 880 -2.12 -1.25 30.44
N ARG D 881 -1.81 -1.89 31.56
CA ARG D 881 -1.99 -3.33 31.60
C ARG D 881 -3.45 -3.62 31.93
N LEU D 882 -4.01 -4.63 31.28
CA LEU D 882 -5.44 -4.88 31.28
C LEU D 882 -5.79 -6.11 32.08
N PRO D 883 -6.94 -6.12 32.77
CA PRO D 883 -7.34 -7.28 33.57
C PRO D 883 -7.90 -8.39 32.70
N LYS D 884 -8.20 -9.54 33.28
CA LYS D 884 -8.47 -10.73 32.50
C LYS D 884 -9.83 -10.70 31.81
N TYR D 885 -10.85 -10.08 32.41
CA TYR D 885 -12.17 -10.09 31.82
C TYR D 885 -12.28 -9.25 30.56
N SER D 886 -11.36 -8.31 30.36
CA SER D 886 -11.25 -7.54 29.13
C SER D 886 -10.19 -8.09 28.21
N CYS D 887 -9.15 -8.69 28.79
CA CYS D 887 -8.16 -9.44 28.02
C CYS D 887 -8.80 -10.56 27.22
N GLN D 888 -9.73 -11.29 27.81
CA GLN D 888 -10.45 -12.27 27.04
C GLN D 888 -11.46 -11.65 26.09
N PHE D 889 -11.97 -10.45 26.41
CA PHE D 889 -12.97 -9.82 25.57
C PHE D 889 -12.37 -9.32 24.26
N ILE D 890 -11.14 -8.83 24.32
CA ILE D 890 -10.62 -8.26 23.10
C ILE D 890 -10.15 -9.38 22.18
N GLU D 891 -9.89 -10.56 22.74
CA GLU D 891 -9.76 -11.74 21.92
C GLU D 891 -11.08 -12.14 21.29
N MET D 892 -12.21 -11.90 21.97
CA MET D 892 -13.52 -12.15 21.35
C MET D 892 -13.72 -11.23 20.16
N CYS D 893 -13.36 -9.95 20.31
CA CYS D 893 -13.51 -9.02 19.21
C CYS D 893 -12.58 -9.33 18.03
N LEU D 894 -11.42 -9.95 18.28
CA LEU D 894 -10.65 -10.42 17.13
C LEU D 894 -11.19 -11.73 16.54
N MET D 895 -11.73 -12.62 17.36
CA MET D 895 -12.28 -13.86 16.81
C MET D 895 -13.57 -13.64 16.03
N VAL D 896 -14.27 -12.53 16.25
CA VAL D 896 -15.51 -12.26 15.53
C VAL D 896 -15.24 -11.57 14.19
N THR D 897 -14.41 -10.54 14.16
CA THR D 897 -14.16 -9.80 12.93
C THR D 897 -13.09 -10.42 12.06
N ALA D 898 -12.85 -11.73 12.19
CA ALA D 898 -11.83 -12.37 11.36
C ALA D 898 -12.27 -12.48 9.91
N ASP D 899 -13.44 -13.02 9.65
CA ASP D 899 -14.05 -12.92 8.32
C ASP D 899 -15.54 -12.68 8.43
N HIS D 900 -16.02 -11.84 7.52
CA HIS D 900 -17.42 -11.85 7.16
C HIS D 900 -17.67 -12.54 5.84
N GLY D 901 -16.72 -12.53 4.92
CA GLY D 901 -16.84 -13.33 3.73
C GLY D 901 -15.94 -12.93 2.59
N PRO D 902 -16.00 -13.69 1.50
CA PRO D 902 -15.18 -13.38 0.31
C PRO D 902 -15.81 -12.42 -0.65
N ALA D 903 -17.11 -12.27 -0.68
CA ALA D 903 -17.76 -11.33 -1.58
C ALA D 903 -17.88 -9.98 -0.91
N VAL D 904 -16.79 -9.52 -0.32
CA VAL D 904 -16.75 -8.33 0.52
C VAL D 904 -15.52 -7.56 0.09
N SER D 905 -15.68 -6.24 -0.07
CA SER D 905 -14.82 -5.39 -0.92
C SER D 905 -13.33 -5.57 -0.65
N GLY D 906 -12.94 -5.62 0.61
CA GLY D 906 -11.57 -5.94 0.97
C GLY D 906 -11.11 -7.34 0.60
N ALA D 907 -11.94 -8.34 0.90
CA ALA D 907 -11.56 -9.70 0.54
C ALA D 907 -11.61 -9.90 -0.96
N HIS D 908 -12.45 -9.15 -1.65
CA HIS D 908 -12.49 -9.19 -3.10
C HIS D 908 -11.17 -8.71 -3.69
N ASN D 909 -10.66 -7.58 -3.23
CA ASN D 909 -9.41 -7.14 -3.84
C ASN D 909 -8.18 -7.60 -3.08
N THR D 910 -8.32 -8.56 -2.18
CA THR D 910 -7.23 -9.47 -1.84
C THR D 910 -7.22 -10.72 -2.71
N ILE D 911 -8.41 -11.24 -3.04
CA ILE D 911 -8.54 -12.35 -3.99
C ILE D 911 -7.96 -11.99 -5.34
N ILE D 912 -8.19 -10.76 -5.79
CA ILE D 912 -7.71 -10.36 -7.12
C ILE D 912 -6.19 -10.21 -7.14
N CYS D 913 -5.61 -9.51 -6.17
CA CYS D 913 -4.15 -9.39 -6.14
C CYS D 913 -3.45 -10.62 -5.57
N ALA D 914 -4.19 -11.65 -5.18
CA ALA D 914 -3.59 -12.94 -4.89
C ALA D 914 -3.62 -13.83 -6.12
N ARG D 915 -4.65 -13.68 -6.95
CA ARG D 915 -4.63 -14.34 -8.25
C ARG D 915 -3.63 -13.73 -9.20
N ALA D 916 -3.31 -12.44 -9.07
CA ALA D 916 -2.34 -11.85 -9.98
C ALA D 916 -0.90 -12.20 -9.62
N GLY D 917 -0.68 -13.18 -8.75
CA GLY D 917 0.59 -13.82 -8.55
C GLY D 917 1.52 -13.16 -7.57
N LYS D 918 1.08 -12.14 -6.85
CA LYS D 918 2.04 -11.35 -6.10
C LYS D 918 2.09 -11.88 -4.66
N ASP D 919 2.75 -11.14 -3.78
CA ASP D 919 3.27 -11.64 -2.51
C ASP D 919 2.15 -11.80 -1.48
N LEU D 920 2.53 -12.08 -0.24
CA LEU D 920 1.54 -12.08 0.85
C LEU D 920 1.29 -10.66 1.33
N VAL D 921 2.36 -9.89 1.43
CA VAL D 921 2.24 -8.52 1.90
C VAL D 921 1.48 -7.68 0.89
N SER D 922 1.79 -7.89 -0.38
CA SER D 922 1.14 -7.10 -1.42
C SER D 922 -0.24 -7.62 -1.75
N SER D 923 -0.67 -8.72 -1.14
CA SER D 923 -2.04 -9.15 -1.34
C SER D 923 -2.91 -8.84 -0.13
N LEU D 924 -2.35 -8.97 1.08
CA LEU D 924 -2.95 -8.39 2.27
C LEU D 924 -3.22 -6.91 2.08
N THR D 925 -2.20 -6.17 1.71
CA THR D 925 -2.24 -4.72 1.64
C THR D 925 -3.25 -4.21 0.63
N SER D 926 -3.40 -4.89 -0.50
CA SER D 926 -4.35 -4.41 -1.50
C SER D 926 -5.79 -4.61 -1.08
N GLY D 927 -6.03 -5.37 -0.01
CA GLY D 927 -7.33 -5.40 0.61
C GLY D 927 -7.44 -4.52 1.82
N LEU D 928 -6.33 -4.22 2.46
CA LEU D 928 -6.36 -3.34 3.63
C LEU D 928 -6.64 -1.91 3.28
N LEU D 929 -6.24 -1.44 2.09
CA LEU D 929 -6.55 -0.06 1.75
C LEU D 929 -7.99 0.13 1.30
N THR D 930 -8.86 -0.83 1.56
CA THR D 930 -10.29 -0.66 1.38
C THR D 930 -10.95 -0.20 2.67
N ILE D 931 -10.36 -0.57 3.82
CA ILE D 931 -10.82 -0.15 5.14
C ILE D 931 -10.83 1.37 5.20
N GLY D 932 -11.89 1.94 5.74
CA GLY D 932 -12.06 3.36 5.53
C GLY D 932 -13.37 3.93 5.99
N ASP D 933 -14.06 4.63 5.11
CA ASP D 933 -15.28 5.30 5.50
C ASP D 933 -16.55 4.60 5.02
N ARG D 934 -16.47 3.66 4.07
CA ARG D 934 -17.67 2.90 3.72
C ARG D 934 -17.55 1.42 4.05
N PHE D 935 -16.34 0.87 4.12
CA PHE D 935 -16.14 -0.51 4.51
C PHE D 935 -15.32 -0.65 5.78
N GLY D 936 -15.87 -1.34 6.77
CA GLY D 936 -15.16 -1.62 7.98
C GLY D 936 -14.95 -0.46 8.91
N GLY D 937 -15.45 0.72 8.57
CA GLY D 937 -15.29 1.86 9.44
C GLY D 937 -16.60 2.19 10.12
N ALA D 938 -17.46 1.19 10.26
CA ALA D 938 -18.69 1.38 11.00
C ALA D 938 -18.44 1.38 12.50
N LEU D 939 -17.37 0.71 12.93
CA LEU D 939 -17.00 0.64 14.34
C LEU D 939 -16.74 2.01 14.93
N ASP D 940 -15.78 2.76 14.36
CA ASP D 940 -15.42 4.03 14.98
C ASP D 940 -16.44 5.12 14.68
N ALA D 941 -17.43 4.84 13.86
CA ALA D 941 -18.58 5.72 13.74
C ALA D 941 -19.65 5.44 14.77
N ALA D 942 -19.82 4.17 15.16
CA ALA D 942 -20.77 3.82 16.22
C ALA D 942 -20.30 4.35 17.59
N ALA D 943 -19.01 4.25 17.86
CA ALA D 943 -18.46 4.80 19.10
C ALA D 943 -18.62 6.30 19.16
N LYS D 944 -18.21 7.02 18.12
CA LYS D 944 -18.33 8.47 18.07
C LYS D 944 -19.76 8.97 17.91
N MET D 945 -20.76 8.09 17.81
CA MET D 945 -22.16 8.50 17.84
C MET D 945 -22.82 8.20 19.17
N PHE D 946 -22.77 6.96 19.64
CA PHE D 946 -23.36 6.62 20.93
C PHE D 946 -22.63 7.31 22.08
N SER D 947 -21.31 7.35 22.08
CA SER D 947 -20.60 8.00 23.18
C SER D 947 -20.74 9.50 23.13
N LYS D 948 -20.96 10.08 21.95
CA LYS D 948 -21.19 11.51 21.86
C LYS D 948 -22.60 11.87 22.35
N ALA D 949 -23.57 11.01 22.08
CA ALA D 949 -24.93 11.28 22.52
C ALA D 949 -25.21 10.82 23.95
N PHE D 950 -24.34 10.01 24.53
CA PHE D 950 -24.48 9.61 25.92
C PHE D 950 -24.11 10.76 26.84
N ASP D 951 -23.10 11.54 26.44
CA ASP D 951 -22.56 12.57 27.31
C ASP D 951 -23.38 13.85 27.28
N SER D 952 -24.14 14.10 26.21
CA SER D 952 -24.95 15.29 26.16
C SER D 952 -26.28 15.12 26.89
N GLY D 953 -26.57 13.93 27.40
CA GLY D 953 -27.67 13.71 28.30
C GLY D 953 -28.98 13.32 27.65
N ILE D 954 -28.97 13.04 26.35
CA ILE D 954 -30.21 12.82 25.63
C ILE D 954 -30.73 11.41 25.91
N ILE D 955 -31.99 11.31 26.33
CA ILE D 955 -32.61 10.02 26.63
C ILE D 955 -33.04 9.55 25.23
N PRO D 956 -33.12 8.24 24.92
CA PRO D 956 -33.12 7.81 23.50
C PRO D 956 -34.25 8.29 22.60
N MET D 957 -35.35 8.82 23.13
CA MET D 957 -36.42 9.27 22.24
C MET D 957 -36.03 10.51 21.45
N GLU D 958 -35.41 11.50 22.10
CA GLU D 958 -34.98 12.68 21.37
C GLU D 958 -33.79 12.35 20.48
N PHE D 959 -33.02 11.33 20.86
CA PHE D 959 -31.93 10.85 20.02
C PHE D 959 -32.44 10.28 18.71
N VAL D 960 -33.44 9.40 18.77
CA VAL D 960 -33.99 8.83 17.54
C VAL D 960 -34.74 9.88 16.74
N ASN D 961 -35.37 10.84 17.44
CA ASN D 961 -36.13 11.86 16.73
C ASN D 961 -35.20 12.86 16.04
N LYS D 962 -34.02 13.13 16.61
CA LYS D 962 -33.08 14.00 15.91
C LYS D 962 -32.35 13.25 14.81
N MET D 963 -32.18 11.92 14.97
CA MET D 963 -31.61 11.16 13.86
C MET D 963 -32.59 11.04 12.70
N LYS D 964 -33.89 11.22 12.96
CA LYS D 964 -34.82 11.36 11.85
C LYS D 964 -34.84 12.79 11.33
N LYS D 965 -34.79 13.78 12.23
CA LYS D 965 -35.01 15.18 11.83
C LYS D 965 -33.84 15.75 11.06
N GLU D 966 -32.63 15.66 11.62
CA GLU D 966 -31.44 16.03 10.88
C GLU D 966 -31.14 15.07 9.73
N GLY D 967 -31.71 13.88 9.73
CA GLY D 967 -31.64 13.02 8.57
C GLY D 967 -30.30 12.35 8.39
N LYS D 968 -29.95 11.47 9.32
CA LYS D 968 -28.77 10.65 9.17
C LYS D 968 -29.01 9.30 9.82
N LEU D 969 -28.48 8.27 9.19
CA LEU D 969 -28.68 6.92 9.66
C LEU D 969 -27.81 6.69 10.88
N ILE D 970 -28.28 5.84 11.78
CA ILE D 970 -27.55 5.56 13.02
C ILE D 970 -26.49 4.51 12.70
N MET D 971 -25.25 4.81 13.05
CA MET D 971 -24.12 4.05 12.50
C MET D 971 -23.98 2.69 13.17
N GLY D 972 -24.51 2.52 14.36
CA GLY D 972 -24.46 1.22 14.99
C GLY D 972 -25.55 0.28 14.50
N ILE D 973 -26.69 0.84 14.11
CA ILE D 973 -27.93 0.08 14.05
C ILE D 973 -28.38 -0.15 12.63
N GLY D 974 -28.58 -1.42 12.27
CA GLY D 974 -29.20 -1.77 11.01
C GLY D 974 -28.62 -3.04 10.42
N HIS D 975 -29.46 -3.99 10.07
CA HIS D 975 -28.96 -5.26 9.57
C HIS D 975 -29.83 -5.70 8.40
N ARG D 976 -29.21 -6.47 7.49
CA ARG D 976 -29.81 -6.72 6.19
C ARG D 976 -30.91 -7.77 6.27
N VAL D 977 -30.77 -8.74 7.16
CA VAL D 977 -31.67 -9.89 7.17
C VAL D 977 -32.44 -9.96 8.48
N LYS D 978 -31.75 -9.74 9.60
CA LYS D 978 -32.17 -10.30 10.87
C LYS D 978 -32.99 -9.37 11.76
N SER D 979 -33.86 -9.95 12.61
CA SER D 979 -34.81 -9.21 13.42
C SER D 979 -34.64 -9.52 14.92
N ILE D 980 -35.58 -9.02 15.73
CA ILE D 980 -35.65 -9.45 17.13
C ILE D 980 -35.92 -10.94 17.22
N ASN D 981 -36.79 -11.46 16.35
CA ASN D 981 -37.14 -12.87 16.29
C ASN D 981 -35.97 -13.77 15.95
N ASN D 982 -34.96 -13.25 15.25
CA ASN D 982 -33.76 -13.99 14.87
C ASN D 982 -32.59 -13.02 14.88
N PRO D 983 -31.78 -13.00 15.93
CA PRO D 983 -30.66 -12.05 15.97
C PRO D 983 -29.44 -12.59 15.23
N ASP D 984 -28.37 -11.81 15.10
CA ASP D 984 -27.07 -12.42 14.90
C ASP D 984 -26.75 -13.29 16.10
N MET D 985 -26.04 -14.38 15.86
CA MET D 985 -25.54 -15.16 16.97
C MET D 985 -24.25 -14.60 17.54
N ARG D 986 -23.46 -13.92 16.71
CA ARG D 986 -22.22 -13.32 17.21
C ARG D 986 -22.53 -12.17 18.15
N VAL D 987 -23.65 -11.46 17.92
CA VAL D 987 -23.97 -10.33 18.78
C VAL D 987 -24.52 -10.84 20.09
N GLN D 988 -25.12 -12.04 20.07
CA GLN D 988 -25.59 -12.65 21.31
C GLN D 988 -24.44 -13.18 22.13
N ILE D 989 -23.42 -13.75 21.48
CA ILE D 989 -22.28 -14.24 22.25
C ILE D 989 -21.50 -13.08 22.85
N LEU D 990 -21.31 -12.00 22.08
CA LEU D 990 -20.63 -10.82 22.62
C LEU D 990 -21.44 -10.14 23.70
N LYS D 991 -22.77 -10.07 23.54
CA LYS D 991 -23.61 -9.43 24.55
C LYS D 991 -23.64 -10.23 25.83
N ASP D 992 -23.67 -11.56 25.73
CA ASP D 992 -23.66 -12.39 26.92
C ASP D 992 -22.33 -12.30 27.64
N TYR D 993 -21.22 -12.24 26.87
CA TYR D 993 -19.92 -12.10 27.52
C TYR D 993 -19.77 -10.74 28.19
N VAL D 994 -20.36 -9.70 27.59
CA VAL D 994 -20.30 -8.38 28.22
C VAL D 994 -21.07 -8.36 29.52
N ARG D 995 -22.25 -8.98 29.54
CA ARG D 995 -23.07 -8.94 30.75
C ARG D 995 -22.49 -9.81 31.86
N GLN D 996 -21.85 -10.92 31.51
CA GLN D 996 -21.41 -11.83 32.56
C GLN D 996 -20.15 -11.36 33.28
N HIS D 997 -19.36 -10.47 32.66
CA HIS D 997 -18.02 -10.22 33.20
C HIS D 997 -17.68 -8.75 33.45
N PHE D 998 -18.23 -7.82 32.69
CA PHE D 998 -17.95 -6.42 32.99
C PHE D 998 -18.66 -6.00 34.27
N PRO D 999 -17.99 -5.24 35.14
CA PRO D 999 -18.61 -4.86 36.41
C PRO D 999 -19.74 -3.87 36.26
N ALA D 1000 -19.63 -2.93 35.32
CA ALA D 1000 -20.67 -1.94 35.09
C ALA D 1000 -20.67 -1.55 33.63
N THR D 1001 -21.83 -1.67 32.99
CA THR D 1001 -21.97 -1.35 31.58
C THR D 1001 -22.96 -0.21 31.35
N PRO D 1002 -22.53 1.04 31.47
CA PRO D 1002 -23.25 2.11 30.78
C PRO D 1002 -22.93 2.07 29.29
N LEU D 1003 -23.74 2.80 28.53
CA LEU D 1003 -23.65 3.03 27.09
C LEU D 1003 -23.95 1.78 26.26
N LEU D 1004 -24.05 0.61 26.87
CA LEU D 1004 -24.69 -0.54 26.23
C LEU D 1004 -26.07 -0.79 26.82
N ASP D 1005 -26.26 -0.56 28.12
CA ASP D 1005 -27.61 -0.40 28.64
C ASP D 1005 -28.34 0.77 28.00
N TYR D 1006 -27.61 1.79 27.54
CA TYR D 1006 -28.19 2.85 26.73
C TYR D 1006 -28.58 2.33 25.35
N ALA D 1007 -27.66 1.67 24.65
CA ALA D 1007 -27.86 1.32 23.24
C ALA D 1007 -28.86 0.20 23.04
N LEU D 1008 -29.02 -0.68 24.04
CA LEU D 1008 -30.05 -1.70 23.92
C LEU D 1008 -31.44 -1.11 24.08
N GLU D 1009 -31.56 0.05 24.71
CA GLU D 1009 -32.83 0.75 24.70
C GLU D 1009 -33.10 1.33 23.32
N VAL D 1010 -32.02 1.72 22.63
CA VAL D 1010 -32.19 2.30 21.31
C VAL D 1010 -32.55 1.22 20.31
N GLU D 1011 -32.10 -0.03 20.54
CA GLU D 1011 -32.63 -1.17 19.79
C GLU D 1011 -34.14 -1.28 19.89
N LYS D 1012 -34.70 -1.21 21.10
CA LYS D 1012 -36.14 -1.43 21.23
C LYS D 1012 -36.93 -0.26 20.67
N ILE D 1013 -36.46 0.96 20.91
CA ILE D 1013 -37.18 2.14 20.44
C ILE D 1013 -37.04 2.29 18.93
N THR D 1014 -36.01 1.67 18.34
CA THR D 1014 -35.88 1.70 16.89
C THR D 1014 -36.62 0.53 16.28
N THR D 1015 -36.58 -0.62 16.93
CA THR D 1015 -36.99 -1.86 16.30
C THR D 1015 -38.48 -2.05 16.44
N SER D 1016 -39.14 -1.20 17.23
CA SER D 1016 -40.59 -1.21 17.21
C SER D 1016 -41.17 -0.59 15.93
N LYS D 1017 -40.31 -0.07 15.04
CA LYS D 1017 -40.81 0.42 13.75
C LYS D 1017 -40.50 -0.53 12.61
N LYS D 1018 -39.24 -0.95 12.47
CA LYS D 1018 -38.96 -2.06 11.56
C LYS D 1018 -38.31 -3.17 12.36
N PRO D 1019 -38.56 -4.44 12.01
CA PRO D 1019 -37.89 -5.52 12.74
C PRO D 1019 -36.40 -5.60 12.49
N ASN D 1020 -35.92 -5.14 11.34
CA ASN D 1020 -34.54 -5.45 10.97
C ASN D 1020 -33.55 -4.41 11.46
N LEU D 1021 -34.00 -3.44 12.25
CA LEU D 1021 -33.08 -2.46 12.80
C LEU D 1021 -32.50 -2.94 14.14
N ILE D 1022 -31.35 -3.58 14.08
CA ILE D 1022 -30.63 -4.08 15.24
C ILE D 1022 -29.27 -3.40 15.24
N LEU D 1023 -28.73 -3.11 16.43
CA LEU D 1023 -27.33 -2.74 16.48
C LEU D 1023 -26.49 -3.95 16.11
N ASN D 1024 -25.59 -3.76 15.17
CA ASN D 1024 -24.83 -4.85 14.58
C ASN D 1024 -23.71 -5.31 15.50
N VAL D 1025 -22.85 -6.16 14.96
CA VAL D 1025 -21.59 -6.41 15.63
C VAL D 1025 -20.67 -5.21 15.45
N ASP D 1026 -20.79 -4.50 14.33
CA ASP D 1026 -20.07 -3.26 14.12
C ASP D 1026 -20.55 -2.14 15.03
N GLY D 1027 -21.72 -2.29 15.62
CA GLY D 1027 -22.16 -1.33 16.59
C GLY D 1027 -21.80 -1.77 17.98
N LEU D 1028 -21.84 -3.07 18.25
CA LEU D 1028 -21.66 -3.52 19.63
C LEU D 1028 -20.20 -3.53 20.01
N ILE D 1029 -19.29 -3.75 19.07
CA ILE D 1029 -17.88 -3.66 19.42
C ILE D 1029 -17.49 -2.22 19.70
N GLY D 1030 -18.04 -1.29 18.92
CA GLY D 1030 -17.78 0.12 19.14
C GLY D 1030 -18.49 0.70 20.34
N VAL D 1031 -19.43 -0.04 20.91
CA VAL D 1031 -20.05 0.31 22.18
C VAL D 1031 -19.33 -0.33 23.35
N ALA D 1032 -18.96 -1.59 23.22
CA ALA D 1032 -18.35 -2.30 24.33
C ALA D 1032 -16.91 -1.87 24.55
N PHE D 1033 -16.23 -1.34 23.52
CA PHE D 1033 -14.92 -0.74 23.82
C PHE D 1033 -15.05 0.61 24.48
N VAL D 1034 -16.08 1.38 24.14
CA VAL D 1034 -16.33 2.61 24.90
C VAL D 1034 -16.60 2.29 26.34
N ASP D 1035 -17.45 1.30 26.59
CA ASP D 1035 -17.77 0.90 27.95
C ASP D 1035 -16.58 0.26 28.66
N MET D 1036 -15.74 -0.47 27.93
CA MET D 1036 -14.57 -1.06 28.55
C MET D 1036 -13.52 0.00 28.89
N LEU D 1037 -13.22 0.92 27.97
CA LEU D 1037 -12.23 1.95 28.26
C LEU D 1037 -12.69 2.91 29.35
N ARG D 1038 -14.00 3.17 29.46
CA ARG D 1038 -14.44 3.91 30.64
C ARG D 1038 -14.33 3.06 31.90
N ASN D 1039 -14.89 1.86 31.90
CA ASN D 1039 -15.09 1.11 33.13
C ASN D 1039 -14.09 -0.01 33.33
N CYS D 1040 -12.93 0.04 32.67
CA CYS D 1040 -11.81 -0.78 33.11
C CYS D 1040 -11.27 -0.26 34.42
N GLY D 1041 -10.37 -1.04 35.03
CA GLY D 1041 -9.79 -0.64 36.29
C GLY D 1041 -8.85 0.54 36.17
N SER D 1042 -8.15 0.66 35.04
CA SER D 1042 -7.06 1.65 34.91
C SER D 1042 -7.19 2.46 33.62
N PHE D 1043 -8.02 3.49 33.65
CA PHE D 1043 -8.06 4.60 32.70
C PHE D 1043 -8.78 5.76 33.38
N THR D 1044 -8.83 6.89 32.70
CA THR D 1044 -9.70 7.99 33.06
C THR D 1044 -10.53 8.37 31.85
N ARG D 1045 -11.68 9.02 32.10
CA ARG D 1045 -12.60 9.39 31.02
C ARG D 1045 -11.96 10.38 30.06
N GLU D 1046 -11.15 11.29 30.58
CA GLU D 1046 -10.49 12.26 29.73
C GLU D 1046 -9.34 11.63 28.95
N GLU D 1047 -8.91 10.44 29.36
CA GLU D 1047 -7.92 9.70 28.58
C GLU D 1047 -8.60 8.63 27.72
N ALA D 1048 -9.70 8.06 28.20
CA ALA D 1048 -10.41 7.04 27.43
C ALA D 1048 -11.27 7.65 26.35
N ASP D 1049 -11.35 8.98 26.29
CA ASP D 1049 -11.86 9.61 25.07
C ASP D 1049 -10.79 9.61 23.98
N GLU D 1050 -9.52 9.59 24.38
CA GLU D 1050 -8.46 9.84 23.40
C GLU D 1050 -8.20 8.61 22.55
N TYR D 1051 -8.31 7.41 23.13
CA TYR D 1051 -8.09 6.22 22.33
C TYR D 1051 -9.28 5.93 21.42
N ILE D 1052 -10.43 6.51 21.71
CA ILE D 1052 -11.52 6.47 20.74
C ILE D 1052 -11.26 7.45 19.62
N ASP D 1053 -10.85 8.68 19.96
CA ASP D 1053 -10.74 9.72 18.95
C ASP D 1053 -9.52 9.56 18.04
N ILE D 1054 -8.46 8.90 18.52
CA ILE D 1054 -7.32 8.54 17.67
C ILE D 1054 -7.77 7.54 16.60
N GLY D 1055 -8.48 6.51 17.02
CA GLY D 1055 -8.91 5.49 16.10
C GLY D 1055 -8.37 4.11 16.39
N ALA D 1056 -8.18 3.81 17.68
CA ALA D 1056 -7.82 2.46 18.07
C ALA D 1056 -8.94 1.50 17.74
N LEU D 1057 -10.17 1.94 17.97
CA LEU D 1057 -11.33 1.10 17.78
C LEU D 1057 -11.59 0.86 16.30
N ASN D 1058 -11.15 1.79 15.45
CA ASN D 1058 -10.97 1.50 14.04
C ASN D 1058 -9.93 0.41 13.83
N GLY D 1059 -8.85 0.46 14.60
CA GLY D 1059 -7.75 -0.44 14.39
C GLY D 1059 -7.94 -1.82 14.97
N ILE D 1060 -9.05 -2.05 15.65
CA ILE D 1060 -9.30 -3.40 16.13
C ILE D 1060 -9.83 -4.19 14.94
N PHE D 1061 -10.43 -3.48 13.98
CA PHE D 1061 -10.99 -4.13 12.81
C PHE D 1061 -9.89 -4.58 11.85
N VAL D 1062 -8.85 -3.76 11.72
CA VAL D 1062 -7.73 -4.08 10.83
C VAL D 1062 -7.04 -5.34 11.29
N LEU D 1063 -6.69 -5.41 12.57
CA LEU D 1063 -6.06 -6.58 13.13
C LEU D 1063 -6.99 -7.78 13.18
N GLY D 1064 -8.30 -7.56 13.29
CA GLY D 1064 -9.20 -8.67 13.24
C GLY D 1064 -9.27 -9.28 11.86
N ARG D 1065 -9.54 -8.44 10.87
CA ARG D 1065 -9.80 -8.89 9.52
C ARG D 1065 -8.54 -9.32 8.79
N SER D 1066 -7.36 -8.89 9.25
CA SER D 1066 -6.12 -9.28 8.58
C SER D 1066 -5.83 -10.77 8.69
N MET D 1067 -6.35 -11.44 9.72
CA MET D 1067 -6.30 -12.90 9.76
C MET D 1067 -7.07 -13.49 8.59
N GLY D 1068 -8.23 -12.91 8.29
CA GLY D 1068 -9.02 -13.41 7.19
C GLY D 1068 -8.38 -13.14 5.85
N PHE D 1069 -7.71 -12.00 5.71
CA PHE D 1069 -7.15 -11.67 4.40
C PHE D 1069 -5.87 -12.45 4.13
N ILE D 1070 -5.08 -12.75 5.16
CA ILE D 1070 -4.00 -13.72 4.98
C ILE D 1070 -4.59 -15.07 4.66
N GLY D 1071 -5.77 -15.37 5.22
CA GLY D 1071 -6.47 -16.60 4.86
C GLY D 1071 -6.82 -16.65 3.39
N HIS D 1072 -7.35 -15.56 2.83
CA HIS D 1072 -7.79 -15.58 1.44
C HIS D 1072 -6.62 -15.60 0.47
N TYR D 1073 -5.56 -14.84 0.77
CA TYR D 1073 -4.32 -14.96 0.00
C TYR D 1073 -3.81 -16.39 -0.01
N LEU D 1074 -3.71 -16.99 1.16
CA LEU D 1074 -3.08 -18.29 1.28
C LEU D 1074 -3.92 -19.37 0.62
N ASP D 1075 -5.23 -19.28 0.79
CA ASP D 1075 -6.16 -20.22 0.18
C ASP D 1075 -6.13 -20.14 -1.34
N GLN D 1076 -6.17 -18.93 -1.89
CA GLN D 1076 -6.17 -18.92 -3.35
C GLN D 1076 -4.80 -18.93 -3.95
N LYS D 1077 -3.76 -18.99 -3.14
CA LYS D 1077 -2.48 -19.42 -3.68
C LYS D 1077 -2.41 -20.93 -3.67
N ARG D 1078 -3.13 -21.58 -2.76
CA ARG D 1078 -3.16 -23.04 -2.75
C ARG D 1078 -4.01 -23.58 -3.89
N LEU D 1079 -5.25 -23.13 -4.01
CA LEU D 1079 -6.13 -23.46 -5.12
C LEU D 1079 -5.61 -22.68 -6.32
N LYS D 1080 -4.77 -23.32 -7.14
CA LYS D 1080 -3.90 -22.62 -8.07
C LYS D 1080 -4.72 -22.03 -9.21
N GLN D 1081 -5.08 -20.76 -9.07
CA GLN D 1081 -5.96 -20.07 -10.00
C GLN D 1081 -5.26 -18.93 -10.70
N GLY D 1082 -5.69 -18.68 -11.93
CA GLY D 1082 -4.97 -17.82 -12.85
C GLY D 1082 -5.31 -16.35 -12.70
N LEU D 1083 -4.79 -15.57 -13.65
CA LEU D 1083 -4.99 -14.13 -13.65
C LEU D 1083 -6.46 -13.83 -13.92
N TYR D 1084 -6.96 -12.77 -13.31
CA TYR D 1084 -8.38 -12.45 -13.34
C TYR D 1084 -8.59 -11.12 -14.05
N ARG D 1085 -9.30 -11.16 -15.17
CA ARG D 1085 -9.83 -9.96 -15.79
C ARG D 1085 -11.35 -10.00 -15.67
N HIS D 1086 -11.94 -8.84 -15.51
CA HIS D 1086 -13.36 -8.78 -15.27
C HIS D 1086 -14.06 -9.02 -16.61
N PRO D 1087 -15.27 -9.54 -16.63
CA PRO D 1087 -15.95 -9.73 -17.92
C PRO D 1087 -16.36 -8.42 -18.54
N TRP D 1088 -16.60 -8.42 -19.84
CA TRP D 1088 -17.16 -7.26 -20.51
C TRP D 1088 -18.68 -7.21 -20.37
N ASP D 1089 -19.28 -8.26 -19.83
CA ASP D 1089 -20.72 -8.33 -19.68
C ASP D 1089 -21.23 -7.52 -18.52
N ASP D 1090 -20.34 -7.07 -17.63
CA ASP D 1090 -20.74 -6.34 -16.44
C ASP D 1090 -20.43 -4.86 -16.50
N ILE D 1091 -19.81 -4.39 -17.59
CA ILE D 1091 -19.36 -3.02 -17.63
C ILE D 1091 -20.07 -2.26 -18.75
N SER D 1092 -20.71 -1.15 -18.39
CA SER D 1092 -21.46 -0.34 -19.35
C SER D 1092 -20.62 0.87 -19.73
N TYR D 1093 -19.94 0.77 -20.86
CA TYR D 1093 -19.08 1.84 -21.35
C TYR D 1093 -19.89 3.04 -21.82
N VAL D 1094 -19.50 4.22 -21.34
CA VAL D 1094 -20.14 5.48 -21.69
C VAL D 1094 -19.04 6.43 -22.12
N LEU D 1095 -18.89 6.64 -23.42
CA LEU D 1095 -17.80 7.48 -23.93
C LEU D 1095 -18.36 8.62 -24.76
N PRO D 1096 -17.95 9.86 -24.45
CA PRO D 1096 -18.44 11.03 -25.20
C PRO D 1096 -17.96 11.01 -26.64
N GLU D 1097 -18.88 11.01 -27.59
CA GLU D 1097 -18.52 10.74 -28.99
C GLU D 1097 -18.09 12.04 -29.68
N HIS D 1098 -16.79 12.30 -29.63
CA HIS D 1098 -16.15 13.28 -30.49
C HIS D 1098 -14.81 12.69 -30.99
N MET D 1099 -14.87 11.97 -32.11
CA MET D 1099 -13.64 11.40 -32.64
C MET D 1099 -12.93 12.41 -33.54
C1 LBG E . -28.90 -15.83 -38.62
C10 LBG E . -27.10 -11.16 -44.69
C11 LBG E . -25.91 -10.61 -45.10
C12 LBG E . -24.97 -10.30 -44.15
C13 LBG E . -25.20 -10.53 -42.83
C14 LBG E . -26.40 -11.07 -42.44
C15 LBG E . -28.87 -13.28 -43.12
C16 LBG E . -27.32 -15.43 -40.87
C17 LBG E . -26.89 -15.13 -39.61
C18 LBG E . -25.56 -14.58 -39.41
C19 LBG E . -23.54 -14.50 -40.39
C2 LBG E . -29.35 -16.15 -39.87
C20 LBG E . -27.65 -15.31 -38.48
C3 LBG E . -28.58 -15.94 -40.97
C4 LBG E . -30.05 -13.80 -42.67
C5 LBG E . -30.95 -12.98 -42.07
C6 LBG E . -30.71 -11.66 -41.87
C7 LBG E . -29.51 -11.17 -42.30
C8 LBG E . -28.59 -11.96 -42.94
C9 LBG E . -27.36 -11.38 -43.36
F1 LBG E . -32.12 -13.47 -41.64
F2 LBG E . -29.26 -9.87 -42.11
N1 LBG E . -30.42 -15.16 -42.84
O1 LBG E . -30.61 -16.66 -40.01
O2 LBG E . -28.19 -16.33 -43.50
O3 LBG E . -29.96 -17.62 -42.27
O4 LBG E . -25.11 -14.25 -38.33
O5 LBG E . -24.94 -14.55 -40.61
S1 LBG E . -29.26 -16.39 -42.53
CL1 LBG E . -29.94 -16.10 -37.28
PB ADP F . -1.93 -18.11 -78.34
O1B ADP F . -2.51 -17.63 -77.02
O2B ADP F . -2.93 -18.19 -79.46
O3B ADP F . -1.03 -19.31 -78.24
PA ADP F . 0.20 -16.41 -77.79
O1A ADP F . -0.38 -15.62 -76.65
O2A ADP F . 1.12 -17.57 -77.55
O3A ADP F . -0.97 -16.90 -78.77
O5' ADP F . 0.97 -15.40 -78.76
C5' ADP F . 2.32 -15.69 -79.05
C4' ADP F . 2.47 -15.66 -80.56
O4' ADP F . 2.99 -14.39 -80.93
C3' ADP F . 3.43 -16.73 -81.06
O3' ADP F . 2.78 -17.55 -82.03
C2' ADP F . 4.56 -16.00 -81.72
O2' ADP F . 4.58 -16.36 -83.10
C1' ADP F . 4.23 -14.52 -81.62
N9 ADP F . 5.23 -13.86 -80.76
C8 ADP F . 4.95 -13.30 -79.57
N7 ADP F . 6.06 -12.77 -79.02
C5 ADP F . 7.08 -13.00 -79.87
C6 ADP F . 8.52 -12.71 -79.90
N6 ADP F . 9.11 -12.05 -78.88
N1 ADP F . 9.23 -13.13 -80.97
C2 ADP F . 8.64 -13.79 -81.97
N3 ADP F . 7.34 -14.09 -82.02
C4 ADP F . 6.53 -13.73 -81.01
C1 LBG G . -44.13 -24.13 -6.96
C10 LBG G . -45.26 -28.44 -0.47
C11 LBG G . -44.98 -28.18 0.85
C12 LBG G . -43.91 -27.39 1.17
C13 LBG G . -43.12 -26.85 0.19
C14 LBG G . -43.40 -27.12 -1.12
C15 LBG G . -45.80 -27.57 -3.47
C16 LBG G . -45.24 -24.27 -4.41
C17 LBG G . -44.03 -23.68 -4.66
C18 LBG G . -43.28 -23.09 -3.55
C19 LBG G . -43.58 -22.22 -1.50
C2 LBG G . -45.33 -24.73 -6.74
C20 LBG G . -43.45 -23.60 -5.90
C3 LBG G . -45.88 -24.81 -5.49
C4 LBG G . -46.02 -27.82 -4.80
C5 LBG G . -45.20 -28.69 -5.46
C6 LBG G . -44.15 -29.32 -4.85
C7 LBG G . -43.93 -29.03 -3.53
C8 LBG G . -44.75 -28.17 -2.83
C9 LBG G . -44.47 -27.91 -1.45
F1 LBG G . -45.42 -28.96 -6.75
F2 LBG G . -42.91 -29.63 -2.92
N1 LBG G . -47.09 -27.25 -5.53
O1 LBG G . -46.01 -25.27 -7.80
O2 LBG G . -47.92 -25.32 -4.00
O3 LBG G . -48.18 -25.14 -6.51
O4 LBG G . -42.19 -22.58 -3.66
O5 LBG G . -44.04 -23.19 -2.43
S1 LBG G . -47.44 -25.58 -5.34
CL1 LBG G . -43.50 -24.08 -8.55
PB ADP H . -69.98 -21.28 33.45
O1B ADP H . -68.81 -21.42 32.51
O2B ADP H . -71.06 -22.33 33.28
O3B ADP H . -70.52 -19.89 33.59
PA ADP H . -68.09 -20.77 35.42
O1A ADP H . -66.84 -21.20 34.69
O2A ADP H . -68.49 -19.33 35.50
O3A ADP H . -69.34 -21.61 34.88
O5' ADP H . -68.01 -21.32 36.91
C5' ADP H . -68.16 -20.37 37.96
C4' ADP H . -69.23 -20.91 38.89
O4' ADP H . -68.59 -21.53 39.99
C3' ADP H . -70.12 -19.80 39.43
O3' ADP H . -71.49 -20.09 39.15
C2' ADP H . -69.93 -19.81 40.92
O2' ADP H . -71.17 -20.13 41.55
C1' ADP H . -68.95 -20.93 41.22
N9 ADP H . -67.71 -20.36 41.76
C8 ADP H . -66.52 -20.43 41.15
N7 ADP H . -65.56 -19.82 41.88
C5 ADP H . -66.16 -19.36 43.00
C6 ADP H . -65.72 -18.63 44.20
N6 ADP H . -64.43 -18.26 44.36
N1 ADP H . -66.65 -18.33 45.12
C2 ADP H . -67.94 -18.69 44.97
N3 ADP H . -68.41 -19.36 43.92
C4 ADP H . -67.57 -19.72 42.91
C1 LBG I . 35.31 34.44 12.04
C10 LBG I . 36.57 38.61 5.48
C11 LBG I . 35.70 39.03 4.49
C12 LBG I . 34.61 38.27 4.18
C13 LBG I . 34.36 37.10 4.86
C14 LBG I . 35.22 36.69 5.84
C15 LBG I . 37.25 37.58 8.41
C16 LBG I . 34.63 36.67 10.52
C17 LBG I . 33.91 35.51 10.48
C18 LBG I . 32.74 35.42 9.63
C19 LBG I . 31.19 36.72 8.64
C2 LBG I . 36.06 35.59 12.09
C20 LBG I . 34.23 34.39 11.22
C3 LBG I . 35.73 36.68 11.35
C4 LBG I . 38.09 37.11 9.37
C5 LBG I . 38.91 36.06 9.09
C6 LBG I . 38.91 35.45 7.87
C7 LBG I . 38.04 35.92 6.93
C8 LBG I . 37.21 36.99 7.17
C9 LBG I . 36.32 37.44 6.14
F1 LBG I . 39.74 35.60 10.02
F2 LBG I . 38.04 35.32 5.74
N1 LBG I . 38.18 37.67 10.67
O1 LBG I . 37.15 35.63 12.90
O2 LBG I . 36.06 39.19 10.84
O3 LBG I . 37.04 38.16 12.92
O4 LBG I . 32.06 34.42 9.50
O5 LBG I . 32.55 36.63 9.06
S1 LBG I . 36.74 38.10 11.51
CL1 LBG I . 35.79 33.10 12.99
PB ADP J . 22.30 77.06 -5.95
O1B ADP J . 23.55 77.89 -5.89
O2B ADP J . 22.52 75.57 -5.82
O3B ADP J . 21.17 77.61 -5.12
PA ADP J . 20.53 76.41 -7.99
O1A ADP J . 19.35 76.82 -7.16
O2A ADP J . 20.88 74.95 -8.19
O3A ADP J . 21.80 77.21 -7.47
O5' ADP J . 20.33 77.07 -9.43
C5' ADP J . 19.11 77.74 -9.68
C4' ADP J . 19.46 79.13 -10.19
O4' ADP J . 19.36 79.11 -11.61
C3' ADP J . 18.49 80.18 -9.66
O3' ADP J . 19.21 81.22 -9.01
C2' ADP J . 17.81 80.76 -10.88
O2' ADP J . 18.15 82.15 -10.96
C1' ADP J . 18.40 80.05 -12.08
N9 ADP J . 17.35 79.25 -12.73
C8 ADP J . 17.37 77.91 -12.81
N7 ADP J . 16.28 77.46 -13.47
C5 ADP J . 15.56 78.53 -13.83
C6 ADP J . 14.29 78.77 -14.55
N6 ADP J . 13.58 77.73 -15.04
N1 ADP J . 13.89 80.04 -14.70
C2 ADP J . 14.60 81.07 -14.22
N3 ADP J . 15.75 80.94 -13.56
C4 ADP J . 16.27 79.72 -13.34
C1 LBG K . 37.70 5.55 33.54
C10 LBG K . 35.79 1.02 39.69
C11 LBG K . 35.18 -0.21 39.76
C12 LBG K . 34.25 -0.56 38.80
C13 LBG K . 33.95 0.31 37.78
C14 LBG K . 34.56 1.53 37.73
C15 LBG K . 37.42 3.30 38.20
C16 LBG K . 37.91 3.05 34.76
C17 LBG K . 36.99 3.32 33.78
C18 LBG K . 36.09 2.27 33.34
C19 LBG K . 35.92 0.03 33.25
C2 LBG K . 38.63 5.31 34.52
C20 LBG K . 36.87 4.54 33.16
C3 LBG K . 38.72 4.09 35.12
C4 LBG K . 37.98 4.54 38.11
C5 LBG K . 37.23 5.64 38.44
C6 LBG K . 35.94 5.54 38.85
C7 LBG K . 35.39 4.30 38.90
C8 LBG K . 36.11 3.17 38.60
C9 LBG K . 35.47 1.89 38.68
F1 LBG K . 37.78 6.86 38.37
F2 LBG K . 34.12 4.19 39.31
N1 LBG K . 39.32 4.76 37.71
O1 LBG K . 39.46 6.32 34.91
O2 LBG K . 40.03 2.48 36.67
O3 LBG K . 41.09 4.62 35.85
O4 LBG K . 35.22 2.42 32.50
O5 LBG K . 36.41 1.13 34.00
S1 LBG K . 39.95 3.90 36.37
CL1 LBG K . 37.63 7.11 32.84
PB ADP L . 49.64 -37.68 50.83
O1B ADP L . 50.46 -37.39 52.06
O2B ADP L . 48.81 -36.53 50.32
O3B ADP L . 50.40 -38.44 49.78
PA ADP L . 47.38 -39.24 50.36
O1A ADP L . 48.05 -39.93 49.20
O2A ADP L . 46.36 -38.16 50.13
O3A ADP L . 48.53 -38.73 51.34
O5' ADP L . 46.72 -40.38 51.25
C5' ADP L . 46.74 -41.70 50.76
C4' ADP L . 47.33 -42.58 51.85
O4' ADP L . 46.25 -43.20 52.53
C3' ADP L . 48.22 -43.67 51.28
O3' ADP L . 49.52 -43.61 51.88
C2' ADP L . 47.57 -44.97 51.67
O2' ADP L . 48.47 -45.69 52.51
C1' ADP L . 46.34 -44.62 52.46
N9 ADP L . 45.14 -45.04 51.72
C8 ADP L . 44.21 -44.20 51.23
N7 ADP L . 43.24 -44.89 50.59
C5 ADP L . 43.53 -46.19 50.69
C6 ADP L . 42.92 -47.46 50.24
N6 ADP L . 41.75 -47.46 49.55
N1 ADP L . 43.56 -48.60 50.54
C2 ADP L . 44.71 -48.61 51.22
N3 ADP L . 45.33 -47.51 51.66
C4 ADP L . 44.79 -46.29 51.43
#